data_8BUG
#
_entry.id   8BUG
#
_cell.length_a   249.653
_cell.length_b   249.653
_cell.length_c   216.850
_cell.angle_alpha   90.000
_cell.angle_beta   90.000
_cell.angle_gamma   120.000
#
_symmetry.space_group_name_H-M   'P 31 2 1'
#
loop_
_entity.id
_entity.type
_entity.pdbx_description
1 polymer 'DNA damage-binding protein 1'
2 polymer 'Cyclin-dependent kinase 12'
3 polymer Cyclin-K
4 non-polymer 'CITRIC ACID'
5 non-polymer 2-[2-[(6-methylpyridin-2-yl)amino]-1,3-thiazol-4-yl]-~{N}-(5-methyl-1,3-thiazol-2-yl)ethanamide
#
loop_
_entity_poly.entity_id
_entity_poly.type
_entity_poly.pdbx_seq_one_letter_code
_entity_poly.pdbx_strand_id
1 'polypeptide(L)'
;GGGRMSYNYVVTAQKPTAVNGCVTGHFTSAEDLNLLIAKNTRLEIYVVTAEGLRPVKEVGMYGKIAVMELFRPKGESKDL
LFILTAKYNACILEYKQSGESIDIITRAHGNVQDRIGRPSETGIIGIIDPECRMIGLRLYDGLFKVIPLDRDNKELKAFN
IRLEELHVIDVKFLYGCQAPTICFVYQDPQGRHVKTYEVSLREKEFNKGPWKQENVEAEASMVIAVPEPFGGAIIIGQES
ITYHNGDKYLAIAPPIIKQSTIVCHNRVDPNGSRYLLGDMEGRLFMLLLEKEEQMDGTVTLKDLRVELLGETSIAECLTY
LDNGVVFVGSRLGDSQLVKLNVDSNEQGSYVVAMETFTNLGPIVDMCVVDLERQGQGQLVTCSGAFKEGSLRIIRNGIGG
NGNSGEIQKLHIRTVPLYESPRKICYQEVSQCFGVLSSRIEVQDTSGGTTALRPSASTQALSSSVSSSKLFSSSTAPHET
SFGEEVEVHNLLIIDQHTFEVLHAHQFLQNEYALSLVSCKLGKDPNTYFIVGTAMVYPEEAEPKQGRIVVFQYSDGKLQT
VAEKEVKGAVYSMVEFNGKLLASINSTVRLYEWTTEKELRTECNHYNNIMALYLKTKGDFILVGDLMRSVLLLAYKPMEG
NFEEIARDFNPNWMSAVEILDDDNFLGAENAFNLFVCQKDSAATTDEERQHLQEVGLFHLGEFVNVFCHGSLVMQNLGET
STPTQGSVLFGTVNGMIGLVTSLSESWYNLLLDMQNRLNKVIKSVGKIEHSFWRSFHTERKTEPATGFIDGDLIESFLDI
SRPKMQEVVANLQYDDGSGMKREATADDLIKVVEELTRIH
;
A,D,G
2 'polypeptide(L)'
;GGGRRQTESDWGKRCVDKFDIIGIIGEGTYGQVYKAKDKDTGELVALKKVRLDNEKEGFPITAIREIKILRQLIHRSVVN
MKEIVTDKQDALDFKKDKGAFYLVFEYMDHDLMGLLESGLVHFSEDHIKSFMKQLMEGLEYCHKKNFLHRDIKCSNILLN
NSGQIKLADFGLARLYNSEESRPY(TPO)NKVITLWYRPPELLLGEERYTPAIDVWSCGCILGELFTKKPIFQANLELAQ
LELISRLCGSPCPAVWPDVIRLPYFNTMKPKKQYRRRLREEFSFIPSAALDLLDHMLTLDPSKRCTAEQTLQSDFLKDVE
LSKMAPPDLPHWQDCHELWSKKRRRQRQ
;
B,E,H
3 'polypeptide(L)'
;GGGRMKENKENSSPSVTSANLDHTKPCWYWDKKDLAHTPSQLEGLDPATEARYRREGARFIFDVGTRLGLHYDTLATGII
YFHRFYMFHSFKQFPRYVTGACCLFLAGKVEETPKKCKDIIKTARSLLNDVQFGQFGDDPKEEVMVLERILLQTIKFDLQ
VEHPYQFLLKYAKQLKGDKNKIQKLVQMAWTFVNDSLCTTLSLQWEPEIIAVAVMYLAGRLCKFEIQEWTSKPMYRRWWE
QFVQDVPVDVLEDICHQILDLYSQGKQQMPH
;
C,F,I
#
# COMPACT_ATOMS: atom_id res chain seq x y z
N MET A 5 56.38 1.47 -23.53
CA MET A 5 57.03 1.81 -22.24
C MET A 5 56.84 3.31 -21.98
N SER A 6 57.08 3.74 -20.74
CA SER A 6 56.96 5.16 -20.37
C SER A 6 58.26 5.64 -19.72
N TYR A 7 58.50 6.95 -19.85
CA TYR A 7 59.75 7.57 -19.39
C TYR A 7 59.40 8.79 -18.54
N ASN A 8 59.87 8.79 -17.29
CA ASN A 8 59.55 9.86 -16.35
C ASN A 8 60.78 10.25 -15.52
N TYR A 9 60.69 11.42 -14.88
CA TYR A 9 61.79 12.07 -14.16
C TYR A 9 61.28 12.62 -12.84
N VAL A 10 61.93 12.27 -11.74
CA VAL A 10 61.47 12.64 -10.39
C VAL A 10 62.58 13.38 -9.65
N VAL A 11 62.26 14.55 -9.10
CA VAL A 11 63.22 15.36 -8.36
C VAL A 11 62.60 15.88 -7.08
N THR A 12 63.47 16.16 -6.10
CA THR A 12 63.06 16.81 -4.87
C THR A 12 63.05 18.33 -5.02
N ALA A 13 61.92 18.96 -4.72
CA ALA A 13 61.84 20.42 -4.66
C ALA A 13 62.13 20.93 -3.25
N GLN A 14 61.71 20.20 -2.23
CA GLN A 14 62.00 20.50 -0.83
C GLN A 14 62.40 19.19 -0.16
N LYS A 15 63.56 19.17 0.50
CA LYS A 15 64.01 17.96 1.16
C LYS A 15 63.15 17.67 2.39
N PRO A 16 63.15 16.42 2.86
CA PRO A 16 62.40 16.09 4.08
C PRO A 16 62.79 16.98 5.25
N THR A 17 61.77 17.50 5.94
CA THR A 17 61.97 18.42 7.05
C THR A 17 61.67 17.84 8.42
N ALA A 18 60.90 16.75 8.50
CA ALA A 18 60.53 16.19 9.78
C ALA A 18 61.71 15.49 10.42
N VAL A 19 61.84 15.61 11.74
CA VAL A 19 62.94 15.00 12.47
C VAL A 19 62.53 13.60 12.88
N ASN A 20 63.24 12.60 12.36
CA ASN A 20 62.97 11.20 12.67
C ASN A 20 63.82 10.68 13.82
N GLY A 21 64.95 11.31 14.10
CA GLY A 21 65.74 10.96 15.27
C GLY A 21 66.88 11.93 15.43
N CYS A 22 67.45 11.94 16.64
CA CYS A 22 68.55 12.85 16.93
C CYS A 22 69.35 12.34 18.12
N VAL A 23 70.69 12.46 18.01
CA VAL A 23 71.61 11.99 19.04
C VAL A 23 72.68 13.04 19.26
N THR A 24 73.39 12.92 20.38
CA THR A 24 74.52 13.78 20.68
C THR A 24 75.75 12.92 20.99
N GLY A 25 76.91 13.55 20.90
CA GLY A 25 78.15 12.83 21.17
C GLY A 25 79.35 13.62 20.68
N HIS A 26 80.42 12.89 20.37
CA HIS A 26 81.71 13.48 19.98
C HIS A 26 82.13 12.81 18.67
N PHE A 27 81.41 13.15 17.60
CA PHE A 27 81.54 12.46 16.32
C PHE A 27 82.55 13.13 15.39
N THR A 28 82.52 14.46 15.29
CA THR A 28 83.43 15.14 14.38
C THR A 28 84.83 15.28 14.96
N SER A 29 84.91 15.40 16.29
CA SER A 29 86.18 15.47 17.00
C SER A 29 85.92 14.98 18.41
N ALA A 30 86.96 14.42 19.04
CA ALA A 30 86.83 14.00 20.42
C ALA A 30 86.58 15.18 21.35
N GLU A 31 86.75 16.39 20.85
CA GLU A 31 86.65 17.62 21.64
C GLU A 31 85.32 18.34 21.49
N ASP A 32 84.77 18.42 20.29
CA ASP A 32 83.50 19.10 20.07
C ASP A 32 82.32 18.28 20.59
N LEU A 33 81.24 18.98 20.92
CA LEU A 33 79.96 18.36 21.23
C LEU A 33 79.08 18.42 19.97
N ASN A 34 78.67 17.26 19.48
CA ASN A 34 77.94 17.17 18.23
C ASN A 34 76.45 16.95 18.46
N LEU A 35 75.66 17.38 17.48
CA LEU A 35 74.24 17.03 17.39
C LEU A 35 74.01 16.50 15.98
N LEU A 36 73.67 15.21 15.88
CA LEU A 36 73.33 14.59 14.60
C LEU A 36 71.81 14.48 14.51
N ILE A 37 71.23 15.12 13.50
CA ILE A 37 69.79 15.11 13.29
C ILE A 37 69.50 14.26 12.06
N ALA A 38 68.62 13.29 12.20
CA ALA A 38 68.27 12.37 11.14
C ALA A 38 66.91 12.75 10.57
N LYS A 39 66.89 13.18 9.31
CA LYS A 39 65.65 13.28 8.55
C LYS A 39 65.63 12.17 7.52
N ASN A 40 64.44 11.85 7.01
CA ASN A 40 64.34 10.68 6.15
C ASN A 40 65.35 10.78 5.02
N THR A 41 66.29 9.84 4.98
CA THR A 41 67.34 9.74 3.98
C THR A 41 68.42 10.83 4.13
N ARG A 42 68.29 11.74 5.10
CA ARG A 42 69.21 12.85 5.28
C ARG A 42 69.81 12.83 6.69
N LEU A 43 71.13 12.99 6.77
CA LEU A 43 71.85 13.15 8.04
C LEU A 43 72.43 14.55 8.12
N GLU A 44 72.09 15.28 9.18
CA GLU A 44 72.60 16.63 9.41
C GLU A 44 73.51 16.62 10.63
N ILE A 45 74.71 17.17 10.48
CA ILE A 45 75.70 17.20 11.55
C ILE A 45 75.89 18.65 11.99
N TYR A 46 75.75 18.90 13.29
CA TYR A 46 75.93 20.22 13.87
C TYR A 46 76.98 20.17 14.97
N VAL A 47 77.52 21.34 15.33
CA VAL A 47 78.39 21.49 16.49
C VAL A 47 77.72 22.47 17.45
N VAL A 48 77.70 22.12 18.74
CA VAL A 48 76.97 22.88 19.74
C VAL A 48 77.81 24.07 20.19
N THR A 49 77.20 25.26 20.18
CA THR A 49 77.81 26.50 20.63
C THR A 49 77.01 27.06 21.81
N ALA A 50 77.45 28.21 22.32
CA ALA A 50 76.71 28.87 23.40
C ALA A 50 75.49 29.64 22.91
N GLU A 51 75.34 29.89 21.61
CA GLU A 51 74.18 30.58 21.08
C GLU A 51 73.18 29.63 20.42
N GLY A 52 73.67 28.53 19.86
CA GLY A 52 72.85 27.62 19.09
C GLY A 52 73.67 26.55 18.41
N LEU A 53 73.37 26.26 17.16
CA LEU A 53 74.04 25.20 16.42
C LEU A 53 74.80 25.74 15.23
N ARG A 54 76.02 25.24 15.04
CA ARG A 54 76.81 25.58 13.86
C ARG A 54 76.73 24.41 12.90
N PRO A 55 76.11 24.52 11.74
CA PRO A 55 76.12 23.40 10.80
C PRO A 55 77.52 23.18 10.26
N VAL A 56 77.87 21.91 10.05
CA VAL A 56 79.21 21.58 9.56
C VAL A 56 79.11 20.68 8.32
N LYS A 57 78.16 19.76 8.30
CA LYS A 57 78.10 18.79 7.22
C LYS A 57 76.71 18.17 7.13
N GLU A 58 76.28 17.91 5.89
CA GLU A 58 75.06 17.15 5.63
C GLU A 58 75.32 16.16 4.52
N VAL A 59 74.89 14.92 4.72
CA VAL A 59 75.00 13.88 3.71
C VAL A 59 73.62 13.27 3.47
N GLY A 60 73.40 12.78 2.26
CA GLY A 60 72.27 11.93 1.97
C GLY A 60 72.70 10.48 1.95
N MET A 61 71.78 9.59 2.31
CA MET A 61 72.02 8.17 2.28
C MET A 61 70.96 7.52 1.39
N TYR A 62 71.36 6.46 0.69
CA TYR A 62 70.45 5.74 -0.18
C TYR A 62 69.62 4.73 0.62
N GLY A 63 68.82 5.30 1.54
CA GLY A 63 68.03 4.51 2.47
C GLY A 63 67.37 5.35 3.55
N LYS A 64 66.25 4.87 4.07
CA LYS A 64 65.58 5.51 5.19
C LYS A 64 66.31 5.17 6.48
N ILE A 65 66.71 6.18 7.24
CA ILE A 65 67.50 5.98 8.44
C ILE A 65 66.57 5.43 9.53
N ALA A 66 66.75 4.16 9.88
CA ALA A 66 65.95 3.50 10.91
C ALA A 66 66.63 3.52 12.27
N VAL A 67 67.94 3.28 12.32
CA VAL A 67 68.71 3.31 13.56
C VAL A 67 69.83 4.34 13.39
N MET A 68 70.08 5.12 14.43
CA MET A 68 71.19 6.08 14.43
C MET A 68 71.72 6.20 15.85
N GLU A 69 72.95 5.72 16.07
CA GLU A 69 73.55 5.69 17.40
C GLU A 69 75.04 5.96 17.34
N LEU A 70 75.52 6.78 18.28
CA LEU A 70 76.95 7.05 18.43
C LEU A 70 77.54 6.18 19.54
N PHE A 71 78.77 5.72 19.32
CA PHE A 71 79.48 4.88 20.27
C PHE A 71 80.98 5.08 20.08
N ARG A 72 81.76 4.73 21.11
CA ARG A 72 83.21 4.90 21.06
C ARG A 72 83.88 3.63 21.59
N PRO A 73 84.31 2.72 20.72
CA PRO A 73 84.97 1.50 21.20
C PRO A 73 86.38 1.82 21.67
N LYS A 74 86.87 1.00 22.62
CA LYS A 74 88.22 1.17 23.12
C LYS A 74 89.21 1.17 21.98
N GLY A 75 90.10 2.18 21.99
CA GLY A 75 91.09 2.38 20.97
C GLY A 75 90.78 3.50 20.02
N GLU A 76 89.53 3.95 19.95
CA GLU A 76 89.15 5.08 19.12
C GLU A 76 89.28 6.37 19.91
N SER A 77 89.67 7.44 19.20
CA SER A 77 89.76 8.75 19.84
C SER A 77 88.39 9.42 19.96
N LYS A 78 87.46 9.09 19.06
CA LYS A 78 86.20 9.81 18.99
C LYS A 78 85.09 8.84 18.62
N ASP A 79 83.86 9.34 18.71
CA ASP A 79 82.68 8.50 18.52
C ASP A 79 82.56 8.06 17.07
N LEU A 80 82.08 6.83 16.89
CA LEU A 80 81.72 6.32 15.58
C LEU A 80 80.20 6.27 15.48
N LEU A 81 79.71 6.28 14.25
CA LEU A 81 78.27 6.36 13.99
C LEU A 81 77.79 5.07 13.36
N PHE A 82 76.76 4.47 13.97
CA PHE A 82 76.09 3.32 13.40
C PHE A 82 74.77 3.76 12.79
N ILE A 83 74.50 3.30 11.57
CA ILE A 83 73.23 3.57 10.92
C ILE A 83 72.74 2.28 10.26
N LEU A 84 71.45 2.00 10.42
CA LEU A 84 70.78 0.89 9.76
C LEU A 84 69.60 1.46 8.99
N THR A 85 69.48 1.08 7.73
CA THR A 85 68.38 1.60 6.93
C THR A 85 67.17 0.67 7.05
N ALA A 86 66.01 1.18 6.61
CA ALA A 86 64.79 0.40 6.71
C ALA A 86 64.80 -0.83 5.80
N LYS A 87 65.65 -0.85 4.78
CA LYS A 87 65.85 -2.03 3.95
C LYS A 87 66.98 -2.90 4.48
N TYR A 88 67.45 -2.62 5.69
CA TYR A 88 68.42 -3.43 6.43
C TYR A 88 69.84 -3.26 5.90
N ASN A 89 70.18 -2.08 5.40
CA ASN A 89 71.58 -1.75 5.08
C ASN A 89 72.24 -1.18 6.33
N ALA A 90 73.23 -1.90 6.85
CA ALA A 90 73.96 -1.48 8.05
C ALA A 90 75.33 -0.93 7.67
N CYS A 91 75.83 0.01 8.48
CA CYS A 91 77.14 0.58 8.25
C CYS A 91 77.64 1.26 9.52
N ILE A 92 78.96 1.36 9.63
CA ILE A 92 79.63 2.15 10.65
C ILE A 92 80.39 3.27 9.96
N LEU A 93 80.16 4.51 10.40
CA LEU A 93 80.65 5.69 9.71
C LEU A 93 81.62 6.47 10.59
N GLU A 94 82.59 7.12 9.95
CA GLU A 94 83.56 7.96 10.63
C GLU A 94 83.69 9.31 9.94
N TYR A 95 83.75 10.37 10.74
CA TYR A 95 84.00 11.72 10.26
C TYR A 95 85.49 11.96 10.14
N LYS A 96 85.93 12.47 8.99
CA LYS A 96 87.32 12.78 8.73
C LYS A 96 87.41 14.11 8.00
N GLN A 97 88.28 15.00 8.48
CA GLN A 97 88.41 16.35 7.95
C GLN A 97 89.89 16.62 7.70
N SER A 98 90.18 17.11 6.49
CA SER A 98 91.54 17.45 6.08
C SER A 98 91.51 18.93 5.73
N GLY A 99 91.74 19.78 6.72
CA GLY A 99 91.66 21.20 6.43
C GLY A 99 90.23 21.56 6.07
N GLU A 100 90.08 22.04 4.83
CA GLU A 100 88.80 22.45 4.29
C GLU A 100 87.98 21.29 3.73
N SER A 101 88.59 20.11 3.58
CA SER A 101 87.93 18.95 2.97
C SER A 101 87.29 18.08 4.05
N ILE A 102 85.96 17.96 3.99
CA ILE A 102 85.21 17.11 4.92
C ILE A 102 84.64 15.93 4.13
N ASP A 103 84.87 14.72 4.62
CA ASP A 103 84.31 13.52 4.01
C ASP A 103 83.90 12.53 5.10
N ILE A 104 83.01 11.61 4.74
CA ILE A 104 82.51 10.57 5.64
C ILE A 104 83.03 9.19 5.22
N ILE A 105 83.65 8.48 6.16
CA ILE A 105 84.31 7.21 5.91
C ILE A 105 83.35 6.08 6.25
N THR A 106 83.27 5.09 5.36
CA THR A 106 82.51 3.87 5.63
C THR A 106 83.49 2.82 6.18
N ARG A 107 83.43 2.57 7.49
CA ARG A 107 84.37 1.65 8.11
C ARG A 107 83.95 0.20 7.99
N ALA A 108 82.65 -0.07 8.03
CA ALA A 108 82.12 -1.42 7.92
C ALA A 108 80.73 -1.33 7.30
N HIS A 109 80.33 -2.35 6.56
CA HIS A 109 79.02 -2.32 5.95
C HIS A 109 78.56 -3.70 5.52
N GLY A 110 77.24 -3.85 5.45
CA GLY A 110 76.62 -5.07 4.98
C GLY A 110 75.12 -4.99 5.19
N ASN A 111 74.42 -5.95 4.58
CA ASN A 111 72.97 -6.05 4.69
C ASN A 111 72.63 -7.22 5.60
N VAL A 112 71.83 -6.94 6.63
CA VAL A 112 71.57 -7.89 7.70
C VAL A 112 70.19 -8.52 7.57
N GLN A 113 69.58 -8.44 6.40
CA GLN A 113 68.26 -9.00 6.19
C GLN A 113 68.30 -10.52 6.29
N ASP A 114 67.29 -11.09 6.96
CA ASP A 114 67.15 -12.53 7.07
C ASP A 114 66.18 -13.05 6.02
N ARG A 115 66.47 -14.23 5.48
CA ARG A 115 65.60 -14.84 4.49
C ARG A 115 64.20 -15.10 5.03
N ILE A 116 64.11 -15.57 6.27
CA ILE A 116 62.85 -15.96 6.89
C ILE A 116 62.74 -15.23 8.23
N GLY A 117 61.70 -14.42 8.36
CA GLY A 117 61.45 -13.70 9.59
C GLY A 117 60.20 -12.86 9.51
N ARG A 118 59.56 -12.59 10.65
CA ARG A 118 58.36 -11.78 10.69
C ARG A 118 58.70 -10.39 11.21
N PRO A 119 58.55 -9.34 10.39
CA PRO A 119 58.81 -7.99 10.90
C PRO A 119 57.96 -7.64 12.11
N SER A 120 58.59 -7.02 13.11
CA SER A 120 57.94 -6.76 14.39
C SER A 120 57.01 -5.56 14.33
N GLU A 121 56.01 -5.58 15.22
CA GLU A 121 55.02 -4.50 15.26
C GLU A 121 55.65 -3.18 15.67
N THR A 122 56.50 -3.20 16.70
CA THR A 122 57.12 -1.98 17.21
C THR A 122 58.35 -1.58 16.40
N GLY A 123 58.55 -2.17 15.23
CA GLY A 123 59.54 -1.70 14.29
C GLY A 123 60.94 -2.11 14.67
N ILE A 124 61.88 -1.67 13.83
CA ILE A 124 63.29 -1.95 14.06
C ILE A 124 63.74 -1.25 15.33
N ILE A 125 64.42 -1.98 16.20
CA ILE A 125 65.08 -1.41 17.37
C ILE A 125 66.57 -1.74 17.28
N GLY A 126 67.41 -0.73 17.51
CA GLY A 126 68.83 -0.92 17.55
C GLY A 126 69.46 -0.29 18.78
N ILE A 127 70.28 -1.04 19.50
CA ILE A 127 70.92 -0.60 20.73
C ILE A 127 72.36 -1.07 20.71
N ILE A 128 73.21 -0.39 21.48
CA ILE A 128 74.62 -0.73 21.55
C ILE A 128 75.05 -0.86 23.01
N ASP A 129 75.88 -1.86 23.26
CA ASP A 129 76.36 -2.18 24.60
C ASP A 129 77.14 -1.02 25.19
N PRO A 130 77.03 -0.79 26.51
CA PRO A 130 77.83 0.29 27.11
C PRO A 130 79.33 0.11 26.97
N GLU A 131 79.82 -1.13 26.91
CA GLU A 131 81.23 -1.38 26.65
C GLU A 131 81.54 -1.48 25.17
N CYS A 132 80.57 -1.15 24.32
CA CYS A 132 80.72 -1.19 22.86
C CYS A 132 81.30 -2.53 22.41
N ARG A 133 80.74 -3.61 22.97
CA ARG A 133 81.14 -4.95 22.56
C ARG A 133 80.29 -5.48 21.41
N MET A 134 79.03 -5.05 21.30
CA MET A 134 78.13 -5.58 20.28
C MET A 134 77.04 -4.57 19.98
N ILE A 135 76.40 -4.78 18.82
CA ILE A 135 75.18 -4.06 18.44
C ILE A 135 74.03 -5.05 18.52
N GLY A 136 73.01 -4.71 19.30
CA GLY A 136 71.80 -5.51 19.35
C GLY A 136 70.75 -4.97 18.41
N LEU A 137 70.15 -5.87 17.62
CA LEU A 137 69.09 -5.50 16.70
C LEU A 137 67.87 -6.36 16.95
N ARG A 138 66.70 -5.73 17.03
CA ARG A 138 65.41 -6.41 17.07
C ARG A 138 64.72 -6.12 15.75
N LEU A 139 64.87 -7.02 14.79
CA LEU A 139 64.28 -6.88 13.47
C LEU A 139 63.03 -7.73 13.28
N TYR A 140 63.01 -8.94 13.83
CA TYR A 140 61.93 -9.89 13.60
C TYR A 140 61.42 -10.43 14.93
N ASP A 141 60.14 -10.78 14.95
CA ASP A 141 59.54 -11.41 16.12
C ASP A 141 60.27 -12.72 16.43
N GLY A 142 60.56 -12.91 17.71
CA GLY A 142 61.16 -14.14 18.18
C GLY A 142 62.65 -14.26 17.98
N LEU A 143 63.31 -13.23 17.44
CA LEU A 143 64.74 -13.29 17.16
C LEU A 143 65.45 -12.03 17.64
N PHE A 144 66.64 -12.22 18.20
CA PHE A 144 67.53 -11.14 18.59
C PHE A 144 68.83 -11.30 17.81
N LYS A 145 69.16 -10.30 17.00
CA LYS A 145 70.35 -10.35 16.15
C LYS A 145 71.48 -9.57 16.80
N VAL A 146 72.67 -10.17 16.79
CA VAL A 146 73.86 -9.61 17.43
C VAL A 146 74.92 -9.40 16.36
N ILE A 147 75.38 -8.15 16.21
CA ILE A 147 76.57 -7.86 15.44
C ILE A 147 77.70 -7.61 16.45
N PRO A 148 78.65 -8.53 16.61
CA PRO A 148 79.76 -8.26 17.54
C PRO A 148 80.71 -7.22 16.96
N LEU A 149 81.12 -6.28 17.81
CA LEU A 149 81.98 -5.18 17.37
C LEU A 149 83.46 -5.50 17.57
N ASP A 150 83.92 -6.54 16.88
CA ASP A 150 85.34 -6.84 16.85
C ASP A 150 85.98 -6.09 15.67
N ARG A 151 87.29 -5.87 15.78
CA ARG A 151 88.02 -5.14 14.75
C ARG A 151 87.89 -5.78 13.37
N ASP A 152 87.74 -7.10 13.31
CA ASP A 152 87.78 -7.79 12.03
C ASP A 152 86.43 -7.84 11.33
N ASN A 153 85.34 -7.48 12.00
CA ASN A 153 84.00 -7.62 11.42
C ASN A 153 83.69 -6.43 10.52
N LYS A 154 84.43 -6.34 9.42
CA LYS A 154 84.24 -5.23 8.49
C LYS A 154 83.00 -5.41 7.62
N GLU A 155 82.46 -6.63 7.53
CA GLU A 155 81.25 -6.90 6.79
C GLU A 155 80.02 -6.92 7.68
N LEU A 156 80.18 -6.67 8.98
CA LEU A 156 79.08 -6.70 9.94
C LEU A 156 78.32 -8.01 9.88
N LYS A 157 79.06 -9.12 9.92
CA LYS A 157 78.43 -10.43 10.01
C LYS A 157 77.81 -10.62 11.39
N ALA A 158 76.69 -11.34 11.42
CA ALA A 158 75.90 -11.44 12.63
C ALA A 158 75.22 -12.79 12.73
N PHE A 159 74.76 -13.10 13.94
CA PHE A 159 74.04 -14.33 14.25
C PHE A 159 72.78 -13.99 15.03
N ASN A 160 71.81 -14.91 14.99
CA ASN A 160 70.56 -14.76 15.69
C ASN A 160 70.52 -15.65 16.92
N ILE A 161 69.94 -15.13 18.00
CA ILE A 161 69.67 -15.88 19.21
C ILE A 161 68.17 -16.06 19.31
N ARG A 162 67.72 -17.30 19.47
CA ARG A 162 66.30 -17.55 19.65
C ARG A 162 65.80 -16.80 20.89
N LEU A 163 64.68 -16.10 20.72
CA LEU A 163 64.06 -15.32 21.79
C LEU A 163 62.67 -15.89 22.01
N GLU A 164 62.43 -16.42 23.20
CA GLU A 164 61.13 -17.04 23.48
C GLU A 164 60.01 -16.03 23.42
N GLU A 165 60.27 -14.81 23.89
CA GLU A 165 59.23 -13.77 23.95
C GLU A 165 59.05 -13.19 22.56
N LEU A 166 57.92 -13.51 21.92
CA LEU A 166 57.73 -13.17 20.52
C LEU A 166 57.40 -11.69 20.33
N HIS A 167 56.62 -11.10 21.24
CA HIS A 167 56.13 -9.72 21.10
C HIS A 167 56.88 -8.85 22.09
N VAL A 168 57.96 -8.21 21.61
CA VAL A 168 58.78 -7.33 22.44
C VAL A 168 58.36 -5.88 22.16
N ILE A 169 58.20 -5.11 23.24
CA ILE A 169 57.83 -3.71 23.11
C ILE A 169 59.06 -2.82 22.95
N ASP A 170 60.03 -2.95 23.86
CA ASP A 170 61.23 -2.14 23.82
C ASP A 170 62.34 -2.87 24.57
N VAL A 171 63.58 -2.62 24.15
CA VAL A 171 64.75 -3.26 24.75
C VAL A 171 65.89 -2.26 24.82
N LYS A 172 66.70 -2.37 25.87
CA LYS A 172 67.88 -1.56 26.06
C LYS A 172 68.96 -2.43 26.70
N PHE A 173 70.23 -2.13 26.40
CA PHE A 173 71.32 -2.70 27.18
C PHE A 173 71.36 -1.97 28.53
N LEU A 174 71.62 -2.71 29.59
CA LEU A 174 71.61 -2.15 30.94
C LEU A 174 73.02 -1.70 31.31
N TYR A 175 73.10 -0.79 32.27
CA TYR A 175 74.36 -0.30 32.78
C TYR A 175 74.69 -1.01 34.09
N GLY A 176 75.96 -1.29 34.31
CA GLY A 176 76.39 -1.87 35.57
C GLY A 176 76.24 -3.37 35.71
N CYS A 177 76.50 -4.13 34.64
CA CYS A 177 76.34 -5.58 34.66
C CYS A 177 77.66 -6.29 34.41
N GLN A 178 77.78 -7.49 34.99
CA GLN A 178 78.99 -8.29 34.84
C GLN A 178 79.19 -8.77 33.41
N ALA A 179 78.10 -9.01 32.68
CA ALA A 179 78.10 -9.40 31.29
C ALA A 179 77.15 -8.51 30.52
N PRO A 180 77.27 -8.44 29.18
CA PRO A 180 76.27 -7.70 28.39
C PRO A 180 74.87 -8.18 28.70
N THR A 181 74.00 -7.28 29.14
CA THR A 181 72.66 -7.62 29.61
C THR A 181 71.64 -6.75 28.90
N ILE A 182 70.55 -7.37 28.47
CA ILE A 182 69.43 -6.66 27.86
C ILE A 182 68.26 -6.66 28.83
N CYS A 183 67.57 -5.52 28.92
CA CYS A 183 66.33 -5.38 29.68
C CYS A 183 65.25 -4.98 28.69
N PHE A 184 64.12 -5.69 28.72
CA PHE A 184 63.09 -5.43 27.72
C PHE A 184 61.72 -5.70 28.31
N VAL A 185 60.72 -5.00 27.75
CA VAL A 185 59.31 -5.22 28.06
C VAL A 185 58.71 -6.04 26.92
N TYR A 186 57.94 -7.06 27.26
CA TYR A 186 57.31 -7.91 26.27
C TYR A 186 55.86 -8.16 26.64
N GLN A 187 55.08 -8.58 25.66
CA GLN A 187 53.66 -8.85 25.85
C GLN A 187 53.33 -10.29 25.48
N ASP A 188 52.57 -10.95 26.35
CA ASP A 188 52.00 -12.28 26.11
C ASP A 188 50.57 -12.22 26.62
N PRO A 189 49.77 -13.30 26.52
CA PRO A 189 48.36 -13.19 26.90
C PRO A 189 48.12 -12.78 28.35
N GLN A 190 49.12 -12.87 29.23
CA GLN A 190 48.93 -12.54 30.64
C GLN A 190 49.25 -11.08 30.97
N GLY A 191 49.48 -10.26 29.96
CA GLY A 191 49.84 -8.87 30.16
C GLY A 191 51.26 -8.58 29.69
N ARG A 192 51.79 -7.47 30.19
CA ARG A 192 53.16 -7.06 29.89
C ARG A 192 54.07 -7.30 31.09
N HIS A 193 55.32 -7.63 30.78
CA HIS A 193 56.29 -8.04 31.77
C HIS A 193 57.62 -7.39 31.42
N VAL A 194 58.49 -7.25 32.43
CA VAL A 194 59.86 -6.80 32.23
C VAL A 194 60.78 -7.96 32.58
N LYS A 195 61.81 -8.18 31.75
CA LYS A 195 62.65 -9.36 31.86
C LYS A 195 64.06 -9.03 31.40
N THR A 196 65.03 -9.80 31.90
CA THR A 196 66.44 -9.60 31.56
C THR A 196 67.07 -10.89 31.06
N TYR A 197 68.04 -10.73 30.17
CA TYR A 197 68.92 -11.81 29.72
C TYR A 197 70.36 -11.30 29.70
N GLU A 198 71.30 -12.24 29.77
CA GLU A 198 72.71 -11.95 29.52
C GLU A 198 73.08 -12.48 28.14
N VAL A 199 73.86 -11.71 27.40
CA VAL A 199 74.24 -12.05 26.03
C VAL A 199 75.69 -12.54 26.04
N SER A 200 75.90 -13.78 25.58
CA SER A 200 77.22 -14.39 25.53
C SER A 200 77.68 -14.50 24.09
N LEU A 201 78.69 -13.70 23.74
CA LEU A 201 79.29 -13.79 22.41
C LEU A 201 80.02 -15.11 22.22
N ARG A 202 80.57 -15.68 23.30
CA ARG A 202 81.32 -16.93 23.19
C ARG A 202 80.38 -18.10 22.90
N GLU A 203 79.28 -18.20 23.65
CA GLU A 203 78.32 -19.28 23.45
C GLU A 203 77.29 -18.97 22.36
N LYS A 204 77.10 -17.70 22.02
CA LYS A 204 76.11 -17.29 21.02
C LYS A 204 74.70 -17.71 21.44
N GLU A 205 74.35 -17.38 22.68
CA GLU A 205 73.01 -17.61 23.19
C GLU A 205 72.79 -16.72 24.41
N PHE A 206 71.54 -16.69 24.88
CA PHE A 206 71.20 -15.99 26.11
C PHE A 206 71.51 -16.86 27.32
N ASN A 207 71.91 -16.22 28.42
CA ASN A 207 72.00 -16.86 29.73
C ASN A 207 71.05 -16.15 30.68
N LYS A 208 70.72 -16.82 31.79
CA LYS A 208 69.81 -16.24 32.77
C LYS A 208 70.26 -14.83 33.15
N GLY A 209 69.29 -13.92 33.24
CA GLY A 209 69.56 -12.52 33.47
C GLY A 209 69.72 -12.19 34.94
N PRO A 210 70.24 -10.98 35.20
CA PRO A 210 70.54 -10.61 36.60
C PRO A 210 69.34 -10.52 37.53
N TRP A 211 68.15 -10.11 37.07
CA TRP A 211 67.03 -10.02 37.99
C TRP A 211 65.75 -10.57 37.39
N LYS A 212 64.82 -10.91 38.28
CA LYS A 212 63.66 -11.70 37.91
C LYS A 212 62.67 -10.85 37.10
N GLN A 213 61.71 -11.54 36.49
CA GLN A 213 60.64 -10.88 35.76
C GLN A 213 59.67 -10.23 36.75
N GLU A 214 59.17 -9.05 36.38
CA GLU A 214 58.13 -8.32 37.10
C GLU A 214 57.02 -7.96 36.14
N ASN A 215 55.78 -8.14 36.59
CA ASN A 215 54.63 -7.70 35.81
C ASN A 215 54.51 -6.19 35.87
N VAL A 216 54.25 -5.56 34.71
CA VAL A 216 54.25 -4.11 34.59
C VAL A 216 52.94 -3.64 33.96
N GLU A 217 52.80 -2.31 33.92
CA GLU A 217 51.61 -1.66 33.36
C GLU A 217 51.27 -2.23 31.99
N ALA A 218 49.96 -2.37 31.74
CA ALA A 218 49.51 -2.95 30.48
C ALA A 218 50.00 -2.20 29.25
N GLU A 219 50.18 -0.88 29.37
CA GLU A 219 50.65 -0.05 28.27
C GLU A 219 52.07 0.45 28.49
N ALA A 220 52.89 -0.31 29.21
CA ALA A 220 54.31 0.00 29.36
C ALA A 220 54.96 0.15 27.99
N SER A 221 55.46 1.36 27.71
CA SER A 221 55.90 1.70 26.36
C SER A 221 57.41 1.79 26.17
N MET A 222 58.15 2.37 27.11
CA MET A 222 59.56 2.65 26.88
C MET A 222 60.39 2.13 28.05
N VAL A 223 61.64 1.80 27.73
CA VAL A 223 62.61 1.32 28.72
C VAL A 223 63.72 2.37 28.77
N ILE A 224 63.91 2.96 29.94
CA ILE A 224 65.02 3.88 30.19
C ILE A 224 66.08 3.10 30.95
N ALA A 225 67.30 3.11 30.42
CA ALA A 225 68.44 2.45 31.06
C ALA A 225 69.15 3.43 31.98
N VAL A 226 69.14 3.15 33.27
CA VAL A 226 69.73 4.05 34.26
C VAL A 226 71.23 3.85 34.34
N PRO A 227 72.03 4.93 34.48
CA PRO A 227 73.49 4.78 34.49
C PRO A 227 74.06 4.13 35.74
N GLU A 228 75.39 4.03 35.78
CA GLU A 228 76.05 3.25 36.83
C GLU A 228 75.71 3.68 38.25
N PRO A 229 75.61 4.98 38.59
CA PRO A 229 75.37 5.31 40.00
C PRO A 229 74.15 4.64 40.59
N PHE A 230 73.05 4.61 39.86
CA PHE A 230 71.85 3.90 40.31
C PHE A 230 71.83 2.47 39.76
N GLY A 231 72.04 2.33 38.45
CA GLY A 231 71.89 1.06 37.79
C GLY A 231 70.43 0.79 37.52
N GLY A 232 70.16 -0.37 36.92
CA GLY A 232 68.79 -0.77 36.69
C GLY A 232 68.13 -0.04 35.53
N ALA A 233 66.79 -0.06 35.55
CA ALA A 233 66.01 0.51 34.45
C ALA A 233 64.74 1.19 34.98
N ILE A 234 64.23 2.11 34.16
CA ILE A 234 62.95 2.79 34.39
C ILE A 234 62.01 2.42 33.26
N ILE A 235 60.74 2.14 33.61
CA ILE A 235 59.72 1.75 32.66
C ILE A 235 58.64 2.82 32.64
N ILE A 236 58.43 3.44 31.47
CA ILE A 236 57.44 4.51 31.30
C ILE A 236 56.16 3.90 30.74
N GLY A 237 55.02 4.25 31.35
CA GLY A 237 53.74 3.82 30.83
C GLY A 237 52.79 4.95 30.53
N GLN A 238 51.48 4.66 30.52
CA GLN A 238 50.46 5.68 30.36
C GLN A 238 50.10 6.34 31.68
N GLU A 239 50.05 5.56 32.76
CA GLU A 239 49.70 6.07 34.08
C GLU A 239 50.85 6.11 35.07
N SER A 240 51.88 5.27 34.90
CA SER A 240 52.89 5.12 35.95
C SER A 240 54.29 5.03 35.38
N ILE A 241 55.26 5.42 36.22
CA ILE A 241 56.68 5.27 35.95
C ILE A 241 57.26 4.42 37.08
N THR A 242 57.98 3.36 36.72
CA THR A 242 58.51 2.42 37.70
C THR A 242 59.99 2.21 37.50
N TYR A 243 60.70 1.96 38.60
CA TYR A 243 62.12 1.65 38.59
C TYR A 243 62.32 0.22 39.06
N HIS A 244 63.16 -0.53 38.35
CA HIS A 244 63.39 -1.93 38.63
C HIS A 244 64.89 -2.20 38.71
N ASN A 245 65.31 -2.94 39.74
CA ASN A 245 66.70 -3.35 39.86
C ASN A 245 66.83 -4.42 40.92
N GLY A 246 66.78 -5.69 40.52
CA GLY A 246 66.88 -6.78 41.47
C GLY A 246 65.78 -6.73 42.51
N ASP A 247 66.15 -6.47 43.75
CA ASP A 247 65.20 -6.41 44.86
C ASP A 247 64.55 -5.05 45.03
N LYS A 248 65.00 -4.03 44.31
CA LYS A 248 64.48 -2.67 44.47
C LYS A 248 63.33 -2.44 43.49
N TYR A 249 62.23 -1.90 44.00
CA TYR A 249 61.07 -1.59 43.17
C TYR A 249 60.45 -0.28 43.65
N LEU A 250 60.28 0.67 42.72
CA LEU A 250 59.61 1.92 42.98
C LEU A 250 58.52 2.15 41.95
N ALA A 251 57.49 2.90 42.34
CA ALA A 251 56.41 3.25 41.42
C ALA A 251 55.82 4.60 41.79
N ILE A 252 55.87 5.54 40.86
CA ILE A 252 55.20 6.83 40.98
C ILE A 252 54.14 6.90 39.88
N ALA A 253 52.93 7.32 40.24
CA ALA A 253 51.80 7.38 39.31
C ALA A 253 51.15 8.75 39.47
N PRO A 254 51.82 9.81 39.03
CA PRO A 254 51.27 11.16 39.21
C PRO A 254 50.14 11.39 38.21
N PRO A 255 49.04 12.00 38.65
CA PRO A 255 47.89 12.16 37.74
C PRO A 255 48.19 12.99 36.51
N ILE A 256 49.28 13.77 36.50
CA ILE A 256 49.50 14.71 35.42
C ILE A 256 49.84 13.97 34.12
N ILE A 257 50.57 12.86 34.22
CA ILE A 257 50.96 12.15 33.01
C ILE A 257 49.85 11.29 32.42
N LYS A 258 48.84 10.91 33.22
CA LYS A 258 47.74 10.10 32.68
C LYS A 258 47.03 10.82 31.55
N GLN A 259 47.09 12.15 31.54
CA GLN A 259 46.35 12.95 30.57
C GLN A 259 46.86 12.75 29.14
N SER A 260 48.17 12.60 28.96
CA SER A 260 48.73 12.47 27.63
C SER A 260 49.85 11.45 27.60
N THR A 261 49.86 10.63 26.55
CA THR A 261 50.85 9.57 26.40
C THR A 261 52.24 10.15 26.25
N ILE A 262 53.21 9.61 26.97
CA ILE A 262 54.61 10.03 26.87
C ILE A 262 55.31 9.21 25.80
N VAL A 263 55.97 9.90 24.87
CA VAL A 263 56.56 9.24 23.71
C VAL A 263 58.09 9.35 23.66
N CYS A 264 58.73 10.29 24.35
CA CYS A 264 60.17 10.47 24.20
C CYS A 264 60.84 10.81 25.54
N HIS A 265 62.07 10.33 25.69
CA HIS A 265 62.85 10.54 26.91
C HIS A 265 64.33 10.76 26.58
N ASN A 266 65.03 11.44 27.49
CA ASN A 266 66.47 11.64 27.39
C ASN A 266 67.04 11.94 28.76
N ARG A 267 68.36 11.77 28.90
CA ARG A 267 69.05 11.92 30.17
C ARG A 267 69.75 13.28 30.22
N VAL A 268 69.41 14.09 31.21
CA VAL A 268 70.04 15.40 31.34
C VAL A 268 71.36 15.30 32.08
N ASP A 269 71.39 14.54 33.17
CA ASP A 269 72.60 14.44 33.99
C ASP A 269 73.25 13.09 33.72
N PRO A 270 74.50 13.07 33.24
CA PRO A 270 75.12 11.79 32.88
C PRO A 270 75.01 10.72 33.95
N ASN A 271 74.92 11.11 35.23
CA ASN A 271 74.84 10.15 36.32
C ASN A 271 73.44 9.55 36.47
N GLY A 272 72.45 10.03 35.74
CA GLY A 272 71.10 9.49 35.77
C GLY A 272 70.16 10.19 36.71
N SER A 273 70.60 11.29 37.35
CA SER A 273 69.76 11.96 38.32
C SER A 273 68.50 12.54 37.66
N ARG A 274 68.62 13.04 36.44
CA ARG A 274 67.52 13.74 35.79
C ARG A 274 67.34 13.24 34.36
N TYR A 275 66.10 12.90 34.02
CA TYR A 275 65.70 12.55 32.67
C TYR A 275 64.57 13.47 32.25
N LEU A 276 64.47 13.72 30.95
CA LEU A 276 63.39 14.52 30.40
C LEU A 276 62.36 13.61 29.74
N LEU A 277 61.09 14.01 29.81
CA LEU A 277 59.98 13.25 29.26
C LEU A 277 59.07 14.19 28.50
N GLY A 278 58.61 13.75 27.33
CA GLY A 278 57.69 14.52 26.52
C GLY A 278 56.47 13.70 26.16
N ASP A 279 55.37 14.41 25.90
CA ASP A 279 54.10 13.75 25.64
C ASP A 279 53.46 14.30 24.36
N MET A 280 52.40 13.60 23.93
CA MET A 280 51.78 13.88 22.64
C MET A 280 51.10 15.25 22.59
N GLU A 281 50.77 15.82 23.74
CA GLU A 281 50.16 17.15 23.78
C GLU A 281 51.21 18.25 23.84
N GLY A 282 52.49 17.91 23.72
CA GLY A 282 53.56 18.87 23.68
C GLY A 282 54.14 19.27 25.02
N ARG A 283 53.73 18.63 26.11
CA ARG A 283 54.24 19.01 27.43
C ARG A 283 55.58 18.35 27.69
N LEU A 284 56.45 19.08 28.37
CA LEU A 284 57.80 18.64 28.69
C LEU A 284 57.92 18.48 30.20
N PHE A 285 58.31 17.30 30.65
CA PHE A 285 58.47 17.00 32.05
C PHE A 285 59.93 16.77 32.41
N MET A 286 60.24 16.92 33.68
CA MET A 286 61.52 16.51 34.24
C MET A 286 61.28 15.33 35.18
N LEU A 287 61.98 14.23 34.94
CA LEU A 287 61.92 13.06 35.82
C LEU A 287 63.16 13.09 36.71
N LEU A 288 62.95 13.11 38.02
CA LEU A 288 64.01 13.31 38.99
C LEU A 288 64.26 12.02 39.76
N LEU A 289 65.52 11.65 39.90
CA LEU A 289 65.92 10.48 40.69
C LEU A 289 66.51 10.99 42.01
N GLU A 290 65.78 10.77 43.10
CA GLU A 290 66.14 11.28 44.42
C GLU A 290 67.05 10.27 45.12
N LYS A 291 68.34 10.61 45.21
CA LYS A 291 69.34 9.73 45.79
C LYS A 291 69.28 9.69 47.31
N GLU A 292 69.72 8.55 47.86
CA GLU A 292 69.92 8.37 49.28
C GLU A 292 71.22 7.60 49.48
N GLU A 293 72.21 8.20 50.11
CA GLU A 293 73.48 7.53 50.36
C GLU A 293 73.47 6.90 51.76
N GLN A 294 73.81 5.62 51.83
CA GLN A 294 73.91 4.91 53.09
C GLN A 294 75.33 5.03 53.67
N MET A 295 75.43 4.83 54.98
CA MET A 295 76.73 4.86 55.65
C MET A 295 77.69 3.85 55.04
N ASP A 296 77.17 2.81 54.39
CA ASP A 296 78.01 1.87 53.66
C ASP A 296 78.84 2.55 52.59
N GLY A 297 78.43 3.74 52.15
CA GLY A 297 79.03 4.40 51.02
C GLY A 297 78.34 4.11 49.70
N THR A 298 77.39 3.17 49.70
CA THR A 298 76.61 2.87 48.51
C THR A 298 75.53 3.92 48.27
N VAL A 299 75.14 4.08 47.00
CA VAL A 299 74.15 5.06 46.58
C VAL A 299 72.94 4.28 46.06
N THR A 300 71.78 4.57 46.63
CA THR A 300 70.53 3.90 46.27
C THR A 300 69.49 4.92 45.80
N LEU A 301 68.52 4.46 45.02
CA LEU A 301 67.44 5.31 44.55
C LEU A 301 66.35 5.41 45.62
N LYS A 302 66.16 6.60 46.17
CA LYS A 302 65.19 6.79 47.24
C LYS A 302 63.76 6.90 46.70
N ASP A 303 63.55 7.74 45.69
CA ASP A 303 62.21 8.00 45.20
C ASP A 303 62.30 8.63 43.81
N LEU A 304 61.15 8.71 43.14
CA LEU A 304 61.02 9.37 41.86
C LEU A 304 60.04 10.52 41.98
N ARG A 305 60.30 11.58 41.20
CA ARG A 305 59.48 12.78 41.16
C ARG A 305 59.35 13.22 39.71
N VAL A 306 58.17 13.72 39.35
CA VAL A 306 57.91 14.25 38.02
C VAL A 306 57.48 15.71 38.18
N GLU A 307 58.11 16.61 37.43
CA GLU A 307 57.82 18.03 37.50
C GLU A 307 57.56 18.55 36.09
N LEU A 308 56.45 19.28 35.93
CA LEU A 308 56.10 19.86 34.65
C LEU A 308 56.92 21.13 34.41
N LEU A 309 57.60 21.18 33.27
CA LEU A 309 58.44 22.32 32.92
C LEU A 309 57.73 23.33 32.05
N GLY A 310 56.99 22.88 31.04
CA GLY A 310 56.35 23.79 30.11
C GLY A 310 55.85 23.04 28.90
N GLU A 311 55.84 23.73 27.76
CA GLU A 311 55.30 23.14 26.54
C GLU A 311 56.32 23.29 25.43
N THR A 312 56.50 22.23 24.66
CA THR A 312 57.30 22.23 23.44
C THR A 312 56.42 21.76 22.28
N SER A 313 56.99 21.78 21.08
CA SER A 313 56.30 21.14 19.96
C SER A 313 56.22 19.64 20.21
N ILE A 314 55.20 19.00 19.65
CA ILE A 314 55.09 17.55 19.79
C ILE A 314 56.34 16.94 19.18
N ALA A 315 57.16 16.30 20.01
CA ALA A 315 58.53 15.92 19.67
C ALA A 315 58.65 14.42 19.46
N GLU A 316 59.24 14.04 18.31
CA GLU A 316 59.66 12.65 18.13
C GLU A 316 60.92 12.34 18.94
N CYS A 317 61.88 13.27 18.99
CA CYS A 317 63.11 13.06 19.72
C CYS A 317 63.43 14.31 20.53
N LEU A 318 63.86 14.11 21.77
CA LEU A 318 64.44 15.16 22.58
C LEU A 318 65.91 14.85 22.78
N THR A 319 66.74 15.89 22.82
CA THR A 319 68.13 15.72 23.21
C THR A 319 68.56 16.98 23.93
N TYR A 320 69.03 16.80 25.17
CA TYR A 320 69.59 17.89 25.95
C TYR A 320 71.00 18.14 25.46
N LEU A 321 71.34 19.40 25.21
CA LEU A 321 72.66 19.72 24.69
C LEU A 321 73.61 20.16 25.79
N ASP A 322 73.47 21.39 26.27
CA ASP A 322 74.34 21.89 27.32
C ASP A 322 73.69 23.11 27.93
N ASN A 323 74.10 23.42 29.16
CA ASN A 323 73.58 24.60 29.87
C ASN A 323 72.09 24.37 30.04
N GLY A 324 71.23 25.29 29.62
CA GLY A 324 69.80 25.11 29.64
C GLY A 324 69.17 24.77 28.32
N VAL A 325 69.95 24.47 27.29
CA VAL A 325 69.44 24.35 25.93
C VAL A 325 69.08 22.90 25.62
N VAL A 326 67.89 22.71 25.06
CA VAL A 326 67.37 21.42 24.64
C VAL A 326 66.97 21.54 23.18
N PHE A 327 67.32 20.53 22.37
CA PHE A 327 66.81 20.47 21.01
C PHE A 327 65.57 19.59 20.98
N VAL A 328 64.50 20.10 20.39
CA VAL A 328 63.22 19.41 20.30
C VAL A 328 63.06 18.98 18.85
N GLY A 329 63.10 17.67 18.59
CA GLY A 329 62.90 17.18 17.25
C GLY A 329 61.46 16.80 17.01
N SER A 330 60.80 17.49 16.08
CA SER A 330 59.37 17.33 15.87
C SER A 330 59.11 16.81 14.46
N ARG A 331 58.29 15.77 14.38
CA ARG A 331 57.81 15.20 13.13
C ARG A 331 56.45 15.73 12.69
N LEU A 332 55.61 16.11 13.65
CA LEU A 332 54.27 16.62 13.37
C LEU A 332 54.22 18.14 13.35
N GLY A 333 55.26 18.81 13.83
CA GLY A 333 55.32 20.26 13.83
C GLY A 333 56.73 20.78 13.68
N ASP A 334 56.90 22.09 13.81
CA ASP A 334 58.23 22.69 13.69
C ASP A 334 59.10 22.29 14.88
N SER A 335 60.35 21.97 14.59
CA SER A 335 61.32 21.62 15.62
C SER A 335 61.85 22.89 16.29
N GLN A 336 62.57 22.71 17.40
CA GLN A 336 62.96 23.87 18.18
C GLN A 336 64.25 23.67 18.97
N LEU A 337 64.86 24.80 19.29
CA LEU A 337 65.76 24.94 20.43
C LEU A 337 65.01 25.71 21.51
N VAL A 338 65.02 25.19 22.74
CA VAL A 338 64.37 25.84 23.87
C VAL A 338 65.36 25.87 25.01
N LYS A 339 65.24 26.87 25.88
CA LYS A 339 66.10 26.98 27.05
C LYS A 339 65.30 26.72 28.32
N LEU A 340 65.81 25.83 29.16
CA LEU A 340 65.21 25.52 30.45
C LEU A 340 65.80 26.43 31.51
N ASN A 341 64.95 27.19 32.18
CA ASN A 341 65.39 28.15 33.19
C ASN A 341 65.18 27.57 34.58
N VAL A 342 66.01 28.00 35.53
CA VAL A 342 65.83 27.59 36.92
C VAL A 342 64.65 28.30 37.55
N ASP A 343 64.45 29.56 37.21
CA ASP A 343 63.32 30.35 37.70
C ASP A 343 62.23 30.33 36.64
N SER A 344 60.99 30.10 37.07
CA SER A 344 59.86 30.12 36.16
C SER A 344 59.52 31.56 35.78
N ASN A 345 58.83 31.71 34.65
CA ASN A 345 58.39 33.03 34.26
C ASN A 345 57.06 33.31 34.96
N GLU A 346 56.47 34.47 34.66
CA GLU A 346 55.26 34.89 35.38
C GLU A 346 54.05 34.01 35.07
N GLN A 347 54.11 33.18 34.04
CA GLN A 347 53.02 32.27 33.74
C GLN A 347 53.20 30.89 34.37
N GLY A 348 54.33 30.67 35.05
CA GLY A 348 54.62 29.39 35.66
C GLY A 348 55.45 28.43 34.83
N SER A 349 55.94 28.86 33.66
CA SER A 349 56.68 28.00 32.76
C SER A 349 58.18 28.18 32.95
N TYR A 350 58.93 27.08 32.82
CA TYR A 350 60.39 27.12 32.82
C TYR A 350 60.98 27.03 31.42
N VAL A 351 60.16 27.00 30.38
CA VAL A 351 60.61 26.74 29.02
C VAL A 351 60.34 27.99 28.19
N VAL A 352 61.38 28.49 27.52
CA VAL A 352 61.28 29.66 26.65
C VAL A 352 61.92 29.30 25.32
N ALA A 353 61.19 29.50 24.23
CA ALA A 353 61.69 29.14 22.91
C ALA A 353 62.82 30.06 22.48
N MET A 354 63.87 29.47 21.90
CA MET A 354 64.97 30.23 21.32
C MET A 354 64.84 30.36 19.80
N GLU A 355 64.83 29.23 19.09
CA GLU A 355 64.77 29.21 17.64
C GLU A 355 63.69 28.23 17.21
N THR A 356 63.15 28.44 16.02
CA THR A 356 62.14 27.57 15.44
C THR A 356 62.60 27.15 14.05
N PHE A 357 62.67 25.83 13.82
CA PHE A 357 63.13 25.25 12.56
C PHE A 357 61.92 24.80 11.76
N THR A 358 61.77 25.31 10.54
CA THR A 358 60.59 25.02 9.74
C THR A 358 60.47 23.53 9.46
N ASN A 359 59.32 22.96 9.80
CA ASN A 359 58.94 21.61 9.43
C ASN A 359 57.62 21.68 8.68
N LEU A 360 57.64 21.32 7.40
CA LEU A 360 56.39 21.28 6.64
C LEU A 360 55.43 20.23 7.17
N GLY A 361 55.85 19.41 8.12
CA GLY A 361 54.99 18.48 8.81
C GLY A 361 54.36 17.49 7.86
N PRO A 362 53.40 16.71 8.32
CA PRO A 362 52.61 15.89 7.40
C PRO A 362 51.84 16.78 6.44
N ILE A 363 52.07 16.58 5.14
CA ILE A 363 51.34 17.34 4.12
C ILE A 363 50.13 16.50 3.76
N VAL A 364 49.01 16.74 4.43
CA VAL A 364 47.81 15.95 4.21
C VAL A 364 47.21 16.27 2.85
N ASP A 365 47.14 17.55 2.49
CA ASP A 365 46.64 17.96 1.18
C ASP A 365 47.34 19.26 0.80
N MET A 366 47.21 19.63 -0.48
CA MET A 366 47.77 20.89 -0.94
C MET A 366 47.18 21.26 -2.29
N CYS A 367 47.23 22.55 -2.61
CA CYS A 367 46.78 23.07 -3.89
C CYS A 367 47.74 24.16 -4.36
N VAL A 368 47.80 24.36 -5.68
CA VAL A 368 48.62 25.40 -6.28
C VAL A 368 47.69 26.51 -6.76
N VAL A 369 47.99 27.75 -6.37
CA VAL A 369 47.14 28.90 -6.68
C VAL A 369 48.06 30.08 -6.95
N ASP A 370 47.77 30.82 -8.03
CA ASP A 370 48.53 32.04 -8.37
C ASP A 370 47.83 33.21 -7.67
N LEU A 371 48.20 33.42 -6.41
CA LEU A 371 47.55 34.47 -5.62
C LEU A 371 47.78 35.86 -6.20
N GLU A 372 49.02 36.17 -6.55
CA GLU A 372 49.42 37.50 -6.99
C GLU A 372 49.26 37.71 -8.49
N ARG A 373 48.58 36.81 -9.19
CA ARG A 373 48.38 36.85 -10.63
C ARG A 373 49.68 36.77 -11.41
N GLN A 374 50.74 36.23 -10.81
CA GLN A 374 52.07 36.31 -11.41
C GLN A 374 52.39 35.27 -12.47
N GLY A 375 51.49 34.37 -12.82
CA GLY A 375 51.86 33.30 -13.73
C GLY A 375 52.78 32.28 -13.11
N GLN A 376 53.22 32.50 -11.87
CA GLN A 376 54.10 31.58 -11.16
C GLN A 376 53.33 30.41 -10.55
N GLY A 377 52.57 30.69 -9.50
CA GLY A 377 51.86 29.69 -8.74
C GLY A 377 52.52 29.50 -7.39
N GLN A 378 51.73 29.53 -6.32
CA GLN A 378 52.20 29.31 -4.96
C GLN A 378 51.48 28.11 -4.37
N LEU A 379 52.19 27.39 -3.51
CA LEU A 379 51.70 26.14 -2.94
C LEU A 379 51.22 26.39 -1.52
N VAL A 380 49.93 26.17 -1.28
CA VAL A 380 49.35 26.27 0.05
C VAL A 380 49.13 24.83 0.52
N THR A 381 49.80 24.44 1.60
CA THR A 381 49.81 23.06 2.05
C THR A 381 49.09 22.95 3.38
N CYS A 382 48.33 21.87 3.53
CA CYS A 382 47.78 21.50 4.84
C CYS A 382 48.86 20.73 5.58
N SER A 383 49.47 21.35 6.58
CA SER A 383 50.65 20.81 7.22
C SER A 383 50.44 20.69 8.72
N GLY A 384 51.09 19.70 9.31
CA GLY A 384 51.08 19.51 10.74
C GLY A 384 49.88 18.72 11.22
N ALA A 385 49.87 18.47 12.52
CA ALA A 385 48.77 17.78 13.18
C ALA A 385 48.58 18.38 14.57
N PHE A 386 47.33 18.39 15.01
CA PHE A 386 46.96 18.84 16.37
C PHE A 386 47.46 20.28 16.55
N LYS A 387 48.15 20.57 17.65
CA LYS A 387 48.59 21.93 17.97
C LYS A 387 49.51 22.50 16.93
N GLU A 388 50.20 21.65 16.19
CA GLU A 388 51.16 22.08 15.17
C GLU A 388 50.50 22.28 13.81
N GLY A 389 49.18 22.10 13.72
CA GLY A 389 48.52 22.26 12.44
C GLY A 389 48.74 23.65 11.87
N SER A 390 48.95 23.71 10.56
CA SER A 390 49.28 24.97 9.91
C SER A 390 48.90 24.91 8.44
N LEU A 391 48.75 26.10 7.85
CA LEU A 391 48.68 26.30 6.41
C LEU A 391 49.98 26.99 6.01
N ARG A 392 50.72 26.39 5.08
CA ARG A 392 52.02 26.88 4.68
C ARG A 392 51.97 27.31 3.22
N ILE A 393 52.24 28.58 2.97
CA ILE A 393 52.23 29.15 1.63
C ILE A 393 53.68 29.23 1.15
N ILE A 394 53.99 28.51 0.07
CA ILE A 394 55.37 28.31 -0.37
C ILE A 394 55.53 28.89 -1.76
N ARG A 395 56.57 29.70 -1.96
CA ARG A 395 56.88 30.30 -3.25
C ARG A 395 58.38 30.17 -3.49
N ASN A 396 58.76 30.13 -4.77
CA ASN A 396 60.17 30.12 -5.16
C ASN A 396 60.72 31.53 -5.27
N GLY A 397 61.90 31.74 -4.69
CA GLY A 397 62.54 33.05 -4.73
C GLY A 397 63.93 33.03 -4.11
N GLN A 408 68.99 31.49 -3.79
CA GLN A 408 68.17 30.36 -4.22
C GLN A 408 67.65 29.58 -3.02
N LYS A 409 66.42 29.88 -2.62
CA LYS A 409 65.77 29.22 -1.49
C LYS A 409 64.26 29.37 -1.67
N LEU A 410 63.51 28.54 -0.95
CA LEU A 410 62.06 28.61 -1.01
C LEU A 410 61.58 29.49 0.15
N HIS A 411 60.66 30.41 -0.15
CA HIS A 411 60.06 31.26 0.87
C HIS A 411 58.76 30.63 1.37
N ILE A 412 58.66 30.44 2.69
CA ILE A 412 57.55 29.72 3.30
C ILE A 412 56.90 30.58 4.37
N ARG A 413 55.58 30.77 4.26
CA ARG A 413 54.77 31.47 5.26
C ARG A 413 53.92 30.47 6.04
N THR A 414 53.79 30.69 7.34
CA THR A 414 53.08 29.78 8.24
C THR A 414 51.82 30.44 8.80
N VAL A 415 50.69 29.77 8.66
CA VAL A 415 49.42 30.23 9.22
C VAL A 415 49.02 29.28 10.35
N PRO A 416 49.19 29.65 11.61
CA PRO A 416 48.87 28.71 12.70
C PRO A 416 47.37 28.46 12.82
N LEU A 417 47.01 27.18 12.95
CA LEU A 417 45.65 26.75 13.12
C LEU A 417 45.39 26.08 14.46
N TYR A 418 46.40 25.45 15.06
CA TYR A 418 46.30 24.78 16.35
C TYR A 418 45.31 23.63 16.31
N GLU A 419 44.91 23.21 15.12
CA GLU A 419 44.07 22.04 14.91
C GLU A 419 44.48 21.40 13.59
N SER A 420 44.10 20.15 13.40
CA SER A 420 44.59 19.37 12.26
C SER A 420 43.89 19.80 10.97
N PRO A 421 44.63 20.18 9.92
CA PRO A 421 43.97 20.49 8.65
C PRO A 421 43.93 19.27 7.75
N ARG A 422 42.73 18.92 7.28
CA ARG A 422 42.52 17.70 6.53
C ARG A 422 42.62 17.95 5.02
N LYS A 423 41.93 18.97 4.51
CA LYS A 423 41.89 19.22 3.08
C LYS A 423 41.89 20.72 2.81
N ILE A 424 42.27 21.10 1.58
CA ILE A 424 42.24 22.49 1.15
C ILE A 424 41.84 22.57 -0.32
N CYS A 425 41.07 23.62 -0.65
CA CYS A 425 40.63 23.89 -2.02
C CYS A 425 40.43 25.39 -2.15
N TYR A 426 40.82 25.95 -3.30
CA TYR A 426 40.78 27.40 -3.51
C TYR A 426 39.54 27.80 -4.31
N GLN A 427 38.89 28.88 -3.87
CA GLN A 427 37.69 29.44 -4.49
C GLN A 427 38.02 30.88 -4.86
N GLU A 428 38.35 31.12 -6.14
CA GLU A 428 38.78 32.47 -6.53
C GLU A 428 37.65 33.48 -6.41
N VAL A 429 36.43 33.09 -6.80
CA VAL A 429 35.31 34.02 -6.81
C VAL A 429 35.17 34.70 -5.45
N SER A 430 35.47 33.97 -4.37
CA SER A 430 35.31 34.47 -3.01
C SER A 430 36.60 34.99 -2.42
N GLN A 431 37.69 35.02 -3.19
CA GLN A 431 39.00 35.46 -2.72
C GLN A 431 39.35 34.80 -1.38
N CYS A 432 39.10 33.50 -1.29
CA CYS A 432 39.34 32.77 -0.05
C CYS A 432 39.59 31.30 -0.33
N PHE A 433 40.09 30.61 0.69
CA PHE A 433 40.27 29.16 0.68
C PHE A 433 39.23 28.49 1.55
N GLY A 434 38.81 27.29 1.15
CA GLY A 434 38.07 26.38 2.02
C GLY A 434 39.02 25.32 2.54
N VAL A 435 39.02 25.15 3.87
CA VAL A 435 39.90 24.18 4.52
C VAL A 435 39.07 23.34 5.49
N LEU A 436 39.21 22.02 5.37
CA LEU A 436 38.63 21.08 6.32
C LEU A 436 39.61 20.84 7.47
N SER A 437 39.09 20.84 8.69
CA SER A 437 39.92 20.70 9.87
C SER A 437 39.19 19.89 10.92
N SER A 438 39.96 19.33 11.86
CA SER A 438 39.42 18.59 12.98
C SER A 438 40.21 18.95 14.23
N ARG A 439 39.51 19.07 15.36
CA ARG A 439 40.12 19.38 16.65
C ARG A 439 39.69 18.33 17.66
N ILE A 440 40.51 18.15 18.69
CA ILE A 440 40.28 17.14 19.71
C ILE A 440 39.59 17.79 20.91
N GLU A 441 38.40 17.30 21.25
CA GLU A 441 37.72 17.61 22.50
C GLU A 441 37.60 16.33 23.32
N VAL A 442 37.41 16.49 24.63
CA VAL A 442 37.39 15.36 25.55
C VAL A 442 36.07 15.37 26.31
N GLN A 443 35.50 14.17 26.52
CA GLN A 443 34.24 14.05 27.25
C GLN A 443 34.41 14.62 28.66
N ASP A 444 33.64 15.66 28.98
CA ASP A 444 33.75 16.32 30.27
C ASP A 444 32.54 15.97 31.15
N THR A 445 32.57 16.49 32.38
CA THR A 445 31.56 16.13 33.37
C THR A 445 30.17 16.64 32.99
N SER A 446 30.07 17.61 32.07
CA SER A 446 28.77 18.10 31.66
C SER A 446 28.00 17.12 30.78
N GLY A 447 28.66 16.06 30.31
CA GLY A 447 28.11 15.20 29.30
C GLY A 447 28.49 15.59 27.89
N GLY A 448 28.89 16.85 27.70
CA GLY A 448 29.44 17.32 26.46
C GLY A 448 30.95 17.12 26.41
N THR A 449 31.60 17.92 25.57
CA THR A 449 33.03 17.86 25.42
C THR A 449 33.64 19.26 25.53
N THR A 450 34.92 19.29 25.92
CA THR A 450 35.66 20.52 26.09
C THR A 450 36.97 20.44 25.31
N ALA A 451 37.30 21.51 24.59
CA ALA A 451 38.53 21.55 23.80
C ALA A 451 39.72 21.86 24.69
N LEU A 452 40.86 21.22 24.38
CA LEU A 452 42.06 21.38 25.18
C LEU A 452 42.70 22.75 25.01
N ARG A 453 42.37 23.45 23.94
CA ARG A 453 42.94 24.77 23.64
C ARG A 453 42.07 25.41 22.55
N PRO A 454 42.08 26.74 22.46
CA PRO A 454 41.38 27.39 21.35
C PRO A 454 42.13 27.19 20.05
N SER A 455 41.37 27.16 18.95
CA SER A 455 41.97 26.89 17.64
C SER A 455 41.11 27.52 16.55
N ALA A 456 41.55 27.32 15.30
CA ALA A 456 40.99 28.04 14.16
C ALA A 456 39.47 27.96 14.11
N SER A 457 38.91 26.78 14.38
CA SER A 457 37.46 26.62 14.26
C SER A 457 36.70 27.35 15.36
N THR A 458 37.35 27.62 16.49
CA THR A 458 36.73 28.35 17.59
C THR A 458 37.01 29.84 17.58
N GLN A 459 38.02 30.29 16.83
CA GLN A 459 38.40 31.70 16.75
C GLN A 459 37.95 32.34 15.45
N ALA A 460 37.01 31.72 14.75
CA ALA A 460 36.48 32.30 13.52
C ALA A 460 35.70 33.57 13.82
N LEU A 461 35.67 34.48 12.85
CA LEU A 461 34.90 35.71 13.03
C LEU A 461 33.42 35.39 13.22
N SER A 462 32.84 34.69 12.24
CA SER A 462 31.47 34.18 12.31
C SER A 462 31.50 32.66 12.28
N SER A 463 30.46 32.04 12.85
CA SER A 463 30.44 30.58 12.95
C SER A 463 29.02 30.05 12.73
N SER A 464 28.96 28.76 12.39
CA SER A 464 27.70 28.07 12.17
C SER A 464 27.88 26.59 12.50
N VAL A 465 26.76 25.92 12.77
CA VAL A 465 26.74 24.50 13.11
C VAL A 465 25.66 23.83 12.28
N SER A 466 25.97 22.67 11.71
CA SER A 466 24.96 21.95 10.95
C SER A 466 23.78 21.60 11.86
N SER A 467 22.57 21.76 11.32
CA SER A 467 21.33 21.40 12.00
C SER A 467 20.61 20.31 11.23
N SER A 468 21.38 19.54 10.45
CA SER A 468 20.79 18.52 9.58
C SER A 468 20.03 17.48 10.40
N LYS A 469 18.88 17.08 9.87
CA LYS A 469 18.03 16.10 10.52
C LYS A 469 18.12 14.73 9.86
N LEU A 470 19.09 14.54 8.96
CA LEU A 470 19.13 13.32 8.18
C LEU A 470 19.26 12.07 9.05
N PHE A 471 20.26 12.05 9.92
CA PHE A 471 20.54 10.94 10.81
C PHE A 471 19.91 11.10 12.20
N SER A 472 19.11 12.15 12.39
CA SER A 472 18.52 12.41 13.70
C SER A 472 17.64 11.29 14.25
N SER A 473 17.12 10.39 13.41
CA SER A 473 16.26 9.35 13.94
C SER A 473 17.01 8.42 14.90
N SER A 474 18.32 8.28 14.69
CA SER A 474 19.18 7.49 15.55
C SER A 474 18.57 6.21 16.08
N THR A 475 18.40 6.11 17.41
CA THR A 475 17.93 4.90 18.10
C THR A 475 19.10 3.92 18.20
N ALA A 476 20.31 4.36 17.84
CA ALA A 476 21.54 3.57 17.94
C ALA A 476 22.37 4.09 19.12
N PRO A 477 22.60 3.33 20.18
CA PRO A 477 23.26 3.88 21.39
C PRO A 477 24.78 3.91 21.24
N HIS A 478 25.37 5.06 21.62
CA HIS A 478 26.83 5.20 21.65
C HIS A 478 27.23 5.80 22.99
N GLU A 479 27.67 4.98 23.94
CA GLU A 479 27.99 5.45 25.29
C GLU A 479 29.33 6.20 25.37
N THR A 480 29.34 7.19 26.25
CA THR A 480 30.48 8.08 26.46
C THR A 480 31.03 7.95 27.87
N SER A 481 32.35 7.84 27.98
CA SER A 481 33.04 7.78 29.27
C SER A 481 33.87 9.06 29.43
N PHE A 482 33.84 9.65 30.63
CA PHE A 482 34.59 10.87 30.88
C PHE A 482 36.06 10.67 30.57
N GLY A 483 36.66 11.62 29.86
CA GLY A 483 38.06 11.59 29.50
C GLY A 483 38.36 11.08 28.10
N GLU A 484 37.41 10.44 27.44
CA GLU A 484 37.63 9.93 26.09
C GLU A 484 37.71 11.08 25.09
N GLU A 485 38.52 10.89 24.05
CA GLU A 485 38.69 11.89 23.01
C GLU A 485 37.66 11.71 21.89
N VAL A 486 37.32 12.84 21.26
CA VAL A 486 36.47 12.86 20.08
C VAL A 486 37.08 13.84 19.08
N GLU A 487 36.80 13.64 17.79
CA GLU A 487 37.21 14.59 16.78
C GLU A 487 35.99 15.43 16.40
N VAL A 488 36.19 16.74 16.29
CA VAL A 488 35.15 17.67 15.86
C VAL A 488 35.61 18.29 14.55
N HIS A 489 34.83 18.10 13.50
CA HIS A 489 35.24 18.49 12.15
C HIS A 489 34.55 19.78 11.72
N ASN A 490 35.29 20.60 10.97
CA ASN A 490 34.83 21.92 10.58
C ASN A 490 35.27 22.21 9.15
N LEU A 491 34.53 23.12 8.51
CA LEU A 491 34.93 23.74 7.26
C LEU A 491 35.32 25.17 7.57
N LEU A 492 36.57 25.53 7.27
CA LEU A 492 37.08 26.86 7.53
C LEU A 492 37.10 27.66 6.23
N ILE A 493 36.61 28.89 6.29
CA ILE A 493 36.72 29.85 5.19
C ILE A 493 37.82 30.82 5.56
N ILE A 494 38.89 30.86 4.77
CA ILE A 494 40.11 31.58 5.09
C ILE A 494 40.46 32.53 3.96
N ASP A 495 40.67 33.80 4.32
CA ASP A 495 40.96 34.84 3.33
C ASP A 495 42.32 34.61 2.68
N GLN A 496 42.38 34.85 1.37
CA GLN A 496 43.59 34.54 0.62
C GLN A 496 44.72 35.55 0.87
N HIS A 497 44.41 36.75 1.34
CA HIS A 497 45.43 37.76 1.59
C HIS A 497 45.85 37.82 3.06
N THR A 498 44.88 37.96 3.95
CA THR A 498 45.18 38.00 5.38
C THR A 498 45.35 36.62 5.99
N PHE A 499 44.75 35.60 5.37
CA PHE A 499 44.74 34.25 5.94
C PHE A 499 44.14 34.30 7.34
N GLU A 500 43.08 35.08 7.46
CA GLU A 500 42.28 35.20 8.68
C GLU A 500 41.08 34.29 8.54
N VAL A 501 40.75 33.58 9.62
CA VAL A 501 39.59 32.70 9.56
C VAL A 501 38.33 33.55 9.58
N LEU A 502 37.62 33.57 8.46
CA LEU A 502 36.41 34.37 8.30
C LEU A 502 35.19 33.64 8.82
N HIS A 503 35.13 32.34 8.62
CA HIS A 503 33.98 31.55 9.03
C HIS A 503 34.39 30.12 9.31
N ALA A 504 33.76 29.53 10.32
CA ALA A 504 33.95 28.13 10.66
C ALA A 504 32.59 27.47 10.77
N HIS A 505 32.39 26.37 10.03
CA HIS A 505 31.17 25.60 10.08
C HIS A 505 31.48 24.26 10.73
N GLN A 506 30.77 23.94 11.81
CA GLN A 506 31.00 22.69 12.54
C GLN A 506 30.02 21.64 12.06
N PHE A 507 30.54 20.45 11.76
CA PHE A 507 29.71 19.38 11.25
C PHE A 507 29.06 18.61 12.41
N LEU A 508 28.21 17.66 12.05
CA LEU A 508 27.42 16.94 13.05
C LEU A 508 28.33 16.18 14.01
N GLN A 509 27.80 15.87 15.19
CA GLN A 509 28.53 15.05 16.14
C GLN A 509 28.84 13.71 15.49
N ASN A 510 30.11 13.30 15.56
CA ASN A 510 30.59 12.06 14.96
C ASN A 510 30.61 12.09 13.44
N GLU A 511 30.53 13.27 12.83
CA GLU A 511 30.61 13.39 11.38
C GLU A 511 32.02 13.81 11.02
N TYR A 512 32.69 13.01 10.19
CA TYR A 512 34.04 13.29 9.76
C TYR A 512 33.99 13.78 8.31
N ALA A 513 34.61 14.92 8.05
CA ALA A 513 34.67 15.47 6.69
C ALA A 513 35.86 14.84 5.96
N LEU A 514 35.58 14.21 4.81
CA LEU A 514 36.59 13.47 4.07
C LEU A 514 36.97 14.07 2.72
N SER A 515 36.15 14.96 2.16
CA SER A 515 36.42 15.48 0.82
C SER A 515 35.88 16.90 0.69
N LEU A 516 36.52 17.68 -0.18
CA LEU A 516 36.16 19.08 -0.37
C LEU A 516 36.47 19.50 -1.80
N VAL A 517 35.50 20.17 -2.44
CA VAL A 517 35.69 20.76 -3.75
C VAL A 517 35.07 22.15 -3.76
N SER A 518 35.55 22.97 -4.70
CA SER A 518 34.96 24.26 -5.00
C SER A 518 34.67 24.33 -6.49
N CYS A 519 33.40 24.51 -6.85
CA CYS A 519 33.05 24.46 -8.26
C CYS A 519 31.64 24.99 -8.50
N LYS A 520 31.35 25.27 -9.78
CA LYS A 520 30.00 25.50 -10.27
C LYS A 520 29.46 24.20 -10.87
N LEU A 521 28.15 23.99 -10.76
CA LEU A 521 27.51 22.81 -11.30
C LEU A 521 26.38 23.19 -12.23
N GLY A 522 26.18 22.38 -13.28
CA GLY A 522 25.06 22.55 -14.18
C GLY A 522 24.93 23.93 -14.75
N LYS A 523 23.70 24.44 -14.76
CA LYS A 523 23.40 25.79 -15.21
C LYS A 523 23.31 26.78 -14.06
N ASP A 524 23.82 26.39 -12.88
CA ASP A 524 23.77 27.26 -11.70
C ASP A 524 24.96 28.20 -11.70
N PRO A 525 24.75 29.51 -11.77
CA PRO A 525 25.91 30.43 -11.84
C PRO A 525 26.67 30.58 -10.53
N ASN A 526 26.14 30.08 -9.42
CA ASN A 526 26.79 30.23 -8.13
C ASN A 526 27.95 29.25 -7.98
N THR A 527 29.01 29.71 -7.32
CA THR A 527 30.16 28.89 -7.00
C THR A 527 30.02 28.40 -5.57
N TYR A 528 30.09 27.08 -5.38
CA TYR A 528 29.81 26.47 -4.08
C TYR A 528 31.05 25.79 -3.51
N PHE A 529 31.07 25.70 -2.17
CA PHE A 529 31.91 24.75 -1.46
C PHE A 529 31.09 23.50 -1.20
N ILE A 530 31.60 22.34 -1.63
CA ILE A 530 30.90 21.07 -1.45
C ILE A 530 31.78 20.13 -0.64
N VAL A 531 31.20 19.52 0.39
CA VAL A 531 31.93 18.69 1.35
C VAL A 531 31.27 17.32 1.39
N GLY A 532 32.10 16.27 1.36
CA GLY A 532 31.66 14.91 1.55
C GLY A 532 32.10 14.40 2.92
N THR A 533 31.16 13.77 3.62
CA THR A 533 31.37 13.39 5.01
C THR A 533 31.07 11.91 5.21
N ALA A 534 31.38 11.43 6.41
CA ALA A 534 31.08 10.07 6.83
C ALA A 534 30.69 10.10 8.30
N MET A 535 29.63 9.37 8.66
CA MET A 535 29.23 9.23 10.05
C MET A 535 30.05 8.08 10.63
N VAL A 536 30.99 8.41 11.52
CA VAL A 536 31.95 7.44 12.05
C VAL A 536 31.54 7.12 13.47
N TYR A 537 31.24 5.86 13.73
CA TYR A 537 30.96 5.38 15.07
C TYR A 537 31.94 4.26 15.42
N PRO A 538 32.54 4.28 16.61
CA PRO A 538 33.57 3.28 16.93
C PRO A 538 33.15 1.85 16.63
N GLU A 539 31.85 1.56 16.73
CA GLU A 539 31.37 0.20 16.53
C GLU A 539 31.55 -0.27 15.09
N GLU A 540 31.52 0.65 14.12
CA GLU A 540 31.53 0.29 12.71
C GLU A 540 32.96 0.26 12.16
N ALA A 541 33.31 -0.87 11.53
CA ALA A 541 34.58 -0.94 10.82
C ALA A 541 34.59 0.00 9.62
N GLU A 542 33.52 -0.03 8.82
CA GLU A 542 33.31 0.86 7.69
C GLU A 542 32.05 1.68 7.88
N PRO A 543 32.10 3.01 7.71
CA PRO A 543 30.89 3.82 7.87
C PRO A 543 29.80 3.43 6.89
N LYS A 544 28.55 3.47 7.36
CA LYS A 544 27.40 3.15 6.53
C LYS A 544 26.48 4.35 6.31
N GLN A 545 26.85 5.52 6.81
CA GLN A 545 26.11 6.76 6.62
C GLN A 545 27.06 7.88 6.24
N GLY A 546 26.53 8.87 5.53
CA GLY A 546 27.33 10.01 5.13
C GLY A 546 26.48 11.06 4.42
N ARG A 547 27.11 12.20 4.16
CA ARG A 547 26.45 13.32 3.53
C ARG A 547 27.32 13.92 2.43
N ILE A 548 26.66 14.46 1.41
CA ILE A 548 27.26 15.43 0.50
C ILE A 548 26.52 16.74 0.76
N VAL A 549 27.26 17.78 1.14
CA VAL A 549 26.67 19.05 1.56
C VAL A 549 27.14 20.13 0.60
N VAL A 550 26.20 20.94 0.12
CA VAL A 550 26.50 22.06 -0.75
C VAL A 550 26.37 23.33 0.07
N PHE A 551 27.47 24.07 0.18
CA PHE A 551 27.51 25.34 0.89
C PHE A 551 27.70 26.45 -0.13
N GLN A 552 27.24 27.65 0.20
CA GLN A 552 27.60 28.85 -0.54
C GLN A 552 28.18 29.85 0.44
N TYR A 553 29.38 30.36 0.13
CA TYR A 553 29.99 31.42 0.92
C TYR A 553 29.62 32.76 0.30
N SER A 554 28.80 33.54 1.00
CA SER A 554 28.31 34.81 0.48
C SER A 554 28.19 35.81 1.60
N ASP A 555 28.78 36.99 1.40
CA ASP A 555 28.66 38.11 2.32
C ASP A 555 29.04 37.72 3.75
N GLY A 556 30.18 37.03 3.89
CA GLY A 556 30.70 36.73 5.20
C GLY A 556 30.04 35.57 5.91
N LYS A 557 29.04 34.95 5.29
CA LYS A 557 28.32 33.85 5.90
C LYS A 557 28.31 32.66 4.95
N LEU A 558 28.28 31.46 5.54
CA LEU A 558 28.20 30.22 4.80
C LEU A 558 26.76 29.73 4.90
N GLN A 559 26.13 29.50 3.76
CA GLN A 559 24.73 29.07 3.69
C GLN A 559 24.71 27.62 3.25
N THR A 560 23.91 26.80 3.93
CA THR A 560 23.70 25.44 3.47
C THR A 560 22.69 25.47 2.34
N VAL A 561 23.10 25.03 1.15
CA VAL A 561 22.27 25.12 -0.04
C VAL A 561 21.48 23.84 -0.28
N ALA A 562 22.11 22.69 -0.05
CA ALA A 562 21.49 21.41 -0.32
C ALA A 562 22.32 20.32 0.35
N GLU A 563 21.66 19.24 0.73
CA GLU A 563 22.33 18.09 1.33
C GLU A 563 21.78 16.82 0.69
N LYS A 564 22.66 15.87 0.42
CA LYS A 564 22.30 14.59 -0.18
C LYS A 564 22.80 13.49 0.74
N GLU A 565 21.89 12.62 1.18
CA GLU A 565 22.26 11.52 2.04
C GLU A 565 22.83 10.38 1.21
N VAL A 566 23.90 9.75 1.72
CA VAL A 566 24.52 8.62 1.06
C VAL A 566 24.69 7.51 2.08
N LYS A 567 24.83 6.28 1.58
CA LYS A 567 24.97 5.10 2.43
C LYS A 567 26.43 4.68 2.54
N GLY A 568 27.30 5.62 2.92
CA GLY A 568 28.70 5.32 3.07
C GLY A 568 29.50 6.59 3.25
N ALA A 569 30.82 6.43 3.13
CA ALA A 569 31.76 7.53 3.29
C ALA A 569 32.12 8.13 1.94
N VAL A 570 31.97 9.45 1.82
CA VAL A 570 32.33 10.14 0.59
C VAL A 570 33.84 10.40 0.64
N TYR A 571 34.64 9.38 0.31
CA TYR A 571 36.09 9.52 0.48
C TYR A 571 36.66 10.60 -0.43
N SER A 572 36.19 10.67 -1.68
CA SER A 572 36.77 11.59 -2.65
C SER A 572 35.69 12.14 -3.58
N MET A 573 35.85 13.41 -3.93
CA MET A 573 34.97 14.08 -4.88
C MET A 573 35.80 14.89 -5.89
N VAL A 574 35.26 15.04 -7.10
CA VAL A 574 35.93 15.79 -8.16
C VAL A 574 34.86 16.23 -9.16
N GLU A 575 34.92 17.50 -9.58
CA GLU A 575 33.95 18.00 -10.55
C GLU A 575 34.18 17.36 -11.91
N PHE A 576 33.08 17.00 -12.58
CA PHE A 576 33.14 16.28 -13.86
C PHE A 576 32.18 16.96 -14.84
N ASN A 577 32.69 17.91 -15.62
CA ASN A 577 31.97 18.53 -16.72
C ASN A 577 30.57 19.00 -16.31
N GLY A 578 30.54 19.84 -15.28
CA GLY A 578 29.30 20.36 -14.77
C GLY A 578 28.54 19.43 -13.85
N LYS A 579 29.07 18.23 -13.62
CA LYS A 579 28.47 17.24 -12.74
C LYS A 579 29.43 16.99 -11.59
N LEU A 580 28.92 16.35 -10.55
CA LEU A 580 29.69 16.05 -9.35
C LEU A 580 29.99 14.57 -9.32
N LEU A 581 31.27 14.22 -9.33
CA LEU A 581 31.73 12.83 -9.24
C LEU A 581 32.18 12.57 -7.81
N ALA A 582 31.49 11.65 -7.13
CA ALA A 582 31.76 11.35 -5.74
C ALA A 582 31.93 9.85 -5.56
N SER A 583 32.86 9.46 -4.69
CA SER A 583 33.12 8.07 -4.37
C SER A 583 32.56 7.78 -2.99
N ILE A 584 31.54 6.92 -2.92
CA ILE A 584 30.93 6.49 -1.67
C ILE A 584 31.29 5.02 -1.47
N ASN A 585 32.28 4.76 -0.62
CA ASN A 585 32.72 3.39 -0.33
C ASN A 585 33.06 2.72 -1.65
N SER A 586 32.49 1.54 -1.94
CA SER A 586 32.78 0.83 -3.18
C SER A 586 32.29 1.58 -4.41
N THR A 587 31.21 2.33 -4.27
CA THR A 587 30.54 2.95 -5.41
C THR A 587 31.22 4.24 -5.85
N VAL A 588 31.30 4.42 -7.17
CA VAL A 588 31.70 5.67 -7.81
C VAL A 588 30.46 6.20 -8.52
N ARG A 589 30.03 7.42 -8.15
CA ARG A 589 28.74 7.94 -8.60
C ARG A 589 28.90 9.29 -9.26
N LEU A 590 28.08 9.54 -10.28
CA LEU A 590 28.05 10.82 -10.98
C LEU A 590 26.68 11.46 -10.73
N TYR A 591 26.69 12.66 -10.14
CA TYR A 591 25.48 13.39 -9.80
C TYR A 591 25.28 14.56 -10.74
N GLU A 592 24.04 14.84 -11.12
CA GLU A 592 23.69 16.07 -11.82
C GLU A 592 23.07 17.08 -10.86
N TRP A 593 23.27 18.37 -11.16
CA TRP A 593 22.77 19.48 -10.34
C TRP A 593 21.54 20.06 -11.04
N THR A 594 20.37 19.88 -10.45
CA THR A 594 19.12 20.22 -11.10
C THR A 594 18.82 21.71 -10.97
N THR A 595 17.82 22.16 -11.73
CA THR A 595 17.33 23.54 -11.62
C THR A 595 16.65 23.81 -10.28
N GLU A 596 16.30 22.77 -9.54
CA GLU A 596 15.80 22.91 -8.18
C GLU A 596 16.93 22.90 -7.14
N LYS A 597 18.18 22.96 -7.58
CA LYS A 597 19.32 23.03 -6.67
C LYS A 597 19.36 21.83 -5.73
N GLU A 598 19.25 20.65 -6.31
CA GLU A 598 19.42 19.40 -5.60
C GLU A 598 20.24 18.45 -6.47
N LEU A 599 20.96 17.55 -5.82
CA LEU A 599 21.79 16.59 -6.53
C LEU A 599 20.94 15.40 -6.97
N ARG A 600 21.13 14.95 -8.22
CA ARG A 600 20.37 13.84 -8.77
C ARG A 600 21.36 12.85 -9.36
N THR A 601 21.21 11.58 -8.98
CA THR A 601 22.11 10.55 -9.46
C THR A 601 21.89 10.28 -10.95
N GLU A 602 22.99 10.25 -11.70
CA GLU A 602 22.91 9.83 -13.11
C GLU A 602 23.35 8.38 -13.30
N CYS A 603 24.54 8.02 -12.81
CA CYS A 603 25.06 6.68 -13.08
C CYS A 603 26.04 6.26 -11.99
N ASN A 604 26.26 4.95 -11.91
CA ASN A 604 27.11 4.37 -10.88
C ASN A 604 28.06 3.33 -11.46
N HIS A 605 29.20 3.16 -10.79
CA HIS A 605 30.16 2.09 -11.01
C HIS A 605 30.48 1.47 -9.66
N TYR A 606 30.57 0.12 -9.62
CA TYR A 606 30.65 -0.57 -8.35
C TYR A 606 31.80 -1.57 -8.19
N ASN A 607 32.63 -1.78 -9.20
CA ASN A 607 33.69 -2.78 -9.11
C ASN A 607 34.94 -2.16 -8.49
N ASN A 608 34.82 -1.84 -7.20
CA ASN A 608 35.91 -1.28 -6.42
C ASN A 608 35.77 -1.73 -4.98
N ILE A 609 36.89 -2.17 -4.39
CA ILE A 609 36.84 -2.55 -2.98
C ILE A 609 36.51 -1.34 -2.12
N MET A 610 37.22 -0.23 -2.35
CA MET A 610 36.96 1.02 -1.65
C MET A 610 37.60 2.14 -2.47
N ALA A 611 36.76 3.00 -3.05
CA ALA A 611 37.19 4.05 -3.96
C ALA A 611 37.77 5.23 -3.18
N LEU A 612 39.03 5.05 -2.75
CA LEU A 612 39.65 6.07 -1.90
C LEU A 612 39.94 7.36 -2.67
N TYR A 613 40.39 7.26 -3.93
CA TYR A 613 40.86 8.44 -4.66
C TYR A 613 40.23 8.51 -6.04
N LEU A 614 40.02 9.75 -6.51
CA LEU A 614 39.42 10.02 -7.82
C LEU A 614 40.16 11.17 -8.52
N LYS A 615 40.32 11.03 -9.84
CA LYS A 615 40.95 12.03 -10.69
C LYS A 615 40.32 11.97 -12.07
N THR A 616 40.20 13.14 -12.73
CA THR A 616 39.49 13.24 -13.99
C THR A 616 40.32 13.94 -15.07
N LYS A 617 40.22 13.45 -16.30
CA LYS A 617 40.75 14.15 -17.48
C LYS A 617 39.78 13.90 -18.62
N GLY A 618 39.07 14.95 -19.05
CA GLY A 618 38.08 14.78 -20.10
C GLY A 618 36.89 14.00 -19.57
N ASP A 619 36.44 13.00 -20.34
CA ASP A 619 35.43 12.06 -19.89
C ASP A 619 36.04 10.80 -19.28
N PHE A 620 37.32 10.85 -18.94
CA PHE A 620 38.01 9.73 -18.30
C PHE A 620 38.17 9.98 -16.81
N ILE A 621 38.10 8.89 -16.05
CA ILE A 621 38.23 8.93 -14.60
C ILE A 621 39.29 7.91 -14.16
N LEU A 622 40.17 8.32 -13.26
CA LEU A 622 41.14 7.43 -12.64
C LEU A 622 40.67 7.16 -11.22
N VAL A 623 40.49 5.89 -10.88
CA VAL A 623 39.96 5.47 -9.59
C VAL A 623 41.06 4.73 -8.85
N GLY A 624 41.22 5.02 -7.57
CA GLY A 624 42.22 4.28 -6.82
C GLY A 624 41.62 3.42 -5.72
N ASP A 625 41.57 2.12 -5.97
CA ASP A 625 41.09 1.22 -4.95
C ASP A 625 42.08 1.28 -3.79
N LEU A 626 41.68 0.78 -2.62
CA LEU A 626 42.71 0.67 -1.60
C LEU A 626 43.77 -0.34 -2.01
N MET A 627 43.38 -1.44 -2.69
CA MET A 627 44.33 -2.50 -2.99
C MET A 627 44.30 -3.11 -4.38
N ARG A 628 43.28 -2.86 -5.20
CA ARG A 628 43.27 -3.43 -6.54
C ARG A 628 43.78 -2.37 -7.51
N SER A 629 44.60 -1.45 -6.97
CA SER A 629 45.36 -0.49 -7.76
C SER A 629 44.43 0.51 -8.43
N VAL A 630 44.79 0.89 -9.62
CA VAL A 630 44.16 2.01 -10.32
C VAL A 630 43.22 1.47 -11.36
N LEU A 631 42.18 2.23 -11.64
CA LEU A 631 41.20 1.89 -12.66
C LEU A 631 40.98 3.08 -13.57
N LEU A 632 40.86 2.80 -14.86
CA LEU A 632 40.60 3.82 -15.86
C LEU A 632 39.15 3.66 -16.30
N LEU A 633 38.28 4.50 -15.73
CA LEU A 633 36.89 4.56 -16.14
C LEU A 633 36.72 5.56 -17.26
N ALA A 634 35.60 5.45 -17.98
CA ALA A 634 35.22 6.45 -18.95
C ALA A 634 33.73 6.73 -18.81
N TYR A 635 33.36 8.00 -18.88
CA TYR A 635 31.95 8.39 -18.93
C TYR A 635 31.50 8.39 -20.38
N LYS A 636 30.45 7.64 -20.68
CA LYS A 636 29.96 7.55 -22.05
C LYS A 636 28.70 8.37 -22.21
N PRO A 637 28.80 9.60 -22.74
CA PRO A 637 27.65 10.52 -22.73
C PRO A 637 26.48 10.03 -23.57
N MET A 638 26.75 9.31 -24.66
CA MET A 638 25.64 8.80 -25.48
C MET A 638 24.74 7.88 -24.68
N GLU A 639 25.30 7.10 -23.75
CA GLU A 639 24.55 6.16 -22.96
C GLU A 639 24.11 6.68 -21.60
N GLY A 640 24.86 7.61 -21.00
CA GLY A 640 24.56 8.06 -19.67
C GLY A 640 25.07 7.17 -18.56
N ASN A 641 26.22 6.51 -18.77
CA ASN A 641 26.75 5.56 -17.81
C ASN A 641 28.27 5.50 -17.93
N PHE A 642 28.89 4.71 -17.04
CA PHE A 642 30.32 4.48 -17.04
C PHE A 642 30.68 3.23 -17.84
N GLU A 643 31.91 3.20 -18.37
CA GLU A 643 32.49 2.02 -18.97
C GLU A 643 33.88 1.80 -18.40
N GLU A 644 34.18 0.58 -17.96
CA GLU A 644 35.53 0.26 -17.53
C GLU A 644 36.44 0.20 -18.74
N ILE A 645 37.47 1.03 -18.76
CA ILE A 645 38.44 0.98 -19.86
C ILE A 645 39.52 -0.04 -19.58
N ALA A 646 40.13 0.00 -18.40
CA ALA A 646 41.21 -0.92 -18.08
C ALA A 646 41.62 -0.73 -16.61
N ARG A 647 42.16 -1.81 -16.03
CA ARG A 647 42.50 -1.87 -14.62
C ARG A 647 43.89 -2.47 -14.44
N ASP A 648 44.58 -2.04 -13.39
CA ASP A 648 45.91 -2.56 -13.03
C ASP A 648 45.78 -3.78 -12.13
N PHE A 649 45.97 -4.96 -12.72
CA PHE A 649 45.66 -6.21 -12.01
C PHE A 649 46.69 -6.60 -10.95
N ASN A 650 47.92 -6.11 -11.02
CA ASN A 650 48.80 -6.34 -9.89
C ASN A 650 48.17 -5.67 -8.68
N PRO A 651 48.01 -6.36 -7.55
CA PRO A 651 47.37 -5.69 -6.41
C PRO A 651 48.42 -4.82 -5.74
N ASN A 652 48.12 -3.54 -5.62
CA ASN A 652 48.97 -2.62 -4.90
C ASN A 652 48.08 -1.71 -4.08
N TRP A 653 48.54 -1.35 -2.89
CA TRP A 653 47.84 -0.35 -2.10
C TRP A 653 48.06 1.00 -2.75
N MET A 654 47.08 1.87 -2.59
CA MET A 654 47.19 3.23 -3.12
C MET A 654 47.13 4.20 -1.96
N SER A 655 48.04 5.17 -1.97
CA SER A 655 48.04 6.29 -1.05
C SER A 655 47.73 7.59 -1.75
N ALA A 656 47.87 7.64 -3.07
CA ALA A 656 47.55 8.82 -3.87
C ALA A 656 47.75 8.49 -5.35
N VAL A 657 46.93 9.07 -6.22
CA VAL A 657 47.01 8.83 -7.65
C VAL A 657 47.00 10.17 -8.38
N GLU A 658 47.36 10.12 -9.67
CA GLU A 658 47.32 11.28 -10.54
C GLU A 658 47.34 10.82 -11.99
N ILE A 659 46.72 11.62 -12.85
CA ILE A 659 46.72 11.39 -14.30
C ILE A 659 47.84 12.25 -14.90
N LEU A 660 48.77 11.59 -15.61
CA LEU A 660 49.86 12.31 -16.27
C LEU A 660 49.43 12.79 -17.65
N ASP A 661 48.81 11.92 -18.43
CA ASP A 661 48.28 12.25 -19.75
C ASP A 661 47.20 11.23 -20.06
N ASP A 662 46.66 11.27 -21.28
CA ASP A 662 45.53 10.42 -21.62
C ASP A 662 45.86 8.94 -21.52
N ASP A 663 47.14 8.58 -21.53
CA ASP A 663 47.54 7.18 -21.52
C ASP A 663 48.31 6.75 -20.28
N ASN A 664 49.02 7.65 -19.61
CA ASN A 664 49.88 7.29 -18.48
C ASN A 664 49.24 7.72 -17.17
N PHE A 665 49.34 6.86 -16.16
CA PHE A 665 48.73 7.09 -14.86
C PHE A 665 49.72 6.80 -13.74
N LEU A 666 49.76 7.70 -12.77
CA LEU A 666 50.74 7.66 -11.70
C LEU A 666 50.07 7.27 -10.39
N GLY A 667 50.74 6.40 -9.64
CA GLY A 667 50.23 5.94 -8.37
C GLY A 667 51.34 5.83 -7.35
N ALA A 668 50.97 5.95 -6.09
CA ALA A 668 51.91 5.83 -4.98
C ALA A 668 51.46 4.69 -4.07
N GLU A 669 52.41 3.87 -3.65
CA GLU A 669 52.11 2.74 -2.79
C GLU A 669 52.43 3.14 -1.35
N ASN A 670 51.83 2.44 -0.41
CA ASN A 670 52.13 2.71 0.99
C ASN A 670 53.47 2.12 1.42
N ALA A 671 54.14 1.41 0.52
CA ALA A 671 55.49 0.93 0.74
C ALA A 671 56.54 1.94 0.31
N PHE A 672 56.14 3.20 0.16
CA PHE A 672 57.04 4.25 -0.30
C PHE A 672 57.52 3.98 -1.73
N ASN A 673 56.64 3.44 -2.56
CA ASN A 673 56.97 3.09 -3.94
C ASN A 673 56.06 3.86 -4.89
N LEU A 674 56.62 4.34 -6.00
CA LEU A 674 55.87 5.01 -7.05
C LEU A 674 55.83 4.13 -8.30
N PHE A 675 54.68 4.13 -8.98
CA PHE A 675 54.53 3.35 -10.20
C PHE A 675 53.65 4.07 -11.21
N VAL A 676 53.93 3.80 -12.49
CA VAL A 676 53.22 4.37 -13.63
C VAL A 676 52.56 3.25 -14.42
N CYS A 677 51.27 3.39 -14.68
CA CYS A 677 50.50 2.45 -15.48
C CYS A 677 50.10 3.11 -16.80
N GLN A 678 50.05 2.29 -17.86
CA GLN A 678 49.70 2.80 -19.18
C GLN A 678 48.74 1.83 -19.85
N LYS A 679 47.87 2.38 -20.71
CA LYS A 679 47.06 1.53 -21.58
C LYS A 679 47.97 0.72 -22.50
N ASP A 680 47.67 -0.57 -22.65
CA ASP A 680 48.58 -1.41 -23.42
C ASP A 680 48.61 -1.05 -24.89
N SER A 681 47.70 -0.19 -25.33
CA SER A 681 47.70 0.38 -26.68
C SER A 681 47.79 -0.69 -27.78
N ALA A 682 47.34 -1.91 -27.52
CA ALA A 682 47.31 -2.97 -28.52
C ALA A 682 45.86 -3.41 -28.62
N ALA A 683 45.22 -3.10 -29.74
CA ALA A 683 43.80 -3.35 -29.93
C ALA A 683 43.49 -4.71 -30.53
N THR A 684 44.50 -5.56 -30.74
CA THR A 684 44.25 -6.90 -31.25
C THR A 684 43.14 -7.60 -30.46
N THR A 685 43.32 -7.72 -29.15
CA THR A 685 42.33 -8.31 -28.26
C THR A 685 41.75 -7.27 -27.31
N ASP A 686 40.49 -7.46 -26.93
CA ASP A 686 39.89 -6.59 -25.91
C ASP A 686 40.65 -6.69 -24.59
N GLU A 687 41.17 -7.89 -24.29
CA GLU A 687 41.84 -8.14 -23.02
C GLU A 687 43.10 -7.31 -22.86
N GLU A 688 43.88 -7.16 -23.95
CA GLU A 688 45.09 -6.35 -23.89
C GLU A 688 44.77 -4.91 -23.52
N ARG A 689 43.77 -4.35 -24.17
CA ARG A 689 43.34 -2.99 -23.86
C ARG A 689 42.88 -2.89 -22.42
N GLN A 690 42.13 -3.89 -21.95
CA GLN A 690 41.63 -3.85 -20.58
C GLN A 690 42.73 -4.07 -19.56
N HIS A 691 43.89 -4.57 -19.99
CA HIS A 691 45.02 -4.79 -19.11
C HIS A 691 45.89 -3.54 -19.06
N LEU A 692 46.13 -3.07 -17.85
CA LEU A 692 47.01 -1.92 -17.61
C LEU A 692 48.39 -2.45 -17.21
N GLN A 693 49.42 -2.09 -17.97
CA GLN A 693 50.76 -2.59 -17.72
C GLN A 693 51.53 -1.56 -16.90
N GLU A 694 52.00 -1.98 -15.73
CA GLU A 694 52.89 -1.12 -14.94
C GLU A 694 54.21 -1.01 -15.70
N VAL A 695 54.47 0.14 -16.31
CA VAL A 695 55.68 0.36 -17.07
C VAL A 695 56.72 1.15 -16.27
N GLY A 696 56.30 1.80 -15.19
CA GLY A 696 57.22 2.50 -14.32
C GLY A 696 57.16 1.97 -12.90
N LEU A 697 58.32 1.69 -12.32
CA LEU A 697 58.45 1.25 -10.94
C LEU A 697 59.59 2.03 -10.33
N PHE A 698 59.37 2.58 -9.14
CA PHE A 698 60.37 3.46 -8.53
C PHE A 698 60.09 3.55 -7.03
N HIS A 699 61.09 3.18 -6.22
CA HIS A 699 61.02 3.36 -4.78
C HIS A 699 61.45 4.78 -4.44
N LEU A 700 60.50 5.58 -3.95
CA LEU A 700 60.76 6.97 -3.62
C LEU A 700 61.38 7.13 -2.24
N GLY A 701 60.92 6.35 -1.27
CA GLY A 701 61.35 6.50 0.11
C GLY A 701 60.51 7.43 0.94
N GLU A 702 59.42 7.98 0.37
CA GLU A 702 58.51 8.87 1.07
C GLU A 702 57.09 8.40 0.86
N PHE A 703 56.20 8.85 1.76
CA PHE A 703 54.79 8.51 1.72
C PHE A 703 54.03 9.68 1.09
N VAL A 704 53.58 9.50 -0.14
CA VAL A 704 52.89 10.56 -0.87
C VAL A 704 51.41 10.56 -0.51
N ASN A 705 50.92 11.72 -0.09
CA ASN A 705 49.51 11.92 0.24
C ASN A 705 48.73 12.65 -0.84
N VAL A 706 49.37 13.55 -1.57
CA VAL A 706 48.68 14.43 -2.50
C VAL A 706 49.55 14.64 -3.73
N PHE A 707 48.96 14.36 -4.90
CA PHE A 707 49.52 14.72 -6.19
C PHE A 707 48.76 15.93 -6.67
N CYS A 708 49.46 16.88 -7.28
CA CYS A 708 48.83 18.13 -7.70
C CYS A 708 49.55 18.68 -8.92
N HIS A 709 48.79 18.89 -10.00
CA HIS A 709 49.37 19.49 -11.19
C HIS A 709 49.75 20.94 -10.89
N GLY A 710 50.93 21.35 -11.33
CA GLY A 710 51.38 22.72 -11.15
C GLY A 710 52.87 22.79 -10.95
N SER A 711 53.38 24.01 -11.02
CA SER A 711 54.80 24.27 -10.80
C SER A 711 54.98 25.58 -10.03
N LEU A 712 56.04 25.59 -9.22
CA LEU A 712 56.42 26.76 -8.43
C LEU A 712 57.36 27.71 -9.15
N VAL A 713 57.89 27.32 -10.32
CA VAL A 713 58.87 28.17 -10.98
C VAL A 713 58.21 29.41 -11.55
N MET A 714 58.91 30.54 -11.51
CA MET A 714 58.42 31.76 -12.12
C MET A 714 58.38 31.59 -13.63
N GLN A 715 57.26 31.94 -14.25
CA GLN A 715 57.15 31.91 -15.70
C GLN A 715 57.01 33.34 -16.18
N ASN A 716 58.02 33.84 -16.89
CA ASN A 716 57.94 35.15 -17.51
C ASN A 716 57.62 35.03 -18.99
N LEU A 717 57.41 33.78 -19.46
CA LEU A 717 57.18 33.41 -20.86
C LEU A 717 58.52 33.34 -21.61
N GLY A 718 59.57 33.91 -21.01
CA GLY A 718 60.94 33.81 -21.51
C GLY A 718 61.68 32.52 -21.17
N GLU A 719 61.08 31.64 -20.39
CA GLU A 719 61.76 30.45 -19.92
C GLU A 719 61.97 29.47 -21.06
N THR A 720 63.22 29.08 -21.29
CA THR A 720 63.55 28.09 -22.29
C THR A 720 62.74 26.81 -22.08
N SER A 721 62.26 26.23 -23.18
CA SER A 721 61.47 25.01 -23.08
C SER A 721 62.38 23.88 -22.64
N THR A 722 62.11 23.35 -21.45
CA THR A 722 62.93 22.29 -20.90
C THR A 722 62.66 20.96 -21.60
N PRO A 723 63.64 20.04 -21.59
CA PRO A 723 63.36 18.69 -22.11
C PRO A 723 62.18 18.05 -21.42
N THR A 724 62.02 18.32 -20.13
CA THR A 724 60.92 17.75 -19.36
C THR A 724 59.60 18.36 -19.79
N GLN A 725 58.58 17.52 -19.90
CA GLN A 725 57.24 17.97 -20.26
C GLN A 725 56.24 17.52 -19.20
N GLY A 726 55.43 18.47 -18.74
CA GLY A 726 54.47 18.23 -17.67
C GLY A 726 55.03 18.59 -16.31
N SER A 727 54.12 18.68 -15.33
CA SER A 727 54.54 19.07 -13.97
C SER A 727 53.50 18.58 -12.96
N VAL A 728 53.89 17.60 -12.15
CA VAL A 728 53.07 17.11 -11.03
C VAL A 728 53.89 17.29 -9.76
N LEU A 729 53.35 18.08 -8.82
CA LEU A 729 53.94 18.22 -7.49
C LEU A 729 53.27 17.25 -6.53
N PHE A 730 54.05 16.72 -5.58
CA PHE A 730 53.47 15.84 -4.57
C PHE A 730 54.02 16.17 -3.18
N GLY A 731 53.13 16.07 -2.19
CA GLY A 731 53.48 16.30 -0.80
C GLY A 731 53.53 14.98 -0.04
N THR A 732 54.36 14.95 1.01
CA THR A 732 54.64 13.70 1.72
C THR A 732 54.48 13.91 3.22
N VAL A 733 54.50 12.78 3.95
CA VAL A 733 54.32 12.82 5.40
C VAL A 733 55.50 13.50 6.08
N ASN A 734 56.71 13.35 5.55
CA ASN A 734 57.89 13.92 6.17
C ASN A 734 58.20 15.34 5.71
N GLY A 735 57.25 15.99 5.03
CA GLY A 735 57.43 17.35 4.56
C GLY A 735 58.12 17.48 3.22
N MET A 736 58.67 16.39 2.70
CA MET A 736 59.30 16.39 1.40
C MET A 736 58.30 16.76 0.32
N ILE A 737 58.71 17.68 -0.55
CA ILE A 737 57.95 18.03 -1.75
C ILE A 737 58.77 17.60 -2.97
N GLY A 738 58.15 16.82 -3.85
CA GLY A 738 58.82 16.36 -5.06
C GLY A 738 58.03 16.74 -6.30
N LEU A 739 58.61 16.40 -7.46
CA LEU A 739 58.02 16.78 -8.73
C LEU A 739 58.26 15.65 -9.73
N VAL A 740 57.21 15.28 -10.47
CA VAL A 740 57.29 14.25 -11.50
C VAL A 740 57.01 14.90 -12.84
N THR A 741 57.83 14.58 -13.84
CA THR A 741 57.67 15.11 -15.19
C THR A 741 58.11 14.04 -16.18
N SER A 742 57.65 14.19 -17.42
CA SER A 742 57.88 13.18 -18.46
C SER A 742 59.06 13.54 -19.36
N LEU A 743 59.60 12.49 -20.01
CA LEU A 743 60.72 12.62 -20.92
C LEU A 743 60.39 11.95 -22.25
N SER A 744 61.15 12.31 -23.28
CA SER A 744 61.16 11.56 -24.52
C SER A 744 62.07 10.34 -24.39
N GLU A 745 61.87 9.36 -25.27
CA GLU A 745 62.71 8.17 -25.22
C GLU A 745 64.19 8.53 -25.34
N SER A 746 64.52 9.45 -26.24
CA SER A 746 65.91 9.84 -26.42
C SER A 746 66.48 10.45 -25.15
N TRP A 747 65.71 11.31 -24.47
CA TRP A 747 66.24 12.00 -23.29
C TRP A 747 66.34 11.05 -22.11
N TYR A 748 65.38 10.13 -21.97
CA TYR A 748 65.47 9.11 -20.94
C TYR A 748 66.75 8.30 -21.08
N ASN A 749 66.99 7.74 -22.28
CA ASN A 749 68.16 6.90 -22.47
C ASN A 749 69.44 7.64 -22.12
N LEU A 750 69.54 8.90 -22.55
CA LEU A 750 70.73 9.70 -22.22
C LEU A 750 70.91 9.81 -20.71
N LEU A 751 69.83 10.15 -20.00
CA LEU A 751 69.93 10.35 -18.57
C LEU A 751 70.08 9.02 -17.83
N LEU A 752 69.46 7.95 -18.32
CA LEU A 752 69.63 6.64 -17.71
C LEU A 752 71.06 6.14 -17.86
N ASP A 753 71.60 6.18 -19.08
CA ASP A 753 72.98 5.77 -19.29
C ASP A 753 73.92 6.60 -18.42
N MET A 754 73.59 7.88 -18.25
CA MET A 754 74.39 8.74 -17.38
C MET A 754 74.31 8.30 -15.93
N GLN A 755 73.12 7.87 -15.47
CA GLN A 755 73.01 7.41 -14.10
C GLN A 755 73.95 6.23 -13.85
N ASN A 756 73.92 5.24 -14.76
CA ASN A 756 74.78 4.07 -14.58
C ASN A 756 76.24 4.48 -14.51
N ARG A 757 76.61 5.50 -15.27
CA ARG A 757 77.98 6.01 -15.22
C ARG A 757 78.22 6.76 -13.91
N LEU A 758 77.26 7.56 -13.47
CA LEU A 758 77.44 8.29 -12.22
C LEU A 758 77.52 7.35 -11.02
N ASN A 759 76.76 6.26 -11.03
CA ASN A 759 76.78 5.36 -9.89
C ASN A 759 78.14 4.69 -9.71
N LYS A 760 78.85 4.45 -10.82
CA LYS A 760 80.19 3.89 -10.71
C LYS A 760 81.19 4.91 -10.16
N VAL A 761 80.93 6.20 -10.39
CA VAL A 761 81.87 7.25 -10.00
C VAL A 761 81.59 7.74 -8.58
N ILE A 762 80.34 7.94 -8.23
CA ILE A 762 80.00 8.61 -6.97
C ILE A 762 80.09 7.62 -5.82
N LYS A 763 80.69 8.06 -4.73
CA LYS A 763 80.88 7.24 -3.52
C LYS A 763 79.67 7.40 -2.61
N SER A 764 79.04 6.28 -2.26
CA SER A 764 77.87 6.30 -1.42
C SER A 764 78.23 6.15 0.05
N VAL A 765 77.50 6.85 0.91
CA VAL A 765 77.67 6.69 2.34
C VAL A 765 77.15 5.31 2.75
N GLY A 766 77.97 4.56 3.47
CA GLY A 766 77.61 3.20 3.80
C GLY A 766 77.81 2.22 2.68
N LYS A 767 78.31 2.67 1.53
CA LYS A 767 78.53 1.82 0.37
C LYS A 767 77.23 1.10 -0.02
N ILE A 768 76.15 1.87 -0.07
CA ILE A 768 74.84 1.35 -0.48
C ILE A 768 74.71 1.52 -1.99
N GLU A 769 74.45 0.42 -2.69
CA GLU A 769 74.25 0.48 -4.13
C GLU A 769 73.00 1.30 -4.46
N HIS A 770 73.15 2.29 -5.32
CA HIS A 770 72.02 3.13 -5.70
C HIS A 770 70.91 2.29 -6.35
N SER A 771 71.29 1.36 -7.23
CA SER A 771 70.31 0.53 -7.90
C SER A 771 69.44 -0.23 -6.90
N PHE A 772 70.04 -0.65 -5.79
CA PHE A 772 69.29 -1.35 -4.74
C PHE A 772 68.30 -0.43 -4.07
N TRP A 773 68.74 0.80 -3.76
CA TRP A 773 67.92 1.75 -3.02
C TRP A 773 66.63 2.08 -3.76
N ARG A 774 66.70 2.30 -5.06
CA ARG A 774 65.52 2.66 -5.84
C ARG A 774 64.70 1.44 -6.27
N SER A 775 65.17 0.23 -6.00
CA SER A 775 64.42 -0.96 -6.38
C SER A 775 63.06 -0.99 -5.68
N PHE A 776 62.00 -1.06 -6.46
CA PHE A 776 60.64 -1.23 -5.94
C PHE A 776 60.65 -2.36 -4.94
N HIS A 777 60.35 -2.04 -3.66
CA HIS A 777 60.47 -3.02 -2.58
C HIS A 777 59.22 -3.03 -1.71
N THR A 778 58.66 -4.22 -1.53
CA THR A 778 57.60 -4.47 -0.57
C THR A 778 58.08 -5.62 0.31
N GLU A 779 57.43 -5.80 1.46
CA GLU A 779 57.80 -6.92 2.32
C GLU A 779 57.88 -8.22 1.52
N ARG A 780 57.05 -8.33 0.48
CA ARG A 780 56.95 -9.54 -0.32
C ARG A 780 57.85 -9.50 -1.56
N LYS A 781 58.03 -8.33 -2.18
CA LYS A 781 58.71 -8.24 -3.46
C LYS A 781 59.83 -7.21 -3.47
N THR A 782 60.74 -7.40 -4.43
CA THR A 782 61.77 -6.42 -4.77
C THR A 782 62.00 -6.49 -6.28
N GLU A 783 61.80 -5.38 -6.98
CA GLU A 783 62.00 -5.32 -8.42
C GLU A 783 62.95 -4.17 -8.75
N PRO A 784 63.74 -4.30 -9.83
CA PRO A 784 64.58 -3.18 -10.24
C PRO A 784 63.73 -2.03 -10.75
N ALA A 785 64.20 -0.81 -10.48
CA ALA A 785 63.46 0.36 -10.93
C ALA A 785 63.40 0.39 -12.46
N THR A 786 62.33 1.00 -12.97
CA THR A 786 62.15 1.12 -14.41
C THR A 786 61.31 2.34 -14.73
N GLY A 787 61.64 3.00 -15.83
CA GLY A 787 60.86 4.13 -16.32
C GLY A 787 61.03 5.41 -15.55
N PHE A 788 61.96 5.48 -14.60
CA PHE A 788 62.14 6.65 -13.76
C PHE A 788 63.61 7.03 -13.70
N ILE A 789 63.86 8.34 -13.81
CA ILE A 789 65.20 8.90 -13.70
C ILE A 789 65.29 9.57 -12.34
N ASP A 790 66.26 9.13 -11.53
CA ASP A 790 66.48 9.76 -10.23
C ASP A 790 67.11 11.14 -10.44
N GLY A 791 66.27 12.17 -10.59
CA GLY A 791 66.79 13.49 -10.88
C GLY A 791 67.74 14.00 -9.83
N ASP A 792 67.58 13.56 -8.58
CA ASP A 792 68.50 13.97 -7.54
C ASP A 792 69.89 13.39 -7.77
N LEU A 793 69.97 12.24 -8.45
CA LEU A 793 71.27 11.71 -8.85
C LEU A 793 71.84 12.51 -10.02
N ILE A 794 71.01 12.78 -11.02
CA ILE A 794 71.45 13.57 -12.17
C ILE A 794 71.93 14.94 -11.73
N GLU A 795 71.20 15.58 -10.82
CA GLU A 795 71.57 16.92 -10.38
C GLU A 795 72.84 16.94 -9.53
N SER A 796 73.32 15.78 -9.09
CA SER A 796 74.57 15.71 -8.34
C SER A 796 75.80 15.74 -9.24
N PHE A 797 75.62 15.52 -10.55
CA PHE A 797 76.72 15.65 -11.50
C PHE A 797 77.41 17.01 -11.34
N LEU A 798 76.63 18.05 -11.08
CA LEU A 798 77.19 19.40 -10.94
C LEU A 798 78.03 19.57 -9.68
N ASP A 799 77.96 18.63 -8.74
CA ASP A 799 78.68 18.75 -7.48
C ASP A 799 79.89 17.82 -7.38
N ILE A 800 80.11 16.95 -8.36
CA ILE A 800 81.27 16.07 -8.36
C ILE A 800 82.44 16.80 -8.99
N SER A 801 83.66 16.41 -8.59
CA SER A 801 84.86 17.12 -9.01
C SER A 801 85.11 16.93 -10.51
N ARG A 802 85.92 17.84 -11.06
CA ARG A 802 86.20 17.81 -12.49
C ARG A 802 86.76 16.47 -12.97
N PRO A 803 87.75 15.87 -12.31
CA PRO A 803 88.22 14.55 -12.76
C PRO A 803 87.09 13.54 -12.88
N LYS A 804 86.14 13.62 -11.95
CA LYS A 804 85.01 12.69 -11.93
C LYS A 804 84.04 12.98 -13.05
N MET A 805 83.81 14.27 -13.34
CA MET A 805 82.92 14.65 -14.44
C MET A 805 83.41 14.08 -15.75
N GLN A 806 84.71 14.26 -16.04
CA GLN A 806 85.27 13.78 -17.30
C GLN A 806 85.27 12.27 -17.34
N GLU A 807 85.50 11.62 -16.20
CA GLU A 807 85.42 10.17 -16.12
C GLU A 807 84.02 9.69 -16.46
N VAL A 808 83.00 10.47 -16.08
CA VAL A 808 81.62 10.07 -16.36
C VAL A 808 81.32 10.15 -17.85
N VAL A 809 81.75 11.22 -18.51
CA VAL A 809 81.36 11.44 -19.90
C VAL A 809 82.14 10.59 -20.89
N ALA A 810 83.13 9.83 -20.43
CA ALA A 810 83.91 9.01 -21.35
C ALA A 810 83.04 8.00 -22.07
N ASN A 811 83.17 7.95 -23.40
CA ASN A 811 82.46 6.99 -24.23
C ASN A 811 80.95 7.10 -24.10
N LEU A 812 80.44 8.33 -24.02
CA LEU A 812 79.00 8.59 -23.91
C LEU A 812 78.49 9.16 -25.22
N GLN A 813 77.48 8.51 -25.79
CA GLN A 813 76.89 8.87 -27.06
C GLN A 813 75.41 9.22 -26.96
N TYR A 814 75.00 10.27 -27.68
CA TYR A 814 73.62 10.70 -27.79
C TYR A 814 72.97 10.01 -29.01
N ASP A 815 71.64 10.08 -29.10
CA ASP A 815 70.93 9.52 -30.24
C ASP A 815 69.95 10.53 -30.82
N ASP A 816 69.92 10.60 -32.15
CA ASP A 816 69.00 11.42 -32.93
C ASP A 816 69.30 12.92 -32.81
N GLY A 817 70.53 13.28 -32.45
CA GLY A 817 70.91 14.68 -32.34
C GLY A 817 71.25 15.24 -33.72
N SER A 818 72.03 16.33 -33.72
CA SER A 818 72.56 16.83 -35.00
C SER A 818 73.46 15.75 -35.59
N GLY A 819 74.24 15.08 -34.75
CA GLY A 819 75.00 13.91 -35.10
C GLY A 819 74.32 12.75 -34.42
N MET A 820 73.88 11.76 -35.21
CA MET A 820 73.12 10.64 -34.66
C MET A 820 73.83 10.05 -33.44
N LYS A 821 75.10 9.73 -33.56
CA LYS A 821 75.94 9.40 -32.41
C LYS A 821 76.80 10.63 -32.11
N ARG A 822 76.48 11.35 -31.03
CA ARG A 822 77.20 12.59 -30.70
C ARG A 822 77.88 12.37 -29.35
N GLU A 823 79.20 12.51 -29.32
CA GLU A 823 79.95 12.37 -28.10
C GLU A 823 79.67 13.52 -27.15
N ALA A 824 79.66 13.22 -25.85
CA ALA A 824 79.41 14.21 -24.81
C ALA A 824 80.72 14.64 -24.15
N THR A 825 80.80 15.93 -23.79
CA THR A 825 81.92 16.46 -23.03
C THR A 825 81.42 16.85 -21.64
N ALA A 826 82.34 17.03 -20.70
CA ALA A 826 81.94 17.42 -19.35
C ALA A 826 81.24 18.78 -19.33
N ASP A 827 81.61 19.67 -20.25
CA ASP A 827 80.93 20.96 -20.33
C ASP A 827 79.53 20.83 -20.93
N ASP A 828 79.36 19.90 -21.89
CA ASP A 828 78.04 19.72 -22.48
C ASP A 828 77.04 19.25 -21.44
N LEU A 829 77.41 18.25 -20.65
CA LEU A 829 76.49 17.71 -19.66
C LEU A 829 76.21 18.71 -18.54
N ILE A 830 77.20 19.52 -18.17
CA ILE A 830 76.97 20.55 -17.16
C ILE A 830 75.82 21.45 -17.57
N LYS A 831 75.78 21.84 -18.85
CA LYS A 831 74.69 22.66 -19.35
C LYS A 831 73.36 21.93 -19.31
N VAL A 832 73.35 20.64 -19.65
CA VAL A 832 72.10 19.89 -19.68
C VAL A 832 71.52 19.80 -18.28
N VAL A 833 72.34 19.42 -17.31
CA VAL A 833 71.84 19.28 -15.93
C VAL A 833 71.39 20.64 -15.42
N GLU A 834 72.15 21.69 -15.70
CA GLU A 834 71.78 23.03 -15.24
C GLU A 834 70.41 23.45 -15.75
N GLU A 835 70.06 23.05 -16.96
CA GLU A 835 68.69 23.29 -17.42
C GLU A 835 67.71 22.44 -16.63
N LEU A 836 68.10 21.22 -16.28
CA LEU A 836 67.20 20.34 -15.52
C LEU A 836 66.99 20.85 -14.10
N THR A 837 67.94 21.60 -13.55
CA THR A 837 67.74 22.18 -12.22
C THR A 837 66.76 23.35 -12.24
N ARG A 838 66.38 23.84 -13.43
CA ARG A 838 65.50 24.99 -13.54
C ARG A 838 64.03 24.65 -13.56
N ILE A 839 63.66 23.37 -13.41
CA ILE A 839 62.26 23.00 -13.32
C ILE A 839 61.74 23.09 -11.90
N HIS A 840 62.60 23.44 -10.94
CA HIS A 840 62.17 23.64 -9.55
C HIS A 840 63.08 24.64 -8.85
N THR B 7 15.07 -27.54 -16.35
CA THR B 7 15.47 -27.83 -14.98
C THR B 7 16.81 -27.17 -14.65
N GLU B 8 17.20 -27.26 -13.37
CA GLU B 8 18.47 -26.68 -12.93
C GLU B 8 19.66 -27.32 -13.61
N SER B 9 19.48 -28.50 -14.20
CA SER B 9 20.60 -29.29 -14.71
C SER B 9 20.90 -29.03 -16.18
N ASP B 10 20.00 -28.37 -16.91
CA ASP B 10 20.15 -28.16 -18.34
C ASP B 10 21.05 -26.95 -18.55
N TRP B 11 22.35 -27.17 -18.38
CA TRP B 11 23.34 -26.11 -18.51
C TRP B 11 23.60 -25.81 -19.99
N GLY B 12 24.22 -24.66 -20.25
CA GLY B 12 24.60 -24.26 -21.58
C GLY B 12 23.53 -23.52 -22.37
N LYS B 13 22.30 -23.47 -21.88
CA LYS B 13 21.20 -22.83 -22.59
C LYS B 13 20.86 -21.44 -22.06
N ARG B 14 20.84 -21.26 -20.73
CA ARG B 14 20.46 -19.97 -20.16
C ARG B 14 21.43 -18.91 -20.66
N CYS B 15 20.92 -17.72 -20.94
CA CYS B 15 21.74 -16.66 -21.51
C CYS B 15 22.40 -15.83 -20.42
N VAL B 16 23.53 -15.22 -20.76
CA VAL B 16 24.21 -14.32 -19.83
C VAL B 16 23.45 -13.02 -19.60
N ASP B 17 22.38 -12.79 -20.37
CA ASP B 17 21.53 -11.64 -20.12
C ASP B 17 21.02 -11.61 -18.70
N LYS B 18 20.93 -12.78 -18.06
CA LYS B 18 20.37 -12.90 -16.73
C LYS B 18 21.26 -12.34 -15.64
N PHE B 19 22.46 -11.86 -15.99
CA PHE B 19 23.38 -11.28 -15.04
C PHE B 19 23.71 -9.86 -15.44
N ASP B 20 23.68 -8.95 -14.47
CA ASP B 20 24.15 -7.58 -14.66
C ASP B 20 25.65 -7.57 -14.39
N ILE B 21 26.45 -7.34 -15.43
CA ILE B 21 27.90 -7.38 -15.27
C ILE B 21 28.35 -6.15 -14.49
N ILE B 22 29.12 -6.38 -13.43
CA ILE B 22 29.59 -5.29 -12.58
C ILE B 22 30.95 -4.75 -13.00
N GLY B 23 31.92 -5.60 -13.28
CA GLY B 23 33.24 -5.10 -13.60
C GLY B 23 34.23 -6.21 -13.88
N ILE B 24 35.49 -5.84 -14.03
CA ILE B 24 36.54 -6.79 -14.39
C ILE B 24 37.36 -7.08 -13.14
N ILE B 25 37.30 -8.34 -12.68
CA ILE B 25 38.05 -8.76 -11.50
C ILE B 25 39.30 -9.59 -11.81
N GLY B 26 39.34 -10.28 -12.96
CA GLY B 26 40.56 -11.00 -13.27
C GLY B 26 40.75 -11.30 -14.73
N GLU B 27 42.03 -11.48 -15.08
CA GLU B 27 42.45 -11.97 -16.37
C GLU B 27 42.78 -13.44 -16.15
N GLY B 28 41.99 -14.36 -16.67
CA GLY B 28 42.16 -15.76 -16.39
C GLY B 28 43.09 -16.39 -17.39
N THR B 29 42.83 -17.68 -17.64
CA THR B 29 43.64 -18.43 -18.58
C THR B 29 42.95 -18.65 -19.92
N TYR B 30 41.67 -19.03 -19.90
CA TYR B 30 40.90 -19.23 -21.11
C TYR B 30 39.93 -18.09 -21.37
N GLY B 31 40.04 -17.01 -20.60
CA GLY B 31 39.19 -15.84 -20.81
C GLY B 31 39.25 -14.95 -19.58
N GLN B 32 38.56 -13.82 -19.70
CA GLN B 32 38.54 -12.86 -18.61
C GLN B 32 37.46 -13.25 -17.61
N VAL B 33 37.64 -12.83 -16.37
CA VAL B 33 36.71 -13.12 -15.28
C VAL B 33 36.09 -11.83 -14.77
N TYR B 34 34.76 -11.80 -14.72
CA TYR B 34 34.00 -10.61 -14.37
C TYR B 34 33.14 -10.88 -13.15
N LYS B 35 32.93 -9.84 -12.34
CA LYS B 35 31.92 -9.86 -11.28
C LYS B 35 30.56 -9.51 -11.85
N ALA B 36 29.51 -10.09 -11.28
CA ALA B 36 28.16 -9.89 -11.81
C ALA B 36 27.13 -10.18 -10.73
N LYS B 37 25.93 -9.64 -10.95
CA LYS B 37 24.79 -9.86 -10.05
C LYS B 37 23.68 -10.56 -10.82
N ASP B 38 23.11 -11.61 -10.21
CA ASP B 38 21.99 -12.32 -10.82
C ASP B 38 20.75 -11.45 -10.77
N LYS B 39 20.12 -11.23 -11.92
CA LYS B 39 18.98 -10.31 -11.97
C LYS B 39 17.78 -10.85 -11.21
N ASP B 40 17.64 -12.17 -11.12
CA ASP B 40 16.44 -12.76 -10.52
C ASP B 40 16.55 -12.88 -9.01
N THR B 41 17.72 -13.29 -8.51
CA THR B 41 17.91 -13.55 -7.09
C THR B 41 18.72 -12.47 -6.38
N GLY B 42 19.53 -11.70 -7.11
CA GLY B 42 20.39 -10.72 -6.49
C GLY B 42 21.70 -11.25 -6.00
N GLU B 43 21.93 -12.56 -6.11
CA GLU B 43 23.18 -13.17 -5.67
C GLU B 43 24.33 -12.66 -6.54
N LEU B 44 25.48 -12.45 -5.91
CA LEU B 44 26.69 -12.05 -6.62
C LEU B 44 27.45 -13.30 -7.07
N VAL B 45 27.85 -13.30 -8.33
CA VAL B 45 28.54 -14.44 -8.96
C VAL B 45 29.74 -13.90 -9.72
N ALA B 46 30.73 -14.76 -9.92
CA ALA B 46 31.91 -14.46 -10.72
C ALA B 46 31.88 -15.29 -11.99
N LEU B 47 31.98 -14.61 -13.14
CA LEU B 47 31.86 -15.23 -14.45
C LEU B 47 33.20 -15.35 -15.16
N LYS B 48 33.59 -16.59 -15.47
CA LYS B 48 34.80 -16.90 -16.23
C LYS B 48 34.41 -17.10 -17.69
N LYS B 49 35.03 -16.34 -18.60
CA LYS B 49 34.68 -16.38 -20.01
C LYS B 49 35.46 -17.51 -20.69
N VAL B 50 34.78 -18.30 -21.52
CA VAL B 50 35.44 -19.33 -22.32
C VAL B 50 35.21 -19.00 -23.79
N ARG B 51 36.29 -18.76 -24.52
CA ARG B 51 36.21 -18.38 -25.93
C ARG B 51 36.70 -19.54 -26.80
N LEU B 52 35.80 -20.08 -27.62
CA LEU B 52 36.15 -21.10 -28.61
C LEU B 52 36.36 -20.50 -30.00
N ASP B 53 36.28 -19.18 -30.13
CA ASP B 53 36.42 -18.53 -31.43
C ASP B 53 37.81 -18.75 -32.03
N ASN B 54 38.83 -18.94 -31.19
CA ASN B 54 40.17 -19.19 -31.72
C ASN B 54 40.16 -20.36 -32.69
N GLU B 55 39.40 -21.39 -32.36
CA GLU B 55 39.26 -22.59 -33.19
C GLU B 55 40.61 -23.23 -33.48
N LYS B 56 41.56 -23.07 -32.55
CA LYS B 56 42.82 -23.80 -32.60
C LYS B 56 42.64 -25.25 -32.15
N GLU B 57 42.11 -25.44 -30.94
CA GLU B 57 41.74 -26.76 -30.41
C GLU B 57 40.36 -26.75 -29.78
N GLY B 58 39.53 -25.76 -30.11
CA GLY B 58 38.18 -25.72 -29.61
C GLY B 58 38.10 -25.26 -28.15
N PHE B 59 37.10 -25.80 -27.45
CA PHE B 59 36.88 -25.45 -26.07
C PHE B 59 38.15 -25.76 -25.26
N PRO B 60 38.65 -24.83 -24.46
CA PRO B 60 39.91 -25.10 -23.75
C PRO B 60 39.77 -26.28 -22.80
N ILE B 61 40.75 -27.19 -22.85
CA ILE B 61 40.76 -28.34 -21.96
C ILE B 61 40.83 -27.87 -20.51
N THR B 62 41.55 -26.77 -20.26
CA THR B 62 41.60 -26.20 -18.91
C THR B 62 40.19 -25.97 -18.37
N ALA B 63 39.30 -25.44 -19.20
CA ALA B 63 37.92 -25.26 -18.77
C ALA B 63 37.21 -26.60 -18.65
N ILE B 64 37.44 -27.51 -19.59
CA ILE B 64 36.81 -28.82 -19.54
C ILE B 64 37.14 -29.51 -18.21
N ARG B 65 38.40 -29.41 -17.78
CA ARG B 65 38.79 -30.00 -16.51
C ARG B 65 37.99 -29.39 -15.36
N GLU B 66 37.81 -28.08 -15.39
CA GLU B 66 37.07 -27.40 -14.33
C GLU B 66 35.59 -27.79 -14.36
N ILE B 67 35.03 -27.96 -15.55
CA ILE B 67 33.62 -28.36 -15.65
C ILE B 67 33.46 -29.82 -15.23
N LYS B 68 34.39 -30.67 -15.65
CA LYS B 68 34.31 -32.09 -15.33
C LYS B 68 34.47 -32.33 -13.83
N ILE B 69 35.48 -31.70 -13.23
CA ILE B 69 35.85 -32.00 -11.84
C ILE B 69 34.93 -31.30 -10.85
N LEU B 70 34.62 -30.03 -11.08
CA LEU B 70 33.90 -29.26 -10.07
C LEU B 70 32.43 -29.64 -9.99
N ARG B 71 31.86 -30.24 -11.04
CA ARG B 71 30.51 -30.81 -10.90
C ARG B 71 30.52 -32.12 -10.13
N GLN B 72 31.70 -32.69 -9.85
CA GLN B 72 31.82 -33.86 -9.00
C GLN B 72 32.12 -33.51 -7.55
N LEU B 73 32.89 -32.46 -7.32
CA LEU B 73 33.39 -32.14 -5.98
C LEU B 73 32.38 -31.27 -5.25
N ILE B 74 31.98 -31.72 -4.07
CA ILE B 74 31.09 -30.99 -3.19
C ILE B 74 31.80 -30.83 -1.86
N HIS B 75 32.18 -29.59 -1.53
CA HIS B 75 32.82 -29.36 -0.24
C HIS B 75 32.75 -27.87 0.09
N ARG B 76 32.64 -27.58 1.39
CA ARG B 76 32.60 -26.19 1.82
C ARG B 76 33.85 -25.44 1.43
N SER B 77 35.00 -26.13 1.44
CA SER B 77 36.28 -25.52 1.13
C SER B 77 36.68 -25.69 -0.34
N VAL B 78 35.76 -26.09 -1.22
CA VAL B 78 36.04 -26.18 -2.63
C VAL B 78 34.94 -25.45 -3.39
N VAL B 79 35.36 -24.56 -4.32
CA VAL B 79 34.43 -23.67 -4.98
C VAL B 79 33.41 -24.40 -5.84
N ASN B 80 32.23 -23.77 -5.96
CA ASN B 80 31.03 -24.33 -6.58
C ASN B 80 30.78 -23.67 -7.92
N MET B 81 30.66 -24.48 -8.97
CA MET B 81 30.21 -24.00 -10.26
C MET B 81 28.69 -24.07 -10.26
N LYS B 82 28.02 -22.91 -10.29
CA LYS B 82 26.57 -22.91 -10.17
C LYS B 82 25.91 -23.32 -11.49
N GLU B 83 26.41 -22.82 -12.61
CA GLU B 83 25.81 -23.13 -13.91
C GLU B 83 26.76 -22.65 -15.01
N ILE B 84 26.39 -22.94 -16.25
CA ILE B 84 27.11 -22.48 -17.44
C ILE B 84 26.09 -21.80 -18.35
N VAL B 85 26.39 -20.56 -18.74
CA VAL B 85 25.50 -19.73 -19.52
C VAL B 85 26.23 -19.27 -20.77
N THR B 86 25.46 -18.75 -21.73
CA THR B 86 25.97 -18.44 -23.06
C THR B 86 25.58 -17.04 -23.50
N ASP B 87 26.34 -16.53 -24.48
CA ASP B 87 26.00 -15.32 -25.21
C ASP B 87 24.77 -15.58 -26.09
N LYS B 88 24.06 -14.50 -26.44
CA LYS B 88 22.90 -14.68 -27.31
C LYS B 88 23.42 -15.41 -28.54
N GLN B 89 22.99 -16.64 -28.75
CA GLN B 89 23.48 -17.45 -29.87
C GLN B 89 22.86 -16.96 -31.17
N ASP B 90 23.61 -17.12 -32.27
CA ASP B 90 23.00 -16.77 -33.54
C ASP B 90 21.78 -17.66 -33.71
N ALA B 91 20.83 -17.22 -34.53
CA ALA B 91 19.60 -17.98 -34.64
C ALA B 91 19.72 -18.91 -35.83
N LEU B 92 19.48 -20.20 -35.58
CA LEU B 92 19.57 -21.25 -36.58
C LEU B 92 20.77 -21.08 -37.51
N ASP B 93 21.95 -20.88 -36.92
CA ASP B 93 23.16 -20.85 -37.74
C ASP B 93 24.36 -21.09 -36.83
N PHE B 94 24.53 -22.33 -36.36
CA PHE B 94 25.60 -22.62 -35.40
C PHE B 94 26.98 -22.35 -36.00
N LYS B 95 27.17 -22.65 -37.29
CA LYS B 95 28.48 -22.44 -37.90
C LYS B 95 28.88 -20.97 -37.84
N LYS B 96 27.96 -20.06 -38.15
CA LYS B 96 28.28 -18.64 -37.99
C LYS B 96 28.46 -18.29 -36.52
N ASP B 97 27.75 -18.98 -35.62
CA ASP B 97 27.79 -18.62 -34.21
C ASP B 97 29.20 -18.82 -33.67
N LYS B 98 29.75 -17.74 -33.12
CA LYS B 98 31.04 -17.76 -32.45
C LYS B 98 30.90 -17.27 -31.01
N GLY B 99 29.68 -17.22 -30.49
CA GLY B 99 29.47 -16.69 -29.16
C GLY B 99 30.22 -17.49 -28.12
N ALA B 100 30.56 -16.81 -27.03
CA ALA B 100 31.34 -17.39 -25.96
C ALA B 100 30.42 -18.00 -24.88
N PHE B 101 31.02 -18.82 -24.03
CA PHE B 101 30.34 -19.46 -22.91
C PHE B 101 30.92 -18.96 -21.59
N TYR B 102 30.11 -18.99 -20.54
CA TYR B 102 30.54 -18.50 -19.23
C TYR B 102 30.33 -19.55 -18.16
N LEU B 103 31.34 -19.73 -17.31
CA LEU B 103 31.26 -20.64 -16.16
C LEU B 103 30.90 -19.82 -14.93
N VAL B 104 29.71 -20.06 -14.39
CA VAL B 104 29.19 -19.28 -13.29
C VAL B 104 29.74 -19.84 -11.98
N PHE B 105 30.34 -18.97 -11.16
CA PHE B 105 30.87 -19.36 -9.87
C PHE B 105 30.31 -18.44 -8.79
N GLU B 106 30.26 -18.98 -7.57
CA GLU B 106 29.92 -18.17 -6.40
C GLU B 106 30.99 -17.12 -6.20
N TYR B 107 30.56 -15.89 -5.93
CA TYR B 107 31.52 -14.80 -5.79
C TYR B 107 32.13 -14.82 -4.39
N MET B 108 33.44 -15.07 -4.32
CA MET B 108 34.18 -15.08 -3.07
C MET B 108 34.85 -13.73 -2.86
N ASP B 109 34.69 -13.17 -1.66
CA ASP B 109 34.96 -11.74 -1.47
C ASP B 109 36.39 -11.38 -1.86
N HIS B 110 37.37 -12.16 -1.40
CA HIS B 110 38.77 -11.77 -1.61
C HIS B 110 39.60 -13.00 -2.00
N ASP B 111 40.82 -12.73 -2.49
CA ASP B 111 41.83 -13.75 -2.75
C ASP B 111 43.05 -13.44 -1.91
N LEU B 112 43.72 -14.50 -1.45
CA LEU B 112 44.75 -14.33 -0.42
C LEU B 112 45.81 -13.31 -0.77
N MET B 113 46.36 -13.41 -1.97
CA MET B 113 47.51 -12.59 -2.33
C MET B 113 47.17 -11.11 -2.20
N GLY B 114 45.99 -10.71 -2.69
CA GLY B 114 45.61 -9.32 -2.60
C GLY B 114 45.65 -8.83 -1.16
N LEU B 115 45.17 -9.65 -0.22
CA LEU B 115 45.30 -9.31 1.19
C LEU B 115 46.74 -9.27 1.65
N LEU B 116 47.55 -10.25 1.22
CA LEU B 116 48.95 -10.26 1.61
C LEU B 116 49.74 -9.17 0.89
N GLU B 117 49.48 -8.98 -0.41
CA GLU B 117 50.23 -7.96 -1.15
C GLU B 117 49.96 -6.58 -0.57
N SER B 118 48.70 -6.28 -0.25
CA SER B 118 48.39 -5.01 0.40
C SER B 118 49.05 -4.95 1.78
N GLY B 119 49.30 -6.11 2.39
CA GLY B 119 49.82 -6.14 3.74
C GLY B 119 48.86 -5.70 4.80
N LEU B 120 47.58 -5.59 4.47
CA LEU B 120 46.59 -5.11 5.40
C LEU B 120 46.08 -6.19 6.33
N VAL B 121 46.23 -7.43 5.97
CA VAL B 121 45.63 -8.54 6.70
C VAL B 121 46.64 -8.95 7.75
N HIS B 122 46.16 -9.20 8.95
CA HIS B 122 46.95 -9.73 10.05
C HIS B 122 46.33 -11.03 10.51
N PHE B 123 47.13 -12.09 10.57
CA PHE B 123 46.66 -13.42 10.90
C PHE B 123 47.12 -13.82 12.29
N SER B 124 46.15 -14.01 13.20
CA SER B 124 46.46 -14.56 14.50
C SER B 124 46.67 -16.07 14.36
N GLU B 125 47.27 -16.67 15.39
CA GLU B 125 47.45 -18.11 15.36
C GLU B 125 46.13 -18.82 15.12
N ASP B 126 45.09 -18.40 15.84
CA ASP B 126 43.79 -19.03 15.72
C ASP B 126 43.22 -18.85 14.32
N HIS B 127 43.42 -17.68 13.72
CA HIS B 127 42.94 -17.45 12.36
C HIS B 127 43.66 -18.37 11.38
N ILE B 128 44.97 -18.55 11.56
CA ILE B 128 45.72 -19.46 10.70
C ILE B 128 45.21 -20.87 10.86
N LYS B 129 44.97 -21.29 12.10
CA LYS B 129 44.44 -22.63 12.36
C LYS B 129 43.18 -22.87 11.55
N SER B 130 42.23 -21.94 11.63
CA SER B 130 40.99 -22.09 10.87
C SER B 130 41.27 -22.13 9.38
N PHE B 131 42.15 -21.25 8.90
CA PHE B 131 42.47 -21.20 7.48
C PHE B 131 43.07 -22.52 6.99
N MET B 132 44.13 -22.98 7.65
CA MET B 132 44.80 -24.19 7.18
C MET B 132 43.87 -25.39 7.27
N LYS B 133 43.08 -25.48 8.33
CA LYS B 133 42.18 -26.62 8.49
C LYS B 133 41.17 -26.68 7.35
N GLN B 134 40.64 -25.53 6.93
CA GLN B 134 39.69 -25.56 5.82
C GLN B 134 40.37 -25.96 4.52
N LEU B 135 41.56 -25.44 4.28
CA LEU B 135 42.32 -25.83 3.10
C LEU B 135 42.65 -27.33 3.14
N MET B 136 43.14 -27.81 4.28
CA MET B 136 43.51 -29.23 4.35
C MET B 136 42.28 -30.11 4.15
N GLU B 137 41.16 -29.74 4.78
CA GLU B 137 39.93 -30.53 4.62
C GLU B 137 39.46 -30.54 3.17
N GLY B 138 39.55 -29.40 2.49
CA GLY B 138 39.22 -29.38 1.08
C GLY B 138 40.18 -30.19 0.25
N LEU B 139 41.47 -30.13 0.58
CA LEU B 139 42.46 -30.90 -0.15
C LEU B 139 42.24 -32.39 0.09
N GLU B 140 41.99 -32.77 1.35
CA GLU B 140 41.72 -34.18 1.65
C GLU B 140 40.54 -34.72 0.87
N TYR B 141 39.45 -33.95 0.81
CA TYR B 141 38.31 -34.36 0.00
C TYR B 141 38.75 -34.63 -1.43
N CYS B 142 39.45 -33.65 -2.04
CA CYS B 142 39.90 -33.81 -3.41
C CYS B 142 40.87 -34.98 -3.55
N HIS B 143 41.81 -35.13 -2.62
CA HIS B 143 42.76 -36.22 -2.71
C HIS B 143 42.07 -37.56 -2.49
N LYS B 144 41.12 -37.62 -1.56
CA LYS B 144 40.35 -38.85 -1.38
C LYS B 144 39.60 -39.24 -2.65
N LYS B 145 39.14 -38.25 -3.42
CA LYS B 145 38.50 -38.54 -4.69
C LYS B 145 39.53 -38.77 -5.79
N ASN B 146 40.83 -38.76 -5.44
CA ASN B 146 41.91 -39.10 -6.36
C ASN B 146 42.05 -38.05 -7.46
N PHE B 147 41.86 -36.79 -7.09
CA PHE B 147 42.08 -35.64 -7.96
C PHE B 147 43.22 -34.80 -7.39
N LEU B 148 44.08 -34.30 -8.27
CA LEU B 148 45.24 -33.52 -7.84
C LEU B 148 45.10 -32.09 -8.37
N HIS B 149 45.19 -31.10 -7.47
CA HIS B 149 45.04 -29.71 -7.89
C HIS B 149 46.13 -29.30 -8.87
N ARG B 150 47.40 -29.50 -8.48
CA ARG B 150 48.57 -29.25 -9.31
C ARG B 150 48.85 -27.77 -9.56
N ASP B 151 48.13 -26.87 -8.92
CA ASP B 151 48.42 -25.45 -9.06
C ASP B 151 47.98 -24.74 -7.78
N ILE B 152 48.61 -25.08 -6.66
CA ILE B 152 48.25 -24.46 -5.39
C ILE B 152 49.00 -23.14 -5.33
N LYS B 153 48.26 -22.03 -5.25
CA LYS B 153 48.85 -20.72 -5.20
C LYS B 153 48.01 -19.85 -4.27
N CYS B 154 48.62 -18.79 -3.74
CA CYS B 154 47.88 -17.89 -2.88
C CYS B 154 46.72 -17.25 -3.62
N SER B 155 46.93 -16.92 -4.90
CA SER B 155 45.86 -16.35 -5.70
C SER B 155 44.68 -17.29 -5.80
N ASN B 156 44.95 -18.60 -5.82
CA ASN B 156 43.90 -19.59 -6.04
C ASN B 156 43.09 -19.86 -4.77
N ILE B 157 43.56 -19.38 -3.63
CA ILE B 157 42.85 -19.60 -2.37
C ILE B 157 41.93 -18.41 -2.13
N LEU B 158 40.64 -18.58 -2.42
CA LEU B 158 39.66 -17.55 -2.20
C LEU B 158 39.07 -17.64 -0.80
N LEU B 159 38.72 -16.48 -0.25
CA LEU B 159 38.16 -16.41 1.09
C LEU B 159 37.13 -15.29 1.14
N ASN B 160 36.09 -15.49 1.94
CA ASN B 160 35.06 -14.50 2.18
C ASN B 160 35.34 -13.76 3.49
N ASN B 161 34.77 -12.56 3.62
CA ASN B 161 35.00 -11.78 4.83
C ASN B 161 34.51 -12.54 6.06
N SER B 162 33.61 -13.51 5.86
CA SER B 162 33.14 -14.35 6.95
C SER B 162 34.22 -15.25 7.50
N GLY B 163 35.28 -15.51 6.72
CA GLY B 163 36.33 -16.42 7.11
C GLY B 163 36.31 -17.77 6.43
N GLN B 164 35.38 -18.00 5.50
CA GLN B 164 35.31 -19.25 4.77
C GLN B 164 36.31 -19.25 3.62
N ILE B 165 37.12 -20.30 3.53
CA ILE B 165 38.14 -20.43 2.50
C ILE B 165 37.70 -21.51 1.50
N LYS B 166 37.90 -21.23 0.21
CA LYS B 166 37.55 -22.16 -0.86
C LYS B 166 38.67 -22.21 -1.89
N LEU B 167 38.99 -23.41 -2.38
CA LEU B 167 39.99 -23.61 -3.42
C LEU B 167 39.37 -23.30 -4.78
N ALA B 168 40.19 -22.81 -5.72
CA ALA B 168 39.60 -22.28 -6.94
C ALA B 168 40.14 -22.67 -8.31
N ASP B 169 41.43 -22.57 -8.59
CA ASP B 169 41.92 -22.76 -9.95
C ASP B 169 42.25 -24.23 -10.23
N PHE B 170 41.23 -24.96 -10.69
CA PHE B 170 41.38 -26.38 -11.04
C PHE B 170 41.72 -26.59 -12.51
N GLY B 171 42.23 -25.56 -13.19
CA GLY B 171 42.48 -25.68 -14.62
C GLY B 171 43.50 -26.75 -14.96
N LEU B 172 44.53 -26.89 -14.14
CA LEU B 172 45.61 -27.84 -14.38
C LEU B 172 45.39 -29.17 -13.67
N ALA B 173 44.24 -29.37 -13.03
CA ALA B 173 44.01 -30.56 -12.22
C ALA B 173 43.84 -31.81 -13.08
N ARG B 174 44.33 -32.94 -12.56
CA ARG B 174 44.23 -34.22 -13.25
C ARG B 174 44.09 -35.33 -12.23
N LEU B 175 43.46 -36.44 -12.66
CA LEU B 175 43.30 -37.61 -11.82
C LEU B 175 44.65 -38.32 -11.67
N TYR B 176 44.86 -38.97 -10.52
CA TYR B 176 46.09 -39.70 -10.26
C TYR B 176 45.75 -41.15 -9.93
N ASN B 177 46.46 -42.09 -10.54
CA ASN B 177 46.30 -43.51 -10.26
C ASN B 177 47.62 -44.06 -9.75
N SER B 178 47.60 -44.58 -8.52
CA SER B 178 48.81 -45.19 -7.96
C SER B 178 49.22 -46.42 -8.76
N GLU B 179 48.24 -47.22 -9.20
CA GLU B 179 48.55 -48.45 -9.93
C GLU B 179 49.18 -48.16 -11.28
N GLU B 180 48.73 -47.11 -11.98
CA GLU B 180 49.22 -46.80 -13.32
C GLU B 180 49.89 -45.43 -13.33
N SER B 181 51.23 -45.41 -13.42
CA SER B 181 52.01 -44.18 -13.51
C SER B 181 52.40 -43.87 -14.95
N ARG B 182 52.02 -42.69 -15.43
CA ARG B 182 52.28 -42.22 -16.78
C ARG B 182 52.88 -40.83 -16.77
N PRO B 183 53.64 -40.46 -17.80
CA PRO B 183 54.21 -39.10 -17.83
C PRO B 183 53.11 -38.05 -17.69
N TYR B 184 53.34 -37.08 -16.81
CA TYR B 184 52.35 -36.01 -16.61
C TYR B 184 53.01 -34.67 -16.97
N ASN B 186 54.94 -31.54 -16.75
CA ASN B 186 56.01 -31.26 -15.80
C ASN B 186 55.93 -29.80 -15.35
N LYS B 187 56.40 -29.54 -14.13
CA LYS B 187 56.48 -28.17 -13.62
C LYS B 187 55.09 -27.55 -13.60
N VAL B 188 54.09 -28.30 -13.11
CA VAL B 188 52.73 -27.79 -13.15
C VAL B 188 52.59 -26.61 -12.19
N ILE B 189 53.07 -26.76 -10.96
CA ILE B 189 52.90 -25.72 -9.95
C ILE B 189 53.86 -24.56 -10.23
N THR B 190 53.45 -23.36 -9.83
CA THR B 190 54.30 -22.19 -10.00
C THR B 190 55.59 -22.35 -9.19
N LEU B 191 56.67 -21.76 -9.72
CA LEU B 191 58.00 -22.00 -9.16
C LEU B 191 58.06 -21.72 -7.66
N TRP B 192 57.45 -20.62 -7.21
CA TRP B 192 57.59 -20.27 -5.80
C TRP B 192 56.98 -21.34 -4.90
N TYR B 193 55.91 -22.01 -5.35
CA TYR B 193 55.25 -23.06 -4.59
C TYR B 193 55.48 -24.44 -5.17
N ARG B 194 56.44 -24.58 -6.09
CA ARG B 194 56.65 -25.86 -6.76
C ARG B 194 57.40 -26.82 -5.85
N PRO B 195 56.99 -28.08 -5.81
CA PRO B 195 57.70 -29.05 -4.95
C PRO B 195 59.05 -29.40 -5.54
N PRO B 196 59.97 -29.92 -4.72
CA PRO B 196 61.30 -30.25 -5.26
C PRO B 196 61.26 -31.32 -6.33
N GLU B 197 60.34 -32.27 -6.19
CA GLU B 197 60.22 -33.35 -7.17
C GLU B 197 59.98 -32.81 -8.57
N LEU B 198 59.06 -31.84 -8.70
CA LEU B 198 58.81 -31.23 -10.00
C LEU B 198 60.04 -30.49 -10.52
N LEU B 199 60.82 -29.90 -9.62
CA LEU B 199 62.05 -29.25 -10.06
C LEU B 199 62.99 -30.28 -10.65
N LEU B 200 63.02 -31.47 -10.07
CA LEU B 200 63.82 -32.56 -10.59
C LEU B 200 63.09 -33.35 -11.66
N GLY B 201 61.87 -32.96 -12.02
CA GLY B 201 61.26 -33.55 -13.19
C GLY B 201 60.78 -34.96 -13.00
N GLU B 202 60.05 -35.26 -11.93
CA GLU B 202 59.56 -36.62 -11.73
C GLU B 202 58.72 -37.09 -12.92
N GLU B 203 57.63 -36.36 -13.20
CA GLU B 203 56.67 -36.64 -14.29
C GLU B 203 55.62 -37.65 -13.82
N ARG B 204 55.96 -38.43 -12.80
CA ARG B 204 54.99 -39.28 -12.10
C ARG B 204 54.89 -38.77 -10.67
N TYR B 205 54.17 -37.67 -10.46
CA TYR B 205 54.20 -37.05 -9.15
C TYR B 205 53.01 -37.54 -8.34
N THR B 206 53.16 -37.48 -7.02
CA THR B 206 52.17 -37.95 -6.07
C THR B 206 51.32 -36.79 -5.61
N PRO B 207 50.18 -37.06 -4.97
CA PRO B 207 49.37 -35.95 -4.42
C PRO B 207 50.16 -35.08 -3.45
N ALA B 208 51.30 -35.55 -2.98
CA ALA B 208 52.11 -34.79 -2.03
C ALA B 208 52.59 -33.47 -2.62
N ILE B 209 52.52 -33.30 -3.94
CA ILE B 209 52.94 -32.04 -4.54
C ILE B 209 52.11 -30.89 -4.00
N ASP B 210 50.80 -31.08 -3.89
CA ASP B 210 49.94 -30.03 -3.35
C ASP B 210 50.26 -29.75 -1.89
N VAL B 211 50.58 -30.80 -1.14
CA VAL B 211 50.91 -30.63 0.27
C VAL B 211 52.10 -29.67 0.42
N TRP B 212 53.14 -29.87 -0.37
CA TRP B 212 54.31 -29.01 -0.29
C TRP B 212 53.92 -27.54 -0.46
N SER B 213 53.12 -27.25 -1.47
CA SER B 213 52.68 -25.87 -1.69
C SER B 213 51.91 -25.34 -0.48
N CYS B 214 51.02 -26.16 0.09
CA CYS B 214 50.25 -25.71 1.24
C CYS B 214 51.14 -25.48 2.45
N GLY B 215 52.21 -26.25 2.59
CA GLY B 215 53.19 -25.98 3.63
C GLY B 215 53.89 -24.66 3.39
N CYS B 216 54.20 -24.36 2.12
CA CYS B 216 54.76 -23.05 1.79
C CYS B 216 53.82 -21.94 2.19
N ILE B 217 52.51 -22.15 2.01
CA ILE B 217 51.53 -21.14 2.41
C ILE B 217 51.53 -20.98 3.93
N LEU B 218 51.62 -22.10 4.66
CA LEU B 218 51.64 -22.03 6.12
C LEU B 218 52.75 -21.11 6.60
N GLY B 219 53.97 -21.30 6.08
CA GLY B 219 55.07 -20.44 6.49
C GLY B 219 54.85 -19.00 6.07
N GLU B 220 54.32 -18.79 4.87
CA GLU B 220 54.08 -17.44 4.38
C GLU B 220 53.05 -16.71 5.24
N LEU B 221 52.07 -17.43 5.79
CA LEU B 221 51.10 -16.79 6.67
C LEU B 221 51.77 -16.27 7.94
N PHE B 222 52.77 -17.01 8.43
CA PHE B 222 53.50 -16.59 9.62
C PHE B 222 54.52 -15.51 9.32
N THR B 223 55.15 -15.57 8.14
CA THR B 223 56.18 -14.60 7.79
C THR B 223 55.63 -13.41 7.02
N LYS B 224 54.40 -13.53 6.48
CA LYS B 224 53.80 -12.50 5.64
C LYS B 224 54.64 -12.20 4.41
N LYS B 225 55.52 -13.13 4.02
CA LYS B 225 56.41 -13.00 2.88
C LYS B 225 56.57 -14.43 2.35
N PRO B 226 56.45 -14.65 1.04
CA PRO B 226 56.62 -16.01 0.52
C PRO B 226 57.99 -16.56 0.91
N ILE B 227 58.03 -17.87 1.18
CA ILE B 227 59.23 -18.46 1.77
C ILE B 227 60.31 -18.68 0.71
N PHE B 228 59.94 -19.25 -0.45
CA PHE B 228 60.91 -19.62 -1.48
C PHE B 228 60.58 -18.83 -2.75
N GLN B 229 61.17 -17.64 -2.88
CA GLN B 229 60.97 -16.78 -4.03
C GLN B 229 62.21 -16.81 -4.91
N ALA B 230 62.08 -17.35 -6.12
CA ALA B 230 63.17 -17.39 -7.07
C ALA B 230 62.57 -17.38 -8.47
N ASN B 231 63.40 -16.99 -9.44
CA ASN B 231 62.96 -16.88 -10.83
C ASN B 231 63.42 -18.06 -11.67
N LEU B 232 64.37 -18.86 -11.18
CA LEU B 232 64.94 -19.99 -11.90
C LEU B 232 64.76 -21.27 -11.12
N GLU B 233 64.61 -22.38 -11.84
CA GLU B 233 64.33 -23.65 -11.18
C GLU B 233 65.48 -24.05 -10.27
N LEU B 234 66.72 -23.91 -10.74
CA LEU B 234 67.88 -24.25 -9.93
C LEU B 234 67.97 -23.35 -8.71
N ALA B 235 67.72 -22.06 -8.90
CA ALA B 235 67.75 -21.12 -7.77
C ALA B 235 66.73 -21.51 -6.72
N GLN B 236 65.55 -21.98 -7.14
CA GLN B 236 64.54 -22.41 -6.19
C GLN B 236 65.06 -23.59 -5.37
N LEU B 237 65.71 -24.54 -6.03
CA LEU B 237 66.26 -25.70 -5.34
C LEU B 237 67.27 -25.29 -4.28
N GLU B 238 68.12 -24.31 -4.60
CA GLU B 238 69.10 -23.82 -3.64
C GLU B 238 68.41 -23.27 -2.39
N LEU B 239 67.41 -22.43 -2.59
CA LEU B 239 66.71 -21.82 -1.46
C LEU B 239 66.01 -22.88 -0.63
N ILE B 240 65.29 -23.79 -1.29
CA ILE B 240 64.66 -24.91 -0.59
C ILE B 240 65.73 -25.74 0.09
N SER B 241 66.84 -25.98 -0.59
CA SER B 241 67.90 -26.82 -0.03
C SER B 241 68.47 -26.19 1.24
N ARG B 242 68.62 -24.86 1.26
CA ARG B 242 69.18 -24.22 2.44
C ARG B 242 68.33 -24.45 3.68
N LEU B 243 67.01 -24.31 3.53
CA LEU B 243 66.12 -24.42 4.67
C LEU B 243 65.76 -25.87 4.96
N CYS B 244 65.35 -26.60 3.93
CA CYS B 244 64.88 -27.97 4.08
C CYS B 244 66.00 -28.98 4.00
N GLY B 245 67.21 -28.54 3.66
CA GLY B 245 68.33 -29.44 3.46
C GLY B 245 68.54 -29.79 2.00
N SER B 246 69.78 -30.08 1.64
CA SER B 246 70.08 -30.42 0.26
C SER B 246 69.54 -31.81 -0.06
N PRO B 247 68.97 -32.02 -1.25
CA PRO B 247 68.56 -33.37 -1.63
C PRO B 247 69.75 -34.30 -1.55
N CYS B 248 69.58 -35.41 -0.85
CA CYS B 248 70.66 -36.38 -0.68
C CYS B 248 70.04 -37.75 -0.55
N PRO B 249 70.80 -38.80 -0.89
CA PRO B 249 70.20 -40.15 -0.84
C PRO B 249 69.69 -40.56 0.53
N ALA B 250 70.34 -40.12 1.62
CA ALA B 250 69.92 -40.51 2.95
C ALA B 250 68.52 -39.98 3.27
N VAL B 251 68.24 -38.74 2.90
CA VAL B 251 66.93 -38.18 3.18
C VAL B 251 65.93 -38.53 2.08
N TRP B 252 66.40 -38.91 0.90
CA TRP B 252 65.54 -39.15 -0.25
C TRP B 252 66.14 -40.32 -1.01
N PRO B 253 65.89 -41.55 -0.53
CA PRO B 253 66.61 -42.71 -1.11
C PRO B 253 66.51 -42.80 -2.61
N ASP B 254 65.37 -42.42 -3.18
CA ASP B 254 65.11 -42.56 -4.60
C ASP B 254 65.44 -41.30 -5.39
N VAL B 255 66.14 -40.33 -4.77
CA VAL B 255 66.50 -39.10 -5.47
C VAL B 255 67.38 -39.40 -6.66
N ILE B 256 68.17 -40.48 -6.60
CA ILE B 256 69.09 -40.81 -7.69
C ILE B 256 68.33 -41.19 -8.96
N ARG B 257 67.09 -41.66 -8.84
CA ARG B 257 66.32 -42.03 -10.02
C ARG B 257 65.75 -40.81 -10.75
N LEU B 258 65.77 -39.64 -10.13
CA LEU B 258 65.16 -38.46 -10.74
C LEU B 258 66.06 -37.95 -11.86
N PRO B 259 65.48 -37.55 -12.99
CA PRO B 259 66.31 -37.20 -14.14
C PRO B 259 67.39 -36.17 -13.87
N TYR B 260 67.08 -35.13 -13.09
CA TYR B 260 67.98 -34.00 -12.95
C TYR B 260 68.79 -34.00 -11.66
N PHE B 261 68.76 -35.09 -10.88
CA PHE B 261 69.50 -35.11 -9.62
C PHE B 261 70.96 -34.74 -9.82
N ASN B 262 71.64 -35.44 -10.71
CA ASN B 262 73.04 -35.15 -10.99
C ASN B 262 73.18 -33.80 -11.69
N THR B 263 72.27 -33.50 -12.60
CA THR B 263 72.33 -32.26 -13.35
C THR B 263 72.17 -31.05 -12.44
N MET B 264 71.08 -31.02 -11.68
CA MET B 264 70.78 -29.89 -10.79
C MET B 264 71.33 -30.19 -9.40
N LYS B 265 72.29 -29.40 -8.96
CA LYS B 265 72.88 -29.60 -7.64
C LYS B 265 72.97 -28.29 -6.87
N PRO B 266 72.64 -28.28 -5.58
CA PRO B 266 72.85 -27.07 -4.78
C PRO B 266 74.33 -26.80 -4.62
N LYS B 267 74.66 -25.55 -4.26
CA LYS B 267 76.06 -25.19 -4.07
C LYS B 267 76.76 -26.12 -3.08
N LYS B 268 76.08 -26.45 -1.99
CA LYS B 268 76.63 -27.26 -0.92
C LYS B 268 75.59 -28.34 -0.59
N GLN B 269 75.97 -29.31 0.23
CA GLN B 269 74.98 -30.22 0.80
C GLN B 269 74.52 -29.58 2.12
N TYR B 270 73.55 -28.68 2.00
CA TYR B 270 73.12 -27.90 3.15
C TYR B 270 72.42 -28.83 4.15
N ARG B 271 72.58 -28.51 5.43
CA ARG B 271 71.82 -29.20 6.46
C ARG B 271 70.44 -28.57 6.62
N ARG B 272 69.53 -29.33 7.21
CA ARG B 272 68.19 -28.82 7.45
C ARG B 272 68.23 -27.83 8.61
N ARG B 273 67.60 -26.67 8.40
CA ARG B 273 67.58 -25.59 9.38
C ARG B 273 66.17 -25.07 9.62
N LEU B 274 65.16 -25.81 9.20
CA LEU B 274 63.79 -25.29 9.23
C LEU B 274 63.40 -24.90 10.65
N ARG B 275 63.64 -25.78 11.62
CA ARG B 275 63.25 -25.48 12.99
C ARG B 275 63.99 -24.27 13.54
N GLU B 276 65.26 -24.10 13.16
CA GLU B 276 66.01 -22.94 13.62
C GLU B 276 65.47 -21.66 13.00
N GLU B 277 65.28 -21.66 11.67
CA GLU B 277 64.87 -20.44 11.00
C GLU B 277 63.42 -20.07 11.30
N PHE B 278 62.56 -21.06 11.57
CA PHE B 278 61.17 -20.81 11.95
C PHE B 278 60.97 -20.96 13.45
N SER B 279 61.97 -20.59 14.26
CA SER B 279 61.85 -20.73 15.70
C SER B 279 60.69 -19.92 16.24
N PHE B 280 60.36 -18.81 15.58
CA PHE B 280 59.27 -17.96 16.05
C PHE B 280 57.91 -18.62 15.83
N ILE B 281 57.83 -19.60 14.94
CA ILE B 281 56.54 -20.28 14.71
C ILE B 281 56.22 -21.14 15.93
N PRO B 282 54.97 -21.15 16.40
CA PRO B 282 54.61 -22.04 17.52
C PRO B 282 55.03 -23.47 17.26
N SER B 283 55.30 -24.19 18.34
CA SER B 283 55.83 -25.55 18.22
C SER B 283 54.86 -26.45 17.45
N ALA B 284 53.57 -26.38 17.78
CA ALA B 284 52.60 -27.23 17.12
C ALA B 284 52.60 -27.01 15.61
N ALA B 285 52.74 -25.75 15.18
CA ALA B 285 52.76 -25.44 13.76
C ALA B 285 54.09 -25.79 13.13
N LEU B 286 55.20 -25.56 13.85
CA LEU B 286 56.51 -25.85 13.31
C LEU B 286 56.64 -27.33 12.93
N ASP B 287 56.10 -28.23 13.76
CA ASP B 287 56.14 -29.65 13.43
C ASP B 287 55.37 -29.93 12.14
N LEU B 288 54.23 -29.27 11.96
CA LEU B 288 53.47 -29.45 10.73
C LEU B 288 54.28 -29.00 9.52
N LEU B 289 54.97 -27.86 9.65
CA LEU B 289 55.78 -27.35 8.56
C LEU B 289 56.92 -28.31 8.22
N ASP B 290 57.61 -28.84 9.23
CA ASP B 290 58.68 -29.80 8.98
C ASP B 290 58.17 -30.99 8.20
N HIS B 291 56.98 -31.48 8.53
CA HIS B 291 56.42 -32.62 7.82
C HIS B 291 55.90 -32.24 6.44
N MET B 292 55.27 -31.07 6.33
CA MET B 292 54.74 -30.64 5.04
C MET B 292 55.88 -30.30 4.07
N LEU B 293 56.96 -29.72 4.58
CA LEU B 293 58.12 -29.39 3.75
C LEU B 293 59.21 -30.44 3.86
N THR B 294 58.84 -31.69 3.61
CA THR B 294 59.76 -32.82 3.59
C THR B 294 60.16 -33.12 2.15
N LEU B 295 61.45 -33.26 1.90
CA LEU B 295 61.95 -33.37 0.53
C LEU B 295 61.40 -34.63 -0.15
N ASP B 296 61.43 -35.75 0.54
CA ASP B 296 61.01 -37.02 -0.05
C ASP B 296 59.49 -37.09 -0.09
N PRO B 297 58.87 -37.16 -1.28
CA PRO B 297 57.40 -37.22 -1.32
C PRO B 297 56.83 -38.41 -0.57
N SER B 298 57.58 -39.50 -0.46
CA SER B 298 57.10 -40.68 0.24
C SER B 298 57.11 -40.53 1.75
N LYS B 299 57.94 -39.63 2.28
CA LYS B 299 58.00 -39.33 3.70
C LYS B 299 57.22 -38.08 4.06
N ARG B 300 56.77 -37.32 3.06
CA ARG B 300 55.99 -36.12 3.28
C ARG B 300 54.59 -36.49 3.78
N CYS B 301 54.10 -35.73 4.74
CA CYS B 301 52.82 -36.01 5.37
C CYS B 301 51.67 -35.92 4.36
N THR B 302 50.56 -36.59 4.72
CA THR B 302 49.36 -36.54 3.90
C THR B 302 48.45 -35.42 4.40
N ALA B 303 47.40 -35.13 3.62
CA ALA B 303 46.42 -34.15 4.07
C ALA B 303 45.69 -34.63 5.32
N GLU B 304 45.28 -35.89 5.35
CA GLU B 304 44.64 -36.42 6.55
C GLU B 304 45.56 -36.29 7.77
N GLN B 305 46.85 -36.56 7.58
CA GLN B 305 47.78 -36.46 8.70
C GLN B 305 47.91 -35.03 9.19
N THR B 306 47.79 -34.05 8.27
CA THR B 306 47.80 -32.65 8.70
C THR B 306 46.56 -32.33 9.53
N LEU B 307 45.41 -32.89 9.14
CA LEU B 307 44.17 -32.68 9.89
C LEU B 307 44.17 -33.38 11.24
N GLN B 308 44.92 -34.46 11.37
CA GLN B 308 45.11 -35.14 12.65
C GLN B 308 46.43 -34.76 13.30
N SER B 309 46.69 -33.45 13.32
CA SER B 309 47.86 -32.87 13.94
C SER B 309 47.41 -32.05 15.15
N ASP B 310 48.32 -31.92 16.13
CA ASP B 310 47.99 -31.14 17.32
C ASP B 310 47.56 -29.73 16.96
N PHE B 311 48.12 -29.18 15.89
CA PHE B 311 47.81 -27.81 15.49
C PHE B 311 46.38 -27.69 14.98
N LEU B 312 45.93 -28.65 14.17
CA LEU B 312 44.64 -28.56 13.51
C LEU B 312 43.56 -29.49 14.03
N LYS B 313 43.91 -30.57 14.74
CA LYS B 313 42.90 -31.54 15.11
C LYS B 313 41.81 -30.93 15.99
N ASP B 314 42.21 -30.14 17.00
CA ASP B 314 41.25 -29.63 17.97
C ASP B 314 40.71 -28.25 17.58
N VAL B 315 41.00 -27.78 16.37
CA VAL B 315 40.35 -26.59 15.83
C VAL B 315 38.90 -26.92 15.54
N GLU B 316 38.00 -26.02 15.90
CA GLU B 316 36.57 -26.22 15.70
C GLU B 316 36.12 -25.30 14.57
N LEU B 317 35.54 -25.89 13.51
CA LEU B 317 35.15 -25.09 12.36
C LEU B 317 33.94 -24.20 12.65
N SER B 318 33.18 -24.51 13.71
CA SER B 318 32.05 -23.64 14.05
C SER B 318 32.52 -22.22 14.31
N LYS B 319 33.61 -22.07 15.08
CA LYS B 319 34.26 -20.78 15.31
C LYS B 319 35.19 -20.47 14.14
N MET B 320 34.60 -19.97 13.04
CA MET B 320 35.43 -19.63 11.88
C MET B 320 36.47 -18.57 12.21
N ALA B 321 36.17 -17.72 13.20
CA ALA B 321 37.08 -16.64 13.58
C ALA B 321 37.53 -15.92 12.32
N PRO B 322 36.83 -14.87 11.90
CA PRO B 322 37.25 -14.16 10.70
C PRO B 322 38.58 -13.48 10.91
N PRO B 323 39.42 -13.37 9.87
CA PRO B 323 40.70 -12.70 10.02
C PRO B 323 40.53 -11.22 10.29
N ASP B 324 41.66 -10.56 10.57
CA ASP B 324 41.66 -9.12 10.81
C ASP B 324 41.80 -8.48 9.45
N LEU B 325 40.72 -8.04 8.89
CA LEU B 325 40.66 -7.43 7.59
C LEU B 325 40.64 -5.91 7.74
N PRO B 326 41.24 -5.20 6.79
CA PRO B 326 41.38 -3.75 6.94
C PRO B 326 40.04 -3.06 7.12
N HIS B 327 40.07 -1.94 7.84
CA HIS B 327 38.90 -1.10 8.06
C HIS B 327 39.23 0.32 7.62
N TRP B 328 38.23 1.21 7.69
CA TRP B 328 38.43 2.58 7.25
C TRP B 328 39.52 3.25 8.10
N GLN B 329 39.53 2.97 9.40
CA GLN B 329 40.58 3.51 10.26
C GLN B 329 41.95 3.02 9.79
N ASP B 330 42.00 1.77 9.30
CA ASP B 330 43.24 1.21 8.81
C ASP B 330 43.60 1.80 7.46
N CYS B 331 42.60 2.24 6.69
CA CYS B 331 42.87 2.97 5.46
C CYS B 331 43.45 4.34 5.79
N HIS B 332 42.91 5.00 6.82
CA HIS B 332 43.44 6.27 7.29
C HIS B 332 44.79 6.06 7.94
N GLU B 333 45.66 7.05 7.78
CA GLU B 333 47.02 6.96 8.30
C GLU B 333 47.14 7.63 9.66
N THR C 24 20.20 -30.30 -9.93
CA THR C 24 21.59 -30.68 -9.72
C THR C 24 22.17 -31.38 -10.95
N LYS C 25 21.88 -32.67 -11.10
CA LYS C 25 22.40 -33.45 -12.23
C LYS C 25 21.29 -33.98 -13.14
N PRO C 26 21.59 -34.15 -14.44
CA PRO C 26 20.55 -34.54 -15.40
C PRO C 26 20.27 -36.04 -15.39
N CYS C 27 19.12 -36.40 -15.97
CA CYS C 27 18.76 -37.80 -16.15
C CYS C 27 19.19 -38.25 -17.55
N TRP C 28 20.04 -39.26 -17.62
CA TRP C 28 20.54 -39.74 -18.90
C TRP C 28 20.04 -41.13 -19.24
N TYR C 29 18.91 -41.55 -18.68
CA TYR C 29 18.39 -42.88 -18.93
C TYR C 29 16.93 -42.80 -19.34
N TRP C 30 16.60 -43.51 -20.41
CA TRP C 30 15.28 -43.53 -21.01
C TRP C 30 14.74 -44.96 -20.98
N ASP C 31 13.43 -45.08 -21.21
CA ASP C 31 12.79 -46.39 -21.38
C ASP C 31 12.84 -46.82 -22.84
N LYS C 32 12.90 -48.13 -23.06
CA LYS C 32 12.93 -48.67 -24.42
C LYS C 32 11.79 -48.09 -25.26
N LYS C 33 10.59 -48.04 -24.68
CA LYS C 33 9.43 -47.52 -25.38
C LYS C 33 9.63 -46.09 -25.85
N ASP C 34 10.46 -45.32 -25.14
CA ASP C 34 10.67 -43.92 -25.50
C ASP C 34 11.50 -43.78 -26.77
N LEU C 35 12.27 -44.80 -27.13
CA LEU C 35 13.10 -44.70 -28.33
C LEU C 35 12.26 -44.72 -29.60
N ALA C 36 10.96 -44.99 -29.50
CA ALA C 36 10.08 -44.87 -30.65
C ALA C 36 9.80 -43.43 -31.02
N HIS C 37 10.28 -42.47 -30.22
CA HIS C 37 9.95 -41.06 -30.40
C HIS C 37 11.20 -40.18 -30.41
N THR C 38 12.32 -40.70 -30.90
CA THR C 38 13.49 -39.85 -31.09
C THR C 38 13.23 -38.91 -32.27
N PRO C 39 13.93 -37.77 -32.32
CA PRO C 39 13.79 -36.90 -33.50
C PRO C 39 13.94 -37.65 -34.81
N SER C 40 14.86 -38.62 -34.86
CA SER C 40 15.08 -39.39 -36.07
C SER C 40 13.85 -40.18 -36.46
N GLN C 41 13.25 -40.87 -35.48
CA GLN C 41 12.04 -41.64 -35.76
C GLN C 41 10.92 -40.74 -36.28
N LEU C 42 10.76 -39.56 -35.69
CA LEU C 42 9.66 -38.69 -36.04
C LEU C 42 9.86 -37.97 -37.36
N GLU C 43 11.09 -37.96 -37.88
CA GLU C 43 11.35 -37.46 -39.23
C GLU C 43 11.24 -38.56 -40.28
N GLY C 44 10.65 -39.70 -39.94
CA GLY C 44 10.38 -40.75 -40.90
C GLY C 44 11.40 -41.86 -40.95
N LEU C 45 12.46 -41.80 -40.15
CA LEU C 45 13.44 -42.87 -40.07
C LEU C 45 12.84 -44.03 -39.30
N ASP C 46 12.99 -45.25 -39.83
CA ASP C 46 12.38 -46.39 -39.16
C ASP C 46 13.30 -46.95 -38.09
N PRO C 47 12.76 -47.76 -37.17
CA PRO C 47 13.59 -48.23 -36.05
C PRO C 47 14.85 -48.96 -36.48
N ALA C 48 14.76 -49.78 -37.52
CA ALA C 48 15.94 -50.52 -37.97
C ALA C 48 17.02 -49.58 -38.49
N THR C 49 16.63 -48.54 -39.23
CA THR C 49 17.63 -47.63 -39.79
C THR C 49 18.35 -46.86 -38.68
N GLU C 50 17.61 -46.34 -37.70
CA GLU C 50 18.27 -45.63 -36.61
C GLU C 50 19.17 -46.58 -35.83
N ALA C 51 18.76 -47.83 -35.67
CA ALA C 51 19.60 -48.81 -35.00
C ALA C 51 20.90 -49.01 -35.76
N ARG C 52 20.80 -49.23 -37.08
CA ARG C 52 22.00 -49.40 -37.89
C ARG C 52 22.85 -48.13 -37.88
N TYR C 53 22.20 -46.96 -37.98
CA TYR C 53 22.95 -45.72 -37.97
C TYR C 53 23.70 -45.54 -36.64
N ARG C 54 23.13 -46.03 -35.54
CA ARG C 54 23.82 -45.92 -34.25
C ARG C 54 25.00 -46.88 -34.17
N ARG C 55 24.83 -48.12 -34.63
CA ARG C 55 25.95 -49.05 -34.65
C ARG C 55 27.10 -48.50 -35.49
N GLU C 56 26.79 -47.98 -36.67
CA GLU C 56 27.83 -47.49 -37.56
C GLU C 56 28.58 -46.32 -36.94
N GLY C 57 27.86 -45.39 -36.30
CA GLY C 57 28.53 -44.28 -35.66
C GLY C 57 29.38 -44.70 -34.48
N ALA C 58 28.81 -45.53 -33.61
CA ALA C 58 29.56 -46.04 -32.46
C ALA C 58 30.82 -46.78 -32.92
N ARG C 59 30.66 -47.69 -33.89
CA ARG C 59 31.81 -48.46 -34.37
C ARG C 59 32.82 -47.56 -35.07
N PHE C 60 32.34 -46.54 -35.78
CA PHE C 60 33.24 -45.54 -36.36
C PHE C 60 34.07 -44.87 -35.27
N ILE C 61 33.40 -44.46 -34.17
CA ILE C 61 34.14 -43.90 -33.04
C ILE C 61 35.13 -44.93 -32.49
N PHE C 62 34.68 -46.18 -32.35
CA PHE C 62 35.53 -47.22 -31.80
C PHE C 62 36.74 -47.46 -32.69
N ASP C 63 36.53 -47.55 -34.01
CA ASP C 63 37.62 -47.88 -34.92
C ASP C 63 38.58 -46.71 -35.08
N VAL C 64 38.07 -45.49 -35.18
CA VAL C 64 38.95 -44.33 -35.31
C VAL C 64 39.87 -44.22 -34.11
N GLY C 65 39.29 -44.30 -32.90
CA GLY C 65 40.09 -44.14 -31.70
C GLY C 65 41.03 -45.29 -31.45
N THR C 66 40.64 -46.51 -31.82
CA THR C 66 41.54 -47.64 -31.67
C THR C 66 42.77 -47.46 -32.57
N ARG C 67 42.57 -46.99 -33.80
CA ARG C 67 43.70 -46.71 -34.67
C ARG C 67 44.63 -45.68 -34.06
N LEU C 68 44.07 -44.69 -33.35
CA LEU C 68 44.85 -43.65 -32.71
C LEU C 68 45.45 -44.09 -31.38
N GLY C 69 45.18 -45.32 -30.95
CA GLY C 69 45.76 -45.82 -29.71
C GLY C 69 45.05 -45.39 -28.45
N LEU C 70 43.75 -45.09 -28.52
CA LEU C 70 43.06 -44.49 -27.39
C LEU C 70 42.57 -45.53 -26.38
N HIS C 71 42.62 -45.15 -25.11
CA HIS C 71 42.13 -45.95 -23.99
C HIS C 71 40.66 -46.33 -24.18
N TYR C 72 40.28 -47.46 -23.58
CA TYR C 72 38.92 -47.96 -23.79
C TYR C 72 37.88 -47.03 -23.19
N ASP C 73 38.22 -46.36 -22.08
CA ASP C 73 37.30 -45.37 -21.52
C ASP C 73 37.07 -44.21 -22.49
N THR C 74 38.13 -43.76 -23.16
CA THR C 74 37.98 -42.65 -24.09
C THR C 74 37.06 -43.03 -25.24
N LEU C 75 37.18 -44.26 -25.75
CA LEU C 75 36.29 -44.71 -26.81
C LEU C 75 34.85 -44.75 -26.30
N ALA C 76 34.66 -45.31 -25.10
CA ALA C 76 33.31 -45.44 -24.56
C ALA C 76 32.68 -44.08 -24.29
N THR C 77 33.46 -43.13 -23.77
CA THR C 77 32.93 -41.80 -23.49
C THR C 77 32.43 -41.15 -24.76
N GLY C 78 33.24 -41.18 -25.83
CA GLY C 78 32.79 -40.63 -27.09
C GLY C 78 31.52 -41.30 -27.58
N ILE C 79 31.42 -42.60 -27.40
CA ILE C 79 30.23 -43.33 -27.84
C ILE C 79 29.02 -42.92 -27.01
N ILE C 80 29.22 -42.66 -25.71
CA ILE C 80 28.10 -42.28 -24.86
C ILE C 80 27.60 -40.88 -25.24
N TYR C 81 28.53 -39.95 -25.46
CA TYR C 81 28.17 -38.65 -26.01
C TYR C 81 27.37 -38.81 -27.30
N PHE C 82 27.87 -39.68 -28.19
CA PHE C 82 27.20 -39.91 -29.47
C PHE C 82 25.77 -40.39 -29.28
N HIS C 83 25.58 -41.42 -28.45
CA HIS C 83 24.23 -41.95 -28.24
C HIS C 83 23.32 -40.89 -27.64
N ARG C 84 23.81 -40.17 -26.63
CA ARG C 84 22.98 -39.14 -26.00
C ARG C 84 22.65 -38.03 -26.98
N PHE C 85 23.61 -37.64 -27.81
CA PHE C 85 23.39 -36.57 -28.78
C PHE C 85 22.13 -36.80 -29.61
N TYR C 86 21.98 -38.00 -30.18
CA TYR C 86 20.88 -38.27 -31.08
C TYR C 86 19.59 -38.64 -30.35
N MET C 87 19.58 -38.57 -29.02
CA MET C 87 18.34 -38.51 -28.30
C MET C 87 17.70 -37.12 -28.38
N PHE C 88 18.50 -36.10 -28.68
CA PHE C 88 18.02 -34.73 -28.77
C PHE C 88 18.03 -34.20 -30.21
N HIS C 89 18.58 -34.95 -31.16
CA HIS C 89 18.72 -34.50 -32.54
C HIS C 89 18.44 -35.65 -33.50
N SER C 90 18.24 -35.29 -34.76
CA SER C 90 17.93 -36.26 -35.81
C SER C 90 19.15 -36.61 -36.65
N PHE C 91 19.23 -37.87 -37.07
CA PHE C 91 20.32 -38.29 -37.95
C PHE C 91 20.23 -37.67 -39.34
N LYS C 92 19.06 -37.20 -39.76
CA LYS C 92 18.95 -36.60 -41.10
C LYS C 92 19.53 -35.19 -41.16
N GLN C 93 19.62 -34.49 -40.04
CA GLN C 93 20.16 -33.15 -39.99
C GLN C 93 21.58 -33.09 -39.46
N PHE C 94 22.01 -34.10 -38.71
CA PHE C 94 23.40 -34.16 -38.23
C PHE C 94 24.07 -35.44 -38.72
N PRO C 95 24.99 -35.35 -39.69
CA PRO C 95 25.71 -36.54 -40.13
C PRO C 95 26.39 -37.26 -38.98
N ARG C 96 26.18 -38.58 -38.92
CA ARG C 96 26.68 -39.35 -37.78
C ARG C 96 28.20 -39.36 -37.71
N TYR C 97 28.88 -39.51 -38.84
CA TYR C 97 30.33 -39.64 -38.80
C TYR C 97 31.00 -38.34 -38.38
N VAL C 98 30.43 -37.19 -38.74
CA VAL C 98 30.94 -35.92 -38.21
C VAL C 98 30.70 -35.87 -36.71
N THR C 99 29.47 -36.15 -36.29
CA THR C 99 29.15 -36.20 -34.86
C THR C 99 30.07 -37.16 -34.13
N GLY C 100 30.24 -38.37 -34.67
CA GLY C 100 31.13 -39.33 -34.03
C GLY C 100 32.53 -38.77 -33.85
N ALA C 101 33.10 -38.20 -34.91
CA ALA C 101 34.44 -37.62 -34.81
C ALA C 101 34.47 -36.50 -33.76
N CYS C 102 33.42 -35.69 -33.70
CA CYS C 102 33.38 -34.64 -32.70
C CYS C 102 33.31 -35.21 -31.29
N CYS C 103 32.47 -36.23 -31.09
CA CYS C 103 32.37 -36.85 -29.78
C CYS C 103 33.71 -37.43 -29.34
N LEU C 104 34.41 -38.11 -30.25
CA LEU C 104 35.73 -38.64 -29.91
C LEU C 104 36.71 -37.51 -29.62
N PHE C 105 36.64 -36.43 -30.39
CA PHE C 105 37.52 -35.29 -30.14
C PHE C 105 37.30 -34.72 -28.74
N LEU C 106 36.05 -34.54 -28.33
CA LEU C 106 35.77 -34.03 -26.99
C LEU C 106 36.10 -35.06 -25.93
N ALA C 107 35.76 -36.33 -26.19
CA ALA C 107 36.05 -37.38 -25.22
C ALA C 107 37.53 -37.42 -24.87
N GLY C 108 38.40 -37.25 -25.87
CA GLY C 108 39.83 -37.25 -25.59
C GLY C 108 40.24 -36.20 -24.59
N LYS C 109 39.68 -34.99 -24.71
CA LYS C 109 40.00 -33.93 -23.76
C LYS C 109 39.40 -34.22 -22.39
N VAL C 110 38.17 -34.76 -22.35
CA VAL C 110 37.54 -35.03 -21.07
C VAL C 110 38.32 -36.09 -20.29
N GLU C 111 38.72 -37.16 -20.98
CA GLU C 111 39.39 -38.28 -20.35
C GLU C 111 40.91 -38.13 -20.32
N GLU C 112 41.42 -36.96 -20.68
CA GLU C 112 42.86 -36.67 -20.62
C GLU C 112 43.65 -37.60 -21.54
N THR C 113 43.06 -37.93 -22.70
CA THR C 113 43.75 -38.63 -23.77
C THR C 113 43.59 -37.82 -25.04
N PRO C 114 44.10 -36.59 -25.07
CA PRO C 114 43.75 -35.65 -26.14
C PRO C 114 44.37 -36.03 -27.47
N LYS C 115 43.65 -35.67 -28.54
CA LYS C 115 44.13 -35.81 -29.90
C LYS C 115 43.82 -34.52 -30.65
N LYS C 116 44.65 -34.21 -31.64
CA LYS C 116 44.38 -33.04 -32.48
C LYS C 116 43.30 -33.39 -33.48
N CYS C 117 42.40 -32.42 -33.72
CA CYS C 117 41.27 -32.69 -34.61
C CYS C 117 41.74 -33.11 -36.00
N LYS C 118 42.85 -32.54 -36.48
CA LYS C 118 43.36 -32.92 -37.79
C LYS C 118 43.73 -34.41 -37.83
N ASP C 119 44.22 -34.95 -36.72
CA ASP C 119 44.58 -36.37 -36.70
C ASP C 119 43.34 -37.26 -36.71
N ILE C 120 42.26 -36.83 -36.06
CA ILE C 120 41.03 -37.61 -36.12
C ILE C 120 40.46 -37.60 -37.54
N ILE C 121 40.54 -36.45 -38.21
CA ILE C 121 40.08 -36.38 -39.60
C ILE C 121 40.91 -37.29 -40.48
N LYS C 122 42.24 -37.22 -40.33
CA LYS C 122 43.13 -38.07 -41.09
C LYS C 122 42.73 -39.55 -40.96
N THR C 123 42.51 -39.99 -39.73
CA THR C 123 42.13 -41.38 -39.50
C THR C 123 40.72 -41.66 -40.01
N ALA C 124 39.80 -40.70 -39.82
CA ALA C 124 38.45 -40.89 -40.34
C ALA C 124 38.46 -41.03 -41.86
N ARG C 125 39.35 -40.29 -42.53
CA ARG C 125 39.46 -40.40 -43.98
C ARG C 125 40.03 -41.76 -44.39
N SER C 126 41.02 -42.24 -43.64
CA SER C 126 41.61 -43.54 -43.95
C SER C 126 40.57 -44.65 -43.90
N LEU C 127 39.63 -44.55 -42.96
CA LEU C 127 38.71 -45.66 -42.72
C LEU C 127 37.42 -45.53 -43.52
N LEU C 128 37.03 -44.31 -43.89
CA LEU C 128 35.78 -44.08 -44.62
C LEU C 128 36.03 -44.06 -46.12
N ASN C 129 35.04 -44.51 -46.88
CA ASN C 129 35.11 -44.42 -48.33
C ASN C 129 34.82 -42.98 -48.76
N ASP C 130 34.81 -42.74 -50.06
CA ASP C 130 34.61 -41.37 -50.55
C ASP C 130 33.18 -40.92 -50.33
N VAL C 131 32.21 -41.80 -50.54
CA VAL C 131 30.80 -41.44 -50.33
C VAL C 131 30.56 -41.04 -48.89
N GLN C 132 31.17 -41.76 -47.95
CA GLN C 132 30.93 -41.51 -46.53
C GLN C 132 31.64 -40.25 -46.05
N PHE C 133 32.91 -40.08 -46.43
CA PHE C 133 33.63 -38.87 -46.06
C PHE C 133 33.02 -37.62 -46.68
N GLY C 134 32.09 -37.78 -47.62
CA GLY C 134 31.41 -36.62 -48.17
C GLY C 134 30.63 -35.83 -47.15
N GLN C 135 30.30 -36.46 -46.01
CA GLN C 135 29.58 -35.76 -44.95
C GLN C 135 30.41 -34.62 -44.38
N PHE C 136 31.72 -34.84 -44.21
CA PHE C 136 32.60 -33.82 -43.67
C PHE C 136 32.69 -32.60 -44.55
N GLY C 137 32.04 -32.63 -45.71
CA GLY C 137 31.93 -31.50 -46.58
C GLY C 137 33.27 -31.06 -47.11
N ASP C 138 33.36 -29.79 -47.46
CA ASP C 138 34.55 -29.25 -48.11
C ASP C 138 35.68 -29.03 -47.12
N ASP C 139 35.36 -28.80 -45.85
CA ASP C 139 36.35 -28.55 -44.80
C ASP C 139 36.05 -29.46 -43.62
N PRO C 140 36.60 -30.67 -43.60
CA PRO C 140 36.26 -31.62 -42.51
C PRO C 140 36.52 -31.08 -41.12
N LYS C 141 37.71 -30.51 -40.86
CA LYS C 141 38.02 -30.04 -39.51
C LYS C 141 36.99 -29.02 -39.05
N GLU C 142 36.66 -28.05 -39.90
CA GLU C 142 35.72 -27.00 -39.51
C GLU C 142 34.36 -27.59 -39.11
N GLU C 143 33.84 -28.53 -39.89
CA GLU C 143 32.54 -29.11 -39.56
C GLU C 143 32.59 -29.75 -38.18
N VAL C 144 33.69 -30.43 -37.86
CA VAL C 144 33.82 -31.10 -36.57
C VAL C 144 33.97 -30.08 -35.44
N MET C 145 34.88 -29.12 -35.60
CA MET C 145 35.14 -28.17 -34.53
C MET C 145 33.91 -27.33 -34.23
N VAL C 146 33.18 -26.93 -35.28
CA VAL C 146 31.98 -26.13 -35.09
C VAL C 146 30.96 -26.88 -34.25
N LEU C 147 30.83 -28.19 -34.48
CA LEU C 147 29.85 -28.99 -33.77
C LEU C 147 30.10 -29.06 -32.27
N GLU C 148 31.34 -28.81 -31.83
CA GLU C 148 31.65 -28.91 -30.41
C GLU C 148 30.69 -28.07 -29.58
N ARG C 149 30.30 -26.89 -30.10
CA ARG C 149 29.37 -26.04 -29.37
C ARG C 149 28.05 -26.76 -29.10
N ILE C 150 27.47 -27.37 -30.14
CA ILE C 150 26.20 -28.05 -29.96
C ILE C 150 26.37 -29.24 -29.02
N LEU C 151 27.44 -30.00 -29.20
CA LEU C 151 27.65 -31.19 -28.38
C LEU C 151 27.66 -30.85 -26.91
N LEU C 152 28.48 -29.87 -26.51
CA LEU C 152 28.55 -29.49 -25.11
C LEU C 152 27.19 -29.08 -24.57
N GLN C 153 26.48 -28.21 -25.30
CA GLN C 153 25.14 -27.81 -24.87
C GLN C 153 24.20 -29.01 -24.83
N THR C 154 24.31 -29.90 -25.81
CA THR C 154 23.40 -31.05 -25.87
C THR C 154 23.59 -31.98 -24.68
N ILE C 155 24.84 -32.28 -24.32
CA ILE C 155 25.09 -33.18 -23.21
C ILE C 155 25.07 -32.39 -21.90
N LYS C 156 24.57 -31.16 -21.96
CA LYS C 156 24.31 -30.35 -20.76
C LYS C 156 25.56 -30.20 -19.89
N PHE C 157 26.73 -30.13 -20.54
CA PHE C 157 28.01 -29.97 -19.86
C PHE C 157 28.21 -30.98 -18.73
N ASP C 158 27.50 -32.11 -18.76
CA ASP C 158 27.74 -33.21 -17.82
C ASP C 158 28.75 -34.14 -18.47
N LEU C 159 30.03 -33.87 -18.22
CA LEU C 159 31.11 -34.55 -18.94
C LEU C 159 31.57 -35.84 -18.29
N GLN C 160 31.45 -35.96 -16.96
CA GLN C 160 31.91 -37.15 -16.27
C GLN C 160 30.97 -38.32 -16.56
N VAL C 161 31.55 -39.44 -16.97
CA VAL C 161 30.78 -40.63 -17.32
C VAL C 161 31.46 -41.85 -16.71
N GLU C 162 30.66 -42.76 -16.17
CA GLU C 162 31.13 -44.03 -15.65
C GLU C 162 30.76 -45.11 -16.65
N HIS C 163 31.59 -46.14 -16.75
CA HIS C 163 31.41 -47.18 -17.75
C HIS C 163 31.38 -48.55 -17.09
N PRO C 164 30.77 -49.53 -17.75
CA PRO C 164 30.69 -50.88 -17.15
C PRO C 164 32.06 -51.48 -16.82
N TYR C 165 33.12 -51.03 -17.50
CA TYR C 165 34.42 -51.65 -17.31
C TYR C 165 34.85 -51.59 -15.85
N GLN C 166 34.75 -50.41 -15.23
CA GLN C 166 35.27 -50.27 -13.87
C GLN C 166 34.50 -51.16 -12.89
N PHE C 167 33.22 -51.39 -13.14
CA PHE C 167 32.42 -52.22 -12.26
C PHE C 167 32.65 -53.70 -12.54
N LEU C 168 32.86 -54.06 -13.80
CA LEU C 168 33.25 -55.42 -14.12
C LEU C 168 34.49 -55.82 -13.35
N LEU C 169 35.47 -54.92 -13.26
CA LEU C 169 36.69 -55.23 -12.52
C LEU C 169 36.50 -55.08 -11.01
N LYS C 170 35.78 -54.04 -10.57
CA LYS C 170 35.55 -53.89 -9.13
C LYS C 170 34.84 -55.11 -8.56
N TYR C 171 33.85 -55.63 -9.30
CA TYR C 171 33.09 -56.78 -8.81
C TYR C 171 33.87 -58.07 -8.98
N ALA C 172 34.58 -58.22 -10.10
CA ALA C 172 35.37 -59.44 -10.31
C ALA C 172 36.45 -59.59 -9.25
N LYS C 173 37.02 -58.47 -8.78
CA LYS C 173 38.05 -58.55 -7.75
C LYS C 173 37.52 -59.18 -6.47
N GLN C 174 36.22 -59.12 -6.23
CA GLN C 174 35.62 -59.73 -5.04
C GLN C 174 35.23 -61.18 -5.26
N LEU C 175 35.53 -61.74 -6.42
CA LEU C 175 35.32 -63.16 -6.67
C LEU C 175 36.62 -63.91 -6.37
N LYS C 176 36.50 -65.02 -5.65
CA LYS C 176 37.65 -65.86 -5.32
C LYS C 176 37.33 -67.30 -5.69
N GLY C 177 38.28 -67.95 -6.36
CA GLY C 177 38.10 -69.30 -6.86
C GLY C 177 39.13 -69.59 -7.94
N ASP C 178 38.76 -70.49 -8.84
CA ASP C 178 39.64 -70.85 -9.95
C ASP C 178 40.03 -69.61 -10.74
N LYS C 179 41.34 -69.32 -10.75
CA LYS C 179 41.83 -68.13 -11.44
C LYS C 179 41.40 -68.13 -12.91
N ASN C 180 41.46 -69.28 -13.56
CA ASN C 180 41.22 -69.39 -14.99
C ASN C 180 39.76 -69.31 -15.37
N LYS C 181 38.86 -69.78 -14.51
CA LYS C 181 37.43 -69.67 -14.80
C LYS C 181 36.95 -68.24 -14.66
N ILE C 182 37.47 -67.52 -13.66
CA ILE C 182 37.08 -66.13 -13.46
C ILE C 182 37.65 -65.23 -14.55
N GLN C 183 38.90 -65.49 -14.97
CA GLN C 183 39.47 -64.71 -16.06
C GLN C 183 38.69 -64.95 -17.35
N LYS C 184 38.27 -66.20 -17.60
CA LYS C 184 37.40 -66.45 -18.75
C LYS C 184 36.09 -65.68 -18.60
N LEU C 185 35.53 -65.66 -17.39
CA LEU C 185 34.30 -64.90 -17.16
C LEU C 185 34.50 -63.43 -17.50
N VAL C 186 35.61 -62.85 -17.01
CA VAL C 186 35.84 -61.42 -17.19
C VAL C 186 36.00 -61.08 -18.67
N GLN C 187 36.89 -61.79 -19.38
CA GLN C 187 37.12 -61.45 -20.77
C GLN C 187 35.85 -61.55 -21.60
N MET C 188 35.10 -62.64 -21.42
CA MET C 188 33.84 -62.78 -22.15
C MET C 188 32.90 -61.63 -21.82
N ALA C 189 32.79 -61.28 -20.54
CA ALA C 189 31.96 -60.14 -20.15
C ALA C 189 32.51 -58.84 -20.72
N TRP C 190 33.85 -58.68 -20.69
CA TRP C 190 34.47 -57.49 -21.27
C TRP C 190 34.08 -57.34 -22.74
N THR C 191 34.16 -58.44 -23.50
CA THR C 191 33.73 -58.39 -24.90
C THR C 191 32.27 -57.98 -25.02
N PHE C 192 31.41 -58.50 -24.14
CA PHE C 192 30.00 -58.11 -24.18
C PHE C 192 29.84 -56.61 -23.91
N VAL C 193 30.68 -56.04 -23.03
CA VAL C 193 30.63 -54.61 -22.81
C VAL C 193 30.97 -53.85 -24.09
N ASN C 194 32.06 -54.25 -24.76
CA ASN C 194 32.43 -53.58 -26.00
C ASN C 194 31.30 -53.67 -27.03
N ASP C 195 30.59 -54.80 -27.06
CA ASP C 195 29.52 -54.98 -28.03
C ASP C 195 28.28 -54.17 -27.65
N SER C 196 28.04 -53.97 -26.36
CA SER C 196 26.89 -53.20 -25.91
C SER C 196 27.02 -51.71 -26.21
N LEU C 197 28.21 -51.25 -26.60
CA LEU C 197 28.41 -49.84 -26.92
C LEU C 197 27.76 -49.47 -28.24
N CYS C 198 27.41 -50.47 -29.06
CA CYS C 198 26.72 -50.27 -30.31
C CYS C 198 25.21 -50.18 -30.14
N THR C 199 24.71 -50.36 -28.93
CA THR C 199 23.28 -50.40 -28.64
C THR C 199 22.87 -49.23 -27.75
N THR C 200 21.58 -49.09 -27.56
CA THR C 200 21.00 -48.08 -26.68
C THR C 200 20.92 -48.53 -25.23
N LEU C 201 21.58 -49.64 -24.86
CA LEU C 201 21.63 -50.03 -23.46
C LEU C 201 22.26 -48.94 -22.61
N SER C 202 23.27 -48.24 -23.17
CA SER C 202 23.86 -47.12 -22.46
C SER C 202 22.83 -46.09 -22.06
N LEU C 203 21.73 -46.00 -22.81
CA LEU C 203 20.67 -45.03 -22.56
C LEU C 203 19.55 -45.59 -21.71
N GLN C 204 19.60 -46.88 -21.38
CA GLN C 204 18.54 -47.52 -20.61
C GLN C 204 18.93 -47.88 -19.19
N TRP C 205 20.18 -48.27 -18.96
CA TRP C 205 20.58 -48.83 -17.68
C TRP C 205 21.91 -48.23 -17.25
N GLU C 206 22.02 -47.96 -15.94
CA GLU C 206 23.27 -47.47 -15.40
C GLU C 206 24.40 -48.47 -15.69
N PRO C 207 25.65 -47.99 -15.76
CA PRO C 207 26.75 -48.91 -16.05
C PRO C 207 26.89 -50.04 -15.03
N GLU C 208 26.60 -49.77 -13.74
CA GLU C 208 26.70 -50.83 -12.75
C GLU C 208 25.85 -52.03 -13.14
N ILE C 209 24.64 -51.77 -13.64
CA ILE C 209 23.76 -52.86 -14.05
C ILE C 209 24.33 -53.57 -15.27
N ILE C 210 24.87 -52.81 -16.22
CA ILE C 210 25.43 -53.41 -17.42
C ILE C 210 26.55 -54.39 -17.04
N ALA C 211 27.42 -53.99 -16.13
CA ALA C 211 28.51 -54.87 -15.71
C ALA C 211 27.98 -56.17 -15.13
N VAL C 212 26.93 -56.08 -14.31
CA VAL C 212 26.33 -57.28 -13.74
C VAL C 212 25.72 -58.14 -14.85
N ALA C 213 24.99 -57.51 -15.76
CA ALA C 213 24.31 -58.26 -16.82
C ALA C 213 25.32 -59.07 -17.64
N VAL C 214 26.49 -58.50 -17.92
CA VAL C 214 27.48 -59.21 -18.72
C VAL C 214 28.16 -60.31 -17.92
N MET C 215 28.35 -60.12 -16.61
CA MET C 215 28.79 -61.24 -15.76
C MET C 215 27.76 -62.35 -15.75
N TYR C 216 26.49 -61.99 -15.59
CA TYR C 216 25.40 -62.95 -15.62
C TYR C 216 25.35 -63.70 -16.95
N LEU C 217 25.47 -62.98 -18.07
CA LEU C 217 25.42 -63.61 -19.37
C LEU C 217 26.57 -64.60 -19.56
N ALA C 218 27.80 -64.16 -19.28
CA ALA C 218 28.95 -65.04 -19.45
C ALA C 218 28.83 -66.28 -18.56
N GLY C 219 28.34 -66.10 -17.33
CA GLY C 219 28.19 -67.25 -16.43
C GLY C 219 27.27 -68.30 -17.01
N ARG C 220 26.12 -67.86 -17.53
CA ARG C 220 25.20 -68.78 -18.20
C ARG C 220 25.91 -69.48 -19.36
N LEU C 221 26.63 -68.72 -20.19
CA LEU C 221 27.26 -69.32 -21.35
C LEU C 221 28.37 -70.29 -20.95
N CYS C 222 29.19 -69.93 -19.95
CA CYS C 222 30.27 -70.80 -19.52
C CYS C 222 29.80 -71.84 -18.51
N LYS C 223 28.52 -71.84 -18.15
CA LYS C 223 27.98 -72.78 -17.17
C LYS C 223 28.71 -72.68 -15.83
N PHE C 224 28.97 -71.46 -15.40
CA PHE C 224 29.57 -71.18 -14.10
C PHE C 224 28.48 -70.72 -13.14
N GLU C 225 28.62 -71.08 -11.87
CA GLU C 225 27.72 -70.61 -10.80
C GLU C 225 28.50 -69.62 -9.93
N ILE C 226 28.31 -68.34 -10.23
CA ILE C 226 29.11 -67.25 -9.66
C ILE C 226 28.95 -67.13 -8.16
N GLN C 227 27.79 -67.50 -7.61
CA GLN C 227 27.57 -67.33 -6.18
C GLN C 227 28.65 -68.04 -5.38
N GLU C 228 29.13 -69.19 -5.88
CA GLU C 228 30.16 -69.93 -5.16
C GLU C 228 31.41 -69.10 -4.95
N TRP C 229 31.71 -68.18 -5.87
CA TRP C 229 32.89 -67.33 -5.77
C TRP C 229 32.70 -66.13 -4.87
N THR C 230 31.48 -65.89 -4.38
CA THR C 230 31.21 -64.72 -3.56
C THR C 230 31.43 -65.03 -2.08
N SER C 231 31.43 -63.99 -1.26
CA SER C 231 31.48 -64.15 0.18
C SER C 231 30.19 -64.72 0.75
N LYS C 232 29.14 -64.85 -0.06
CA LYS C 232 27.84 -65.36 0.35
C LYS C 232 27.47 -66.49 -0.60
N PRO C 233 28.15 -67.63 -0.49
CA PRO C 233 28.00 -68.69 -1.52
C PRO C 233 26.62 -69.34 -1.57
N MET C 234 25.77 -69.11 -0.58
CA MET C 234 24.42 -69.67 -0.56
C MET C 234 23.38 -68.62 -0.92
N TYR C 235 23.84 -67.46 -1.38
CA TYR C 235 23.00 -66.36 -1.85
C TYR C 235 22.94 -66.52 -3.37
N ARG C 236 21.87 -67.15 -3.84
CA ARG C 236 21.80 -67.54 -5.25
C ARG C 236 21.72 -66.33 -6.17
N ARG C 237 21.12 -65.23 -5.72
CA ARG C 237 21.11 -63.98 -6.48
C ARG C 237 22.40 -63.23 -6.13
N TRP C 238 23.50 -63.69 -6.74
CA TRP C 238 24.81 -63.23 -6.34
C TRP C 238 24.99 -61.73 -6.54
N TRP C 239 24.31 -61.15 -7.54
CA TRP C 239 24.57 -59.76 -7.90
C TRP C 239 24.04 -58.76 -6.88
N GLU C 240 23.08 -59.16 -6.05
CA GLU C 240 22.43 -58.20 -5.15
C GLU C 240 23.42 -57.54 -4.20
N GLN C 241 24.54 -58.19 -3.90
CA GLN C 241 25.56 -57.59 -3.05
C GLN C 241 26.37 -56.54 -3.79
N PHE C 242 26.40 -56.57 -5.12
CA PHE C 242 27.08 -55.57 -5.91
C PHE C 242 26.17 -54.42 -6.33
N VAL C 243 24.96 -54.74 -6.76
CA VAL C 243 24.00 -53.77 -7.27
C VAL C 243 22.67 -54.07 -6.60
N GLN C 244 22.21 -53.13 -5.77
CA GLN C 244 20.94 -53.32 -5.07
C GLN C 244 19.77 -52.99 -5.98
N ASP C 245 18.68 -53.74 -5.78
CA ASP C 245 17.39 -53.47 -6.44
C ASP C 245 17.43 -53.76 -7.93
N VAL C 246 18.08 -54.84 -8.35
CA VAL C 246 18.07 -55.21 -9.75
C VAL C 246 17.35 -56.55 -9.89
N PRO C 247 16.18 -56.58 -10.53
CA PRO C 247 15.50 -57.85 -10.79
C PRO C 247 16.16 -58.62 -11.93
N VAL C 248 15.90 -59.92 -11.95
CA VAL C 248 16.38 -60.73 -13.06
C VAL C 248 15.74 -60.26 -14.37
N ASP C 249 14.52 -59.71 -14.28
CA ASP C 249 13.86 -59.17 -15.47
C ASP C 249 14.81 -58.27 -16.25
N VAL C 250 15.51 -57.38 -15.54
CA VAL C 250 16.39 -56.43 -16.18
C VAL C 250 17.59 -57.14 -16.79
N LEU C 251 18.26 -57.98 -16.01
CA LEU C 251 19.45 -58.67 -16.52
C LEU C 251 19.12 -59.54 -17.72
N GLU C 252 17.92 -60.13 -17.76
CA GLU C 252 17.53 -60.92 -18.93
C GLU C 252 17.25 -60.03 -20.13
N ASP C 253 16.55 -58.90 -19.92
CA ASP C 253 16.32 -57.97 -21.01
C ASP C 253 17.64 -57.52 -21.63
N ILE C 254 18.64 -57.23 -20.79
CA ILE C 254 19.94 -56.81 -21.30
C ILE C 254 20.60 -57.94 -22.06
N CYS C 255 20.61 -59.15 -21.49
CA CYS C 255 21.21 -60.28 -22.16
C CYS C 255 20.57 -60.53 -23.52
N HIS C 256 19.24 -60.44 -23.58
CA HIS C 256 18.53 -60.63 -24.84
C HIS C 256 19.00 -59.62 -25.88
N GLN C 257 19.13 -58.36 -25.47
CA GLN C 257 19.54 -57.32 -26.41
C GLN C 257 20.97 -57.53 -26.89
N ILE C 258 21.87 -57.97 -26.01
CA ILE C 258 23.25 -58.21 -26.42
C ILE C 258 23.33 -59.36 -27.42
N LEU C 259 22.70 -60.49 -27.08
CA LEU C 259 22.78 -61.65 -27.97
C LEU C 259 22.06 -61.41 -29.28
N ASP C 260 21.07 -60.51 -29.31
CA ASP C 260 20.40 -60.21 -30.57
C ASP C 260 21.39 -59.69 -31.60
N LEU C 261 22.34 -58.86 -31.16
CA LEU C 261 23.37 -58.35 -32.06
C LEU C 261 24.11 -59.50 -32.72
N TYR C 262 24.52 -60.51 -31.93
CA TYR C 262 25.26 -61.64 -32.50
C TYR C 262 24.37 -62.41 -33.47
N SER C 263 23.12 -62.68 -33.09
CA SER C 263 22.22 -63.44 -33.95
C SER C 263 21.97 -62.71 -35.27
N GLN C 264 21.71 -61.41 -35.20
CA GLN C 264 21.51 -60.63 -36.42
C GLN C 264 22.75 -60.67 -37.28
N GLY C 265 23.92 -60.51 -36.66
CA GLY C 265 25.16 -60.59 -37.40
C GLY C 265 25.57 -62.04 -37.62
N LYS C 266 26.55 -62.21 -38.51
CA LYS C 266 27.13 -63.53 -38.72
C LYS C 266 27.93 -64.00 -37.50
N GLN C 267 28.41 -63.07 -36.68
CA GLN C 267 29.25 -63.37 -35.53
C GLN C 267 28.50 -64.15 -34.45
N GLN C 268 29.23 -64.98 -33.71
CA GLN C 268 28.69 -65.82 -32.65
C GLN C 268 29.31 -65.46 -31.30
N MET C 269 28.71 -65.97 -30.23
CA MET C 269 29.19 -65.70 -28.87
C MET C 269 30.68 -66.04 -28.76
N PRO C 270 31.48 -65.25 -28.06
CA PRO C 270 32.94 -65.52 -28.06
C PRO C 270 33.33 -66.89 -27.53
N HIS C 271 32.78 -67.28 -26.38
CA HIS C 271 33.14 -68.52 -25.69
C HIS C 271 34.58 -68.94 -25.93
N MET D 5 -40.21 -10.14 -48.57
CA MET D 5 -39.50 -11.43 -48.87
C MET D 5 -38.28 -11.14 -49.74
N SER D 6 -37.34 -12.07 -49.78
CA SER D 6 -36.13 -11.93 -50.56
C SER D 6 -36.06 -13.05 -51.59
N TYR D 7 -35.45 -12.74 -52.72
CA TYR D 7 -35.42 -13.64 -53.87
C TYR D 7 -33.99 -13.82 -54.32
N ASN D 8 -33.52 -15.07 -54.34
CA ASN D 8 -32.13 -15.37 -54.65
C ASN D 8 -32.04 -16.62 -55.53
N TYR D 9 -30.86 -16.80 -56.13
CA TYR D 9 -30.57 -17.81 -57.14
C TYR D 9 -29.22 -18.41 -56.80
N VAL D 10 -29.16 -19.73 -56.70
CA VAL D 10 -27.95 -20.45 -56.29
C VAL D 10 -27.52 -21.39 -57.42
N VAL D 11 -26.26 -21.29 -57.80
CA VAL D 11 -25.70 -22.09 -58.89
C VAL D 11 -24.37 -22.68 -58.44
N THR D 12 -24.05 -23.86 -59.00
CA THR D 12 -22.76 -24.50 -58.80
C THR D 12 -21.78 -23.98 -59.85
N ALA D 13 -20.65 -23.43 -59.40
CA ALA D 13 -19.57 -23.05 -60.30
C ALA D 13 -18.56 -24.17 -60.49
N GLN D 14 -18.30 -24.95 -59.45
CA GLN D 14 -17.44 -26.12 -59.51
C GLN D 14 -18.14 -27.24 -58.75
N LYS D 15 -18.32 -28.39 -59.39
CA LYS D 15 -18.99 -29.49 -58.75
C LYS D 15 -18.13 -30.08 -57.63
N PRO D 16 -18.75 -30.83 -56.71
CA PRO D 16 -17.97 -31.47 -55.66
C PRO D 16 -16.84 -32.31 -56.23
N THR D 17 -15.65 -32.15 -55.64
CA THR D 17 -14.45 -32.84 -56.10
C THR D 17 -13.99 -33.93 -55.14
N ALA D 18 -14.40 -33.86 -53.87
CA ALA D 18 -13.95 -34.83 -52.87
C ALA D 18 -14.64 -36.16 -53.05
N VAL D 19 -13.89 -37.23 -52.81
CA VAL D 19 -14.39 -38.60 -52.96
C VAL D 19 -14.98 -39.05 -51.63
N ASN D 20 -16.28 -39.32 -51.63
CA ASN D 20 -16.96 -39.80 -50.42
C ASN D 20 -17.02 -41.32 -50.34
N GLY D 21 -16.98 -41.99 -51.49
CA GLY D 21 -16.93 -43.45 -51.50
C GLY D 21 -16.78 -43.95 -52.92
N CYS D 22 -16.34 -45.21 -53.02
CA CYS D 22 -16.16 -45.80 -54.35
C CYS D 22 -16.22 -47.31 -54.26
N VAL D 23 -16.80 -47.94 -55.29
CA VAL D 23 -16.95 -49.38 -55.36
C VAL D 23 -16.54 -49.86 -56.75
N THR D 24 -16.31 -51.17 -56.85
CA THR D 24 -15.99 -51.85 -58.10
C THR D 24 -16.99 -52.97 -58.34
N GLY D 25 -17.13 -53.35 -59.61
CA GLY D 25 -18.07 -54.41 -59.96
C GLY D 25 -18.35 -54.44 -61.45
N HIS D 26 -19.54 -54.94 -61.78
CA HIS D 26 -19.97 -55.18 -63.16
C HIS D 26 -21.36 -54.59 -63.36
N PHE D 27 -21.42 -53.26 -63.41
CA PHE D 27 -22.67 -52.50 -63.41
C PHE D 27 -23.17 -52.20 -64.82
N THR D 28 -22.28 -51.78 -65.72
CA THR D 28 -22.70 -51.44 -67.08
C THR D 28 -22.84 -52.68 -67.97
N SER D 29 -22.01 -53.69 -67.76
CA SER D 29 -22.08 -54.93 -68.50
C SER D 29 -21.46 -56.03 -67.65
N ALA D 30 -21.92 -57.26 -67.85
CA ALA D 30 -21.34 -58.39 -67.13
C ALA D 30 -19.88 -58.61 -67.53
N GLU D 31 -19.42 -57.97 -68.60
CA GLU D 31 -18.06 -58.09 -69.10
C GLU D 31 -17.17 -56.96 -68.61
N ASP D 32 -17.71 -55.74 -68.58
CA ASP D 32 -16.93 -54.59 -68.16
C ASP D 32 -16.61 -54.66 -66.67
N LEU D 33 -15.44 -54.13 -66.31
CA LEU D 33 -15.10 -53.90 -64.91
C LEU D 33 -15.31 -52.41 -64.64
N ASN D 34 -16.21 -52.09 -63.72
CA ASN D 34 -16.60 -50.72 -63.47
C ASN D 34 -15.95 -50.18 -62.21
N LEU D 35 -15.78 -48.86 -62.17
CA LEU D 35 -15.44 -48.13 -60.95
C LEU D 35 -16.46 -47.01 -60.81
N LEU D 36 -17.29 -47.08 -59.79
CA LEU D 36 -18.27 -46.04 -59.50
C LEU D 36 -17.72 -45.18 -58.36
N ILE D 37 -17.55 -43.88 -58.62
CA ILE D 37 -17.01 -42.95 -57.64
C ILE D 37 -18.15 -42.03 -57.23
N ALA D 38 -18.37 -41.91 -55.93
CA ALA D 38 -19.46 -41.10 -55.39
C ALA D 38 -18.91 -39.81 -54.79
N LYS D 39 -19.36 -38.68 -55.34
CA LYS D 39 -19.24 -37.35 -54.75
C LYS D 39 -20.56 -36.99 -54.10
N ASN D 40 -20.54 -35.94 -53.29
CA ASN D 40 -21.69 -35.67 -52.42
C ASN D 40 -23.02 -35.84 -53.13
N THR D 41 -23.19 -35.20 -54.27
CA THR D 41 -24.41 -35.31 -55.05
C THR D 41 -24.19 -35.89 -56.45
N ARG D 42 -22.96 -36.28 -56.79
CA ARG D 42 -22.63 -36.73 -58.14
C ARG D 42 -22.16 -38.17 -58.11
N LEU D 43 -22.68 -38.97 -59.03
CA LEU D 43 -22.26 -40.36 -59.24
C LEU D 43 -21.53 -40.44 -60.58
N GLU D 44 -20.28 -40.90 -60.55
CA GLU D 44 -19.45 -41.03 -61.74
C GLU D 44 -19.19 -42.49 -62.03
N ILE D 45 -19.42 -42.90 -63.28
CA ILE D 45 -19.26 -44.29 -63.69
C ILE D 45 -18.09 -44.37 -64.66
N TYR D 46 -17.13 -45.26 -64.37
CA TYR D 46 -15.95 -45.46 -65.21
C TYR D 46 -15.83 -46.93 -65.59
N VAL D 47 -15.03 -47.19 -66.63
CA VAL D 47 -14.66 -48.55 -67.03
C VAL D 47 -13.14 -48.69 -66.97
N VAL D 48 -12.68 -49.80 -66.40
CA VAL D 48 -11.26 -50.01 -66.14
C VAL D 48 -10.55 -50.48 -67.40
N THR D 49 -9.44 -49.83 -67.74
CA THR D 49 -8.57 -50.23 -68.83
C THR D 49 -7.17 -50.50 -68.27
N ALA D 50 -6.25 -50.89 -69.15
CA ALA D 50 -4.85 -51.01 -68.79
C ALA D 50 -4.17 -49.65 -68.75
N GLU D 51 -4.86 -48.61 -69.20
CA GLU D 51 -4.34 -47.25 -69.32
C GLU D 51 -4.75 -46.34 -68.17
N GLY D 52 -5.97 -46.53 -67.67
CA GLY D 52 -6.54 -45.66 -66.66
C GLY D 52 -8.02 -45.94 -66.54
N LEU D 53 -8.83 -44.89 -66.46
CA LEU D 53 -10.27 -45.00 -66.33
C LEU D 53 -10.92 -44.37 -67.56
N ARG D 54 -11.88 -45.07 -68.15
CA ARG D 54 -12.65 -44.53 -69.27
C ARG D 54 -14.02 -44.10 -68.78
N PRO D 55 -14.35 -42.81 -68.83
CA PRO D 55 -15.68 -42.37 -68.41
C PRO D 55 -16.76 -42.85 -69.36
N VAL D 56 -17.93 -43.15 -68.80
CA VAL D 56 -19.05 -43.62 -69.60
C VAL D 56 -20.29 -42.75 -69.34
N LYS D 57 -20.52 -42.39 -68.08
CA LYS D 57 -21.74 -41.67 -67.72
C LYS D 57 -21.55 -41.03 -66.36
N GLU D 58 -22.14 -39.84 -66.19
CA GLU D 58 -22.20 -39.16 -64.90
C GLU D 58 -23.62 -38.65 -64.68
N VAL D 59 -24.16 -38.90 -63.49
CA VAL D 59 -25.48 -38.40 -63.11
C VAL D 59 -25.37 -37.64 -61.80
N GLY D 60 -26.28 -36.68 -61.62
CA GLY D 60 -26.50 -36.05 -60.35
C GLY D 60 -27.75 -36.62 -59.69
N MET D 61 -27.77 -36.61 -58.37
CA MET D 61 -28.93 -37.06 -57.61
C MET D 61 -29.44 -35.95 -56.71
N TYR D 62 -30.75 -35.95 -56.48
CA TYR D 62 -31.38 -34.99 -55.57
C TYR D 62 -31.23 -35.50 -54.13
N GLY D 63 -29.97 -35.62 -53.72
CA GLY D 63 -29.66 -36.19 -52.43
C GLY D 63 -28.18 -36.47 -52.22
N LYS D 64 -27.76 -36.43 -50.95
CA LYS D 64 -26.40 -36.77 -50.56
C LYS D 64 -26.25 -38.28 -50.47
N ILE D 65 -25.27 -38.82 -51.18
CA ILE D 65 -25.08 -40.27 -51.25
C ILE D 65 -24.45 -40.75 -49.95
N ALA D 66 -25.23 -41.50 -49.15
CA ALA D 66 -24.74 -42.06 -47.90
C ALA D 66 -24.27 -43.50 -48.03
N VAL D 67 -25.03 -44.34 -48.74
CA VAL D 67 -24.65 -45.72 -48.98
C VAL D 67 -24.59 -45.95 -50.49
N MET D 68 -23.58 -46.70 -50.92
CA MET D 68 -23.48 -47.09 -52.33
C MET D 68 -22.84 -48.47 -52.36
N GLU D 69 -23.59 -49.50 -52.74
CA GLU D 69 -23.08 -50.85 -52.78
C GLU D 69 -23.65 -51.56 -54.01
N LEU D 70 -22.77 -52.28 -54.70
CA LEU D 70 -23.16 -53.06 -55.86
C LEU D 70 -23.50 -54.48 -55.42
N PHE D 71 -24.54 -55.04 -56.04
CA PHE D 71 -24.96 -56.38 -55.72
C PHE D 71 -25.60 -56.97 -56.97
N ARG D 72 -25.67 -58.30 -57.01
CA ARG D 72 -26.21 -59.01 -58.18
C ARG D 72 -27.11 -60.12 -57.69
N PRO D 73 -28.42 -59.88 -57.63
CA PRO D 73 -29.34 -60.91 -57.11
C PRO D 73 -29.51 -62.07 -58.07
N LYS D 74 -29.88 -63.21 -57.50
CA LYS D 74 -30.12 -64.42 -58.28
C LYS D 74 -31.06 -64.11 -59.44
N GLY D 75 -30.63 -64.46 -60.65
CA GLY D 75 -31.43 -64.25 -61.84
C GLY D 75 -31.02 -63.08 -62.72
N GLU D 76 -30.18 -62.17 -62.23
CA GLU D 76 -29.79 -60.99 -62.99
C GLU D 76 -28.59 -61.24 -63.89
N SER D 77 -28.56 -60.49 -65.01
CA SER D 77 -27.46 -60.58 -65.96
C SER D 77 -26.20 -59.87 -65.48
N LYS D 78 -26.37 -58.80 -64.70
CA LYS D 78 -25.24 -57.96 -64.29
C LYS D 78 -25.59 -57.30 -62.97
N ASP D 79 -24.61 -56.60 -62.40
CA ASP D 79 -24.77 -56.02 -61.08
C ASP D 79 -25.78 -54.88 -61.10
N LEU D 80 -26.52 -54.75 -60.00
CA LEU D 80 -27.40 -53.61 -59.73
C LEU D 80 -26.77 -52.75 -58.63
N LEU D 81 -27.18 -51.49 -58.60
CA LEU D 81 -26.60 -50.50 -57.69
C LEU D 81 -27.63 -50.08 -56.66
N PHE D 82 -27.27 -50.16 -55.39
CA PHE D 82 -28.10 -49.65 -54.30
C PHE D 82 -27.53 -48.33 -53.79
N ILE D 83 -28.40 -47.33 -53.61
CA ILE D 83 -27.98 -46.05 -53.05
C ILE D 83 -29.02 -45.57 -52.04
N LEU D 84 -28.52 -45.06 -50.91
CA LEU D 84 -29.32 -44.44 -49.86
C LEU D 84 -28.76 -43.06 -49.56
N THR D 85 -29.63 -42.04 -49.53
CA THR D 85 -29.20 -40.68 -49.26
C THR D 85 -29.31 -40.33 -47.78
N ALA D 86 -28.71 -39.20 -47.41
CA ALA D 86 -28.72 -38.73 -46.03
C ALA D 86 -30.10 -38.32 -45.55
N LYS D 87 -31.01 -38.02 -46.46
CA LYS D 87 -32.41 -37.80 -46.11
C LYS D 87 -33.21 -39.10 -46.18
N TYR D 88 -32.54 -40.24 -46.32
CA TYR D 88 -33.15 -41.56 -46.26
C TYR D 88 -33.95 -41.89 -47.51
N ASN D 89 -33.51 -41.39 -48.67
CA ASN D 89 -34.07 -41.81 -49.95
C ASN D 89 -33.30 -43.03 -50.45
N ALA D 90 -34.00 -44.15 -50.56
CA ALA D 90 -33.41 -45.41 -51.01
C ALA D 90 -33.84 -45.70 -52.44
N CYS D 91 -32.97 -46.37 -53.18
CA CYS D 91 -33.30 -46.75 -54.55
C CYS D 91 -32.35 -47.85 -55.01
N ILE D 92 -32.82 -48.63 -55.99
CA ILE D 92 -32.00 -49.60 -56.71
C ILE D 92 -31.96 -49.16 -58.17
N LEU D 93 -30.76 -49.07 -58.73
CA LEU D 93 -30.55 -48.50 -60.05
C LEU D 93 -30.00 -49.53 -61.01
N GLU D 94 -30.35 -49.37 -62.28
CA GLU D 94 -29.88 -50.23 -63.36
C GLU D 94 -29.32 -49.38 -64.49
N TYR D 95 -28.16 -49.79 -65.00
CA TYR D 95 -27.60 -49.17 -66.19
C TYR D 95 -28.21 -49.83 -67.42
N LYS D 96 -28.74 -49.01 -68.33
CA LYS D 96 -29.35 -49.52 -69.55
C LYS D 96 -28.92 -48.63 -70.71
N GLN D 97 -28.34 -49.23 -71.75
CA GLN D 97 -27.83 -48.50 -72.88
C GLN D 97 -28.26 -49.16 -74.18
N SER D 98 -28.84 -48.36 -75.08
CA SER D 98 -29.27 -48.81 -76.40
C SER D 98 -28.60 -47.91 -77.43
N GLY D 99 -27.49 -48.37 -78.01
CA GLY D 99 -26.71 -47.55 -78.88
C GLY D 99 -26.06 -46.43 -78.11
N GLU D 100 -26.30 -45.19 -78.51
CA GLU D 100 -25.75 -44.03 -77.82
C GLU D 100 -26.64 -43.51 -76.68
N SER D 101 -27.86 -44.03 -76.54
CA SER D 101 -28.79 -43.52 -75.54
C SER D 101 -28.51 -44.23 -74.21
N ILE D 102 -28.05 -43.48 -73.22
CA ILE D 102 -27.75 -44.00 -71.90
C ILE D 102 -28.77 -43.44 -70.92
N ASP D 103 -29.36 -44.33 -70.11
CA ASP D 103 -30.29 -43.94 -69.07
C ASP D 103 -29.98 -44.77 -67.83
N ILE D 104 -30.32 -44.23 -66.66
CA ILE D 104 -30.21 -44.94 -65.40
C ILE D 104 -31.62 -45.18 -64.92
N ILE D 105 -31.98 -46.46 -64.77
CA ILE D 105 -33.36 -46.86 -64.51
C ILE D 105 -33.56 -47.09 -63.02
N THR D 106 -34.68 -46.60 -62.51
CA THR D 106 -35.08 -46.80 -61.12
C THR D 106 -35.91 -48.06 -61.02
N ARG D 107 -35.30 -49.13 -60.49
CA ARG D 107 -35.99 -50.41 -60.36
C ARG D 107 -36.83 -50.44 -59.09
N ALA D 108 -36.38 -49.78 -58.04
CA ALA D 108 -37.08 -49.71 -56.76
C ALA D 108 -36.73 -48.39 -56.10
N HIS D 109 -37.67 -47.85 -55.33
CA HIS D 109 -37.40 -46.60 -54.63
C HIS D 109 -38.41 -46.37 -53.51
N GLY D 110 -37.95 -45.63 -52.50
CA GLY D 110 -38.79 -45.26 -51.38
C GLY D 110 -37.93 -44.60 -50.32
N ASN D 111 -38.61 -44.02 -49.33
CA ASN D 111 -37.94 -43.37 -48.20
C ASN D 111 -38.05 -44.27 -46.98
N VAL D 112 -36.90 -44.55 -46.36
CA VAL D 112 -36.79 -45.56 -45.32
C VAL D 112 -36.71 -44.93 -43.92
N GLN D 113 -37.07 -43.66 -43.80
CA GLN D 113 -36.99 -42.97 -42.52
C GLN D 113 -38.05 -43.50 -41.55
N ASP D 114 -37.65 -43.64 -40.28
CA ASP D 114 -38.55 -44.05 -39.21
C ASP D 114 -39.11 -42.83 -38.50
N ARG D 115 -40.37 -42.91 -38.05
CA ARG D 115 -40.93 -41.78 -37.33
C ARG D 115 -40.13 -41.51 -36.06
N ILE D 116 -39.75 -42.57 -35.33
CA ILE D 116 -39.08 -42.45 -34.05
C ILE D 116 -37.79 -43.26 -34.09
N GLY D 117 -36.67 -42.59 -33.84
CA GLY D 117 -35.38 -43.23 -33.78
C GLY D 117 -34.29 -42.22 -33.49
N ARG D 118 -33.18 -42.66 -32.88
CA ARG D 118 -32.07 -41.78 -32.62
C ARG D 118 -30.98 -42.02 -33.65
N PRO D 119 -30.67 -41.05 -34.51
CA PRO D 119 -29.59 -41.25 -35.49
C PRO D 119 -28.30 -41.65 -34.79
N SER D 120 -27.62 -42.65 -35.37
CA SER D 120 -26.47 -43.24 -34.71
C SER D 120 -25.26 -42.32 -34.77
N GLU D 121 -24.37 -42.49 -33.79
CA GLU D 121 -23.20 -41.63 -33.68
C GLU D 121 -22.25 -41.82 -34.86
N THR D 122 -22.00 -43.06 -35.26
CA THR D 122 -21.09 -43.34 -36.36
C THR D 122 -21.77 -43.28 -37.74
N GLY D 123 -22.98 -42.74 -37.81
CA GLY D 123 -23.61 -42.48 -39.10
C GLY D 123 -24.27 -43.69 -39.72
N ILE D 124 -24.85 -43.45 -40.90
CA ILE D 124 -25.55 -44.50 -41.63
C ILE D 124 -24.56 -45.56 -42.08
N ILE D 125 -24.91 -46.83 -41.87
CA ILE D 125 -24.17 -47.97 -42.42
C ILE D 125 -25.13 -48.79 -43.27
N GLY D 126 -24.68 -49.18 -44.46
CA GLY D 126 -25.46 -50.03 -45.34
C GLY D 126 -24.68 -51.23 -45.84
N ILE D 127 -25.28 -52.43 -45.74
CA ILE D 127 -24.63 -53.68 -46.09
C ILE D 127 -25.63 -54.57 -46.83
N ILE D 128 -25.11 -55.50 -47.64
CA ILE D 128 -25.95 -56.41 -48.42
C ILE D 128 -25.45 -57.85 -48.24
N ASP D 129 -26.40 -58.77 -48.13
CA ASP D 129 -26.11 -60.18 -47.91
C ASP D 129 -25.27 -60.74 -49.07
N PRO D 130 -24.35 -61.67 -48.78
CA PRO D 130 -23.55 -62.24 -49.88
C PRO D 130 -24.39 -62.95 -50.93
N GLU D 131 -25.50 -63.55 -50.51
CA GLU D 131 -26.45 -64.20 -51.41
C GLU D 131 -27.49 -63.22 -51.93
N CYS D 132 -27.30 -61.92 -51.65
CA CYS D 132 -28.19 -60.86 -52.11
C CYS D 132 -29.64 -61.16 -51.74
N ARG D 133 -29.84 -61.56 -50.48
CA ARG D 133 -31.18 -61.80 -49.98
C ARG D 133 -31.83 -60.56 -49.36
N MET D 134 -31.04 -59.64 -48.80
CA MET D 134 -31.62 -58.50 -48.10
C MET D 134 -30.60 -57.37 -48.07
N ILE D 135 -31.09 -56.18 -47.78
CA ILE D 135 -30.26 -55.01 -47.53
C ILE D 135 -30.34 -54.70 -46.05
N GLY D 136 -29.19 -54.67 -45.37
CA GLY D 136 -29.14 -54.29 -43.97
C GLY D 136 -28.81 -52.81 -43.84
N LEU D 137 -29.58 -52.12 -43.00
CA LEU D 137 -29.38 -50.71 -42.74
C LEU D 137 -29.28 -50.47 -41.25
N ARG D 138 -28.26 -49.72 -40.83
CA ARG D 138 -28.14 -49.23 -39.46
C ARG D 138 -28.34 -47.72 -39.53
N LEU D 139 -29.57 -47.28 -39.28
CA LEU D 139 -29.92 -45.87 -39.32
C LEU D 139 -29.99 -45.24 -37.94
N TYR D 140 -30.50 -45.98 -36.96
CA TYR D 140 -30.75 -45.46 -35.63
C TYR D 140 -30.16 -46.39 -34.58
N ASP D 141 -29.79 -45.81 -33.44
CA ASP D 141 -29.32 -46.62 -32.32
C ASP D 141 -30.42 -47.58 -31.90
N GLY D 142 -30.06 -48.84 -31.70
CA GLY D 142 -30.97 -49.83 -31.16
C GLY D 142 -31.95 -50.44 -32.14
N LEU D 143 -31.93 -50.05 -33.41
CA LEU D 143 -32.84 -50.60 -34.39
C LEU D 143 -32.03 -50.99 -35.62
N PHE D 144 -32.34 -52.17 -36.17
CA PHE D 144 -31.72 -52.67 -37.39
C PHE D 144 -32.81 -52.86 -38.42
N LYS D 145 -32.68 -52.16 -39.54
CA LYS D 145 -33.69 -52.16 -40.59
C LYS D 145 -33.29 -53.12 -41.70
N VAL D 146 -34.25 -53.92 -42.15
CA VAL D 146 -34.03 -54.92 -43.18
C VAL D 146 -34.93 -54.62 -44.37
N ILE D 147 -34.32 -54.44 -45.54
CA ILE D 147 -35.06 -54.40 -46.80
C ILE D 147 -34.84 -55.76 -47.50
N PRO D 148 -35.86 -56.61 -47.58
CA PRO D 148 -35.66 -57.88 -48.31
C PRO D 148 -35.54 -57.65 -49.80
N LEU D 149 -34.61 -58.39 -50.42
CA LEU D 149 -34.35 -58.26 -51.87
C LEU D 149 -35.28 -59.22 -52.61
N ASP D 150 -36.57 -58.93 -52.51
CA ASP D 150 -37.61 -59.63 -53.24
C ASP D 150 -37.80 -59.02 -54.63
N ARG D 151 -38.27 -59.85 -55.56
CA ARG D 151 -38.47 -59.36 -56.92
C ARG D 151 -39.54 -58.27 -56.96
N ASP D 152 -40.57 -58.41 -56.11
CA ASP D 152 -41.72 -57.50 -56.12
C ASP D 152 -41.57 -56.31 -55.18
N ASN D 153 -40.52 -56.26 -54.36
CA ASN D 153 -40.39 -55.21 -53.34
C ASN D 153 -39.93 -53.93 -54.04
N LYS D 154 -40.83 -53.40 -54.88
CA LYS D 154 -40.54 -52.21 -55.67
C LYS D 154 -40.62 -50.92 -54.86
N GLU D 155 -41.23 -50.96 -53.68
CA GLU D 155 -41.28 -49.81 -52.79
C GLU D 155 -40.21 -49.85 -51.70
N LEU D 156 -39.34 -50.86 -51.71
CA LEU D 156 -38.31 -51.00 -50.69
C LEU D 156 -38.91 -50.95 -49.29
N LYS D 157 -39.95 -51.76 -49.08
CA LYS D 157 -40.56 -51.91 -47.77
C LYS D 157 -39.59 -52.62 -46.82
N ALA D 158 -39.65 -52.24 -45.55
CA ALA D 158 -38.69 -52.77 -44.59
C ALA D 158 -39.31 -52.92 -43.21
N PHE D 159 -38.65 -53.70 -42.37
CA PHE D 159 -39.04 -53.92 -40.99
C PHE D 159 -37.80 -53.73 -40.13
N ASN D 160 -38.00 -53.42 -38.85
CA ASN D 160 -36.92 -53.23 -37.91
C ASN D 160 -36.82 -54.43 -36.97
N ILE D 161 -35.60 -54.81 -36.63
CA ILE D 161 -35.33 -55.84 -35.63
C ILE D 161 -34.71 -55.12 -34.44
N ARG D 162 -35.32 -55.28 -33.26
CA ARG D 162 -34.79 -54.63 -32.06
C ARG D 162 -33.37 -55.13 -31.79
N LEU D 163 -32.48 -54.20 -31.47
CA LEU D 163 -31.07 -54.50 -31.20
C LEU D 163 -30.69 -54.05 -29.81
N GLU D 164 -30.25 -55.00 -28.97
CA GLU D 164 -29.89 -54.66 -27.60
C GLU D 164 -28.68 -53.73 -27.57
N GLU D 165 -27.70 -53.95 -28.45
CA GLU D 165 -26.47 -53.16 -28.45
C GLU D 165 -26.80 -51.82 -29.10
N LEU D 166 -26.93 -50.79 -28.26
CA LEU D 166 -27.41 -49.49 -28.73
C LEU D 166 -26.33 -48.74 -29.52
N HIS D 167 -25.09 -48.85 -29.10
CA HIS D 167 -23.97 -48.11 -29.68
C HIS D 167 -23.13 -49.10 -30.49
N VAL D 168 -23.40 -49.18 -31.79
CA VAL D 168 -22.67 -50.06 -32.69
C VAL D 168 -21.62 -49.24 -33.41
N ILE D 169 -20.41 -49.77 -33.48
CA ILE D 169 -19.32 -49.11 -34.18
C ILE D 169 -19.33 -49.43 -35.67
N ASP D 170 -19.38 -50.71 -36.02
CA ASP D 170 -19.36 -51.13 -37.41
C ASP D 170 -20.02 -52.49 -37.52
N VAL D 171 -20.66 -52.76 -38.66
CA VAL D 171 -21.35 -54.02 -38.90
C VAL D 171 -21.17 -54.44 -40.35
N LYS D 172 -21.06 -55.75 -40.57
CA LYS D 172 -20.95 -56.34 -41.90
C LYS D 172 -21.70 -57.67 -41.91
N PHE D 173 -22.27 -58.02 -43.07
CA PHE D 173 -22.75 -59.39 -43.29
C PHE D 173 -21.56 -60.31 -43.53
N LEU D 174 -21.63 -61.52 -42.96
CA LEU D 174 -20.51 -62.45 -43.05
C LEU D 174 -20.66 -63.44 -44.21
N TYR D 175 -19.51 -64.02 -44.60
CA TYR D 175 -19.43 -65.04 -45.64
C TYR D 175 -19.29 -66.42 -45.01
N GLY D 176 -19.83 -67.43 -45.70
CA GLY D 176 -19.65 -68.80 -45.30
C GLY D 176 -20.55 -69.25 -44.18
N CYS D 177 -21.74 -68.68 -44.09
CA CYS D 177 -22.73 -69.03 -43.09
C CYS D 177 -23.98 -69.52 -43.81
N GLN D 178 -24.64 -70.53 -43.23
CA GLN D 178 -25.84 -71.05 -43.86
C GLN D 178 -27.01 -70.09 -43.74
N ALA D 179 -27.04 -69.30 -42.69
CA ALA D 179 -28.08 -68.33 -42.50
C ALA D 179 -27.45 -66.95 -42.57
N PRO D 180 -28.22 -65.92 -42.93
CA PRO D 180 -27.65 -64.56 -42.92
C PRO D 180 -27.13 -64.21 -41.54
N THR D 181 -25.86 -63.82 -41.48
CA THR D 181 -25.19 -63.54 -40.23
C THR D 181 -24.59 -62.14 -40.29
N ILE D 182 -24.80 -61.35 -39.24
CA ILE D 182 -24.18 -60.05 -39.11
C ILE D 182 -23.12 -60.15 -38.03
N CYS D 183 -21.97 -59.55 -38.28
CA CYS D 183 -20.89 -59.44 -37.31
C CYS D 183 -20.60 -57.96 -37.10
N PHE D 184 -20.56 -57.52 -35.85
CA PHE D 184 -20.39 -56.11 -35.57
C PHE D 184 -19.61 -55.89 -34.29
N VAL D 185 -18.94 -54.74 -34.23
CA VAL D 185 -18.27 -54.26 -33.04
C VAL D 185 -19.19 -53.23 -32.40
N TYR D 186 -19.38 -53.35 -31.09
CA TYR D 186 -20.25 -52.44 -30.36
C TYR D 186 -19.53 -52.02 -29.09
N GLN D 187 -20.00 -50.94 -28.49
CA GLN D 187 -19.42 -50.37 -27.29
C GLN D 187 -20.46 -50.35 -26.19
N ASP D 188 -20.07 -50.81 -25.01
CA ASP D 188 -20.88 -50.71 -23.81
C ASP D 188 -19.95 -50.25 -22.70
N PRO D 189 -20.45 -50.02 -21.48
CA PRO D 189 -19.55 -49.53 -20.41
C PRO D 189 -18.39 -50.46 -20.11
N GLN D 190 -18.44 -51.71 -20.58
CA GLN D 190 -17.40 -52.69 -20.28
C GLN D 190 -16.30 -52.73 -21.33
N GLY D 191 -16.30 -51.80 -22.28
CA GLY D 191 -15.34 -51.78 -23.36
C GLY D 191 -15.99 -52.03 -24.71
N ARG D 192 -15.17 -52.40 -25.68
CA ARG D 192 -15.65 -52.75 -27.02
C ARG D 192 -15.59 -54.25 -27.21
N HIS D 193 -16.59 -54.77 -27.91
CA HIS D 193 -16.77 -56.20 -28.10
C HIS D 193 -17.21 -56.47 -29.54
N VAL D 194 -16.97 -57.71 -29.98
CA VAL D 194 -17.44 -58.19 -31.28
C VAL D 194 -18.47 -59.29 -31.02
N LYS D 195 -19.54 -59.30 -31.80
CA LYS D 195 -20.67 -60.17 -31.57
C LYS D 195 -21.30 -60.53 -32.91
N THR D 196 -21.99 -61.66 -32.94
CA THR D 196 -22.67 -62.13 -34.14
C THR D 196 -24.15 -62.35 -33.84
N TYR D 197 -24.97 -62.09 -34.86
CA TYR D 197 -26.38 -62.43 -34.85
C TYR D 197 -26.72 -63.07 -36.19
N GLU D 198 -27.76 -63.91 -36.21
CA GLU D 198 -28.34 -64.41 -37.45
C GLU D 198 -29.67 -63.72 -37.72
N VAL D 199 -29.90 -63.38 -38.98
CA VAL D 199 -31.08 -62.64 -39.40
C VAL D 199 -32.02 -63.60 -40.11
N SER D 200 -33.25 -63.72 -39.59
CA SER D 200 -34.27 -64.57 -40.18
C SER D 200 -35.31 -63.65 -40.82
N LEU D 201 -35.36 -63.64 -42.16
CA LEU D 201 -36.38 -62.86 -42.85
C LEU D 201 -37.78 -63.40 -42.60
N ARG D 202 -37.90 -64.71 -42.38
CA ARG D 202 -39.21 -65.32 -42.18
C ARG D 202 -39.81 -64.91 -40.84
N GLU D 203 -39.01 -64.98 -39.77
CA GLU D 203 -39.49 -64.60 -38.46
C GLU D 203 -39.43 -63.10 -38.22
N LYS D 204 -38.63 -62.38 -39.00
CA LYS D 204 -38.41 -60.95 -38.81
C LYS D 204 -37.79 -60.68 -37.43
N GLU D 205 -36.73 -61.42 -37.11
CA GLU D 205 -36.02 -61.19 -35.86
C GLU D 205 -34.64 -61.84 -35.93
N PHE D 206 -33.83 -61.54 -34.91
CA PHE D 206 -32.51 -62.14 -34.78
C PHE D 206 -32.61 -63.53 -34.13
N ASN D 207 -31.71 -64.42 -34.54
CA ASN D 207 -31.49 -65.69 -33.86
C ASN D 207 -30.04 -65.76 -33.39
N LYS D 208 -29.79 -66.70 -32.48
CA LYS D 208 -28.46 -66.89 -31.91
C LYS D 208 -27.41 -66.95 -33.01
N GLY D 209 -26.29 -66.25 -32.80
CA GLY D 209 -25.27 -66.15 -33.81
C GLY D 209 -24.32 -67.32 -33.81
N PRO D 210 -23.57 -67.48 -34.91
CA PRO D 210 -22.68 -68.65 -35.02
C PRO D 210 -21.54 -68.66 -34.00
N TRP D 211 -21.02 -67.52 -33.56
CA TRP D 211 -19.94 -67.56 -32.58
C TRP D 211 -20.11 -66.50 -31.50
N LYS D 212 -19.40 -66.73 -30.39
CA LYS D 212 -19.56 -66.01 -29.13
C LYS D 212 -19.00 -64.60 -29.19
N GLN D 213 -19.38 -63.80 -28.20
CA GLN D 213 -18.85 -62.46 -28.07
C GLN D 213 -17.38 -62.55 -27.65
N GLU D 214 -16.57 -61.64 -28.16
CA GLU D 214 -15.19 -61.53 -27.71
C GLU D 214 -14.91 -60.08 -27.35
N ASN D 215 -14.22 -59.87 -26.23
CA ASN D 215 -13.77 -58.52 -25.89
C ASN D 215 -12.63 -58.14 -26.83
N VAL D 216 -12.70 -56.95 -27.42
CA VAL D 216 -11.75 -56.55 -28.44
C VAL D 216 -11.15 -55.19 -28.10
N GLU D 217 -10.18 -54.78 -28.92
CA GLU D 217 -9.46 -53.54 -28.69
C GLU D 217 -10.39 -52.37 -28.43
N ALA D 218 -9.99 -51.52 -27.48
CA ALA D 218 -10.80 -50.36 -27.11
C ALA D 218 -11.05 -49.45 -28.30
N GLU D 219 -10.14 -49.43 -29.27
CA GLU D 219 -10.25 -48.58 -30.44
C GLU D 219 -10.59 -49.38 -31.69
N ALA D 220 -11.25 -50.53 -31.53
CA ALA D 220 -11.72 -51.30 -32.67
C ALA D 220 -12.58 -50.42 -33.57
N SER D 221 -12.13 -50.21 -34.80
CA SER D 221 -12.75 -49.25 -35.70
C SER D 221 -13.56 -49.88 -36.81
N MET D 222 -13.07 -50.96 -37.43
CA MET D 222 -13.67 -51.49 -38.64
C MET D 222 -13.81 -53.01 -38.59
N VAL D 223 -14.82 -53.50 -39.30
CA VAL D 223 -15.10 -54.93 -39.41
C VAL D 223 -14.96 -55.34 -40.87
N ILE D 224 -14.09 -56.31 -41.14
CA ILE D 224 -13.93 -56.90 -42.46
C ILE D 224 -14.56 -58.28 -42.47
N ALA D 225 -15.45 -58.52 -43.43
CA ALA D 225 -16.04 -59.85 -43.64
C ALA D 225 -15.19 -60.57 -44.67
N VAL D 226 -14.50 -61.63 -44.25
CA VAL D 226 -13.55 -62.36 -45.08
C VAL D 226 -14.29 -63.39 -45.93
N PRO D 227 -13.86 -63.65 -47.17
CA PRO D 227 -14.63 -64.56 -48.02
C PRO D 227 -14.62 -65.99 -47.51
N GLU D 228 -15.39 -66.83 -48.21
CA GLU D 228 -15.62 -68.20 -47.73
C GLU D 228 -14.36 -69.03 -47.56
N PRO D 229 -13.36 -68.99 -48.46
CA PRO D 229 -12.19 -69.85 -48.25
C PRO D 229 -11.57 -69.69 -46.87
N PHE D 230 -11.43 -68.47 -46.38
CA PHE D 230 -11.01 -68.24 -45.00
C PHE D 230 -12.21 -68.12 -44.06
N GLY D 231 -13.20 -67.30 -44.40
CA GLY D 231 -14.34 -67.09 -43.54
C GLY D 231 -14.03 -66.15 -42.38
N GLY D 232 -15.05 -65.92 -41.55
CA GLY D 232 -14.86 -65.13 -40.35
C GLY D 232 -14.74 -63.64 -40.64
N ALA D 233 -14.15 -62.93 -39.69
CA ALA D 233 -14.02 -61.48 -39.79
C ALA D 233 -12.68 -61.04 -39.23
N ILE D 234 -12.23 -59.88 -39.70
CA ILE D 234 -11.03 -59.21 -39.21
C ILE D 234 -11.46 -57.89 -38.59
N ILE D 235 -10.88 -57.55 -37.45
CA ILE D 235 -11.21 -56.33 -36.73
C ILE D 235 -9.98 -55.43 -36.73
N ILE D 236 -10.11 -54.25 -37.30
CA ILE D 236 -9.02 -53.28 -37.36
C ILE D 236 -9.14 -52.35 -36.17
N GLY D 237 -8.04 -52.16 -35.45
CA GLY D 237 -8.03 -51.23 -34.34
C GLY D 237 -6.98 -50.15 -34.48
N GLN D 238 -6.59 -49.57 -33.35
CA GLN D 238 -5.54 -48.56 -33.34
C GLN D 238 -4.16 -49.20 -33.20
N GLU D 239 -4.05 -50.24 -32.37
CA GLU D 239 -2.79 -50.93 -32.12
C GLU D 239 -2.73 -52.34 -32.70
N SER D 240 -3.88 -53.00 -32.90
CA SER D 240 -3.87 -54.41 -33.23
C SER D 240 -4.92 -54.75 -34.28
N ILE D 241 -4.65 -55.83 -35.02
CA ILE D 241 -5.57 -56.40 -36.00
C ILE D 241 -5.86 -57.83 -35.54
N THR D 242 -7.15 -58.18 -35.47
CA THR D 242 -7.55 -59.49 -34.96
C THR D 242 -8.46 -60.19 -35.95
N TYR D 243 -8.36 -61.52 -35.98
CA TYR D 243 -9.23 -62.36 -36.80
C TYR D 243 -10.07 -63.24 -35.88
N HIS D 244 -11.37 -63.32 -36.18
CA HIS D 244 -12.31 -64.08 -35.38
C HIS D 244 -13.13 -64.99 -36.29
N ASN D 245 -13.27 -66.25 -35.89
CA ASN D 245 -14.14 -67.19 -36.58
C ASN D 245 -14.38 -68.39 -35.71
N GLY D 246 -15.44 -68.36 -34.91
CA GLY D 246 -15.75 -69.47 -34.04
C GLY D 246 -14.64 -69.78 -33.06
N ASP D 247 -14.00 -70.94 -33.25
CA ASP D 247 -12.95 -71.38 -32.37
C ASP D 247 -11.59 -70.78 -32.70
N LYS D 248 -11.45 -70.12 -33.85
CA LYS D 248 -10.17 -69.58 -34.28
C LYS D 248 -10.02 -68.13 -33.84
N TYR D 249 -8.86 -67.82 -33.26
CA TYR D 249 -8.54 -66.46 -32.85
C TYR D 249 -7.09 -66.16 -33.15
N LEU D 250 -6.84 -65.07 -33.88
CA LEU D 250 -5.50 -64.59 -34.16
C LEU D 250 -5.42 -63.11 -33.80
N ALA D 251 -4.22 -62.66 -33.44
CA ALA D 251 -4.01 -61.25 -33.13
C ALA D 251 -2.58 -60.88 -33.47
N ILE D 252 -2.42 -59.91 -34.38
CA ILE D 252 -1.12 -59.33 -34.70
C ILE D 252 -1.16 -57.86 -34.31
N ALA D 253 -0.11 -57.40 -33.64
CA ALA D 253 -0.02 -56.04 -33.14
C ALA D 253 1.33 -55.45 -33.51
N PRO D 254 1.54 -55.15 -34.79
CA PRO D 254 2.84 -54.63 -35.22
C PRO D 254 3.02 -53.18 -34.80
N PRO D 255 4.21 -52.81 -34.35
CA PRO D 255 4.40 -51.44 -33.85
C PRO D 255 4.16 -50.38 -34.92
N ILE D 256 4.10 -50.76 -36.19
CA ILE D 256 4.08 -49.78 -37.27
C ILE D 256 2.73 -49.09 -37.36
N ILE D 257 1.63 -49.82 -37.16
CA ILE D 257 0.32 -49.23 -37.36
C ILE D 257 -0.10 -48.32 -36.21
N LYS D 258 0.48 -48.49 -35.03
CA LYS D 258 0.17 -47.63 -33.89
C LYS D 258 0.57 -46.18 -34.16
N GLN D 259 1.49 -45.95 -35.09
CA GLN D 259 1.94 -44.57 -35.35
C GLN D 259 0.79 -43.71 -35.89
N SER D 260 -0.07 -44.27 -36.75
CA SER D 260 -1.16 -43.50 -37.32
C SER D 260 -2.39 -44.38 -37.49
N THR D 261 -3.56 -43.80 -37.19
CA THR D 261 -4.82 -44.54 -37.25
C THR D 261 -5.13 -45.02 -38.67
N ILE D 262 -5.54 -46.28 -38.77
CA ILE D 262 -5.95 -46.88 -40.04
C ILE D 262 -7.43 -46.60 -40.24
N VAL D 263 -7.79 -46.03 -41.39
CA VAL D 263 -9.14 -45.55 -41.61
C VAL D 263 -9.87 -46.26 -42.75
N CYS D 264 -9.19 -46.96 -43.66
CA CYS D 264 -9.85 -47.53 -44.83
C CYS D 264 -9.29 -48.91 -45.16
N HIS D 265 -10.14 -49.77 -45.73
CA HIS D 265 -9.76 -51.14 -46.08
C HIS D 265 -10.36 -51.53 -47.43
N ASN D 266 -9.71 -52.47 -48.11
CA ASN D 266 -10.18 -53.02 -49.37
C ASN D 266 -9.56 -54.42 -49.56
N ARG D 267 -10.19 -55.23 -50.41
CA ARG D 267 -9.76 -56.60 -50.69
C ARG D 267 -9.12 -56.68 -52.07
N VAL D 268 -7.87 -57.14 -52.11
CA VAL D 268 -7.16 -57.25 -53.39
C VAL D 268 -7.45 -58.57 -54.09
N ASP D 269 -7.46 -59.68 -53.33
CA ASP D 269 -7.63 -61.02 -53.87
C ASP D 269 -9.02 -61.55 -53.54
N PRO D 270 -9.84 -61.94 -54.52
CA PRO D 270 -11.20 -62.38 -54.18
C PRO D 270 -11.30 -63.42 -53.08
N ASN D 271 -10.29 -64.28 -52.91
CA ASN D 271 -10.40 -65.28 -51.84
C ASN D 271 -10.06 -64.72 -50.46
N GLY D 272 -9.59 -63.48 -50.36
CA GLY D 272 -9.27 -62.88 -49.10
C GLY D 272 -7.83 -62.97 -48.67
N SER D 273 -6.95 -63.49 -49.53
CA SER D 273 -5.56 -63.68 -49.14
C SER D 273 -4.89 -62.35 -48.82
N ARG D 274 -5.25 -61.29 -49.54
CA ARG D 274 -4.59 -60.00 -49.40
C ARG D 274 -5.62 -58.88 -49.31
N TYR D 275 -5.46 -58.04 -48.29
CA TYR D 275 -6.27 -56.83 -48.11
C TYR D 275 -5.36 -55.61 -48.05
N LEU D 276 -5.91 -54.46 -48.47
CA LEU D 276 -5.19 -53.19 -48.43
C LEU D 276 -5.69 -52.33 -47.28
N LEU D 277 -4.78 -51.55 -46.70
CA LEU D 277 -5.09 -50.69 -45.57
C LEU D 277 -4.47 -49.31 -45.74
N GLY D 278 -5.21 -48.27 -45.40
CA GLY D 278 -4.70 -46.92 -45.42
C GLY D 278 -4.91 -46.24 -44.08
N ASP D 279 -4.04 -45.28 -43.79
CA ASP D 279 -4.06 -44.58 -42.51
C ASP D 279 -3.97 -43.06 -42.73
N MET D 280 -4.16 -42.32 -41.63
CA MET D 280 -4.31 -40.87 -41.71
C MET D 280 -3.05 -40.14 -42.17
N GLU D 281 -1.87 -40.74 -42.06
CA GLU D 281 -0.66 -40.12 -42.58
C GLU D 281 -0.44 -40.44 -44.05
N GLY D 282 -1.39 -41.14 -44.68
CA GLY D 282 -1.29 -41.46 -46.08
C GLY D 282 -0.55 -42.74 -46.40
N ARG D 283 -0.21 -43.53 -45.40
CA ARG D 283 0.57 -44.72 -45.63
C ARG D 283 -0.32 -45.85 -46.12
N LEU D 284 0.21 -46.67 -47.02
CA LEU D 284 -0.51 -47.77 -47.64
C LEU D 284 0.11 -49.07 -47.19
N PHE D 285 -0.70 -49.95 -46.61
CA PHE D 285 -0.23 -51.25 -46.15
C PHE D 285 -0.91 -52.37 -46.95
N MET D 286 -0.26 -53.53 -46.93
CA MET D 286 -0.84 -54.78 -47.41
C MET D 286 -1.04 -55.70 -46.22
N LEU D 287 -2.27 -56.18 -46.04
CA LEU D 287 -2.58 -57.15 -44.99
C LEU D 287 -2.65 -58.54 -45.63
N LEU D 288 -1.82 -59.45 -45.12
CA LEU D 288 -1.63 -60.77 -45.71
C LEU D 288 -2.23 -61.83 -44.79
N LEU D 289 -3.04 -62.71 -45.37
CA LEU D 289 -3.61 -63.86 -44.66
C LEU D 289 -2.87 -65.11 -45.12
N GLU D 290 -2.06 -65.69 -44.23
CA GLU D 290 -1.23 -66.85 -44.56
C GLU D 290 -2.01 -68.13 -44.32
N LYS D 291 -2.40 -68.79 -45.41
CA LYS D 291 -3.24 -69.98 -45.35
C LYS D 291 -2.45 -71.20 -44.91
N GLU D 292 -3.19 -72.17 -44.35
CA GLU D 292 -2.65 -73.48 -44.01
C GLU D 292 -3.66 -74.54 -44.42
N GLU D 293 -3.25 -75.46 -45.29
CA GLU D 293 -4.13 -76.52 -45.75
C GLU D 293 -4.05 -77.65 -44.75
N GLN D 294 -5.20 -78.15 -44.31
CA GLN D 294 -5.25 -79.26 -43.38
C GLN D 294 -5.26 -80.56 -44.16
N MET D 295 -4.86 -81.64 -43.48
CA MET D 295 -4.92 -82.95 -44.12
C MET D 295 -6.33 -83.28 -44.59
N ASP D 296 -7.34 -82.64 -44.02
CA ASP D 296 -8.71 -82.80 -44.49
C ASP D 296 -8.90 -82.32 -45.92
N GLY D 297 -8.03 -81.45 -46.41
CA GLY D 297 -8.23 -80.72 -47.63
C GLY D 297 -8.89 -79.37 -47.42
N THR D 298 -9.35 -79.10 -46.20
CA THR D 298 -9.89 -77.81 -45.79
C THR D 298 -8.76 -76.83 -45.46
N VAL D 299 -9.07 -75.54 -45.57
CA VAL D 299 -8.10 -74.46 -45.39
C VAL D 299 -8.44 -73.60 -44.18
N THR D 300 -7.45 -73.39 -43.31
CA THR D 300 -7.54 -72.55 -42.12
C THR D 300 -6.50 -71.44 -42.19
N LEU D 301 -6.73 -70.36 -41.43
CA LEU D 301 -5.83 -69.22 -41.37
C LEU D 301 -4.72 -69.43 -40.35
N LYS D 302 -3.47 -69.48 -40.83
CA LYS D 302 -2.34 -69.73 -39.94
C LYS D 302 -1.86 -68.46 -39.23
N ASP D 303 -1.71 -67.36 -39.97
CA ASP D 303 -1.11 -66.16 -39.38
C ASP D 303 -1.48 -64.93 -40.20
N LEU D 304 -1.19 -63.75 -39.63
CA LEU D 304 -1.41 -62.46 -40.27
C LEU D 304 -0.08 -61.73 -40.40
N ARG D 305 0.04 -60.95 -41.48
CA ARG D 305 1.24 -60.16 -41.76
C ARG D 305 0.85 -58.81 -42.34
N VAL D 306 1.60 -57.77 -41.97
CA VAL D 306 1.40 -56.43 -42.50
C VAL D 306 2.71 -55.97 -43.14
N GLU D 307 2.62 -55.45 -44.36
CA GLU D 307 3.78 -54.96 -45.10
C GLU D 307 3.50 -53.54 -45.57
N LEU D 308 4.45 -52.63 -45.34
CA LEU D 308 4.33 -51.26 -45.81
C LEU D 308 4.64 -51.20 -47.29
N LEU D 309 3.70 -50.66 -48.07
CA LEU D 309 3.90 -50.52 -49.51
C LEU D 309 4.46 -49.17 -49.89
N GLY D 310 3.93 -48.10 -49.29
CA GLY D 310 4.38 -46.77 -49.65
C GLY D 310 3.45 -45.70 -49.14
N GLU D 311 3.36 -44.61 -49.91
CA GLU D 311 2.57 -43.43 -49.57
C GLU D 311 1.61 -43.08 -50.68
N THR D 312 0.38 -42.77 -50.30
CA THR D 312 -0.64 -42.26 -51.19
C THR D 312 -1.20 -40.97 -50.60
N SER D 313 -2.16 -40.37 -51.30
CA SER D 313 -2.93 -39.29 -50.69
C SER D 313 -3.74 -39.87 -49.54
N ILE D 314 -4.06 -39.03 -48.57
CA ILE D 314 -4.90 -39.49 -47.46
C ILE D 314 -6.21 -40.00 -48.02
N ALA D 315 -6.50 -41.27 -47.77
CA ALA D 315 -7.55 -42.00 -48.47
C ALA D 315 -8.78 -42.08 -47.59
N GLU D 316 -9.91 -41.62 -48.12
CA GLU D 316 -11.19 -41.94 -47.51
C GLU D 316 -11.53 -43.40 -47.76
N CYS D 317 -11.33 -43.84 -49.00
CA CYS D 317 -11.60 -45.21 -49.45
C CYS D 317 -10.57 -45.59 -50.50
N LEU D 318 -10.10 -46.83 -50.42
CA LEU D 318 -9.25 -47.43 -51.45
C LEU D 318 -10.03 -48.50 -52.20
N THR D 319 -9.73 -48.66 -53.48
CA THR D 319 -10.30 -49.73 -54.28
C THR D 319 -9.26 -50.27 -55.25
N TYR D 320 -9.01 -51.58 -55.18
CA TYR D 320 -8.12 -52.23 -56.12
C TYR D 320 -8.88 -52.49 -57.41
N LEU D 321 -8.29 -52.12 -58.54
CA LEU D 321 -8.92 -52.32 -59.84
C LEU D 321 -8.41 -53.60 -60.47
N ASP D 322 -7.19 -53.58 -61.01
CA ASP D 322 -6.64 -54.80 -61.59
C ASP D 322 -5.23 -54.53 -62.07
N ASN D 323 -4.44 -55.60 -62.15
CA ASN D 323 -3.09 -55.53 -62.71
C ASN D 323 -2.22 -54.57 -61.91
N GLY D 324 -2.45 -54.52 -60.60
CA GLY D 324 -1.67 -53.72 -59.70
C GLY D 324 -2.09 -52.27 -59.58
N VAL D 325 -3.20 -51.88 -60.22
CA VAL D 325 -3.65 -50.49 -60.23
C VAL D 325 -4.68 -50.30 -59.13
N VAL D 326 -4.51 -49.25 -58.33
CA VAL D 326 -5.40 -48.94 -57.23
C VAL D 326 -5.87 -47.51 -57.37
N PHE D 327 -7.16 -47.29 -57.15
CA PHE D 327 -7.71 -45.94 -57.08
C PHE D 327 -7.73 -45.48 -55.64
N VAL D 328 -7.17 -44.30 -55.38
CA VAL D 328 -7.08 -43.73 -54.05
C VAL D 328 -8.11 -42.61 -54.00
N GLY D 329 -9.19 -42.83 -53.26
CA GLY D 329 -10.23 -41.81 -53.13
C GLY D 329 -10.00 -40.96 -51.91
N SER D 330 -9.74 -39.68 -52.12
CA SER D 330 -9.35 -38.78 -51.05
C SER D 330 -10.33 -37.63 -50.90
N ARG D 331 -10.68 -37.34 -49.66
CA ARG D 331 -11.52 -36.20 -49.32
C ARG D 331 -10.70 -34.99 -48.90
N LEU D 332 -9.50 -35.20 -48.37
CA LEU D 332 -8.63 -34.14 -47.88
C LEU D 332 -7.55 -33.73 -48.88
N GLY D 333 -7.32 -34.52 -49.92
CA GLY D 333 -6.33 -34.19 -50.93
C GLY D 333 -6.71 -34.68 -52.31
N ASP D 334 -5.81 -34.55 -53.28
CA ASP D 334 -6.09 -35.01 -54.63
C ASP D 334 -6.18 -36.53 -54.66
N SER D 335 -7.16 -37.05 -55.38
CA SER D 335 -7.32 -38.49 -55.54
C SER D 335 -6.29 -39.02 -56.54
N GLN D 336 -6.20 -40.34 -56.66
CA GLN D 336 -5.11 -40.90 -57.43
C GLN D 336 -5.48 -42.23 -58.08
N LEU D 337 -4.76 -42.53 -59.17
CA LEU D 337 -4.50 -43.88 -59.63
C LEU D 337 -3.04 -44.17 -59.31
N VAL D 338 -2.75 -45.32 -58.69
CA VAL D 338 -1.38 -45.68 -58.38
C VAL D 338 -1.11 -47.12 -58.82
N LYS D 339 0.17 -47.40 -59.10
CA LYS D 339 0.63 -48.72 -59.51
C LYS D 339 1.40 -49.38 -58.37
N LEU D 340 1.01 -50.60 -58.03
CA LEU D 340 1.70 -51.42 -57.05
C LEU D 340 2.66 -52.36 -57.76
N ASN D 341 3.95 -52.26 -57.44
CA ASN D 341 4.99 -53.06 -58.07
C ASN D 341 5.42 -54.20 -57.16
N VAL D 342 5.91 -55.28 -57.79
CA VAL D 342 6.43 -56.41 -57.02
C VAL D 342 7.80 -56.10 -56.43
N ASP D 343 8.65 -55.39 -57.18
CA ASP D 343 9.95 -54.95 -56.70
C ASP D 343 9.86 -53.49 -56.25
N SER D 344 10.49 -53.18 -55.13
CA SER D 344 10.55 -51.82 -54.64
C SER D 344 11.49 -50.98 -55.49
N ASN D 345 11.28 -49.66 -55.45
CA ASN D 345 12.16 -48.75 -56.16
C ASN D 345 13.35 -48.40 -55.26
N GLU D 346 14.18 -47.45 -55.70
CA GLU D 346 15.41 -47.14 -54.98
C GLU D 346 15.14 -46.54 -53.60
N GLN D 347 13.92 -46.07 -53.35
CA GLN D 347 13.58 -45.47 -52.07
C GLN D 347 12.96 -46.45 -51.10
N GLY D 348 12.74 -47.70 -51.52
CA GLY D 348 12.06 -48.67 -50.69
C GLY D 348 10.57 -48.72 -50.89
N SER D 349 10.04 -47.98 -51.85
CA SER D 349 8.61 -47.88 -52.07
C SER D 349 8.18 -48.84 -53.17
N TYR D 350 7.00 -49.43 -52.98
CA TYR D 350 6.37 -50.29 -53.99
C TYR D 350 5.26 -49.56 -54.73
N VAL D 351 5.08 -48.26 -54.48
CA VAL D 351 3.95 -47.49 -54.97
C VAL D 351 4.46 -46.38 -55.89
N VAL D 352 3.87 -46.30 -57.09
CA VAL D 352 4.19 -45.25 -58.05
C VAL D 352 2.89 -44.65 -58.54
N ALA D 353 2.78 -43.32 -58.46
CA ALA D 353 1.57 -42.64 -58.91
C ALA D 353 1.47 -42.68 -60.43
N MET D 354 0.27 -42.98 -60.92
CA MET D 354 -0.03 -42.93 -62.35
C MET D 354 -0.70 -41.62 -62.73
N GLU D 355 -1.84 -41.31 -62.14
CA GLU D 355 -2.60 -40.11 -62.44
C GLU D 355 -2.99 -39.41 -61.14
N THR D 356 -3.26 -38.12 -61.24
CA THR D 356 -3.71 -37.30 -60.12
C THR D 356 -4.99 -36.58 -60.51
N PHE D 357 -6.03 -36.78 -59.70
CA PHE D 357 -7.35 -36.19 -59.93
C PHE D 357 -7.53 -34.98 -59.02
N THR D 358 -7.79 -33.82 -59.61
CA THR D 358 -7.89 -32.59 -58.82
C THR D 358 -9.01 -32.70 -57.81
N ASN D 359 -8.68 -32.51 -56.53
CA ASN D 359 -9.67 -32.40 -55.47
C ASN D 359 -9.44 -31.08 -54.74
N LEU D 360 -10.39 -30.16 -54.85
CA LEU D 360 -10.26 -28.91 -54.11
C LEU D 360 -10.35 -29.12 -52.61
N GLY D 361 -10.76 -30.29 -52.16
CA GLY D 361 -10.68 -30.64 -50.76
C GLY D 361 -11.46 -29.68 -49.89
N PRO D 362 -11.24 -29.76 -48.58
CA PRO D 362 -11.83 -28.76 -47.68
C PRO D 362 -11.33 -27.36 -48.03
N ILE D 363 -12.26 -26.47 -48.33
CA ILE D 363 -11.93 -25.07 -48.60
C ILE D 363 -12.13 -24.33 -47.29
N VAL D 364 -11.03 -24.19 -46.54
CA VAL D 364 -11.13 -23.55 -45.23
C VAL D 364 -11.41 -22.05 -45.39
N ASP D 365 -10.71 -21.40 -46.32
CA ASP D 365 -10.90 -19.98 -46.60
C ASP D 365 -10.59 -19.74 -48.07
N MET D 366 -10.94 -18.55 -48.54
CA MET D 366 -10.62 -18.19 -49.93
C MET D 366 -10.72 -16.68 -50.10
N CYS D 367 -10.04 -16.19 -51.15
CA CYS D 367 -10.06 -14.79 -51.52
C CYS D 367 -10.15 -14.66 -53.03
N VAL D 368 -10.78 -13.57 -53.47
CA VAL D 368 -10.89 -13.25 -54.89
C VAL D 368 -9.96 -12.08 -55.17
N VAL D 369 -9.09 -12.24 -56.15
CA VAL D 369 -8.09 -11.24 -56.48
C VAL D 369 -7.93 -11.20 -57.99
N ASP D 370 -7.91 -10.00 -58.56
CA ASP D 370 -7.61 -9.85 -59.97
C ASP D 370 -6.09 -9.74 -60.03
N LEU D 371 -5.44 -10.90 -60.01
CA LEU D 371 -3.99 -10.92 -60.14
C LEU D 371 -3.61 -10.25 -61.44
N GLU D 372 -4.41 -10.50 -62.44
CA GLU D 372 -4.22 -10.00 -63.78
C GLU D 372 -4.62 -8.54 -63.91
N ARG D 373 -5.19 -7.95 -62.85
CA ARG D 373 -5.66 -6.57 -62.86
C ARG D 373 -6.64 -6.30 -64.00
N GLN D 374 -7.08 -7.34 -64.71
CA GLN D 374 -8.11 -7.24 -65.72
C GLN D 374 -9.41 -7.48 -64.98
N GLY D 375 -10.55 -7.36 -65.66
CA GLY D 375 -11.79 -7.63 -64.96
C GLY D 375 -11.83 -9.06 -64.45
N GLN D 376 -11.05 -9.95 -65.06
CA GLN D 376 -11.06 -11.36 -64.70
C GLN D 376 -10.67 -11.52 -63.24
N GLY D 377 -11.48 -12.27 -62.50
CA GLY D 377 -11.26 -12.50 -61.10
C GLY D 377 -10.74 -13.92 -60.89
N GLN D 378 -9.73 -14.05 -60.03
CA GLN D 378 -9.16 -15.36 -59.73
C GLN D 378 -9.37 -15.68 -58.26
N LEU D 379 -9.67 -16.94 -57.97
CA LEU D 379 -9.98 -17.42 -56.63
C LEU D 379 -8.81 -18.25 -56.11
N VAL D 380 -8.18 -17.78 -55.05
CA VAL D 380 -7.10 -18.49 -54.38
C VAL D 380 -7.66 -19.03 -53.07
N THR D 381 -7.66 -20.36 -52.93
CA THR D 381 -8.33 -21.03 -51.83
C THR D 381 -7.32 -21.73 -50.93
N CYS D 382 -7.61 -21.71 -49.63
CA CYS D 382 -6.91 -22.56 -48.67
C CYS D 382 -7.58 -23.93 -48.69
N SER D 383 -6.90 -24.92 -49.26
CA SER D 383 -7.51 -26.21 -49.55
C SER D 383 -6.70 -27.33 -48.92
N GLY D 384 -7.41 -28.39 -48.53
CA GLY D 384 -6.75 -29.58 -48.02
C GLY D 384 -6.41 -29.51 -46.55
N ALA D 385 -5.86 -30.63 -46.06
CA ALA D 385 -5.40 -30.73 -44.69
C ALA D 385 -4.15 -31.57 -44.63
N PHE D 386 -3.30 -31.25 -43.64
CA PHE D 386 -2.06 -31.99 -43.35
C PHE D 386 -1.17 -32.00 -44.60
N LYS D 387 -0.62 -33.15 -45.00
CA LYS D 387 0.31 -33.21 -46.12
C LYS D 387 -0.33 -32.77 -47.42
N GLU D 388 -1.66 -32.85 -47.50
CA GLU D 388 -2.41 -32.49 -48.70
C GLU D 388 -2.75 -31.01 -48.73
N GLY D 389 -2.30 -30.24 -47.73
CA GLY D 389 -2.59 -28.82 -47.71
C GLY D 389 -2.02 -28.12 -48.93
N SER D 390 -2.79 -27.17 -49.46
CA SER D 390 -2.43 -26.52 -50.70
C SER D 390 -3.10 -25.16 -50.81
N LEU D 391 -2.55 -24.33 -51.69
CA LEU D 391 -3.19 -23.12 -52.16
C LEU D 391 -3.57 -23.37 -53.61
N ARG D 392 -4.85 -23.23 -53.94
CA ARG D 392 -5.33 -23.53 -55.29
C ARG D 392 -5.86 -22.26 -55.91
N ILE D 393 -5.25 -21.85 -57.03
CA ILE D 393 -5.64 -20.65 -57.76
C ILE D 393 -6.52 -21.09 -58.92
N ILE D 394 -7.76 -20.62 -58.91
CA ILE D 394 -8.80 -21.07 -59.83
C ILE D 394 -9.22 -19.86 -60.64
N ARG D 395 -9.23 -20.01 -61.95
CA ARG D 395 -9.61 -18.93 -62.85
C ARG D 395 -10.58 -19.50 -63.87
N ASN D 396 -11.48 -18.65 -64.35
CA ASN D 396 -12.39 -19.09 -65.40
C ASN D 396 -11.64 -18.98 -66.71
N GLY D 397 -11.62 -20.07 -67.46
CA GLY D 397 -10.85 -20.10 -68.69
C GLY D 397 -11.57 -19.51 -69.87
N ILE D 398 -10.83 -19.38 -70.96
CA ILE D 398 -11.38 -18.88 -72.21
C ILE D 398 -10.89 -19.78 -73.34
N GLN D 408 -15.42 -25.81 -72.09
CA GLN D 408 -15.47 -24.87 -70.98
C GLN D 408 -15.06 -25.56 -69.67
N LYS D 409 -14.05 -25.00 -69.02
CA LYS D 409 -13.53 -25.55 -67.79
C LYS D 409 -12.87 -24.45 -66.98
N LEU D 410 -12.69 -24.70 -65.69
CA LEU D 410 -11.96 -23.82 -64.79
C LEU D 410 -10.51 -24.29 -64.76
N HIS D 411 -9.56 -23.37 -64.90
CA HIS D 411 -8.16 -23.72 -64.82
C HIS D 411 -7.67 -23.55 -63.39
N ILE D 412 -7.06 -24.60 -62.85
CA ILE D 412 -6.71 -24.67 -61.44
C ILE D 412 -5.20 -24.88 -61.33
N ARG D 413 -4.54 -23.99 -60.61
CA ARG D 413 -3.13 -24.14 -60.27
C ARG D 413 -3.04 -24.55 -58.80
N THR D 414 -2.14 -25.47 -58.52
CA THR D 414 -1.99 -26.02 -57.17
C THR D 414 -0.62 -25.60 -56.63
N VAL D 415 -0.63 -24.98 -55.45
CA VAL D 415 0.60 -24.59 -54.76
C VAL D 415 0.72 -25.50 -53.54
N PRO D 416 1.56 -26.53 -53.59
CA PRO D 416 1.63 -27.48 -52.47
C PRO D 416 2.33 -26.84 -51.28
N LEU D 417 1.74 -27.03 -50.10
CA LEU D 417 2.29 -26.49 -48.86
C LEU D 417 2.72 -27.57 -47.88
N TYR D 418 2.11 -28.76 -47.95
CA TYR D 418 2.44 -29.90 -47.10
C TYR D 418 2.14 -29.65 -45.62
N GLU D 419 1.34 -28.63 -45.32
CA GLU D 419 0.85 -28.38 -43.97
C GLU D 419 -0.56 -27.82 -44.12
N SER D 420 -1.32 -27.84 -43.03
CA SER D 420 -2.73 -27.50 -43.14
C SER D 420 -2.88 -25.99 -43.33
N PRO D 421 -3.59 -25.54 -44.39
CA PRO D 421 -3.82 -24.10 -44.58
C PRO D 421 -5.11 -23.65 -43.95
N ARG D 422 -5.12 -22.64 -43.08
CA ARG D 422 -6.36 -22.28 -42.41
C ARG D 422 -7.04 -21.04 -42.98
N LYS D 423 -6.33 -19.93 -43.14
CA LYS D 423 -6.95 -18.70 -43.62
C LYS D 423 -5.99 -18.01 -44.58
N ILE D 424 -6.55 -17.16 -45.43
CA ILE D 424 -5.76 -16.46 -46.45
C ILE D 424 -6.25 -15.02 -46.55
N CYS D 425 -5.31 -14.12 -46.83
CA CYS D 425 -5.61 -12.69 -46.97
C CYS D 425 -4.62 -12.12 -47.97
N TYR D 426 -5.14 -11.28 -48.86
CA TYR D 426 -4.34 -10.71 -49.94
C TYR D 426 -3.90 -9.30 -49.57
N GLN D 427 -2.63 -8.99 -49.80
CA GLN D 427 -2.04 -7.69 -49.51
C GLN D 427 -1.47 -7.16 -50.83
N GLU D 428 -2.20 -6.26 -51.49
CA GLU D 428 -1.74 -5.77 -52.79
C GLU D 428 -0.44 -4.99 -52.67
N VAL D 429 -0.32 -4.15 -51.63
CA VAL D 429 0.84 -3.27 -51.52
C VAL D 429 2.13 -4.06 -51.63
N SER D 430 2.16 -5.26 -51.06
CA SER D 430 3.34 -6.12 -51.05
C SER D 430 3.30 -7.18 -52.14
N GLN D 431 2.28 -7.17 -53.00
CA GLN D 431 2.12 -8.17 -54.05
C GLN D 431 2.28 -9.58 -53.49
N CYS D 432 1.61 -9.84 -52.37
CA CYS D 432 1.74 -11.14 -51.72
C CYS D 432 0.47 -11.47 -50.96
N PHE D 433 0.35 -12.75 -50.59
CA PHE D 433 -0.72 -13.24 -49.74
C PHE D 433 -0.17 -13.53 -48.34
N GLY D 434 -0.99 -13.30 -47.34
CA GLY D 434 -0.75 -13.80 -46.00
C GLY D 434 -1.61 -15.03 -45.78
N VAL D 435 -0.97 -16.12 -45.34
CA VAL D 435 -1.66 -17.38 -45.11
C VAL D 435 -1.34 -17.88 -43.71
N LEU D 436 -2.37 -18.18 -42.94
CA LEU D 436 -2.22 -18.85 -41.66
C LEU D 436 -2.23 -20.35 -41.88
N SER D 437 -1.29 -21.06 -41.24
CA SER D 437 -1.16 -22.49 -41.44
C SER D 437 -0.72 -23.14 -40.14
N SER D 438 -0.96 -24.45 -40.03
CA SER D 438 -0.52 -25.22 -38.88
C SER D 438 0.00 -26.57 -39.34
N ARG D 439 1.02 -27.05 -38.65
CA ARG D 439 1.64 -28.34 -38.92
C ARG D 439 1.65 -29.15 -37.64
N ILE D 440 1.69 -30.47 -37.78
CA ILE D 440 1.66 -31.38 -36.64
C ILE D 440 3.10 -31.76 -36.30
N GLU D 441 3.50 -31.46 -35.07
CA GLU D 441 4.73 -32.00 -34.51
C GLU D 441 4.37 -32.93 -33.36
N VAL D 442 5.29 -33.83 -33.02
CA VAL D 442 5.06 -34.86 -32.04
C VAL D 442 6.12 -34.75 -30.96
N GLN D 443 5.70 -34.94 -29.72
CA GLN D 443 6.62 -34.85 -28.59
C GLN D 443 7.77 -35.83 -28.79
N ASP D 444 8.98 -35.31 -28.83
CA ASP D 444 10.16 -36.12 -29.07
C ASP D 444 10.90 -36.36 -27.76
N THR D 445 11.92 -37.22 -27.82
CA THR D 445 12.62 -37.62 -26.61
C THR D 445 13.37 -36.46 -25.97
N SER D 446 13.67 -35.41 -26.74
CA SER D 446 14.36 -34.27 -26.17
C SER D 446 13.46 -33.44 -25.26
N GLY D 447 12.15 -33.71 -25.26
CA GLY D 447 11.21 -32.85 -24.62
C GLY D 447 10.58 -31.81 -25.52
N GLY D 448 11.19 -31.53 -26.66
CA GLY D 448 10.62 -30.65 -27.65
C GLY D 448 9.67 -31.42 -28.54
N THR D 449 9.45 -30.89 -29.74
CA THR D 449 8.59 -31.53 -30.71
C THR D 449 9.33 -31.64 -32.03
N THR D 450 8.95 -32.64 -32.81
CA THR D 450 9.59 -32.93 -34.08
C THR D 450 8.53 -33.01 -35.16
N ALA D 451 8.82 -32.37 -36.30
CA ALA D 451 7.88 -32.37 -37.41
C ALA D 451 7.95 -33.70 -38.14
N LEU D 452 6.78 -34.21 -38.54
CA LEU D 452 6.72 -35.51 -39.21
C LEU D 452 7.26 -35.44 -40.63
N ARG D 453 7.35 -34.25 -41.21
CA ARG D 453 7.84 -34.07 -42.57
C ARG D 453 8.15 -32.59 -42.77
N PRO D 454 9.02 -32.27 -43.72
CA PRO D 454 9.24 -30.85 -44.05
C PRO D 454 8.03 -30.28 -44.76
N SER D 455 7.78 -28.99 -44.53
CA SER D 455 6.61 -28.34 -45.11
C SER D 455 6.89 -26.84 -45.22
N ALA D 456 5.88 -26.12 -45.72
CA ALA D 456 6.07 -24.71 -46.09
C ALA D 456 6.68 -23.88 -44.98
N SER D 457 6.21 -24.06 -43.74
CA SER D 457 6.69 -23.22 -42.65
C SER D 457 8.11 -23.56 -42.22
N THR D 458 8.55 -24.79 -42.48
CA THR D 458 9.88 -25.23 -42.09
C THR D 458 10.91 -25.06 -43.19
N GLN D 459 10.47 -24.91 -44.44
CA GLN D 459 11.37 -24.78 -45.57
C GLN D 459 11.37 -23.35 -46.11
N ALA D 460 10.85 -22.42 -45.33
CA ALA D 460 10.76 -21.03 -45.75
C ALA D 460 12.15 -20.39 -45.84
N LEU D 461 12.26 -19.43 -46.76
CA LEU D 461 13.51 -18.71 -46.99
C LEU D 461 13.93 -17.92 -45.77
N SER D 462 13.06 -17.05 -45.27
CA SER D 462 13.30 -16.32 -44.04
C SER D 462 12.31 -16.81 -43.01
N SER D 463 12.72 -16.82 -41.74
CA SER D 463 11.88 -17.38 -40.69
C SER D 463 12.06 -16.60 -39.40
N SER D 464 11.03 -16.66 -38.56
CA SER D 464 11.04 -15.99 -37.27
C SER D 464 10.08 -16.70 -36.32
N VAL D 465 10.30 -16.48 -35.03
CA VAL D 465 9.46 -17.05 -33.98
C VAL D 465 9.10 -15.94 -33.00
N SER D 466 7.83 -15.89 -32.60
CA SER D 466 7.39 -14.87 -31.65
C SER D 466 8.17 -14.97 -30.35
N SER D 467 8.51 -13.80 -29.79
CA SER D 467 9.17 -13.71 -28.50
C SER D 467 8.27 -13.03 -27.47
N SER D 468 6.97 -13.09 -27.66
CA SER D 468 6.04 -12.40 -26.77
C SER D 468 6.16 -12.97 -25.37
N LYS D 469 6.20 -12.07 -24.40
CA LYS D 469 6.26 -12.45 -23.00
C LYS D 469 4.94 -12.17 -22.28
N LEU D 470 3.89 -11.84 -23.03
CA LEU D 470 2.61 -11.46 -22.42
C LEU D 470 2.10 -12.57 -21.51
N PHE D 471 2.10 -13.81 -22.00
CA PHE D 471 1.67 -14.92 -21.17
C PHE D 471 2.80 -15.50 -20.33
N SER D 472 4.03 -15.02 -20.56
CA SER D 472 5.16 -15.34 -19.69
C SER D 472 5.09 -16.79 -19.24
N SER D 473 5.29 -17.03 -17.94
CA SER D 473 5.15 -18.37 -17.37
C SER D 473 3.98 -18.37 -16.38
N SER D 474 3.24 -17.27 -16.32
CA SER D 474 2.06 -17.18 -15.46
C SER D 474 1.21 -18.43 -15.57
N THR D 475 0.95 -18.89 -16.80
CA THR D 475 0.20 -20.11 -17.00
C THR D 475 1.07 -21.30 -16.60
N ALA D 476 0.54 -22.16 -15.75
CA ALA D 476 1.29 -23.35 -15.35
C ALA D 476 1.47 -24.29 -16.53
N PRO D 477 2.64 -24.94 -16.64
CA PRO D 477 2.88 -25.85 -17.76
C PRO D 477 2.12 -27.16 -17.56
N HIS D 478 1.67 -27.72 -18.67
CA HIS D 478 0.86 -28.94 -18.65
C HIS D 478 1.71 -30.14 -19.02
N GLU D 479 1.31 -31.30 -18.52
CA GLU D 479 2.13 -32.48 -18.67
C GLU D 479 2.14 -32.90 -20.14
N THR D 480 3.32 -33.25 -20.63
CA THR D 480 3.51 -33.67 -22.02
C THR D 480 4.02 -35.10 -22.01
N SER D 481 3.39 -35.96 -22.81
CA SER D 481 3.76 -37.36 -22.91
C SER D 481 4.33 -37.64 -24.30
N PHE D 482 5.40 -38.43 -24.34
CA PHE D 482 6.04 -38.74 -25.61
C PHE D 482 5.03 -39.36 -26.57
N GLY D 483 5.05 -38.90 -27.82
CA GLY D 483 4.17 -39.41 -28.85
C GLY D 483 2.91 -38.60 -29.09
N GLU D 484 2.56 -37.69 -28.17
CA GLU D 484 1.37 -36.88 -28.36
C GLU D 484 1.58 -35.85 -29.47
N GLU D 485 0.50 -35.57 -30.19
CA GLU D 485 0.52 -34.60 -31.26
C GLU D 485 0.20 -33.20 -30.72
N VAL D 486 0.82 -32.19 -31.33
CA VAL D 486 0.55 -30.80 -31.05
C VAL D 486 0.55 -30.05 -32.39
N GLU D 487 -0.18 -28.94 -32.42
CA GLU D 487 -0.23 -28.09 -33.62
C GLU D 487 0.70 -26.91 -33.43
N VAL D 488 1.46 -26.58 -34.48
CA VAL D 488 2.33 -25.42 -34.51
C VAL D 488 1.84 -24.49 -35.60
N HIS D 489 1.48 -23.26 -35.24
CA HIS D 489 0.83 -22.34 -36.15
C HIS D 489 1.80 -21.27 -36.65
N ASN D 490 1.62 -20.86 -37.90
CA ASN D 490 2.52 -19.96 -38.56
C ASN D 490 1.74 -18.95 -39.41
N LEU D 491 2.40 -17.83 -39.67
CA LEU D 491 1.97 -16.87 -40.68
C LEU D 491 2.92 -16.98 -41.85
N LEU D 492 2.39 -17.34 -43.03
CA LEU D 492 3.21 -17.47 -44.23
C LEU D 492 2.99 -16.26 -45.13
N ILE D 493 4.08 -15.70 -45.63
CA ILE D 493 4.05 -14.62 -46.60
C ILE D 493 4.40 -15.25 -47.95
N ILE D 494 3.48 -15.17 -48.91
CA ILE D 494 3.56 -15.89 -50.17
C ILE D 494 3.43 -14.93 -51.34
N ASP D 495 4.39 -14.99 -52.26
CA ASP D 495 4.38 -14.12 -53.43
C ASP D 495 3.18 -14.41 -54.32
N GLN D 496 2.59 -13.35 -54.87
CA GLN D 496 1.33 -13.51 -55.59
C GLN D 496 1.51 -14.13 -56.96
N HIS D 497 2.71 -14.07 -57.55
CA HIS D 497 2.95 -14.66 -58.85
C HIS D 497 3.70 -16.00 -58.78
N THR D 498 4.82 -16.03 -58.06
CA THR D 498 5.58 -17.26 -57.94
C THR D 498 4.99 -18.20 -56.89
N PHE D 499 4.26 -17.66 -55.92
CA PHE D 499 3.73 -18.47 -54.82
C PHE D 499 4.85 -19.21 -54.11
N GLU D 500 5.95 -18.49 -53.92
CA GLU D 500 7.10 -18.96 -53.16
C GLU D 500 6.97 -18.40 -51.75
N VAL D 501 7.25 -19.24 -50.75
CA VAL D 501 7.14 -18.80 -49.36
C VAL D 501 8.33 -17.88 -49.05
N LEU D 502 8.03 -16.61 -48.83
CA LEU D 502 9.03 -15.58 -48.61
C LEU D 502 9.44 -15.50 -47.15
N HIS D 503 8.49 -15.70 -46.25
CA HIS D 503 8.75 -15.61 -44.83
C HIS D 503 7.75 -16.50 -44.11
N ALA D 504 8.19 -17.14 -43.03
CA ALA D 504 7.32 -17.92 -42.17
C ALA D 504 7.54 -17.44 -40.75
N HIS D 505 6.48 -17.02 -40.08
CA HIS D 505 6.54 -16.60 -38.69
C HIS D 505 5.80 -17.63 -37.85
N GLN D 506 6.51 -18.19 -36.87
CA GLN D 506 5.96 -19.20 -35.97
C GLN D 506 5.45 -18.54 -34.70
N PHE D 507 4.23 -18.89 -34.31
CA PHE D 507 3.59 -18.32 -33.14
C PHE D 507 4.00 -19.09 -31.88
N LEU D 508 3.52 -18.59 -30.74
CA LEU D 508 3.90 -19.15 -29.46
C LEU D 508 3.47 -20.61 -29.34
N GLN D 509 4.15 -21.33 -28.45
CA GLN D 509 3.77 -22.71 -28.15
C GLN D 509 2.33 -22.77 -27.66
N ASN D 510 1.54 -23.64 -28.26
CA ASN D 510 0.13 -23.83 -27.95
C ASN D 510 -0.73 -22.65 -28.37
N GLU D 511 -0.24 -21.78 -29.25
CA GLU D 511 -1.02 -20.66 -29.76
C GLU D 511 -1.55 -21.02 -31.14
N TYR D 512 -2.86 -20.95 -31.30
CA TYR D 512 -3.55 -21.26 -32.55
C TYR D 512 -4.00 -19.95 -33.19
N ALA D 513 -3.70 -19.77 -34.47
CA ALA D 513 -4.12 -18.59 -35.21
C ALA D 513 -5.55 -18.79 -35.71
N LEU D 514 -6.44 -17.85 -35.36
CA LEU D 514 -7.85 -18.00 -35.68
C LEU D 514 -8.36 -16.98 -36.69
N SER D 515 -7.63 -15.87 -36.92
CA SER D 515 -8.12 -14.82 -37.80
C SER D 515 -6.95 -14.06 -38.43
N LEU D 516 -7.20 -13.50 -39.61
CA LEU D 516 -6.17 -12.77 -40.35
C LEU D 516 -6.84 -11.69 -41.20
N VAL D 517 -6.26 -10.47 -41.16
CA VAL D 517 -6.68 -9.37 -42.02
C VAL D 517 -5.45 -8.67 -42.58
N SER D 518 -5.65 -7.97 -43.70
CA SER D 518 -4.66 -7.07 -44.27
C SER D 518 -5.34 -5.72 -44.46
N CYS D 519 -4.80 -4.68 -43.82
CA CYS D 519 -5.49 -3.40 -43.90
C CYS D 519 -4.60 -2.26 -43.41
N LYS D 520 -5.01 -1.04 -43.77
CA LYS D 520 -4.49 0.18 -43.18
C LYS D 520 -5.42 0.60 -42.05
N LEU D 521 -4.85 1.14 -40.98
CA LEU D 521 -5.67 1.58 -39.86
C LEU D 521 -5.38 3.03 -39.49
N GLY D 522 -6.42 3.71 -39.01
CA GLY D 522 -6.25 5.05 -38.49
C GLY D 522 -5.60 5.97 -39.50
N LYS D 523 -4.65 6.76 -39.01
CA LYS D 523 -3.88 7.67 -39.84
C LYS D 523 -2.52 7.10 -40.22
N ASP D 524 -2.32 5.80 -40.05
CA ASP D 524 -1.07 5.14 -40.41
C ASP D 524 -1.14 4.70 -41.86
N PRO D 525 -0.30 5.24 -42.76
CA PRO D 525 -0.37 4.83 -44.17
C PRO D 525 0.15 3.43 -44.42
N ASN D 526 0.82 2.82 -43.44
CA ASN D 526 1.41 1.50 -43.63
C ASN D 526 0.32 0.43 -43.63
N THR D 527 0.47 -0.55 -44.51
CA THR D 527 -0.44 -1.67 -44.63
C THR D 527 0.12 -2.87 -43.87
N TYR D 528 -0.70 -3.42 -42.97
CA TYR D 528 -0.26 -4.47 -42.05
C TYR D 528 -1.00 -5.77 -42.29
N PHE D 529 -0.34 -6.88 -41.92
CA PHE D 529 -1.00 -8.15 -41.67
C PHE D 529 -1.29 -8.23 -40.18
N ILE D 530 -2.55 -8.47 -39.82
CA ILE D 530 -2.97 -8.55 -38.42
C ILE D 530 -3.57 -9.92 -38.19
N VAL D 531 -3.14 -10.58 -37.12
CA VAL D 531 -3.54 -11.95 -36.82
C VAL D 531 -4.16 -11.99 -35.43
N GLY D 532 -5.28 -12.68 -35.31
CA GLY D 532 -5.91 -12.93 -34.02
C GLY D 532 -5.70 -14.37 -33.62
N THR D 533 -5.30 -14.57 -32.37
CA THR D 533 -4.86 -15.89 -31.90
C THR D 533 -5.63 -16.31 -30.66
N ALA D 534 -5.39 -17.56 -30.26
CA ALA D 534 -5.95 -18.13 -29.05
C ALA D 534 -4.93 -19.06 -28.42
N MET D 535 -4.79 -18.98 -27.11
CA MET D 535 -3.94 -19.89 -26.35
C MET D 535 -4.76 -21.14 -26.05
N VAL D 536 -4.37 -22.27 -26.63
CA VAL D 536 -5.13 -23.50 -26.54
C VAL D 536 -4.44 -24.39 -25.51
N TYR D 537 -5.15 -24.70 -24.43
CA TYR D 537 -4.67 -25.64 -23.45
C TYR D 537 -5.67 -26.78 -23.35
N PRO D 538 -5.24 -28.03 -23.43
CA PRO D 538 -6.20 -29.14 -23.46
C PRO D 538 -7.20 -29.14 -22.31
N GLU D 539 -6.80 -28.66 -21.13
CA GLU D 539 -7.69 -28.70 -19.99
C GLU D 539 -8.85 -27.74 -20.13
N GLU D 540 -8.64 -26.61 -20.80
CA GLU D 540 -9.64 -25.56 -20.86
C GLU D 540 -10.53 -25.82 -22.07
N ALA D 541 -11.82 -25.98 -21.82
CA ALA D 541 -12.76 -26.14 -22.93
C ALA D 541 -12.84 -24.86 -23.74
N GLU D 542 -12.87 -23.70 -23.09
CA GLU D 542 -12.88 -22.43 -23.78
C GLU D 542 -11.59 -21.67 -23.50
N PRO D 543 -10.91 -21.18 -24.53
CA PRO D 543 -9.69 -20.40 -24.29
C PRO D 543 -10.00 -19.14 -23.51
N LYS D 544 -9.13 -18.81 -22.56
CA LYS D 544 -9.28 -17.60 -21.75
C LYS D 544 -8.13 -16.62 -21.99
N GLN D 545 -7.21 -16.93 -22.91
CA GLN D 545 -6.11 -16.05 -23.27
C GLN D 545 -5.98 -15.97 -24.79
N GLY D 546 -5.44 -14.85 -25.26
CA GLY D 546 -5.21 -14.66 -26.67
C GLY D 546 -4.46 -13.38 -26.94
N ARG D 547 -4.06 -13.21 -28.20
CA ARG D 547 -3.34 -12.03 -28.66
C ARG D 547 -3.90 -11.54 -29.98
N ILE D 548 -3.79 -10.24 -30.21
CA ILE D 548 -3.92 -9.64 -31.54
C ILE D 548 -2.56 -9.08 -31.90
N VAL D 549 -2.00 -9.52 -33.02
CA VAL D 549 -0.64 -9.18 -33.42
C VAL D 549 -0.66 -8.43 -34.74
N VAL D 550 0.09 -7.33 -34.81
CA VAL D 550 0.23 -6.52 -36.01
C VAL D 550 1.62 -6.74 -36.60
N PHE D 551 1.67 -7.20 -37.84
CA PHE D 551 2.92 -7.40 -38.58
C PHE D 551 2.98 -6.40 -39.74
N GLN D 552 4.19 -6.05 -40.15
CA GLN D 552 4.42 -5.34 -41.40
C GLN D 552 5.42 -6.12 -42.25
N TYR D 553 5.04 -6.43 -43.49
CA TYR D 553 5.97 -7.04 -44.43
C TYR D 553 6.50 -5.94 -45.36
N SER D 554 7.78 -5.60 -45.19
CA SER D 554 8.40 -4.53 -45.97
C SER D 554 9.87 -4.87 -46.18
N ASP D 555 10.33 -4.69 -47.43
CA ASP D 555 11.73 -4.95 -47.79
C ASP D 555 12.14 -6.37 -47.45
N GLY D 556 11.28 -7.34 -47.76
CA GLY D 556 11.64 -8.72 -47.60
C GLY D 556 11.62 -9.24 -46.18
N LYS D 557 11.28 -8.41 -45.21
CA LYS D 557 11.33 -8.79 -43.81
C LYS D 557 9.98 -8.51 -43.14
N LEU D 558 9.64 -9.37 -42.18
CA LEU D 558 8.42 -9.23 -41.40
C LEU D 558 8.78 -8.68 -40.03
N GLN D 559 8.20 -7.55 -39.67
CA GLN D 559 8.48 -6.89 -38.40
C GLN D 559 7.22 -6.96 -37.54
N THR D 560 7.38 -7.32 -36.27
CA THR D 560 6.25 -7.28 -35.35
C THR D 560 6.07 -5.85 -34.90
N VAL D 561 4.92 -5.26 -35.21
CA VAL D 561 4.71 -3.85 -34.94
C VAL D 561 4.02 -3.63 -33.60
N ALA D 562 3.08 -4.49 -33.25
CA ALA D 562 2.34 -4.30 -32.01
C ALA D 562 1.60 -5.58 -31.65
N GLU D 563 1.41 -5.78 -30.34
CA GLU D 563 0.68 -6.91 -29.81
C GLU D 563 -0.30 -6.41 -28.74
N LYS D 564 -1.51 -6.94 -28.77
CA LYS D 564 -2.56 -6.58 -27.81
C LYS D 564 -3.06 -7.86 -27.17
N GLU D 565 -3.03 -7.92 -25.85
CA GLU D 565 -3.51 -9.09 -25.13
C GLU D 565 -5.02 -9.02 -24.95
N VAL D 566 -5.68 -10.16 -25.17
CA VAL D 566 -7.12 -10.30 -24.94
C VAL D 566 -7.34 -11.56 -24.13
N LYS D 567 -8.50 -11.61 -23.47
CA LYS D 567 -8.83 -12.71 -22.56
C LYS D 567 -9.74 -13.73 -23.21
N GLY D 568 -9.34 -14.23 -24.39
CA GLY D 568 -10.13 -15.21 -25.08
C GLY D 568 -9.59 -15.46 -26.47
N ALA D 569 -10.40 -16.13 -27.28
CA ALA D 569 -10.01 -16.49 -28.64
C ALA D 569 -10.51 -15.46 -29.62
N VAL D 570 -9.61 -14.94 -30.44
CA VAL D 570 -9.95 -13.96 -31.48
C VAL D 570 -10.45 -14.70 -32.70
N TYR D 571 -11.74 -15.07 -32.69
CA TYR D 571 -12.27 -15.91 -33.76
C TYR D 571 -12.26 -15.19 -35.11
N SER D 572 -12.64 -13.92 -35.15
CA SER D 572 -12.77 -13.23 -36.43
C SER D 572 -12.41 -11.75 -36.30
N MET D 573 -11.80 -11.21 -37.35
CA MET D 573 -11.45 -9.80 -37.43
C MET D 573 -11.83 -9.24 -38.80
N VAL D 574 -12.16 -7.94 -38.83
CA VAL D 574 -12.55 -7.26 -40.06
C VAL D 574 -12.33 -5.76 -39.88
N GLU D 575 -11.73 -5.11 -40.88
CA GLU D 575 -11.52 -3.67 -40.81
C GLU D 575 -12.86 -2.93 -40.88
N PHE D 576 -13.00 -1.91 -40.03
CA PHE D 576 -14.24 -1.13 -39.89
C PHE D 576 -13.92 0.35 -39.91
N ASN D 577 -13.99 0.95 -41.10
CA ASN D 577 -13.87 2.40 -41.24
C ASN D 577 -12.63 2.92 -40.53
N GLY D 578 -11.50 2.33 -40.90
CA GLY D 578 -10.22 2.69 -40.34
C GLY D 578 -9.90 2.10 -38.99
N LYS D 579 -10.83 1.35 -38.40
CA LYS D 579 -10.66 0.72 -37.11
C LYS D 579 -10.74 -0.79 -37.28
N LEU D 580 -10.33 -1.53 -36.25
CA LEU D 580 -10.30 -2.98 -36.29
C LEU D 580 -11.42 -3.54 -35.43
N LEU D 581 -12.30 -4.34 -36.06
CA LEU D 581 -13.39 -5.01 -35.37
C LEU D 581 -12.99 -6.47 -35.13
N ALA D 582 -12.88 -6.85 -33.85
CA ALA D 582 -12.42 -8.19 -33.49
C ALA D 582 -13.41 -8.84 -32.55
N SER D 583 -13.59 -10.16 -32.69
CA SER D 583 -14.47 -10.94 -31.84
C SER D 583 -13.62 -11.78 -30.89
N ILE D 584 -13.69 -11.46 -29.60
CA ILE D 584 -13.01 -12.21 -28.55
C ILE D 584 -14.10 -12.94 -27.78
N ASN D 585 -14.30 -14.22 -28.10
CA ASN D 585 -15.30 -15.07 -27.44
C ASN D 585 -16.67 -14.38 -27.52
N SER D 586 -17.37 -14.21 -26.40
CA SER D 586 -18.67 -13.56 -26.42
C SER D 586 -18.58 -12.10 -26.79
N THR D 587 -17.47 -11.44 -26.48
CA THR D 587 -17.33 -10.00 -26.66
C THR D 587 -16.96 -9.66 -28.10
N VAL D 588 -17.57 -8.60 -28.62
CA VAL D 588 -17.20 -8.01 -29.91
C VAL D 588 -16.70 -6.59 -29.64
N ARG D 589 -15.46 -6.30 -30.07
CA ARG D 589 -14.82 -5.04 -29.73
C ARG D 589 -14.36 -4.33 -31.00
N LEU D 590 -14.33 -2.99 -30.93
CA LEU D 590 -13.80 -2.15 -31.99
C LEU D 590 -12.53 -1.51 -31.44
N TYR D 591 -11.40 -1.74 -32.10
CA TYR D 591 -10.11 -1.22 -31.66
C TYR D 591 -9.72 -0.05 -32.55
N GLU D 592 -9.18 0.99 -31.93
CA GLU D 592 -8.62 2.14 -32.62
C GLU D 592 -7.10 2.02 -32.65
N TRP D 593 -6.50 2.55 -33.70
CA TRP D 593 -5.06 2.50 -33.92
C TRP D 593 -4.49 3.87 -33.58
N THR D 594 -3.71 3.93 -32.49
CA THR D 594 -3.25 5.21 -31.99
C THR D 594 -2.06 5.70 -32.82
N THR D 595 -1.71 6.97 -32.63
CA THR D 595 -0.51 7.51 -33.26
C THR D 595 0.76 6.92 -32.69
N GLU D 596 0.69 6.23 -31.54
CA GLU D 596 1.80 5.47 -31.00
C GLU D 596 1.83 4.03 -31.52
N LYS D 597 1.01 3.73 -32.53
CA LYS D 597 0.98 2.42 -33.18
C LYS D 597 0.63 1.29 -32.21
N GLU D 598 -0.44 1.48 -31.43
CA GLU D 598 -0.95 0.42 -30.58
C GLU D 598 -2.47 0.45 -30.60
N LEU D 599 -3.08 -0.71 -30.37
CA LEU D 599 -4.53 -0.83 -30.42
C LEU D 599 -5.15 -0.40 -29.09
N ARG D 600 -6.23 0.36 -29.18
CA ARG D 600 -6.97 0.88 -28.03
C ARG D 600 -8.45 0.57 -28.19
N THR D 601 -9.05 0.02 -27.14
CA THR D 601 -10.48 -0.30 -27.16
C THR D 601 -11.31 0.97 -27.16
N GLU D 602 -12.26 1.05 -28.09
CA GLU D 602 -13.22 2.15 -28.13
C GLU D 602 -14.56 1.74 -27.53
N CYS D 603 -15.13 0.62 -28.00
CA CYS D 603 -16.46 0.19 -27.60
C CYS D 603 -16.55 -1.33 -27.72
N ASN D 604 -17.46 -1.92 -26.94
CA ASN D 604 -17.61 -3.35 -26.83
C ASN D 604 -19.08 -3.74 -26.90
N HIS D 605 -19.35 -4.94 -27.38
CA HIS D 605 -20.67 -5.56 -27.35
C HIS D 605 -20.53 -6.97 -26.79
N TYR D 606 -21.48 -7.38 -25.93
CA TYR D 606 -21.27 -8.60 -25.16
C TYR D 606 -22.38 -9.65 -25.23
N ASN D 607 -23.50 -9.38 -25.91
CA ASN D 607 -24.60 -10.35 -25.88
C ASN D 607 -24.46 -11.36 -27.02
N ASN D 608 -23.43 -12.20 -26.90
CA ASN D 608 -23.21 -13.25 -27.86
C ASN D 608 -22.57 -14.45 -27.17
N ILE D 609 -23.09 -15.64 -27.51
CA ILE D 609 -22.52 -16.87 -26.94
C ILE D 609 -21.10 -17.08 -27.44
N MET D 610 -20.90 -16.94 -28.76
CA MET D 610 -19.56 -17.02 -29.33
C MET D 610 -19.61 -16.33 -30.69
N ALA D 611 -18.91 -15.19 -30.80
CA ALA D 611 -18.92 -14.39 -32.03
C ALA D 611 -17.98 -15.04 -33.03
N LEU D 612 -18.46 -16.11 -33.65
CA LEU D 612 -17.63 -16.89 -34.56
C LEU D 612 -17.31 -16.11 -35.85
N TYR D 613 -18.28 -15.37 -36.38
CA TYR D 613 -18.13 -14.75 -37.69
C TYR D 613 -18.50 -13.27 -37.68
N LEU D 614 -17.83 -12.51 -38.55
CA LEU D 614 -18.08 -11.07 -38.67
C LEU D 614 -18.07 -10.66 -40.14
N LYS D 615 -18.99 -9.78 -40.51
CA LYS D 615 -19.04 -9.19 -41.84
C LYS D 615 -19.58 -7.76 -41.68
N THR D 616 -19.07 -6.83 -42.48
CA THR D 616 -19.42 -5.42 -42.33
C THR D 616 -19.84 -4.78 -43.64
N LYS D 617 -20.82 -3.87 -43.55
CA LYS D 617 -21.21 -2.99 -44.65
C LYS D 617 -21.50 -1.63 -44.04
N GLY D 618 -20.63 -0.65 -44.33
CA GLY D 618 -20.83 0.67 -43.77
C GLY D 618 -20.57 0.67 -42.27
N ASP D 619 -21.48 1.29 -41.52
CA ASP D 619 -21.46 1.25 -40.07
C ASP D 619 -22.32 0.12 -39.51
N PHE D 620 -22.70 -0.84 -40.34
CA PHE D 620 -23.46 -2.00 -39.92
C PHE D 620 -22.55 -3.21 -39.80
N ILE D 621 -22.85 -4.06 -38.83
CA ILE D 621 -22.07 -5.28 -38.58
C ILE D 621 -23.03 -6.45 -38.50
N LEU D 622 -22.71 -7.54 -39.19
CA LEU D 622 -23.42 -8.79 -39.09
C LEU D 622 -22.56 -9.76 -38.31
N VAL D 623 -23.09 -10.29 -37.22
CA VAL D 623 -22.36 -11.17 -36.32
C VAL D 623 -22.95 -12.57 -36.39
N GLY D 624 -22.07 -13.56 -36.41
CA GLY D 624 -22.45 -14.96 -36.51
C GLY D 624 -22.13 -15.69 -35.22
N ASP D 625 -23.15 -16.25 -34.60
CA ASP D 625 -23.04 -16.97 -33.34
C ASP D 625 -23.05 -18.48 -33.49
N LEU D 626 -22.57 -19.14 -32.42
CA LEU D 626 -22.47 -20.59 -32.41
C LEU D 626 -23.85 -21.25 -32.46
N MET D 627 -24.83 -20.66 -31.79
CA MET D 627 -26.15 -21.29 -31.76
C MET D 627 -27.32 -20.33 -31.82
N ARG D 628 -27.12 -19.01 -31.72
CA ARG D 628 -28.20 -18.04 -31.73
C ARG D 628 -28.30 -17.24 -33.03
N SER D 629 -27.80 -17.78 -34.14
CA SER D 629 -27.99 -17.19 -35.47
C SER D 629 -27.27 -15.85 -35.65
N VAL D 630 -27.82 -14.95 -36.47
CA VAL D 630 -27.13 -13.74 -36.90
C VAL D 630 -27.74 -12.54 -36.19
N LEU D 631 -26.90 -11.52 -35.99
CA LEU D 631 -27.29 -10.27 -35.34
C LEU D 631 -26.83 -9.13 -36.23
N LEU D 632 -27.66 -8.09 -36.32
CA LEU D 632 -27.31 -6.90 -37.10
C LEU D 632 -26.96 -5.81 -36.10
N LEU D 633 -25.66 -5.62 -35.88
CA LEU D 633 -25.20 -4.51 -35.07
C LEU D 633 -25.03 -3.28 -35.95
N ALA D 634 -25.04 -2.11 -35.32
CA ALA D 634 -24.72 -0.87 -36.01
C ALA D 634 -23.82 -0.06 -35.08
N TYR D 635 -22.80 0.56 -35.66
CA TYR D 635 -21.94 1.48 -34.94
C TYR D 635 -22.55 2.86 -34.97
N LYS D 636 -22.77 3.45 -33.80
CA LYS D 636 -23.35 4.78 -33.74
C LYS D 636 -22.22 5.78 -33.48
N PRO D 637 -21.68 6.43 -34.50
CA PRO D 637 -20.49 7.27 -34.29
C PRO D 637 -20.71 8.44 -33.35
N MET D 638 -21.92 9.00 -33.29
CA MET D 638 -22.13 10.14 -32.40
C MET D 638 -21.89 9.75 -30.95
N GLU D 639 -22.26 8.54 -30.56
CA GLU D 639 -22.04 8.10 -29.18
C GLU D 639 -20.73 7.33 -29.00
N GLY D 640 -20.23 6.66 -30.03
CA GLY D 640 -19.05 5.85 -29.88
C GLY D 640 -19.29 4.46 -29.31
N ASN D 641 -20.42 3.85 -29.63
CA ASN D 641 -20.78 2.55 -29.10
C ASN D 641 -21.62 1.79 -30.13
N PHE D 642 -21.92 0.54 -29.81
CA PHE D 642 -22.75 -0.31 -30.66
C PHE D 642 -24.21 -0.24 -30.19
N GLU D 643 -25.14 -0.43 -31.13
CA GLU D 643 -26.55 -0.55 -30.81
C GLU D 643 -27.09 -1.77 -31.55
N GLU D 644 -27.82 -2.63 -30.84
CA GLU D 644 -28.42 -3.79 -31.48
C GLU D 644 -29.58 -3.36 -32.36
N ILE D 645 -29.48 -3.66 -33.66
CA ILE D 645 -30.55 -3.31 -34.60
C ILE D 645 -31.59 -4.41 -34.71
N ALA D 646 -31.17 -5.65 -34.90
CA ALA D 646 -32.12 -6.74 -35.10
C ALA D 646 -31.40 -8.07 -35.04
N ARG D 647 -32.12 -9.10 -34.60
CA ARG D 647 -31.55 -10.42 -34.41
C ARG D 647 -32.51 -11.49 -34.91
N ASP D 648 -31.93 -12.59 -35.37
CA ASP D 648 -32.69 -13.77 -35.77
C ASP D 648 -32.88 -14.57 -34.50
N PHE D 649 -34.01 -14.40 -33.82
CA PHE D 649 -34.14 -15.03 -32.51
C PHE D 649 -34.23 -16.54 -32.63
N ASN D 650 -34.62 -17.05 -33.80
CA ASN D 650 -34.56 -18.48 -34.08
C ASN D 650 -33.12 -18.98 -34.00
N PRO D 651 -32.88 -20.15 -33.42
CA PRO D 651 -31.51 -20.62 -33.21
C PRO D 651 -30.97 -21.52 -34.30
N ASN D 652 -29.81 -21.17 -34.87
CA ASN D 652 -29.14 -21.96 -35.89
C ASN D 652 -27.65 -22.01 -35.59
N TRP D 653 -27.04 -23.18 -35.78
CA TRP D 653 -25.58 -23.32 -35.68
C TRP D 653 -24.98 -22.78 -36.96
N MET D 654 -24.48 -21.54 -36.93
CA MET D 654 -23.96 -20.91 -38.13
C MET D 654 -22.60 -21.47 -38.50
N SER D 655 -22.37 -21.65 -39.80
CA SER D 655 -21.07 -22.04 -40.33
C SER D 655 -20.38 -20.94 -41.13
N ALA D 656 -21.14 -19.95 -41.59
CA ALA D 656 -20.60 -18.81 -42.31
C ALA D 656 -21.73 -17.81 -42.59
N VAL D 657 -21.43 -16.52 -42.60
CA VAL D 657 -22.42 -15.48 -42.85
C VAL D 657 -21.89 -14.55 -43.93
N GLU D 658 -22.81 -13.74 -44.47
CA GLU D 658 -22.44 -12.73 -45.45
C GLU D 658 -23.56 -11.70 -45.52
N ILE D 659 -23.17 -10.46 -45.85
CA ILE D 659 -24.12 -9.38 -46.06
C ILE D 659 -24.36 -9.28 -47.57
N LEU D 660 -25.62 -9.40 -47.98
CA LEU D 660 -25.96 -9.27 -49.39
C LEU D 660 -26.17 -7.80 -49.77
N ASP D 661 -26.94 -7.08 -48.97
CA ASP D 661 -27.17 -5.65 -49.16
C ASP D 661 -27.61 -5.08 -47.82
N ASP D 662 -28.02 -3.81 -47.82
CA ASP D 662 -28.32 -3.14 -46.56
C ASP D 662 -29.44 -3.81 -45.77
N ASP D 663 -30.27 -4.62 -46.43
CA ASP D 663 -31.42 -5.24 -45.79
C ASP D 663 -31.36 -6.75 -45.70
N ASN D 664 -30.62 -7.42 -46.58
CA ASN D 664 -30.59 -8.87 -46.63
C ASN D 664 -29.28 -9.41 -46.05
N PHE D 665 -29.39 -10.51 -45.30
CA PHE D 665 -28.26 -11.15 -44.65
C PHE D 665 -28.34 -12.64 -44.92
N LEU D 666 -27.20 -13.21 -45.32
CA LEU D 666 -27.12 -14.59 -45.76
C LEU D 666 -26.41 -15.41 -44.70
N GLY D 667 -26.92 -16.61 -44.44
CA GLY D 667 -26.34 -17.49 -43.44
C GLY D 667 -26.31 -18.91 -43.92
N ALA D 668 -25.33 -19.65 -43.42
CA ALA D 668 -25.17 -21.07 -43.73
C ALA D 668 -25.23 -21.83 -42.41
N GLU D 669 -25.96 -22.94 -42.39
CA GLU D 669 -26.14 -23.72 -41.19
C GLU D 669 -25.27 -24.97 -41.28
N ASN D 670 -25.02 -25.57 -40.12
CA ASN D 670 -24.26 -26.83 -40.12
C ASN D 670 -25.09 -27.99 -40.64
N ALA D 671 -26.37 -27.77 -40.93
CA ALA D 671 -27.24 -28.78 -41.52
C ALA D 671 -27.21 -28.75 -43.04
N PHE D 672 -26.21 -28.11 -43.64
CA PHE D 672 -26.14 -27.97 -45.10
C PHE D 672 -27.35 -27.19 -45.62
N ASN D 673 -27.80 -26.22 -44.82
CA ASN D 673 -28.95 -25.39 -45.17
C ASN D 673 -28.52 -23.94 -45.26
N LEU D 674 -29.06 -23.22 -46.24
CA LEU D 674 -28.84 -21.79 -46.41
C LEU D 674 -30.11 -21.06 -46.05
N PHE D 675 -29.98 -19.93 -45.35
CA PHE D 675 -31.16 -19.13 -45.02
C PHE D 675 -30.82 -17.65 -45.13
N VAL D 676 -31.80 -16.86 -45.54
CA VAL D 676 -31.63 -15.42 -45.69
C VAL D 676 -32.67 -14.75 -44.80
N CYS D 677 -32.20 -13.91 -43.87
CA CYS D 677 -33.06 -13.13 -42.99
C CYS D 677 -32.86 -11.65 -43.27
N GLN D 678 -33.93 -10.87 -43.14
CA GLN D 678 -33.91 -9.45 -43.45
C GLN D 678 -34.66 -8.64 -42.41
N LYS D 679 -34.31 -7.36 -42.33
CA LYS D 679 -35.05 -6.42 -41.49
C LYS D 679 -36.51 -6.40 -41.92
N ASP D 680 -37.41 -6.45 -40.93
CA ASP D 680 -38.83 -6.61 -41.22
C ASP D 680 -39.43 -5.37 -41.88
N SER D 681 -39.11 -4.19 -41.36
CA SER D 681 -39.58 -2.92 -41.93
C SER D 681 -41.10 -2.88 -42.05
N ALA D 682 -41.81 -3.56 -41.15
CA ALA D 682 -43.25 -3.55 -41.12
C ALA D 682 -43.78 -3.30 -39.71
N ALA D 683 -45.02 -2.79 -39.66
CA ALA D 683 -45.78 -2.45 -38.47
C ALA D 683 -45.19 -1.33 -37.62
N THR D 684 -44.04 -0.79 -37.97
CA THR D 684 -43.44 0.35 -37.27
C THR D 684 -43.45 0.17 -35.75
N THR D 685 -43.17 -1.05 -35.30
CA THR D 685 -43.06 -1.37 -33.88
C THR D 685 -41.58 -1.63 -33.60
N ASP D 686 -41.09 -1.14 -32.45
CA ASP D 686 -39.69 -1.38 -32.10
C ASP D 686 -39.41 -2.87 -31.96
N GLU D 687 -40.38 -3.62 -31.42
CA GLU D 687 -40.24 -5.05 -31.28
C GLU D 687 -40.18 -5.73 -32.64
N GLU D 688 -41.03 -5.29 -33.56
CA GLU D 688 -41.00 -5.83 -34.92
C GLU D 688 -39.68 -5.47 -35.60
N ARG D 689 -39.22 -4.22 -35.43
CA ARG D 689 -37.96 -3.78 -36.03
C ARG D 689 -36.79 -4.65 -35.60
N GLN D 690 -36.70 -4.98 -34.30
CA GLN D 690 -35.60 -5.78 -33.77
C GLN D 690 -35.67 -7.25 -34.15
N HIS D 691 -36.73 -7.73 -34.77
CA HIS D 691 -36.83 -9.13 -35.18
C HIS D 691 -36.32 -9.29 -36.62
N LEU D 692 -35.33 -10.15 -36.82
CA LEU D 692 -34.83 -10.47 -38.15
C LEU D 692 -35.56 -11.73 -38.59
N GLN D 693 -36.31 -11.65 -39.70
CA GLN D 693 -37.18 -12.76 -40.11
C GLN D 693 -36.50 -13.59 -41.19
N GLU D 694 -36.39 -14.89 -40.94
CA GLU D 694 -35.93 -15.83 -41.96
C GLU D 694 -36.94 -15.87 -43.10
N VAL D 695 -36.58 -15.30 -44.25
CA VAL D 695 -37.45 -15.24 -45.39
C VAL D 695 -37.05 -16.21 -46.50
N GLY D 696 -35.80 -16.66 -46.52
CA GLY D 696 -35.33 -17.62 -47.50
C GLY D 696 -34.75 -18.84 -46.83
N LEU D 697 -35.14 -20.04 -47.29
CA LEU D 697 -34.66 -21.30 -46.77
C LEU D 697 -34.35 -22.23 -47.93
N PHE D 698 -33.19 -22.90 -47.86
CA PHE D 698 -32.72 -23.71 -48.99
C PHE D 698 -31.73 -24.74 -48.46
N HIS D 699 -31.98 -26.02 -48.74
CA HIS D 699 -31.03 -27.07 -48.42
C HIS D 699 -30.01 -27.15 -49.55
N LEU D 700 -28.77 -26.74 -49.26
CA LEU D 700 -27.73 -26.76 -50.28
C LEU D 700 -27.15 -28.17 -50.45
N GLY D 701 -26.98 -28.89 -49.36
CA GLY D 701 -26.35 -30.18 -49.40
C GLY D 701 -24.85 -30.15 -49.29
N GLU D 702 -24.25 -28.98 -49.13
CA GLU D 702 -22.82 -28.83 -48.98
C GLU D 702 -22.60 -27.99 -47.73
N PHE D 703 -21.41 -28.11 -47.15
CA PHE D 703 -21.07 -27.42 -45.91
C PHE D 703 -20.25 -26.19 -46.26
N VAL D 704 -20.84 -25.01 -46.07
CA VAL D 704 -20.18 -23.76 -46.43
C VAL D 704 -19.21 -23.37 -45.33
N ASN D 705 -17.95 -23.15 -45.70
CA ASN D 705 -16.97 -22.62 -44.76
C ASN D 705 -16.69 -21.13 -44.96
N VAL D 706 -16.84 -20.61 -46.17
CA VAL D 706 -16.46 -19.22 -46.43
C VAL D 706 -17.41 -18.61 -47.46
N PHE D 707 -17.92 -17.40 -47.17
CA PHE D 707 -18.61 -16.57 -48.15
C PHE D 707 -17.64 -15.47 -48.61
N CYS D 708 -17.69 -15.15 -49.90
CA CYS D 708 -16.75 -14.18 -50.47
C CYS D 708 -17.42 -13.47 -51.64
N HIS D 709 -17.50 -12.15 -51.55
CA HIS D 709 -18.02 -11.34 -52.65
C HIS D 709 -17.07 -11.37 -53.84
N GLY D 710 -17.61 -11.55 -55.03
CA GLY D 710 -16.80 -11.56 -56.22
C GLY D 710 -17.38 -12.51 -57.26
N SER D 711 -16.81 -12.41 -58.46
CA SER D 711 -17.20 -13.28 -59.58
C SER D 711 -15.95 -13.67 -60.34
N LEU D 712 -15.96 -14.89 -60.89
CA LEU D 712 -14.85 -15.36 -61.68
C LEU D 712 -14.97 -14.99 -63.15
N VAL D 713 -16.16 -14.66 -63.61
CA VAL D 713 -16.36 -14.29 -65.00
C VAL D 713 -15.91 -12.85 -65.17
N MET D 714 -15.44 -12.54 -66.38
CA MET D 714 -14.96 -11.20 -66.67
C MET D 714 -16.06 -10.16 -66.50
N GLN D 715 -15.68 -9.04 -65.88
CA GLN D 715 -16.55 -7.89 -65.66
C GLN D 715 -16.06 -6.78 -66.57
N ASN D 716 -16.90 -6.36 -67.50
CA ASN D 716 -16.59 -5.27 -68.41
C ASN D 716 -17.20 -3.98 -67.88
N LEU D 717 -16.39 -2.92 -67.83
CA LEU D 717 -16.84 -1.67 -67.22
C LEU D 717 -18.06 -1.10 -67.93
N GLY D 718 -18.39 -1.59 -69.12
CA GLY D 718 -19.60 -1.14 -69.78
C GLY D 718 -20.82 -1.76 -69.15
N GLU D 719 -21.86 -0.96 -68.98
CA GLU D 719 -23.03 -1.38 -68.22
C GLU D 719 -23.83 -2.41 -69.02
N THR D 720 -24.03 -3.58 -68.42
CA THR D 720 -24.89 -4.63 -68.98
C THR D 720 -26.04 -4.89 -68.03
N SER D 721 -27.25 -4.91 -68.56
CA SER D 721 -28.43 -5.15 -67.73
C SER D 721 -28.56 -6.65 -67.49
N THR D 722 -27.80 -7.15 -66.50
CA THR D 722 -27.92 -8.56 -66.17
C THR D 722 -29.18 -8.78 -65.34
N PRO D 723 -29.88 -9.92 -65.51
CA PRO D 723 -31.00 -10.20 -64.60
C PRO D 723 -30.55 -10.36 -63.16
N THR D 724 -29.42 -11.04 -62.96
CA THR D 724 -28.90 -11.26 -61.62
C THR D 724 -28.27 -9.99 -61.08
N GLN D 725 -28.49 -9.75 -59.79
CA GLN D 725 -27.89 -8.64 -59.06
C GLN D 725 -27.05 -9.20 -57.93
N GLY D 726 -25.78 -8.81 -57.88
CA GLY D 726 -24.87 -9.27 -56.86
C GLY D 726 -24.19 -10.58 -57.23
N SER D 727 -23.15 -10.90 -56.48
CA SER D 727 -22.39 -12.13 -56.73
C SER D 727 -21.62 -12.50 -55.47
N VAL D 728 -22.01 -13.60 -54.82
CA VAL D 728 -21.29 -14.14 -53.68
C VAL D 728 -20.84 -15.56 -54.04
N LEU D 729 -19.53 -15.79 -54.00
CA LEU D 729 -18.97 -17.13 -54.16
C LEU D 729 -18.81 -17.77 -52.78
N PHE D 730 -19.04 -19.08 -52.71
CA PHE D 730 -18.84 -19.80 -51.45
C PHE D 730 -18.10 -21.10 -51.66
N GLY D 731 -17.19 -21.40 -50.72
CA GLY D 731 -16.40 -22.61 -50.73
C GLY D 731 -16.91 -23.59 -49.68
N THR D 732 -16.75 -24.88 -49.97
CA THR D 732 -17.34 -25.93 -49.15
C THR D 732 -16.35 -27.02 -48.82
N VAL D 733 -16.78 -27.92 -47.92
CA VAL D 733 -15.93 -28.99 -47.43
C VAL D 733 -15.60 -29.99 -48.53
N ASN D 734 -16.51 -30.22 -49.47
CA ASN D 734 -16.29 -31.19 -50.54
C ASN D 734 -15.65 -30.60 -51.78
N GLY D 735 -15.14 -29.37 -51.70
CA GLY D 735 -14.52 -28.72 -52.84
C GLY D 735 -15.49 -28.02 -53.76
N MET D 736 -16.79 -28.22 -53.56
CA MET D 736 -17.80 -27.52 -54.35
C MET D 736 -17.67 -26.02 -54.15
N ILE D 737 -17.66 -25.28 -55.26
CA ILE D 737 -17.71 -23.83 -55.27
C ILE D 737 -19.05 -23.43 -55.89
N GLY D 738 -19.80 -22.59 -55.17
CA GLY D 738 -21.10 -22.14 -55.63
C GLY D 738 -21.16 -20.62 -55.65
N LEU D 739 -22.31 -20.12 -56.10
CA LEU D 739 -22.49 -18.68 -56.27
C LEU D 739 -23.92 -18.32 -55.90
N VAL D 740 -24.05 -17.26 -55.11
CA VAL D 740 -25.34 -16.73 -54.69
C VAL D 740 -25.51 -15.35 -55.30
N THR D 741 -26.69 -15.10 -55.87
CA THR D 741 -27.04 -13.82 -56.44
C THR D 741 -28.52 -13.57 -56.18
N SER D 742 -28.90 -12.31 -56.18
CA SER D 742 -30.27 -11.91 -55.88
C SER D 742 -31.03 -11.65 -57.17
N LEU D 743 -32.36 -11.71 -57.07
CA LEU D 743 -33.24 -11.51 -58.21
C LEU D 743 -34.26 -10.42 -57.92
N SER D 744 -34.84 -9.91 -59.00
CA SER D 744 -36.02 -9.08 -58.89
C SER D 744 -37.26 -9.97 -58.73
N GLU D 745 -38.32 -9.38 -58.17
CA GLU D 745 -39.54 -10.16 -58.00
C GLU D 745 -40.02 -10.71 -59.34
N SER D 746 -39.88 -9.92 -60.41
CA SER D 746 -40.27 -10.39 -61.73
C SER D 746 -39.53 -11.66 -62.11
N TRP D 747 -38.23 -11.72 -61.81
CA TRP D 747 -37.41 -12.84 -62.22
C TRP D 747 -37.61 -14.08 -61.35
N TYR D 748 -37.80 -13.89 -60.04
CA TYR D 748 -38.05 -15.02 -59.17
C TYR D 748 -39.26 -15.82 -59.64
N ASN D 749 -40.40 -15.14 -59.81
CA ASN D 749 -41.63 -15.82 -60.21
C ASN D 749 -41.48 -16.57 -61.52
N LEU D 750 -40.83 -15.99 -62.53
CA LEU D 750 -40.64 -16.74 -63.78
C LEU D 750 -39.84 -18.02 -63.52
N LEU D 751 -38.71 -17.89 -62.81
CA LEU D 751 -37.82 -19.01 -62.60
C LEU D 751 -38.41 -20.03 -61.65
N LEU D 752 -39.20 -19.58 -60.68
CA LEU D 752 -39.92 -20.51 -59.81
C LEU D 752 -40.94 -21.31 -60.61
N ASP D 753 -41.71 -20.63 -61.45
CA ASP D 753 -42.70 -21.31 -62.28
C ASP D 753 -42.04 -22.36 -63.19
N MET D 754 -40.84 -22.06 -63.70
CA MET D 754 -40.14 -23.03 -64.53
C MET D 754 -39.72 -24.26 -63.73
N GLN D 755 -39.26 -24.05 -62.50
CA GLN D 755 -38.86 -25.19 -61.66
C GLN D 755 -40.01 -26.17 -61.51
N ASN D 756 -41.20 -25.67 -61.16
CA ASN D 756 -42.36 -26.55 -61.04
C ASN D 756 -42.68 -27.25 -62.35
N ARG D 757 -42.45 -26.57 -63.48
CA ARG D 757 -42.65 -27.20 -64.77
C ARG D 757 -41.56 -28.22 -65.08
N LEU D 758 -40.31 -27.86 -64.81
CA LEU D 758 -39.19 -28.75 -65.11
C LEU D 758 -39.28 -30.04 -64.30
N ASN D 759 -39.76 -29.95 -63.07
CA ASN D 759 -39.83 -31.13 -62.20
C ASN D 759 -40.82 -32.17 -62.72
N LYS D 760 -41.87 -31.73 -63.41
CA LYS D 760 -42.80 -32.68 -64.01
C LYS D 760 -42.19 -33.39 -65.22
N VAL D 761 -41.24 -32.73 -65.88
CA VAL D 761 -40.67 -33.24 -67.12
C VAL D 761 -39.46 -34.12 -66.86
N ILE D 762 -38.57 -33.69 -65.96
CA ILE D 762 -37.26 -34.33 -65.80
C ILE D 762 -37.40 -35.56 -64.90
N LYS D 763 -36.79 -36.66 -65.33
CA LYS D 763 -36.77 -37.89 -64.55
C LYS D 763 -35.51 -37.86 -63.67
N SER D 764 -35.69 -37.96 -62.36
CA SER D 764 -34.57 -37.93 -61.44
C SER D 764 -34.09 -39.35 -61.14
N VAL D 765 -32.79 -39.48 -60.89
CA VAL D 765 -32.23 -40.77 -60.51
C VAL D 765 -32.82 -41.18 -59.16
N GLY D 766 -33.37 -42.38 -59.09
CA GLY D 766 -34.06 -42.84 -57.90
C GLY D 766 -35.44 -42.27 -57.71
N LYS D 767 -35.91 -41.44 -58.65
CA LYS D 767 -37.23 -40.83 -58.57
C LYS D 767 -37.44 -40.09 -57.26
N ILE D 768 -36.44 -39.25 -56.92
CA ILE D 768 -36.51 -38.42 -55.73
C ILE D 768 -37.16 -37.09 -56.11
N GLU D 769 -38.22 -36.72 -55.40
CA GLU D 769 -38.91 -35.46 -55.63
C GLU D 769 -37.98 -34.29 -55.34
N HIS D 770 -37.83 -33.39 -56.32
CA HIS D 770 -36.95 -32.24 -56.15
C HIS D 770 -37.37 -31.37 -54.99
N SER D 771 -38.67 -31.12 -54.85
CA SER D 771 -39.13 -30.23 -53.78
C SER D 771 -38.68 -30.73 -52.42
N PHE D 772 -38.65 -32.05 -52.23
CA PHE D 772 -38.20 -32.62 -50.96
C PHE D 772 -36.70 -32.43 -50.74
N TRP D 773 -35.89 -32.66 -51.78
CA TRP D 773 -34.45 -32.57 -51.62
C TRP D 773 -34.01 -31.18 -51.17
N ARG D 774 -34.58 -30.13 -51.75
CA ARG D 774 -34.19 -28.77 -51.39
C ARG D 774 -34.92 -28.25 -50.15
N SER D 775 -35.89 -28.99 -49.62
CA SER D 775 -36.59 -28.56 -48.43
C SER D 775 -35.65 -28.47 -47.23
N PHE D 776 -35.63 -27.29 -46.60
CA PHE D 776 -34.87 -27.07 -45.38
C PHE D 776 -35.09 -28.19 -44.39
N HIS D 777 -34.02 -28.91 -44.05
CA HIS D 777 -34.10 -30.10 -43.21
C HIS D 777 -33.04 -30.07 -42.12
N THR D 778 -33.51 -30.22 -40.88
CA THR D 778 -32.67 -30.46 -39.72
C THR D 778 -33.20 -31.71 -39.02
N GLU D 779 -32.38 -32.29 -38.15
CA GLU D 779 -32.84 -33.46 -37.40
C GLU D 779 -34.21 -33.23 -36.79
N ARG D 780 -34.51 -31.98 -36.41
CA ARG D 780 -35.76 -31.65 -35.74
C ARG D 780 -36.84 -31.17 -36.71
N LYS D 781 -36.47 -30.40 -37.74
CA LYS D 781 -37.48 -29.80 -38.60
C LYS D 781 -37.23 -30.08 -40.07
N THR D 782 -38.31 -29.93 -40.85
CA THR D 782 -38.26 -29.96 -42.31
C THR D 782 -39.27 -28.94 -42.81
N GLU D 783 -38.80 -27.95 -43.56
CA GLU D 783 -39.64 -26.90 -44.11
C GLU D 783 -39.45 -26.84 -45.62
N PRO D 784 -40.50 -26.45 -46.36
CA PRO D 784 -40.32 -26.28 -47.81
C PRO D 784 -39.40 -25.11 -48.09
N ALA D 785 -38.58 -25.25 -49.13
CA ALA D 785 -37.68 -24.17 -49.50
C ALA D 785 -38.49 -22.95 -49.93
N THR D 786 -37.91 -21.77 -49.72
CA THR D 786 -38.57 -20.52 -50.08
C THR D 786 -37.49 -19.48 -50.36
N GLY D 787 -37.76 -18.61 -51.34
CA GLY D 787 -36.87 -17.52 -51.65
C GLY D 787 -35.62 -17.89 -52.41
N PHE D 788 -35.49 -19.13 -52.87
CA PHE D 788 -34.29 -19.59 -53.55
C PHE D 788 -34.65 -20.33 -54.83
N ILE D 789 -33.90 -20.04 -55.90
CA ILE D 789 -34.06 -20.71 -57.18
C ILE D 789 -32.88 -21.67 -57.33
N ASP D 790 -33.18 -22.95 -57.56
CA ASP D 790 -32.13 -23.93 -57.81
C ASP D 790 -31.55 -23.71 -59.20
N GLY D 791 -30.51 -22.88 -59.29
CA GLY D 791 -29.96 -22.54 -60.58
C GLY D 791 -29.48 -23.74 -61.37
N ASP D 792 -29.07 -24.80 -60.68
CA ASP D 792 -28.65 -26.01 -61.37
C ASP D 792 -29.82 -26.69 -62.07
N LEU D 793 -31.03 -26.51 -61.56
CA LEU D 793 -32.22 -27.01 -62.22
C LEU D 793 -32.58 -26.16 -63.43
N ILE D 794 -32.55 -24.84 -63.27
CA ILE D 794 -32.85 -23.94 -64.38
C ILE D 794 -31.91 -24.22 -65.56
N GLU D 795 -30.62 -24.39 -65.26
CA GLU D 795 -29.63 -24.59 -66.31
C GLU D 795 -29.73 -25.95 -67.00
N SER D 796 -30.53 -26.88 -66.46
CA SER D 796 -30.73 -28.15 -67.13
C SER D 796 -31.77 -28.06 -68.24
N PHE D 797 -32.57 -26.99 -68.26
CA PHE D 797 -33.49 -26.74 -69.36
C PHE D 797 -32.78 -26.80 -70.70
N LEU D 798 -31.56 -26.28 -70.76
CA LEU D 798 -30.80 -26.28 -72.01
C LEU D 798 -30.36 -27.66 -72.45
N ASP D 799 -30.43 -28.67 -71.57
CA ASP D 799 -29.96 -30.01 -71.88
C ASP D 799 -31.07 -31.01 -72.12
N ILE D 800 -32.34 -30.64 -71.95
CA ILE D 800 -33.45 -31.53 -72.26
C ILE D 800 -33.79 -31.38 -73.74
N SER D 801 -34.36 -32.43 -74.31
CA SER D 801 -34.61 -32.47 -75.74
C SER D 801 -35.67 -31.44 -76.14
N ARG D 802 -35.68 -31.11 -77.43
CA ARG D 802 -36.63 -30.11 -77.93
C ARG D 802 -38.07 -30.47 -77.61
N PRO D 803 -38.53 -31.72 -77.78
CA PRO D 803 -39.90 -32.04 -77.39
C PRO D 803 -40.23 -31.68 -75.94
N LYS D 804 -39.29 -31.91 -75.02
CA LYS D 804 -39.56 -31.60 -73.62
C LYS D 804 -39.54 -30.09 -73.38
N MET D 805 -38.64 -29.37 -74.04
CA MET D 805 -38.65 -27.91 -73.93
C MET D 805 -40.02 -27.36 -74.30
N GLN D 806 -40.61 -27.88 -75.38
CA GLN D 806 -41.93 -27.42 -75.81
C GLN D 806 -42.99 -27.80 -74.78
N GLU D 807 -42.84 -28.96 -74.14
CA GLU D 807 -43.76 -29.34 -73.06
C GLU D 807 -43.66 -28.38 -71.88
N VAL D 808 -42.46 -27.88 -71.59
CA VAL D 808 -42.28 -27.03 -70.41
C VAL D 808 -43.02 -25.72 -70.58
N VAL D 809 -42.92 -25.10 -71.75
CA VAL D 809 -43.50 -23.77 -71.98
C VAL D 809 -44.99 -23.78 -72.23
N ALA D 810 -45.64 -24.94 -72.25
CA ALA D 810 -47.07 -24.97 -72.53
C ALA D 810 -47.82 -24.12 -71.53
N ASN D 811 -48.67 -23.23 -72.04
CA ASN D 811 -49.48 -22.33 -71.22
C ASN D 811 -48.63 -21.45 -70.32
N LEU D 812 -47.45 -21.07 -70.79
CA LEU D 812 -46.54 -20.19 -70.08
C LEU D 812 -46.56 -18.85 -70.80
N GLN D 813 -46.74 -17.76 -70.06
CA GLN D 813 -46.76 -16.44 -70.66
C GLN D 813 -45.46 -15.74 -70.29
N TYR D 814 -44.77 -15.23 -71.30
CA TYR D 814 -43.50 -14.57 -71.15
C TYR D 814 -43.63 -13.08 -71.42
N ASP D 815 -42.85 -12.30 -70.68
CA ASP D 815 -42.86 -10.85 -70.80
C ASP D 815 -41.79 -10.48 -71.81
N ASP D 816 -42.18 -9.81 -72.89
CA ASP D 816 -41.21 -9.37 -73.88
C ASP D 816 -40.21 -8.37 -73.29
N GLY D 817 -40.53 -7.77 -72.15
CA GLY D 817 -39.75 -6.69 -71.60
C GLY D 817 -40.26 -5.33 -72.00
N SER D 818 -40.98 -5.25 -73.13
CA SER D 818 -41.71 -4.06 -73.52
C SER D 818 -43.13 -4.03 -72.96
N GLY D 819 -43.38 -4.72 -71.86
CA GLY D 819 -44.71 -4.79 -71.30
C GLY D 819 -45.64 -5.73 -72.03
N MET D 820 -45.15 -6.42 -73.06
CA MET D 820 -45.96 -7.34 -73.85
C MET D 820 -45.84 -8.74 -73.26
N LYS D 821 -46.91 -9.21 -72.61
CA LYS D 821 -46.97 -10.54 -72.04
C LYS D 821 -47.57 -11.47 -73.09
N ARG D 822 -46.75 -12.39 -73.62
CA ARG D 822 -47.17 -13.26 -74.69
C ARG D 822 -46.93 -14.72 -74.32
N GLU D 823 -47.49 -15.63 -75.13
CA GLU D 823 -47.21 -17.05 -74.95
C GLU D 823 -45.71 -17.27 -75.17
N ALA D 824 -45.13 -18.17 -74.38
CA ALA D 824 -43.68 -18.36 -74.39
C ALA D 824 -43.30 -19.46 -75.37
N THR D 825 -42.18 -19.26 -76.04
CA THR D 825 -41.61 -20.26 -76.92
C THR D 825 -40.33 -20.80 -76.29
N ALA D 826 -39.91 -21.98 -76.76
CA ALA D 826 -38.68 -22.57 -76.25
C ALA D 826 -37.49 -21.68 -76.53
N ASP D 827 -37.55 -20.88 -77.60
CA ASP D 827 -36.45 -19.98 -77.91
C ASP D 827 -36.36 -18.83 -76.91
N ASP D 828 -37.50 -18.35 -76.40
CA ASP D 828 -37.47 -17.27 -75.43
C ASP D 828 -36.77 -17.71 -74.15
N LEU D 829 -37.15 -18.87 -73.62
CA LEU D 829 -36.55 -19.34 -72.37
C LEU D 829 -35.09 -19.73 -72.58
N ILE D 830 -34.76 -20.30 -73.74
CA ILE D 830 -33.38 -20.65 -74.03
C ILE D 830 -32.49 -19.41 -73.95
N LYS D 831 -32.97 -18.28 -74.48
CA LYS D 831 -32.21 -17.04 -74.36
C LYS D 831 -32.06 -16.65 -72.89
N VAL D 832 -33.12 -16.82 -72.10
CA VAL D 832 -33.08 -16.43 -70.69
C VAL D 832 -32.10 -17.30 -69.93
N VAL D 833 -32.21 -18.62 -70.08
CA VAL D 833 -31.35 -19.53 -69.33
C VAL D 833 -29.90 -19.32 -69.74
N GLU D 834 -29.66 -19.13 -71.04
CA GLU D 834 -28.29 -18.94 -71.51
C GLU D 834 -27.67 -17.70 -70.87
N GLU D 835 -28.48 -16.66 -70.64
CA GLU D 835 -28.00 -15.49 -69.92
C GLU D 835 -27.61 -15.84 -68.49
N LEU D 836 -28.35 -16.74 -67.84
CA LEU D 836 -28.03 -17.11 -66.47
C LEU D 836 -26.76 -17.95 -66.38
N THR D 837 -26.40 -18.67 -67.45
CA THR D 837 -25.16 -19.43 -67.41
C THR D 837 -23.92 -18.55 -67.48
N ARG D 838 -24.07 -17.27 -67.79
CA ARG D 838 -22.93 -16.38 -67.96
C ARG D 838 -22.53 -15.67 -66.68
N ILE D 839 -23.21 -15.93 -65.56
CA ILE D 839 -22.85 -15.32 -64.30
C ILE D 839 -21.76 -16.09 -63.57
N HIS D 840 -21.32 -17.22 -64.10
CA HIS D 840 -20.31 -18.04 -63.46
C HIS D 840 -19.47 -18.79 -64.48
N THR E 7 -35.35 -1.37 1.75
CA THR E 7 -35.06 -2.75 2.07
C THR E 7 -35.17 -3.64 0.84
N GLU E 8 -34.80 -4.92 1.00
CA GLU E 8 -34.84 -5.88 -0.10
C GLU E 8 -36.27 -6.09 -0.61
N SER E 9 -37.28 -5.70 0.15
CA SER E 9 -38.66 -6.03 -0.14
C SER E 9 -39.42 -4.94 -0.89
N ASP E 10 -38.89 -3.71 -0.96
CA ASP E 10 -39.63 -2.58 -1.52
C ASP E 10 -39.46 -2.58 -3.05
N TRP E 11 -40.20 -3.46 -3.70
CA TRP E 11 -40.14 -3.58 -5.15
C TRP E 11 -40.90 -2.44 -5.82
N GLY E 12 -40.62 -2.24 -7.11
CA GLY E 12 -41.28 -1.22 -7.88
C GLY E 12 -40.70 0.16 -7.74
N LYS E 13 -39.75 0.35 -6.83
CA LYS E 13 -39.20 1.67 -6.53
C LYS E 13 -37.85 1.91 -7.18
N ARG E 14 -36.96 0.93 -7.08
CA ARG E 14 -35.61 1.05 -7.63
C ARG E 14 -35.68 1.19 -9.16
N CYS E 15 -34.79 2.02 -9.70
CA CYS E 15 -34.79 2.33 -11.12
C CYS E 15 -33.98 1.31 -11.90
N VAL E 16 -34.35 1.13 -13.17
CA VAL E 16 -33.61 0.24 -14.05
C VAL E 16 -32.26 0.82 -14.45
N ASP E 17 -31.98 2.08 -14.11
CA ASP E 17 -30.63 2.61 -14.28
C ASP E 17 -29.60 1.76 -13.56
N LYS E 18 -30.02 1.07 -12.49
CA LYS E 18 -29.13 0.23 -11.68
C LYS E 18 -28.70 -1.03 -12.41
N PHE E 19 -29.20 -1.26 -13.63
CA PHE E 19 -28.79 -2.37 -14.47
C PHE E 19 -28.22 -1.83 -15.77
N ASP E 20 -27.04 -2.34 -16.14
CA ASP E 20 -26.41 -2.05 -17.42
C ASP E 20 -26.93 -3.06 -18.44
N ILE E 21 -27.69 -2.57 -19.42
CA ILE E 21 -28.31 -3.46 -20.39
C ILE E 21 -27.23 -4.01 -21.32
N ILE E 22 -27.21 -5.34 -21.46
CA ILE E 22 -26.27 -6.00 -22.36
C ILE E 22 -26.89 -6.18 -23.74
N GLY E 23 -28.13 -6.64 -23.78
CA GLY E 23 -28.79 -6.89 -25.06
C GLY E 23 -30.16 -7.50 -24.83
N ILE E 24 -30.78 -7.91 -25.93
CA ILE E 24 -32.10 -8.54 -25.92
C ILE E 24 -31.88 -10.04 -26.11
N ILE E 25 -32.28 -10.83 -25.12
CA ILE E 25 -32.08 -12.27 -25.24
C ILE E 25 -33.27 -12.90 -25.96
N GLY E 26 -34.47 -12.35 -25.78
CA GLY E 26 -35.64 -12.90 -26.40
C GLY E 26 -36.77 -11.90 -26.37
N GLU E 27 -37.77 -12.19 -27.20
CA GLU E 27 -39.03 -11.46 -27.24
C GLU E 27 -40.10 -12.21 -26.47
N GLY E 28 -40.69 -11.56 -25.48
CA GLY E 28 -41.65 -12.19 -24.60
C GLY E 28 -43.08 -12.02 -25.05
N THR E 29 -44.00 -11.95 -24.08
CA THR E 29 -45.43 -11.82 -24.33
C THR E 29 -45.95 -10.43 -24.05
N TYR E 30 -45.55 -9.84 -22.92
CA TYR E 30 -45.92 -8.48 -22.53
C TYR E 30 -44.76 -7.50 -22.69
N GLY E 31 -43.68 -7.93 -23.32
CA GLY E 31 -42.53 -7.09 -23.56
C GLY E 31 -41.34 -7.96 -23.92
N GLN E 32 -40.25 -7.30 -24.27
CA GLN E 32 -39.05 -8.04 -24.64
C GLN E 32 -38.18 -8.32 -23.42
N VAL E 33 -37.44 -9.42 -23.51
CA VAL E 33 -36.62 -9.92 -22.41
C VAL E 33 -35.19 -9.53 -22.70
N TYR E 34 -34.56 -8.85 -21.74
CA TYR E 34 -33.21 -8.32 -21.93
C TYR E 34 -32.28 -8.92 -20.90
N LYS E 35 -31.04 -9.20 -21.32
CA LYS E 35 -29.97 -9.55 -20.40
C LYS E 35 -29.32 -8.28 -19.86
N ALA E 36 -28.81 -8.38 -18.63
CA ALA E 36 -28.31 -7.20 -17.95
C ALA E 36 -27.31 -7.60 -16.88
N LYS E 37 -26.49 -6.64 -16.49
CA LYS E 37 -25.56 -6.81 -15.39
C LYS E 37 -25.88 -5.77 -14.31
N ASP E 38 -25.97 -6.23 -13.07
CA ASP E 38 -26.23 -5.33 -11.95
C ASP E 38 -25.00 -4.48 -11.68
N LYS E 39 -25.20 -3.16 -11.66
CA LYS E 39 -24.06 -2.25 -11.54
C LYS E 39 -23.39 -2.36 -10.17
N ASP E 40 -24.14 -2.72 -9.13
CA ASP E 40 -23.58 -2.74 -7.78
C ASP E 40 -22.93 -4.08 -7.43
N THR E 41 -23.54 -5.19 -7.84
CA THR E 41 -23.04 -6.51 -7.46
C THR E 41 -22.33 -7.23 -8.59
N GLY E 42 -22.58 -6.85 -9.85
CA GLY E 42 -21.99 -7.52 -10.98
C GLY E 42 -22.76 -8.72 -11.46
N GLU E 43 -23.85 -9.07 -10.81
CA GLU E 43 -24.63 -10.23 -11.20
C GLU E 43 -25.25 -10.00 -12.58
N LEU E 44 -25.31 -11.06 -13.37
CA LEU E 44 -26.03 -11.04 -14.64
C LEU E 44 -27.48 -11.40 -14.35
N VAL E 45 -28.39 -10.56 -14.83
CA VAL E 45 -29.82 -10.71 -14.57
C VAL E 45 -30.50 -10.53 -15.92
N ALA E 46 -31.66 -11.14 -16.08
CA ALA E 46 -32.47 -10.95 -17.27
C ALA E 46 -33.72 -10.18 -16.88
N LEU E 47 -33.96 -9.05 -17.53
CA LEU E 47 -35.02 -8.12 -17.16
C LEU E 47 -36.10 -8.26 -18.25
N LYS E 48 -37.29 -8.69 -17.85
CA LYS E 48 -38.43 -8.74 -18.77
C LYS E 48 -39.18 -7.42 -18.65
N LYS E 49 -39.37 -6.74 -19.77
CA LYS E 49 -40.05 -5.47 -19.77
C LYS E 49 -41.56 -5.69 -19.77
N VAL E 50 -42.26 -4.91 -18.94
CA VAL E 50 -43.71 -4.89 -18.89
C VAL E 50 -44.17 -3.52 -19.34
N ARG E 51 -44.99 -3.49 -20.40
CA ARG E 51 -45.43 -2.24 -21.01
C ARG E 51 -46.86 -1.95 -20.59
N LEU E 52 -47.06 -0.85 -19.88
CA LEU E 52 -48.36 -0.34 -19.51
C LEU E 52 -48.83 0.73 -20.49
N ASP E 53 -48.03 1.03 -21.50
CA ASP E 53 -48.36 2.10 -22.43
C ASP E 53 -49.61 1.78 -23.24
N ASN E 54 -49.85 0.50 -23.53
CA ASN E 54 -51.06 0.14 -24.27
C ASN E 54 -52.30 0.63 -23.55
N GLU E 55 -52.36 0.46 -22.22
CA GLU E 55 -53.46 0.97 -21.43
C GLU E 55 -54.80 0.50 -21.98
N LYS E 56 -54.78 -0.67 -22.64
CA LYS E 56 -56.03 -1.31 -23.03
C LYS E 56 -56.75 -1.85 -21.79
N GLU E 57 -56.02 -2.63 -20.98
CA GLU E 57 -56.49 -3.11 -19.70
C GLU E 57 -55.43 -2.91 -18.62
N GLY E 58 -54.48 -2.00 -18.86
CA GLY E 58 -53.45 -1.70 -17.87
C GLY E 58 -52.34 -2.75 -17.81
N PHE E 59 -51.80 -2.92 -16.61
CA PHE E 59 -50.73 -3.89 -16.38
C PHE E 59 -51.20 -5.28 -16.84
N PRO E 60 -50.42 -5.98 -17.67
CA PRO E 60 -50.91 -7.26 -18.21
C PRO E 60 -51.08 -8.30 -17.13
N ILE E 61 -52.20 -9.02 -17.20
CA ILE E 61 -52.44 -10.10 -16.25
C ILE E 61 -51.35 -11.17 -16.36
N THR E 62 -50.84 -11.38 -17.57
CA THR E 62 -49.72 -12.30 -17.75
C THR E 62 -48.58 -11.95 -16.81
N ALA E 63 -48.26 -10.65 -16.69
CA ALA E 63 -47.23 -10.22 -15.76
C ALA E 63 -47.68 -10.35 -14.31
N ILE E 64 -48.94 -9.98 -14.03
CA ILE E 64 -49.48 -10.11 -12.68
C ILE E 64 -49.39 -11.55 -12.20
N ARG E 65 -49.73 -12.51 -13.07
CA ARG E 65 -49.65 -13.89 -12.65
C ARG E 65 -48.22 -14.30 -12.30
N GLU E 66 -47.25 -13.89 -13.11
CA GLU E 66 -45.87 -14.29 -12.83
C GLU E 66 -45.35 -13.62 -11.56
N ILE E 67 -45.79 -12.39 -11.29
CA ILE E 67 -45.35 -11.72 -10.06
C ILE E 67 -46.01 -12.35 -8.84
N LYS E 68 -47.30 -12.66 -8.95
CA LYS E 68 -48.04 -13.24 -7.81
C LYS E 68 -47.51 -14.63 -7.48
N ILE E 69 -47.34 -15.47 -8.50
CA ILE E 69 -46.99 -16.87 -8.27
C ILE E 69 -45.52 -17.03 -7.91
N LEU E 70 -44.63 -16.32 -8.62
CA LEU E 70 -43.21 -16.54 -8.39
C LEU E 70 -42.73 -15.93 -7.07
N ARG E 71 -43.45 -14.94 -6.52
CA ARG E 71 -43.13 -14.52 -5.17
C ARG E 71 -43.63 -15.51 -4.12
N GLN E 72 -44.45 -16.50 -4.53
CA GLN E 72 -44.85 -17.56 -3.61
C GLN E 72 -43.93 -18.77 -3.71
N LEU E 73 -43.48 -19.09 -4.92
CA LEU E 73 -42.77 -20.34 -5.17
C LEU E 73 -41.27 -20.13 -4.91
N ILE E 74 -40.72 -20.95 -4.03
CA ILE E 74 -39.30 -20.98 -3.74
C ILE E 74 -38.86 -22.42 -3.96
N HIS E 75 -38.07 -22.65 -5.01
CA HIS E 75 -37.56 -23.97 -5.30
C HIS E 75 -36.38 -23.83 -6.23
N ARG E 76 -35.40 -24.72 -6.08
CA ARG E 76 -34.22 -24.67 -6.93
C ARG E 76 -34.57 -24.83 -8.40
N SER E 77 -35.61 -25.60 -8.71
CA SER E 77 -36.00 -25.88 -10.08
C SER E 77 -37.10 -24.94 -10.59
N VAL E 78 -37.37 -23.83 -9.91
CA VAL E 78 -38.36 -22.85 -10.35
C VAL E 78 -37.70 -21.49 -10.40
N VAL E 79 -37.89 -20.77 -11.51
CA VAL E 79 -37.15 -19.54 -11.73
C VAL E 79 -37.47 -18.52 -10.65
N ASN E 80 -36.49 -17.69 -10.33
CA ASN E 80 -36.55 -16.77 -9.20
C ASN E 80 -36.71 -15.35 -9.72
N MET E 81 -37.76 -14.67 -9.27
CA MET E 81 -37.92 -13.24 -9.54
C MET E 81 -37.19 -12.48 -8.43
N LYS E 82 -36.11 -11.79 -8.79
CA LYS E 82 -35.29 -11.11 -7.79
C LYS E 82 -35.94 -9.81 -7.33
N GLU E 83 -36.46 -9.02 -8.26
CA GLU E 83 -37.06 -7.73 -7.95
C GLU E 83 -37.77 -7.19 -9.18
N ILE E 84 -38.44 -6.05 -8.99
CA ILE E 84 -39.13 -5.33 -10.05
C ILE E 84 -38.66 -3.89 -10.04
N VAL E 85 -38.20 -3.40 -11.19
CA VAL E 85 -37.65 -2.05 -11.31
C VAL E 85 -38.38 -1.32 -12.43
N THR E 86 -38.22 0.01 -12.46
CA THR E 86 -38.98 0.85 -13.37
C THR E 86 -38.07 1.82 -14.11
N ASP E 87 -38.57 2.33 -15.24
CA ASP E 87 -37.92 3.44 -15.93
C ASP E 87 -37.96 4.69 -15.06
N LYS E 88 -36.97 5.56 -15.24
CA LYS E 88 -36.92 6.75 -14.38
C LYS E 88 -38.20 7.55 -14.53
N GLN E 89 -39.01 7.58 -13.47
CA GLN E 89 -40.27 8.31 -13.45
C GLN E 89 -40.01 9.80 -13.18
N ASP E 90 -39.25 10.42 -14.09
CA ASP E 90 -38.95 11.83 -13.94
C ASP E 90 -40.18 12.72 -14.03
N ALA E 91 -41.40 12.22 -14.15
CA ALA E 91 -42.56 13.09 -14.24
C ALA E 91 -43.01 13.37 -12.82
N LEU E 92 -43.18 14.66 -12.50
CA LEU E 92 -43.52 15.03 -11.13
C LEU E 92 -44.91 14.57 -10.75
N ASP E 93 -45.82 14.50 -11.71
CA ASP E 93 -47.16 14.02 -11.48
C ASP E 93 -47.23 12.56 -11.92
N PHE E 94 -47.79 11.72 -11.06
CA PHE E 94 -47.94 10.31 -11.40
C PHE E 94 -48.71 10.14 -12.70
N LYS E 95 -49.65 11.04 -12.97
CA LYS E 95 -50.45 10.95 -14.20
C LYS E 95 -49.54 11.04 -15.43
N LYS E 96 -48.55 11.92 -15.39
CA LYS E 96 -47.65 12.12 -16.52
C LYS E 96 -46.85 10.87 -16.85
N ASP E 97 -46.55 10.05 -15.85
CA ASP E 97 -45.70 8.88 -16.05
C ASP E 97 -46.35 7.84 -16.96
N LYS E 98 -45.63 7.47 -18.03
CA LYS E 98 -46.00 6.33 -18.87
C LYS E 98 -44.88 5.30 -18.99
N GLY E 99 -43.84 5.40 -18.16
CA GLY E 99 -42.72 4.50 -18.22
C GLY E 99 -43.09 3.06 -17.90
N ALA E 100 -42.27 2.14 -18.39
CA ALA E 100 -42.49 0.72 -18.21
C ALA E 100 -41.84 0.19 -16.94
N PHE E 101 -42.22 -1.03 -16.57
CA PHE E 101 -41.66 -1.77 -15.45
C PHE E 101 -40.88 -2.97 -15.99
N TYR E 102 -39.86 -3.40 -15.25
CA TYR E 102 -39.02 -4.53 -15.63
C TYR E 102 -39.02 -5.55 -14.51
N LEU E 103 -39.20 -6.83 -14.86
CA LEU E 103 -39.15 -7.93 -13.91
C LEU E 103 -37.75 -8.53 -13.96
N VAL E 104 -36.98 -8.33 -12.90
CA VAL E 104 -35.59 -8.81 -12.85
C VAL E 104 -35.56 -10.26 -12.38
N PHE E 105 -34.90 -11.12 -13.17
CA PHE E 105 -34.79 -12.54 -12.89
C PHE E 105 -33.31 -12.93 -12.91
N GLU E 106 -33.00 -14.06 -12.29
CA GLU E 106 -31.68 -14.68 -12.45
C GLU E 106 -31.42 -15.06 -13.90
N TYR E 107 -30.21 -14.77 -14.41
CA TYR E 107 -29.88 -15.16 -15.78
C TYR E 107 -29.43 -16.62 -15.78
N MET E 108 -30.23 -17.47 -16.43
CA MET E 108 -29.93 -18.88 -16.62
C MET E 108 -29.30 -19.06 -17.99
N ASP E 109 -28.13 -19.69 -18.05
CA ASP E 109 -27.25 -19.51 -19.21
C ASP E 109 -27.94 -19.92 -20.53
N HIS E 110 -28.68 -21.02 -20.52
CA HIS E 110 -29.21 -21.58 -21.76
C HIS E 110 -30.66 -22.00 -21.62
N ASP E 111 -31.30 -22.19 -22.78
CA ASP E 111 -32.63 -22.77 -22.87
C ASP E 111 -32.50 -24.06 -23.66
N LEU E 112 -33.26 -25.07 -23.29
CA LEU E 112 -33.05 -26.39 -23.87
C LEU E 112 -33.19 -26.34 -25.40
N MET E 113 -34.13 -25.53 -25.92
CA MET E 113 -34.41 -25.55 -27.35
C MET E 113 -33.19 -25.21 -28.19
N GLY E 114 -32.48 -24.12 -27.83
CA GLY E 114 -31.30 -23.75 -28.60
C GLY E 114 -30.24 -24.84 -28.60
N LEU E 115 -30.01 -25.44 -27.44
CA LEU E 115 -29.10 -26.58 -27.37
C LEU E 115 -29.59 -27.72 -28.27
N LEU E 116 -30.90 -27.96 -28.28
CA LEU E 116 -31.44 -29.01 -29.12
C LEU E 116 -31.49 -28.59 -30.59
N GLU E 117 -31.97 -27.35 -30.85
CA GLU E 117 -32.09 -26.89 -32.22
C GLU E 117 -30.74 -26.82 -32.91
N SER E 118 -29.72 -26.31 -32.22
CA SER E 118 -28.37 -26.28 -32.77
C SER E 118 -27.83 -27.67 -33.02
N GLY E 119 -28.34 -28.68 -32.32
CA GLY E 119 -27.79 -30.02 -32.44
C GLY E 119 -26.44 -30.18 -31.78
N LEU E 120 -26.07 -29.20 -30.94
CA LEU E 120 -24.78 -29.16 -30.28
C LEU E 120 -24.70 -30.01 -29.02
N VAL E 121 -25.83 -30.43 -28.44
CA VAL E 121 -25.84 -31.16 -27.18
C VAL E 121 -26.01 -32.66 -27.37
N HIS E 122 -25.30 -33.44 -26.55
CA HIS E 122 -25.47 -34.88 -26.43
C HIS E 122 -25.80 -35.21 -24.98
N PHE E 123 -26.90 -35.93 -24.76
CA PHE E 123 -27.39 -36.23 -23.41
C PHE E 123 -27.22 -37.73 -23.13
N SER E 124 -26.37 -38.07 -22.18
CA SER E 124 -26.25 -39.45 -21.72
C SER E 124 -27.41 -39.80 -20.78
N GLU E 125 -27.55 -41.10 -20.50
CA GLU E 125 -28.61 -41.54 -19.59
C GLU E 125 -28.52 -40.79 -18.27
N ASP E 126 -27.32 -40.68 -17.70
CA ASP E 126 -27.17 -39.98 -16.43
C ASP E 126 -27.54 -38.50 -16.56
N HIS E 127 -27.23 -37.88 -17.69
CA HIS E 127 -27.60 -36.47 -17.86
C HIS E 127 -29.11 -36.30 -17.85
N ILE E 128 -29.83 -37.22 -18.52
CA ILE E 128 -31.28 -37.15 -18.52
C ILE E 128 -31.82 -37.38 -17.12
N LYS E 129 -31.25 -38.36 -16.39
CA LYS E 129 -31.69 -38.62 -15.03
C LYS E 129 -31.65 -37.35 -14.19
N SER E 130 -30.53 -36.65 -14.21
CA SER E 130 -30.40 -35.42 -13.44
C SER E 130 -31.37 -34.35 -13.94
N PHE E 131 -31.49 -34.19 -15.26
CA PHE E 131 -32.38 -33.18 -15.82
C PHE E 131 -33.82 -33.44 -15.39
N MET E 132 -34.30 -34.67 -15.61
CA MET E 132 -35.70 -34.98 -15.33
C MET E 132 -36.03 -34.86 -13.85
N LYS E 133 -35.14 -35.34 -12.98
CA LYS E 133 -35.45 -35.29 -11.55
C LYS E 133 -35.61 -33.84 -11.08
N GLN E 134 -34.80 -32.94 -11.61
CA GLN E 134 -34.92 -31.52 -11.27
C GLN E 134 -36.21 -30.94 -11.82
N LEU E 135 -36.54 -31.29 -13.06
CA LEU E 135 -37.79 -30.83 -13.66
C LEU E 135 -39.00 -31.38 -12.89
N MET E 136 -39.00 -32.68 -12.64
CA MET E 136 -40.11 -33.30 -11.92
C MET E 136 -40.21 -32.78 -10.50
N GLU E 137 -39.07 -32.62 -9.81
CA GLU E 137 -39.11 -32.08 -8.46
C GLU E 137 -39.66 -30.66 -8.47
N GLY E 138 -39.26 -29.85 -9.44
CA GLY E 138 -39.82 -28.52 -9.55
C GLY E 138 -41.29 -28.55 -9.88
N LEU E 139 -41.70 -29.49 -10.74
CA LEU E 139 -43.11 -29.61 -11.10
C LEU E 139 -43.95 -30.07 -9.91
N GLU E 140 -43.50 -31.11 -9.19
CA GLU E 140 -44.28 -31.56 -8.04
C GLU E 140 -44.45 -30.44 -7.04
N TYR E 141 -43.38 -29.69 -6.76
CA TYR E 141 -43.48 -28.55 -5.87
C TYR E 141 -44.62 -27.64 -6.28
N CYS E 142 -44.68 -27.28 -7.56
CA CYS E 142 -45.77 -26.45 -8.04
C CYS E 142 -47.13 -27.13 -7.83
N HIS E 143 -47.20 -28.44 -8.11
CA HIS E 143 -48.47 -29.15 -7.99
C HIS E 143 -48.91 -29.28 -6.54
N LYS E 144 -47.99 -29.55 -5.61
CA LYS E 144 -48.37 -29.57 -4.20
C LYS E 144 -48.91 -28.23 -3.76
N LYS E 145 -48.43 -27.14 -4.37
CA LYS E 145 -48.98 -25.80 -4.15
C LYS E 145 -50.21 -25.51 -5.00
N ASN E 146 -50.70 -26.49 -5.77
CA ASN E 146 -51.95 -26.37 -6.51
C ASN E 146 -51.85 -25.32 -7.62
N PHE E 147 -50.69 -25.22 -8.26
CA PHE E 147 -50.50 -24.33 -9.40
C PHE E 147 -50.19 -25.17 -10.63
N LEU E 148 -50.79 -24.78 -11.76
CA LEU E 148 -50.63 -25.47 -13.03
C LEU E 148 -49.91 -24.53 -13.99
N HIS E 149 -48.78 -24.99 -14.54
CA HIS E 149 -48.01 -24.16 -15.45
C HIS E 149 -48.81 -23.85 -16.71
N ARG E 150 -49.35 -24.89 -17.34
CA ARG E 150 -50.19 -24.82 -18.53
C ARG E 150 -49.43 -24.46 -19.79
N ASP E 151 -48.10 -24.37 -19.72
CA ASP E 151 -47.29 -24.01 -20.90
C ASP E 151 -45.88 -24.57 -20.80
N ILE E 152 -45.74 -25.88 -20.76
CA ILE E 152 -44.43 -26.52 -20.65
C ILE E 152 -43.87 -26.82 -22.04
N LYS E 153 -42.70 -26.25 -22.34
CA LYS E 153 -42.01 -26.47 -23.61
C LYS E 153 -40.51 -26.33 -23.39
N CYS E 154 -39.74 -26.87 -24.35
CA CYS E 154 -38.29 -26.85 -24.22
C CYS E 154 -37.75 -25.44 -24.06
N SER E 155 -38.35 -24.47 -24.76
CA SER E 155 -37.92 -23.09 -24.64
C SER E 155 -38.07 -22.59 -23.21
N ASN E 156 -39.10 -23.05 -22.49
CA ASN E 156 -39.33 -22.55 -21.15
C ASN E 156 -38.46 -23.22 -20.09
N ILE E 157 -37.84 -24.35 -20.41
CA ILE E 157 -37.00 -25.08 -19.46
C ILE E 157 -35.58 -24.54 -19.65
N LEU E 158 -35.14 -23.71 -18.72
CA LEU E 158 -33.83 -23.09 -18.76
C LEU E 158 -32.82 -24.04 -18.13
N LEU E 159 -31.59 -23.99 -18.65
CA LEU E 159 -30.50 -24.83 -18.15
C LEU E 159 -29.24 -23.98 -18.14
N ASN E 160 -28.49 -24.01 -17.04
CA ASN E 160 -27.20 -23.34 -16.97
C ASN E 160 -26.09 -24.39 -16.95
N ASN E 161 -24.89 -23.95 -17.30
CA ASN E 161 -23.81 -24.90 -17.57
C ASN E 161 -23.48 -25.80 -16.38
N SER E 162 -23.81 -25.39 -15.16
CA SER E 162 -23.59 -26.30 -14.04
C SER E 162 -24.46 -27.54 -14.13
N GLY E 163 -25.54 -27.47 -14.91
CA GLY E 163 -26.49 -28.55 -15.01
C GLY E 163 -27.79 -28.33 -14.28
N GLN E 164 -27.99 -27.15 -13.71
CA GLN E 164 -29.19 -26.85 -12.96
C GLN E 164 -30.34 -26.56 -13.90
N ILE E 165 -31.50 -27.14 -13.60
CA ILE E 165 -32.69 -27.00 -14.43
C ILE E 165 -33.62 -26.03 -13.73
N LYS E 166 -34.18 -25.07 -14.48
CA LYS E 166 -35.19 -24.20 -13.89
C LYS E 166 -36.35 -23.99 -14.86
N LEU E 167 -37.57 -24.13 -14.33
CA LEU E 167 -38.77 -23.83 -15.09
C LEU E 167 -39.11 -22.35 -15.04
N ALA E 168 -39.59 -21.83 -16.17
CA ALA E 168 -39.85 -20.41 -16.30
C ALA E 168 -41.11 -20.21 -17.14
N ASP E 169 -41.32 -18.98 -17.60
CA ASP E 169 -42.52 -18.57 -18.32
C ASP E 169 -43.78 -19.10 -17.62
N PHE E 170 -43.98 -18.59 -16.41
CA PHE E 170 -45.15 -18.93 -15.62
C PHE E 170 -46.30 -17.94 -15.82
N GLY E 171 -46.24 -17.15 -16.90
CA GLY E 171 -47.26 -16.14 -17.11
C GLY E 171 -48.65 -16.70 -17.27
N LEU E 172 -48.77 -17.87 -17.91
CA LEU E 172 -50.06 -18.46 -18.20
C LEU E 172 -50.56 -19.41 -17.12
N ALA E 173 -49.85 -19.53 -16.00
CA ALA E 173 -50.20 -20.49 -14.97
C ALA E 173 -51.48 -20.07 -14.24
N ARG E 174 -52.24 -21.06 -13.78
CA ARG E 174 -53.46 -20.83 -13.03
C ARG E 174 -53.61 -21.84 -11.92
N LEU E 175 -54.30 -21.43 -10.85
CA LEU E 175 -54.56 -22.30 -9.73
C LEU E 175 -55.65 -23.31 -10.09
N TYR E 176 -55.54 -24.50 -9.52
CA TYR E 176 -56.48 -25.58 -9.75
C TYR E 176 -57.05 -26.04 -8.42
N ASN E 177 -58.37 -26.11 -8.35
CA ASN E 177 -59.10 -26.63 -7.20
C ASN E 177 -59.91 -27.81 -7.68
N SER E 178 -59.67 -28.99 -7.10
CA SER E 178 -60.44 -30.16 -7.51
C SER E 178 -61.92 -29.96 -7.23
N GLU E 179 -62.26 -29.48 -6.04
CA GLU E 179 -63.65 -29.21 -5.71
C GLU E 179 -64.07 -27.91 -6.39
N GLU E 180 -65.38 -27.76 -6.59
CA GLU E 180 -65.92 -26.59 -7.27
C GLU E 180 -65.18 -26.32 -8.58
N SER E 181 -65.15 -27.34 -9.43
CA SER E 181 -64.46 -27.25 -10.71
C SER E 181 -65.22 -26.32 -11.64
N ARG E 182 -64.52 -25.30 -12.14
CA ARG E 182 -65.01 -24.25 -13.02
C ARG E 182 -64.16 -24.16 -14.28
N PRO E 183 -64.74 -23.65 -15.37
CA PRO E 183 -64.02 -23.64 -16.65
C PRO E 183 -62.68 -22.93 -16.60
N TYR E 184 -61.67 -23.55 -17.23
CA TYR E 184 -60.33 -22.99 -17.33
C TYR E 184 -60.05 -22.76 -18.83
N ASN E 186 -59.08 -23.42 -22.28
CA ASN E 186 -58.77 -24.65 -23.01
C ASN E 186 -57.66 -24.45 -24.05
N LYS E 187 -56.97 -25.55 -24.37
CA LYS E 187 -55.91 -25.55 -25.38
C LYS E 187 -54.82 -24.52 -25.04
N VAL E 188 -54.42 -24.49 -23.76
CA VAL E 188 -53.40 -23.55 -23.34
C VAL E 188 -52.02 -24.00 -23.81
N ILE E 189 -51.70 -25.28 -23.67
CA ILE E 189 -50.34 -25.75 -23.92
C ILE E 189 -50.02 -25.68 -25.41
N THR E 190 -48.74 -25.49 -25.72
CA THR E 190 -48.31 -25.45 -27.12
C THR E 190 -48.63 -26.79 -27.78
N LEU E 191 -48.97 -26.73 -29.07
CA LEU E 191 -49.50 -27.90 -29.76
C LEU E 191 -48.59 -29.12 -29.60
N TRP E 192 -47.29 -28.93 -29.81
CA TRP E 192 -46.39 -30.09 -29.85
C TRP E 192 -46.34 -30.83 -28.50
N TYR E 193 -46.55 -30.13 -27.39
CA TYR E 193 -46.50 -30.74 -26.07
C TYR E 193 -47.88 -30.85 -25.41
N ARG E 194 -48.96 -30.63 -26.16
CA ARG E 194 -50.32 -30.62 -25.60
C ARG E 194 -50.87 -32.03 -25.42
N PRO E 195 -51.56 -32.30 -24.32
CA PRO E 195 -52.14 -33.64 -24.07
C PRO E 195 -53.39 -33.88 -24.90
N PRO E 196 -53.82 -35.15 -25.03
CA PRO E 196 -55.03 -35.44 -25.81
C PRO E 196 -56.30 -34.85 -25.23
N GLU E 197 -56.43 -34.76 -23.91
CA GLU E 197 -57.64 -34.22 -23.32
C GLU E 197 -57.88 -32.78 -23.78
N LEU E 198 -56.83 -31.97 -23.79
CA LEU E 198 -57.01 -30.58 -24.23
C LEU E 198 -57.36 -30.52 -25.72
N LEU E 199 -56.80 -31.44 -26.51
CA LEU E 199 -57.12 -31.49 -27.94
C LEU E 199 -58.59 -31.87 -28.15
N LEU E 200 -59.12 -32.76 -27.33
CA LEU E 200 -60.50 -33.20 -27.40
C LEU E 200 -61.48 -32.27 -26.68
N GLY E 201 -61.00 -31.11 -26.22
CA GLY E 201 -61.85 -30.08 -25.66
C GLY E 201 -62.25 -30.23 -24.20
N GLU E 202 -61.33 -30.70 -23.35
CA GLU E 202 -61.57 -30.72 -21.91
C GLU E 202 -61.42 -29.32 -21.33
N GLU E 203 -62.54 -28.71 -20.94
CA GLU E 203 -62.48 -27.35 -20.42
C GLU E 203 -62.03 -27.29 -18.97
N ARG E 204 -62.27 -28.37 -18.21
CA ARG E 204 -61.85 -28.49 -16.82
C ARG E 204 -60.79 -29.59 -16.75
N TYR E 205 -59.51 -29.21 -16.70
CA TYR E 205 -58.42 -30.16 -16.76
C TYR E 205 -57.69 -30.32 -15.42
N THR E 206 -56.94 -31.41 -15.33
CA THR E 206 -56.15 -31.81 -14.17
C THR E 206 -54.71 -31.37 -14.32
N PRO E 207 -53.94 -31.39 -13.23
CA PRO E 207 -52.49 -31.09 -13.34
C PRO E 207 -51.75 -32.00 -14.28
N ALA E 208 -52.35 -33.13 -14.67
CA ALA E 208 -51.70 -34.09 -15.55
C ALA E 208 -51.34 -33.50 -16.91
N ILE E 209 -51.92 -32.35 -17.27
CA ILE E 209 -51.57 -31.73 -18.54
C ILE E 209 -50.08 -31.42 -18.58
N ASP E 210 -49.54 -30.92 -17.47
CA ASP E 210 -48.11 -30.62 -17.41
C ASP E 210 -47.28 -31.90 -17.50
N VAL E 211 -47.74 -32.97 -16.85
CA VAL E 211 -47.01 -34.23 -16.89
C VAL E 211 -46.85 -34.70 -18.33
N TRP E 212 -47.93 -34.66 -19.10
CA TRP E 212 -47.86 -35.07 -20.49
C TRP E 212 -46.76 -34.31 -21.22
N SER E 213 -46.70 -32.99 -21.00
CA SER E 213 -45.67 -32.18 -21.64
C SER E 213 -44.28 -32.67 -21.28
N CYS E 214 -44.05 -32.97 -19.99
CA CYS E 214 -42.74 -33.45 -19.57
C CYS E 214 -42.43 -34.82 -20.13
N GLY E 215 -43.45 -35.67 -20.33
CA GLY E 215 -43.23 -36.93 -20.99
C GLY E 215 -42.79 -36.76 -22.43
N CYS E 216 -43.37 -35.78 -23.13
CA CYS E 216 -42.92 -35.47 -24.48
C CYS E 216 -41.46 -35.03 -24.47
N ILE E 217 -41.07 -34.23 -23.49
CA ILE E 217 -39.69 -33.79 -23.37
C ILE E 217 -38.77 -34.97 -23.07
N LEU E 218 -39.20 -35.87 -22.20
CA LEU E 218 -38.41 -37.05 -21.90
C LEU E 218 -38.04 -37.82 -23.16
N GLY E 219 -39.05 -38.10 -24.00
CA GLY E 219 -38.78 -38.81 -25.23
C GLY E 219 -37.90 -38.02 -26.19
N GLU E 220 -38.11 -36.70 -26.25
CA GLU E 220 -37.35 -35.87 -27.17
C GLU E 220 -35.87 -35.85 -26.81
N LEU E 221 -35.54 -35.96 -25.52
CA LEU E 221 -34.15 -35.99 -25.11
C LEU E 221 -33.45 -37.26 -25.58
N PHE E 222 -34.16 -38.40 -25.57
CA PHE E 222 -33.57 -39.64 -26.06
C PHE E 222 -33.51 -39.69 -27.58
N THR E 223 -34.47 -39.08 -28.26
CA THR E 223 -34.48 -39.10 -29.72
C THR E 223 -33.77 -37.89 -30.32
N LYS E 224 -33.51 -36.86 -29.53
CA LYS E 224 -32.94 -35.61 -30.03
C LYS E 224 -33.84 -34.98 -31.09
N LYS E 225 -35.13 -35.34 -31.08
CA LYS E 225 -36.14 -34.87 -32.03
C LYS E 225 -37.52 -34.91 -31.38
N PRO E 226 -38.32 -33.85 -31.55
CA PRO E 226 -39.66 -33.84 -30.93
C PRO E 226 -40.52 -35.01 -31.42
N ILE E 227 -41.36 -35.52 -30.50
CA ILE E 227 -42.10 -36.74 -30.79
C ILE E 227 -43.32 -36.47 -31.66
N PHE E 228 -44.10 -35.42 -31.33
CA PHE E 228 -45.37 -35.15 -31.98
C PHE E 228 -45.29 -33.78 -32.66
N GLN E 229 -44.88 -33.77 -33.93
CA GLN E 229 -44.73 -32.55 -34.71
C GLN E 229 -45.94 -32.44 -35.63
N ALA E 230 -46.79 -31.45 -35.37
CA ALA E 230 -48.00 -31.25 -36.17
C ALA E 230 -48.35 -29.78 -36.20
N ASN E 231 -49.16 -29.42 -37.19
CA ASN E 231 -49.58 -28.04 -37.41
C ASN E 231 -51.01 -27.72 -37.00
N LEU E 232 -51.90 -28.70 -36.99
CA LEU E 232 -53.29 -28.52 -36.61
C LEU E 232 -53.66 -29.58 -35.58
N GLU E 233 -54.66 -29.28 -34.76
CA GLU E 233 -55.00 -30.19 -33.67
C GLU E 233 -55.31 -31.60 -34.18
N LEU E 234 -56.02 -31.73 -35.30
CA LEU E 234 -56.36 -33.07 -35.77
C LEU E 234 -55.11 -33.87 -36.13
N ALA E 235 -54.16 -33.24 -36.82
CA ALA E 235 -52.92 -33.94 -37.15
C ALA E 235 -52.17 -34.38 -35.90
N GLN E 236 -52.16 -33.51 -34.87
CA GLN E 236 -51.49 -33.84 -33.62
C GLN E 236 -52.15 -35.02 -32.92
N LEU E 237 -53.48 -35.04 -32.85
CA LEU E 237 -54.17 -36.18 -32.27
C LEU E 237 -53.85 -37.46 -33.04
N GLU E 238 -53.77 -37.37 -34.36
CA GLU E 238 -53.42 -38.52 -35.18
C GLU E 238 -52.05 -39.08 -34.80
N LEU E 239 -51.06 -38.19 -34.65
CA LEU E 239 -49.72 -38.64 -34.26
C LEU E 239 -49.74 -39.30 -32.89
N ILE E 240 -50.44 -38.68 -31.93
CA ILE E 240 -50.55 -39.28 -30.60
C ILE E 240 -51.19 -40.66 -30.69
N SER E 241 -52.25 -40.79 -31.50
CA SER E 241 -52.97 -42.06 -31.59
C SER E 241 -52.08 -43.17 -32.15
N ARG E 242 -51.27 -42.86 -33.16
CA ARG E 242 -50.40 -43.87 -33.75
C ARG E 242 -49.49 -44.48 -32.70
N LEU E 243 -48.95 -43.64 -31.81
CA LEU E 243 -47.98 -44.08 -30.81
C LEU E 243 -48.64 -44.58 -29.54
N CYS E 244 -49.57 -43.80 -28.97
CA CYS E 244 -50.17 -44.12 -27.70
C CYS E 244 -51.45 -44.94 -27.79
N GLY E 245 -51.97 -45.15 -28.99
CA GLY E 245 -53.27 -45.76 -29.15
C GLY E 245 -54.35 -44.71 -29.30
N SER E 246 -55.42 -45.07 -30.02
CA SER E 246 -56.48 -44.11 -30.24
C SER E 246 -57.30 -43.92 -28.97
N PRO E 247 -57.67 -42.67 -28.65
CA PRO E 247 -58.57 -42.46 -27.50
C PRO E 247 -59.87 -43.22 -27.69
N CYS E 248 -60.21 -44.03 -26.69
CA CYS E 248 -61.42 -44.84 -26.74
C CYS E 248 -61.83 -45.22 -25.33
N PRO E 249 -63.11 -45.48 -25.09
CA PRO E 249 -63.55 -45.84 -23.73
C PRO E 249 -62.85 -47.06 -23.18
N ALA E 250 -62.32 -47.94 -24.03
CA ALA E 250 -61.67 -49.14 -23.53
C ALA E 250 -60.55 -48.80 -22.56
N VAL E 251 -59.72 -47.82 -22.91
CA VAL E 251 -58.63 -47.37 -22.05
C VAL E 251 -58.91 -46.06 -21.34
N TRP E 252 -59.91 -45.30 -21.76
CA TRP E 252 -60.19 -43.94 -21.28
C TRP E 252 -61.69 -43.83 -21.09
N PRO E 253 -62.21 -44.38 -19.98
CA PRO E 253 -63.68 -44.51 -19.86
C PRO E 253 -64.44 -43.22 -20.07
N ASP E 254 -63.90 -42.09 -19.66
CA ASP E 254 -64.60 -40.81 -19.72
C ASP E 254 -64.31 -40.01 -20.99
N VAL E 255 -63.63 -40.59 -21.98
CA VAL E 255 -63.33 -39.85 -23.19
C VAL E 255 -64.62 -39.45 -23.89
N ILE E 256 -65.67 -40.26 -23.74
CA ILE E 256 -66.95 -40.01 -24.39
C ILE E 256 -67.59 -38.72 -23.93
N ARG E 257 -67.18 -38.21 -22.76
CA ARG E 257 -67.75 -36.95 -22.28
C ARG E 257 -67.17 -35.74 -23.00
N LEU E 258 -66.06 -35.89 -23.72
CA LEU E 258 -65.37 -34.71 -24.23
C LEU E 258 -66.06 -34.16 -25.48
N PRO E 259 -66.12 -32.84 -25.62
CA PRO E 259 -66.84 -32.26 -26.77
C PRO E 259 -66.40 -32.77 -28.12
N TYR E 260 -65.10 -32.93 -28.36
CA TYR E 260 -64.60 -33.27 -29.69
C TYR E 260 -64.27 -34.75 -29.86
N PHE E 261 -64.66 -35.60 -28.92
CA PHE E 261 -64.37 -37.02 -29.06
C PHE E 261 -64.86 -37.55 -30.41
N ASN E 262 -66.15 -37.35 -30.70
CA ASN E 262 -66.69 -37.78 -31.99
C ASN E 262 -66.17 -36.93 -33.14
N THR E 263 -66.03 -35.62 -32.91
CA THR E 263 -65.60 -34.73 -33.99
C THR E 263 -64.19 -35.10 -34.46
N MET E 264 -63.25 -35.15 -33.52
CA MET E 264 -61.85 -35.43 -33.87
C MET E 264 -61.57 -36.92 -33.72
N LYS E 265 -62.09 -37.69 -34.67
CA LYS E 265 -61.80 -39.11 -34.61
C LYS E 265 -60.52 -39.39 -35.37
N PRO E 266 -59.58 -40.16 -34.83
CA PRO E 266 -58.38 -40.51 -35.59
C PRO E 266 -58.72 -41.39 -36.78
N LYS E 267 -57.79 -41.42 -37.73
CA LYS E 267 -58.01 -42.17 -38.96
C LYS E 267 -58.36 -43.62 -38.66
N LYS E 268 -57.69 -44.23 -37.69
CA LYS E 268 -57.96 -45.60 -37.28
C LYS E 268 -58.06 -45.67 -35.77
N GLN E 269 -58.54 -46.83 -35.29
CA GLN E 269 -58.48 -47.17 -33.87
C GLN E 269 -57.16 -47.90 -33.63
N TYR E 270 -56.10 -47.10 -33.49
CA TYR E 270 -54.76 -47.65 -33.37
C TYR E 270 -54.57 -48.32 -32.01
N ARG E 271 -53.74 -49.35 -32.00
CA ARG E 271 -53.26 -49.92 -30.75
C ARG E 271 -52.05 -49.12 -30.29
N ARG E 272 -51.70 -49.28 -29.02
CA ARG E 272 -50.53 -48.60 -28.47
C ARG E 272 -49.26 -49.29 -28.96
N ARG E 273 -48.29 -48.50 -29.42
CA ARG E 273 -47.04 -49.04 -29.92
C ARG E 273 -45.83 -48.37 -29.26
N LEU E 274 -46.06 -47.63 -28.17
CA LEU E 274 -44.99 -46.81 -27.59
C LEU E 274 -43.78 -47.65 -27.21
N ARG E 275 -44.00 -48.74 -26.47
CA ARG E 275 -42.88 -49.54 -26.00
C ARG E 275 -42.09 -50.14 -27.17
N GLU E 276 -42.80 -50.50 -28.25
CA GLU E 276 -42.12 -51.02 -29.42
C GLU E 276 -41.30 -49.93 -30.09
N GLU E 277 -41.88 -48.75 -30.25
CA GLU E 277 -41.23 -47.68 -30.99
C GLU E 277 -40.03 -47.10 -30.26
N PHE E 278 -40.06 -47.11 -28.92
CA PHE E 278 -38.96 -46.59 -28.10
C PHE E 278 -38.12 -47.71 -27.49
N SER E 279 -37.94 -48.81 -28.24
CA SER E 279 -37.22 -49.96 -27.69
C SER E 279 -35.81 -49.60 -27.25
N PHE E 280 -35.18 -48.62 -27.90
CA PHE E 280 -33.82 -48.23 -27.54
C PHE E 280 -33.72 -47.54 -26.19
N ILE E 281 -34.82 -47.03 -25.65
CA ILE E 281 -34.75 -46.32 -24.37
C ILE E 281 -34.51 -47.33 -23.26
N PRO E 282 -33.63 -47.05 -22.30
CA PRO E 282 -33.47 -47.96 -21.15
C PRO E 282 -34.82 -48.30 -20.53
N SER E 283 -34.91 -49.51 -19.98
CA SER E 283 -36.19 -50.00 -19.47
C SER E 283 -36.71 -49.11 -18.35
N ALA E 284 -35.85 -48.71 -17.42
CA ALA E 284 -36.29 -47.85 -16.32
C ALA E 284 -36.87 -46.54 -16.86
N ALA E 285 -36.26 -45.99 -17.90
CA ALA E 285 -36.75 -44.75 -18.49
C ALA E 285 -37.98 -45.00 -19.37
N LEU E 286 -37.98 -46.10 -20.12
CA LEU E 286 -39.12 -46.43 -20.96
C LEU E 286 -40.38 -46.58 -20.13
N ASP E 287 -40.26 -47.24 -18.97
CA ASP E 287 -41.42 -47.39 -18.09
C ASP E 287 -41.92 -46.03 -17.62
N LEU E 288 -40.99 -45.10 -17.33
CA LEU E 288 -41.39 -43.74 -16.99
C LEU E 288 -42.12 -43.07 -18.15
N LEU E 289 -41.60 -43.22 -19.36
CA LEU E 289 -42.24 -42.63 -20.52
C LEU E 289 -43.64 -43.18 -20.72
N ASP E 290 -43.79 -44.50 -20.57
CA ASP E 290 -45.09 -45.12 -20.78
C ASP E 290 -46.15 -44.53 -19.86
N HIS E 291 -45.79 -44.30 -18.60
CA HIS E 291 -46.75 -43.77 -17.64
C HIS E 291 -47.01 -42.29 -17.85
N MET E 292 -45.99 -41.53 -18.21
CA MET E 292 -46.19 -40.10 -18.43
C MET E 292 -47.07 -39.85 -19.65
N LEU E 293 -46.90 -40.67 -20.70
CA LEU E 293 -47.69 -40.54 -21.92
C LEU E 293 -48.85 -41.54 -21.91
N THR E 294 -49.62 -41.53 -20.83
CA THR E 294 -50.83 -42.34 -20.71
C THR E 294 -52.01 -41.46 -21.09
N LEU E 295 -52.85 -41.95 -22.01
CA LEU E 295 -53.86 -41.09 -22.61
C LEU E 295 -54.82 -40.54 -21.57
N ASP E 296 -55.32 -41.37 -20.68
CA ASP E 296 -56.33 -40.94 -19.73
C ASP E 296 -55.66 -40.15 -18.61
N PRO E 297 -55.96 -38.86 -18.44
CA PRO E 297 -55.29 -38.09 -17.39
C PRO E 297 -55.49 -38.67 -16.00
N SER E 298 -56.60 -39.38 -15.77
CA SER E 298 -56.83 -40.01 -14.47
C SER E 298 -55.99 -41.26 -14.29
N LYS E 299 -55.49 -41.86 -15.36
CA LYS E 299 -54.56 -42.98 -15.27
C LYS E 299 -53.10 -42.56 -15.45
N ARG E 300 -52.85 -41.35 -15.93
CA ARG E 300 -51.49 -40.86 -16.10
C ARG E 300 -50.84 -40.57 -14.75
N CYS E 301 -49.56 -40.92 -14.64
CA CYS E 301 -48.85 -40.75 -13.38
C CYS E 301 -48.72 -39.27 -13.02
N THR E 302 -48.50 -39.03 -11.73
CA THR E 302 -48.30 -37.69 -11.20
C THR E 302 -46.80 -37.37 -11.17
N ALA E 303 -46.49 -36.12 -10.84
CA ALA E 303 -45.09 -35.72 -10.68
C ALA E 303 -44.46 -36.49 -9.52
N GLU E 304 -45.18 -36.62 -8.41
CA GLU E 304 -44.64 -37.38 -7.27
C GLU E 304 -44.31 -38.81 -7.69
N GLN E 305 -45.19 -39.44 -8.47
CA GLN E 305 -44.98 -40.82 -8.86
C GLN E 305 -43.75 -41.01 -9.75
N THR E 306 -43.47 -40.05 -10.63
CA THR E 306 -42.27 -40.17 -11.45
C THR E 306 -41.01 -40.13 -10.58
N LEU E 307 -41.03 -39.32 -9.52
CA LEU E 307 -39.92 -39.29 -8.59
C LEU E 307 -39.78 -40.60 -7.85
N GLN E 308 -40.85 -41.39 -7.78
CA GLN E 308 -40.81 -42.73 -7.20
C GLN E 308 -40.78 -43.80 -8.30
N SER E 309 -39.93 -43.58 -9.31
CA SER E 309 -39.73 -44.53 -10.39
C SER E 309 -38.31 -45.07 -10.31
N ASP E 310 -38.11 -46.29 -10.82
CA ASP E 310 -36.76 -46.85 -10.83
C ASP E 310 -35.78 -45.92 -11.54
N PHE E 311 -36.27 -45.13 -12.51
CA PHE E 311 -35.40 -44.26 -13.27
C PHE E 311 -34.88 -43.09 -12.42
N LEU E 312 -35.75 -42.45 -11.64
CA LEU E 312 -35.38 -41.24 -10.92
C LEU E 312 -35.22 -41.44 -9.42
N LYS E 313 -35.73 -42.55 -8.89
CA LYS E 313 -35.84 -42.73 -7.45
C LYS E 313 -34.48 -42.56 -6.76
N ASP E 314 -33.45 -43.22 -7.28
CA ASP E 314 -32.14 -43.19 -6.64
C ASP E 314 -31.18 -42.18 -7.27
N VAL E 315 -31.66 -41.30 -8.15
CA VAL E 315 -30.83 -40.23 -8.67
C VAL E 315 -30.54 -39.23 -7.56
N GLU E 316 -29.28 -38.82 -7.45
CA GLU E 316 -28.84 -37.88 -6.42
C GLU E 316 -28.50 -36.54 -7.04
N LEU E 317 -29.17 -35.49 -6.55
CA LEU E 317 -28.92 -34.15 -7.06
C LEU E 317 -27.56 -33.62 -6.62
N SER E 318 -26.95 -34.26 -5.61
CA SER E 318 -25.60 -33.87 -5.19
C SER E 318 -24.65 -33.93 -6.37
N LYS E 319 -24.72 -35.02 -7.14
CA LYS E 319 -24.03 -35.14 -8.42
C LYS E 319 -24.88 -34.42 -9.47
N MET E 320 -24.43 -33.25 -9.91
CA MET E 320 -25.23 -32.50 -10.88
C MET E 320 -25.29 -33.20 -12.24
N ALA E 321 -24.20 -33.85 -12.65
CA ALA E 321 -24.11 -34.49 -13.96
C ALA E 321 -24.55 -33.49 -15.03
N PRO E 322 -23.60 -32.63 -15.46
CA PRO E 322 -23.93 -31.62 -16.47
C PRO E 322 -24.10 -32.24 -17.86
N PRO E 323 -24.86 -31.59 -18.75
CA PRO E 323 -24.87 -32.04 -20.15
C PRO E 323 -23.50 -31.81 -20.78
N ASP E 324 -23.30 -32.37 -21.97
CA ASP E 324 -22.06 -32.23 -22.69
C ASP E 324 -22.14 -31.17 -23.77
N LEU E 325 -21.13 -30.31 -23.83
CA LEU E 325 -21.04 -29.29 -24.86
C LEU E 325 -19.70 -29.36 -25.58
N PRO E 326 -19.69 -29.27 -26.91
CA PRO E 326 -18.39 -29.33 -27.61
C PRO E 326 -17.50 -28.13 -27.33
N HIS E 327 -18.10 -26.93 -27.28
CA HIS E 327 -17.37 -25.69 -27.03
C HIS E 327 -16.38 -25.45 -28.17
N TRP E 328 -15.23 -24.84 -27.88
CA TRP E 328 -14.29 -24.43 -28.92
C TRP E 328 -13.75 -25.60 -29.75
N GLN E 329 -13.55 -26.77 -29.13
CA GLN E 329 -12.91 -27.85 -29.87
C GLN E 329 -13.68 -28.23 -31.14
N ASP E 330 -15.00 -28.32 -31.07
CA ASP E 330 -15.78 -28.61 -32.27
C ASP E 330 -16.41 -27.34 -32.87
N CYS E 331 -16.23 -26.19 -32.23
CA CYS E 331 -16.76 -24.93 -32.77
C CYS E 331 -16.12 -24.62 -34.12
N THR F 24 -36.80 -10.96 2.79
CA THR F 24 -37.45 -11.52 1.60
C THR F 24 -38.75 -10.76 1.30
N LYS F 25 -39.80 -11.03 2.10
CA LYS F 25 -41.08 -10.41 1.90
C LYS F 25 -41.24 -9.25 2.87
N PRO F 26 -41.96 -8.19 2.50
CA PRO F 26 -42.03 -7.02 3.39
C PRO F 26 -42.99 -7.25 4.54
N CYS F 27 -42.81 -6.44 5.57
CA CYS F 27 -43.65 -6.47 6.76
C CYS F 27 -44.81 -5.51 6.58
N TRP F 28 -46.04 -6.02 6.67
CA TRP F 28 -47.24 -5.24 6.46
C TRP F 28 -48.03 -5.04 7.75
N TYR F 29 -47.37 -5.08 8.90
CA TYR F 29 -48.04 -4.94 10.18
C TYR F 29 -47.40 -3.85 11.01
N TRP F 30 -48.23 -2.99 11.58
CA TRP F 30 -47.84 -1.86 12.40
C TRP F 30 -48.45 -2.04 13.79
N ASP F 31 -47.95 -1.26 14.75
CA ASP F 31 -48.56 -1.19 16.07
C ASP F 31 -49.61 -0.09 16.06
N LYS F 32 -50.69 -0.27 16.84
CA LYS F 32 -51.70 0.77 16.87
C LYS F 32 -51.09 2.13 17.17
N LYS F 33 -50.19 2.18 18.16
CA LYS F 33 -49.56 3.44 18.52
C LYS F 33 -48.91 4.10 17.31
N ASP F 34 -48.51 3.29 16.32
CA ASP F 34 -47.90 3.85 15.11
C ASP F 34 -48.93 4.54 14.22
N LEU F 35 -50.22 4.21 14.35
CA LEU F 35 -51.22 4.84 13.50
C LEU F 35 -51.45 6.30 13.84
N ALA F 36 -50.90 6.80 14.96
CA ALA F 36 -50.96 8.21 15.26
C ALA F 36 -50.01 9.03 14.39
N HIS F 37 -49.19 8.37 13.57
CA HIS F 37 -48.15 9.02 12.79
C HIS F 37 -48.25 8.65 11.32
N THR F 38 -49.46 8.41 10.83
CA THR F 38 -49.66 8.19 9.41
C THR F 38 -49.47 9.51 8.67
N PRO F 39 -49.12 9.46 7.38
CA PRO F 39 -49.09 10.70 6.59
C PRO F 39 -50.33 11.55 6.76
N SER F 40 -51.49 10.91 6.88
CA SER F 40 -52.74 11.65 7.07
C SER F 40 -52.73 12.41 8.39
N GLN F 41 -52.37 11.73 9.48
CA GLN F 41 -52.33 12.38 10.78
C GLN F 41 -51.37 13.55 10.78
N LEU F 42 -50.20 13.38 10.16
CA LEU F 42 -49.18 14.42 10.20
C LEU F 42 -49.50 15.59 9.29
N GLU F 43 -50.42 15.43 8.34
CA GLU F 43 -50.92 16.56 7.57
C GLU F 43 -52.12 17.23 8.25
N GLY F 44 -52.35 16.92 9.52
CA GLY F 44 -53.36 17.60 10.31
C GLY F 44 -54.70 16.91 10.40
N LEU F 45 -54.85 15.75 9.76
CA LEU F 45 -56.10 14.99 9.87
C LEU F 45 -56.20 14.37 11.26
N ASP F 46 -57.36 14.50 11.89
CA ASP F 46 -57.48 13.99 13.25
C ASP F 46 -57.83 12.51 13.25
N PRO F 47 -57.63 11.82 14.37
CA PRO F 47 -57.81 10.36 14.38
C PRO F 47 -59.20 9.92 13.97
N ALA F 48 -60.23 10.64 14.42
CA ALA F 48 -61.60 10.26 14.08
C ALA F 48 -61.83 10.37 12.57
N THR F 49 -61.29 11.42 11.95
CA THR F 49 -61.51 11.62 10.53
C THR F 49 -60.83 10.53 9.70
N GLU F 50 -59.59 10.17 10.03
CA GLU F 50 -58.93 9.11 9.28
C GLU F 50 -59.67 7.78 9.46
N ALA F 51 -60.19 7.54 10.67
CA ALA F 51 -60.99 6.34 10.88
C ALA F 51 -62.21 6.34 9.97
N ARG F 52 -62.94 7.46 9.94
CA ARG F 52 -64.10 7.56 9.07
C ARG F 52 -63.71 7.43 7.60
N TYR F 53 -62.61 8.07 7.19
CA TYR F 53 -62.19 7.98 5.80
C TYR F 53 -61.88 6.53 5.42
N ARG F 54 -61.31 5.76 6.35
CA ARG F 54 -60.99 4.36 6.06
C ARG F 54 -62.25 3.52 6.01
N ARG F 55 -63.17 3.72 6.96
CA ARG F 55 -64.43 3.00 6.92
C ARG F 55 -65.18 3.28 5.63
N GLU F 56 -65.25 4.55 5.23
CA GLU F 56 -65.99 4.91 4.02
C GLU F 56 -65.40 4.26 2.78
N GLY F 57 -64.07 4.25 2.67
CA GLY F 57 -63.43 3.63 1.53
C GLY F 57 -63.61 2.13 1.52
N ALA F 58 -63.41 1.51 2.69
CA ALA F 58 -63.58 0.06 2.79
C ALA F 58 -64.98 -0.37 2.34
N ARG F 59 -66.01 0.31 2.84
CA ARG F 59 -67.38 -0.04 2.50
C ARG F 59 -67.70 0.27 1.05
N PHE F 60 -67.13 1.34 0.50
CA PHE F 60 -67.28 1.65 -0.92
C PHE F 60 -66.76 0.52 -1.80
N ILE F 61 -65.54 0.04 -1.51
CA ILE F 61 -65.01 -1.09 -2.25
C ILE F 61 -65.90 -2.31 -2.05
N PHE F 62 -66.34 -2.54 -0.81
CA PHE F 62 -67.20 -3.67 -0.49
C PHE F 62 -68.52 -3.56 -1.26
N ASP F 63 -69.13 -2.37 -1.24
CA ASP F 63 -70.42 -2.19 -1.88
C ASP F 63 -70.29 -2.15 -3.40
N VAL F 64 -69.26 -1.47 -3.92
CA VAL F 64 -69.05 -1.47 -5.36
C VAL F 64 -68.84 -2.90 -5.87
N GLY F 65 -67.95 -3.64 -5.20
CA GLY F 65 -67.66 -4.99 -5.64
C GLY F 65 -68.81 -5.95 -5.44
N THR F 66 -69.60 -5.75 -4.38
CA THR F 66 -70.79 -6.56 -4.19
C THR F 66 -71.79 -6.34 -5.31
N ARG F 67 -72.00 -5.07 -5.69
CA ARG F 67 -72.87 -4.75 -6.82
C ARG F 67 -72.37 -5.38 -8.11
N LEU F 68 -71.05 -5.47 -8.29
CA LEU F 68 -70.46 -6.09 -9.46
C LEU F 68 -70.44 -7.62 -9.38
N GLY F 69 -70.88 -8.19 -8.27
CA GLY F 69 -70.94 -9.63 -8.15
C GLY F 69 -69.63 -10.29 -7.78
N LEU F 70 -68.74 -9.57 -7.11
CA LEU F 70 -67.38 -10.07 -6.89
C LEU F 70 -67.28 -10.98 -5.67
N HIS F 71 -66.41 -11.99 -5.80
CA HIS F 71 -66.10 -12.93 -4.72
C HIS F 71 -65.62 -12.19 -3.48
N TYR F 72 -65.82 -12.82 -2.31
CA TYR F 72 -65.51 -12.15 -1.06
C TYR F 72 -64.02 -11.91 -0.88
N ASP F 73 -63.17 -12.80 -1.40
CA ASP F 73 -61.73 -12.54 -1.35
C ASP F 73 -61.35 -11.30 -2.14
N THR F 74 -61.98 -11.11 -3.30
CA THR F 74 -61.64 -9.96 -4.13
C THR F 74 -61.97 -8.65 -3.42
N LEU F 75 -63.08 -8.60 -2.70
CA LEU F 75 -63.41 -7.40 -1.94
C LEU F 75 -62.36 -7.14 -0.86
N ALA F 76 -61.99 -8.18 -0.12
CA ALA F 76 -61.03 -8.02 0.97
C ALA F 76 -59.66 -7.62 0.45
N THR F 77 -59.22 -8.21 -0.67
CA THR F 77 -57.91 -7.86 -1.22
C THR F 77 -57.86 -6.37 -1.55
N GLY F 78 -58.87 -5.87 -2.25
CA GLY F 78 -58.91 -4.45 -2.54
C GLY F 78 -58.90 -3.59 -1.29
N ILE F 79 -59.62 -4.00 -0.26
CA ILE F 79 -59.68 -3.21 0.97
C ILE F 79 -58.32 -3.18 1.65
N ILE F 80 -57.62 -4.31 1.64
CA ILE F 80 -56.31 -4.38 2.30
C ILE F 80 -55.27 -3.61 1.50
N TYR F 81 -55.29 -3.70 0.17
CA TYR F 81 -54.48 -2.77 -0.62
C TYR F 81 -54.77 -1.33 -0.19
N PHE F 82 -56.07 -1.01 -0.09
CA PHE F 82 -56.49 0.34 0.28
C PHE F 82 -55.92 0.76 1.63
N HIS F 83 -56.06 -0.10 2.65
CA HIS F 83 -55.54 0.26 3.96
C HIS F 83 -54.02 0.48 3.91
N ARG F 84 -53.30 -0.42 3.25
CA ARG F 84 -51.85 -0.30 3.18
C ARG F 84 -51.44 0.98 2.45
N PHE F 85 -52.15 1.31 1.38
CA PHE F 85 -51.85 2.51 0.61
C PHE F 85 -51.75 3.73 1.51
N TYR F 86 -52.72 3.92 2.39
CA TYR F 86 -52.77 5.11 3.23
C TYR F 86 -51.88 5.04 4.46
N MET F 87 -51.09 3.98 4.59
CA MET F 87 -49.94 4.02 5.48
C MET F 87 -48.77 4.77 4.85
N PHE F 88 -48.78 4.92 3.52
CA PHE F 88 -47.70 5.58 2.81
C PHE F 88 -48.10 6.92 2.20
N HIS F 89 -49.38 7.25 2.20
CA HIS F 89 -49.87 8.46 1.56
C HIS F 89 -50.95 9.06 2.44
N SER F 90 -51.30 10.32 2.16
CA SER F 90 -52.27 11.06 2.94
C SER F 90 -53.62 11.05 2.23
N PHE F 91 -54.69 10.98 3.03
CA PHE F 91 -56.03 11.06 2.46
C PHE F 91 -56.29 12.41 1.81
N LYS F 92 -55.52 13.43 2.17
CA LYS F 92 -55.69 14.76 1.58
C LYS F 92 -55.07 14.86 0.19
N GLN F 93 -54.11 14.00 -0.14
CA GLN F 93 -53.42 14.06 -1.42
C GLN F 93 -53.94 13.06 -2.43
N PHE F 94 -54.49 11.94 -1.96
CA PHE F 94 -55.06 10.91 -2.83
C PHE F 94 -56.51 10.69 -2.42
N PRO F 95 -57.48 11.12 -3.22
CA PRO F 95 -58.89 10.89 -2.86
C PRO F 95 -59.17 9.42 -2.59
N ARG F 96 -59.87 9.16 -1.48
CA ARG F 96 -60.07 7.78 -1.04
C ARG F 96 -60.90 6.98 -2.04
N TYR F 97 -61.97 7.58 -2.57
CA TYR F 97 -62.86 6.81 -3.45
C TYR F 97 -62.19 6.46 -4.77
N VAL F 98 -61.33 7.35 -5.29
CA VAL F 98 -60.55 7.02 -6.48
C VAL F 98 -59.60 5.87 -6.16
N THR F 99 -58.86 5.98 -5.06
CA THR F 99 -57.99 4.90 -4.63
C THR F 99 -58.77 3.60 -4.48
N GLY F 100 -59.95 3.66 -3.85
CA GLY F 100 -60.76 2.47 -3.68
C GLY F 100 -61.08 1.79 -5.00
N ALA F 101 -61.55 2.57 -5.98
CA ALA F 101 -61.85 1.99 -7.29
C ALA F 101 -60.61 1.35 -7.90
N CYS F 102 -59.45 1.99 -7.73
CA CYS F 102 -58.21 1.44 -8.25
C CYS F 102 -57.86 0.14 -7.53
N CYS F 103 -57.99 0.12 -6.20
CA CYS F 103 -57.67 -1.08 -5.45
C CYS F 103 -58.56 -2.25 -5.87
N LEU F 104 -59.86 -2.01 -6.03
CA LEU F 104 -60.75 -3.07 -6.49
C LEU F 104 -60.40 -3.50 -7.90
N PHE F 105 -60.06 -2.55 -8.76
CA PHE F 105 -59.68 -2.87 -10.14
C PHE F 105 -58.49 -3.82 -10.16
N LEU F 106 -57.45 -3.51 -9.39
CA LEU F 106 -56.27 -4.36 -9.34
C LEU F 106 -56.57 -5.68 -8.65
N ALA F 107 -57.34 -5.62 -7.55
CA ALA F 107 -57.69 -6.85 -6.84
C ALA F 107 -58.37 -7.84 -7.76
N GLY F 108 -59.26 -7.36 -8.63
CA GLY F 108 -59.93 -8.25 -9.57
C GLY F 108 -58.94 -8.99 -10.45
N LYS F 109 -57.90 -8.29 -10.91
CA LYS F 109 -56.89 -8.94 -11.74
C LYS F 109 -56.04 -9.92 -10.92
N VAL F 110 -55.71 -9.55 -9.69
CA VAL F 110 -54.87 -10.41 -8.86
C VAL F 110 -55.59 -11.71 -8.52
N GLU F 111 -56.85 -11.61 -8.11
CA GLU F 111 -57.62 -12.75 -7.64
C GLU F 111 -58.36 -13.49 -8.76
N GLU F 112 -58.08 -13.16 -10.02
CA GLU F 112 -58.68 -13.84 -11.16
C GLU F 112 -60.20 -13.67 -11.19
N THR F 113 -60.68 -12.51 -10.75
CA THR F 113 -62.08 -12.11 -10.92
C THR F 113 -62.12 -10.71 -11.54
N PRO F 114 -61.58 -10.55 -12.75
CA PRO F 114 -61.38 -9.21 -13.30
C PRO F 114 -62.67 -8.54 -13.73
N LYS F 115 -62.67 -7.21 -13.65
CA LYS F 115 -63.75 -6.37 -14.15
C LYS F 115 -63.13 -5.20 -14.91
N LYS F 116 -63.87 -4.70 -15.89
CA LYS F 116 -63.39 -3.57 -16.67
C LYS F 116 -63.53 -2.28 -15.86
N CYS F 117 -62.54 -1.39 -16.00
CA CYS F 117 -62.52 -0.17 -15.21
C CYS F 117 -63.78 0.66 -15.44
N LYS F 118 -64.30 0.66 -16.66
CA LYS F 118 -65.51 1.42 -16.95
C LYS F 118 -66.68 0.91 -16.10
N ASP F 119 -66.74 -0.39 -15.83
CA ASP F 119 -67.82 -0.93 -15.02
C ASP F 119 -67.67 -0.52 -13.56
N ILE F 120 -66.43 -0.44 -13.07
CA ILE F 120 -66.20 0.02 -11.71
C ILE F 120 -66.60 1.49 -11.56
N ILE F 121 -66.28 2.32 -12.57
CA ILE F 121 -66.68 3.71 -12.52
C ILE F 121 -68.19 3.84 -12.55
N LYS F 122 -68.85 3.13 -13.47
CA LYS F 122 -70.31 3.17 -13.55
C LYS F 122 -70.93 2.86 -12.20
N THR F 123 -70.42 1.81 -11.53
CA THR F 123 -70.97 1.43 -10.24
C THR F 123 -70.64 2.47 -9.17
N ALA F 124 -69.43 3.04 -9.21
CA ALA F 124 -69.08 4.08 -8.26
C ALA F 124 -70.00 5.29 -8.42
N ARG F 125 -70.41 5.60 -9.65
CA ARG F 125 -71.33 6.70 -9.85
C ARG F 125 -72.69 6.40 -9.23
N SER F 126 -73.13 5.14 -9.33
CA SER F 126 -74.40 4.74 -8.73
C SER F 126 -74.39 4.97 -7.22
N LEU F 127 -73.25 4.72 -6.58
CA LEU F 127 -73.19 4.73 -5.12
C LEU F 127 -72.78 6.07 -4.52
N LEU F 128 -72.04 6.89 -5.26
CA LEU F 128 -71.56 8.17 -4.74
C LEU F 128 -72.48 9.31 -5.16
N ASN F 129 -72.60 10.32 -4.29
CA ASN F 129 -73.34 11.52 -4.64
C ASN F 129 -72.47 12.38 -5.58
N ASP F 130 -72.98 13.54 -5.97
CA ASP F 130 -72.24 14.37 -6.92
C ASP F 130 -71.00 14.97 -6.28
N VAL F 131 -71.10 15.41 -5.03
CA VAL F 131 -69.95 16.01 -4.35
C VAL F 131 -68.82 14.99 -4.25
N GLN F 132 -69.17 13.74 -3.96
CA GLN F 132 -68.16 12.71 -3.76
C GLN F 132 -67.55 12.27 -5.08
N PHE F 133 -68.38 12.04 -6.09
CA PHE F 133 -67.88 11.68 -7.41
C PHE F 133 -67.03 12.79 -8.02
N GLY F 134 -67.06 14.00 -7.45
CA GLY F 134 -66.22 15.06 -7.95
C GLY F 134 -64.75 14.77 -7.86
N GLN F 135 -64.37 13.81 -7.02
CA GLN F 135 -62.97 13.43 -6.91
C GLN F 135 -62.44 12.85 -8.22
N PHE F 136 -63.24 12.03 -8.89
CA PHE F 136 -62.82 11.39 -10.13
C PHE F 136 -62.60 12.38 -11.27
N GLY F 137 -62.92 13.65 -11.06
CA GLY F 137 -62.63 14.69 -12.03
C GLY F 137 -63.32 14.50 -13.36
N ASP F 138 -62.73 15.07 -14.39
CA ASP F 138 -63.35 15.10 -15.72
C ASP F 138 -63.25 13.77 -16.44
N ASP F 139 -62.24 12.95 -16.15
CA ASP F 139 -62.07 11.65 -16.78
C ASP F 139 -61.85 10.63 -15.66
N PRO F 140 -62.94 10.09 -15.10
CA PRO F 140 -62.78 9.14 -13.99
C PRO F 140 -61.91 7.93 -14.32
N LYS F 141 -62.13 7.31 -15.48
CA LYS F 141 -61.37 6.12 -15.82
C LYS F 141 -59.87 6.40 -15.78
N GLU F 142 -59.44 7.50 -16.41
CA GLU F 142 -58.02 7.79 -16.49
C GLU F 142 -57.40 7.96 -15.11
N GLU F 143 -58.06 8.69 -14.22
CA GLU F 143 -57.50 8.90 -12.88
C GLU F 143 -57.25 7.58 -12.18
N VAL F 144 -58.19 6.64 -12.30
CA VAL F 144 -58.04 5.34 -11.66
C VAL F 144 -56.89 4.56 -12.29
N MET F 145 -56.85 4.55 -13.63
CA MET F 145 -55.82 3.77 -14.32
C MET F 145 -54.43 4.30 -13.98
N VAL F 146 -54.29 5.62 -13.89
CA VAL F 146 -53.01 6.23 -13.53
C VAL F 146 -52.58 5.79 -12.15
N LEU F 147 -53.50 5.75 -11.19
CA LEU F 147 -53.14 5.45 -9.82
C LEU F 147 -52.60 4.03 -9.67
N GLU F 148 -52.92 3.13 -10.60
CA GLU F 148 -52.43 1.76 -10.50
C GLU F 148 -50.92 1.69 -10.37
N ARG F 149 -50.20 2.52 -11.13
CA ARG F 149 -48.74 2.52 -11.05
C ARG F 149 -48.27 2.84 -9.64
N ILE F 150 -48.83 3.89 -9.05
CA ILE F 150 -48.48 4.24 -7.67
C ILE F 150 -48.90 3.13 -6.72
N LEU F 151 -50.11 2.59 -6.91
CA LEU F 151 -50.58 1.52 -6.04
C LEU F 151 -49.63 0.33 -6.06
N LEU F 152 -49.27 -0.14 -7.26
CA LEU F 152 -48.35 -1.26 -7.36
C LEU F 152 -47.03 -0.96 -6.65
N GLN F 153 -46.47 0.23 -6.88
CA GLN F 153 -45.24 0.58 -6.19
C GLN F 153 -45.46 0.63 -4.69
N THR F 154 -46.60 1.18 -4.25
CA THR F 154 -46.84 1.33 -2.83
C THR F 154 -46.97 -0.03 -2.14
N ILE F 155 -47.68 -0.98 -2.77
CA ILE F 155 -47.84 -2.29 -2.15
C ILE F 155 -46.65 -3.17 -2.47
N LYS F 156 -45.58 -2.56 -3.01
CA LYS F 156 -44.30 -3.25 -3.22
C LYS F 156 -44.46 -4.51 -4.04
N PHE F 157 -45.41 -4.51 -4.98
CA PHE F 157 -45.67 -5.64 -5.85
C PHE F 157 -45.84 -6.95 -5.07
N ASP F 158 -46.15 -6.84 -3.77
CA ASP F 158 -46.49 -8.02 -2.96
C ASP F 158 -47.99 -8.19 -3.12
N LEU F 159 -48.38 -8.94 -4.15
CA LEU F 159 -49.78 -9.02 -4.55
C LEU F 159 -50.53 -10.11 -3.80
N GLN F 160 -49.84 -11.15 -3.36
CA GLN F 160 -50.53 -12.23 -2.68
C GLN F 160 -50.94 -11.78 -1.29
N VAL F 161 -52.22 -11.94 -0.97
CA VAL F 161 -52.77 -11.57 0.33
C VAL F 161 -53.70 -12.70 0.76
N GLU F 162 -53.59 -13.10 2.02
CA GLU F 162 -54.51 -14.06 2.61
C GLU F 162 -55.42 -13.37 3.62
N HIS F 163 -56.61 -13.93 3.78
CA HIS F 163 -57.67 -13.31 4.55
C HIS F 163 -58.18 -14.23 5.65
N PRO F 164 -58.79 -13.66 6.69
CA PRO F 164 -59.27 -14.48 7.81
C PRO F 164 -60.25 -15.57 7.37
N TYR F 165 -60.94 -15.39 6.25
CA TYR F 165 -62.01 -16.31 5.88
C TYR F 165 -61.48 -17.74 5.76
N GLN F 166 -60.38 -17.94 5.03
CA GLN F 166 -59.90 -19.29 4.78
C GLN F 166 -59.47 -19.98 6.06
N PHE F 167 -58.99 -19.20 7.04
CA PHE F 167 -58.59 -19.78 8.32
C PHE F 167 -59.79 -20.02 9.21
N LEU F 168 -60.80 -19.15 9.15
CA LEU F 168 -62.05 -19.40 9.85
C LEU F 168 -62.64 -20.75 9.44
N LEU F 169 -62.59 -21.06 8.15
CA LEU F 169 -63.12 -22.33 7.65
C LEU F 169 -62.18 -23.48 7.93
N LYS F 170 -60.87 -23.25 7.77
CA LYS F 170 -59.89 -24.28 8.07
C LYS F 170 -60.01 -24.77 9.50
N TYR F 171 -60.21 -23.83 10.43
CA TYR F 171 -60.30 -24.19 11.84
C TYR F 171 -61.66 -24.80 12.16
N ALA F 172 -62.73 -24.28 11.57
CA ALA F 172 -64.06 -24.78 11.86
C ALA F 172 -64.23 -26.23 11.43
N LYS F 173 -63.61 -26.64 10.32
CA LYS F 173 -63.77 -28.04 9.91
C LYS F 173 -63.20 -29.00 10.96
N GLN F 174 -62.27 -28.54 11.79
CA GLN F 174 -61.69 -29.37 12.84
C GLN F 174 -62.54 -29.39 14.10
N LEU F 175 -63.70 -28.76 14.08
CA LEU F 175 -64.64 -28.81 15.19
C LEU F 175 -65.67 -29.90 14.93
N LYS F 176 -65.97 -30.68 15.96
CA LYS F 176 -66.96 -31.76 15.87
C LYS F 176 -67.95 -31.60 17.01
N GLY F 177 -69.23 -31.66 16.69
CA GLY F 177 -70.25 -31.47 17.70
C GLY F 177 -71.57 -31.09 17.05
N ASP F 178 -72.38 -30.36 17.80
CA ASP F 178 -73.66 -29.89 17.29
C ASP F 178 -73.41 -29.10 16.01
N LYS F 179 -73.85 -29.64 14.87
CA LYS F 179 -73.62 -28.98 13.59
C LYS F 179 -74.23 -27.58 13.57
N ASN F 180 -75.42 -27.42 14.16
CA ASN F 180 -76.10 -26.14 14.08
C ASN F 180 -75.48 -25.09 15.00
N LYS F 181 -74.92 -25.50 16.14
CA LYS F 181 -74.21 -24.55 16.99
C LYS F 181 -72.90 -24.11 16.33
N ILE F 182 -72.21 -25.05 15.66
CA ILE F 182 -70.97 -24.71 15.00
C ILE F 182 -71.24 -23.82 13.79
N GLN F 183 -72.34 -24.07 13.08
CA GLN F 183 -72.69 -23.19 11.96
C GLN F 183 -73.03 -21.79 12.44
N LYS F 184 -73.77 -21.67 13.56
CA LYS F 184 -74.04 -20.36 14.11
C LYS F 184 -72.74 -19.65 14.47
N LEU F 185 -71.77 -20.41 15.00
CA LEU F 185 -70.47 -19.84 15.30
C LEU F 185 -69.81 -19.27 14.05
N VAL F 186 -69.81 -20.04 12.96
CA VAL F 186 -69.08 -19.62 11.76
C VAL F 186 -69.70 -18.36 11.19
N GLN F 187 -71.01 -18.35 10.96
CA GLN F 187 -71.62 -17.18 10.32
C GLN F 187 -71.39 -15.93 11.15
N MET F 188 -71.62 -16.01 12.47
CA MET F 188 -71.37 -14.85 13.31
C MET F 188 -69.91 -14.42 13.18
N ALA F 189 -68.99 -15.38 13.21
CA ALA F 189 -67.58 -15.06 13.02
C ALA F 189 -67.34 -14.51 11.62
N TRP F 190 -67.99 -15.10 10.61
CA TRP F 190 -67.86 -14.61 9.25
C TRP F 190 -68.31 -13.15 9.15
N THR F 191 -69.44 -12.83 9.76
CA THR F 191 -69.90 -11.45 9.78
C THR F 191 -68.87 -10.54 10.43
N PHE F 192 -68.25 -11.00 11.52
CA PHE F 192 -67.25 -10.17 12.19
C PHE F 192 -66.04 -9.90 11.29
N VAL F 193 -65.65 -10.86 10.45
CA VAL F 193 -64.54 -10.61 9.53
C VAL F 193 -64.91 -9.50 8.56
N ASN F 194 -66.12 -9.56 7.98
CA ASN F 194 -66.56 -8.52 7.05
C ASN F 194 -66.52 -7.15 7.72
N ASP F 195 -66.95 -7.09 8.99
CA ASP F 195 -66.95 -5.82 9.71
C ASP F 195 -65.54 -5.41 10.10
N SER F 196 -64.65 -6.38 10.29
CA SER F 196 -63.27 -6.06 10.62
C SER F 196 -62.52 -5.42 9.46
N LEU F 197 -63.09 -5.45 8.26
CA LEU F 197 -62.43 -4.91 7.08
C LEU F 197 -62.42 -3.39 7.04
N CYS F 198 -63.28 -2.74 7.80
CA CYS F 198 -63.31 -1.29 7.91
C CYS F 198 -62.36 -0.76 8.97
N THR F 199 -61.61 -1.66 9.61
CA THR F 199 -60.71 -1.33 10.71
C THR F 199 -59.26 -1.53 10.27
N THR F 200 -58.34 -1.06 11.10
CA THR F 200 -56.92 -1.24 10.87
C THR F 200 -56.41 -2.56 11.45
N LEU F 201 -57.33 -3.46 11.84
CA LEU F 201 -56.91 -4.78 12.30
C LEU F 201 -56.15 -5.51 11.19
N SER F 202 -56.55 -5.32 9.94
CA SER F 202 -55.81 -5.92 8.83
C SER F 202 -54.34 -5.52 8.86
N LEU F 203 -54.04 -4.34 9.41
CA LEU F 203 -52.69 -3.82 9.48
C LEU F 203 -51.99 -4.13 10.79
N GLN F 204 -52.69 -4.74 11.74
CA GLN F 204 -52.13 -5.03 13.06
C GLN F 204 -51.84 -6.49 13.29
N TRP F 205 -52.65 -7.38 12.73
CA TRP F 205 -52.58 -8.81 13.07
C TRP F 205 -52.68 -9.67 11.83
N GLU F 206 -51.92 -10.75 11.83
CA GLU F 206 -51.97 -11.72 10.75
C GLU F 206 -53.41 -12.24 10.59
N PRO F 207 -53.77 -12.70 9.39
CA PRO F 207 -55.16 -13.18 9.21
C PRO F 207 -55.51 -14.33 10.13
N GLU F 208 -54.57 -15.23 10.38
CA GLU F 208 -54.85 -16.37 11.26
C GLU F 208 -55.31 -15.90 12.63
N ILE F 209 -54.69 -14.84 13.14
CA ILE F 209 -55.05 -14.33 14.47
C ILE F 209 -56.45 -13.73 14.45
N ILE F 210 -56.78 -12.98 13.39
CA ILE F 210 -58.13 -12.42 13.30
C ILE F 210 -59.16 -13.54 13.30
N ALA F 211 -58.91 -14.60 12.53
CA ALA F 211 -59.86 -15.70 12.43
C ALA F 211 -60.13 -16.32 13.80
N VAL F 212 -59.09 -16.49 14.61
CA VAL F 212 -59.29 -17.00 15.96
C VAL F 212 -60.11 -16.01 16.79
N ALA F 213 -59.77 -14.73 16.69
CA ALA F 213 -60.43 -13.72 17.51
C ALA F 213 -61.93 -13.67 17.22
N VAL F 214 -62.33 -13.79 15.95
CA VAL F 214 -63.75 -13.72 15.63
C VAL F 214 -64.45 -15.00 16.07
N MET F 215 -63.77 -16.14 16.00
CA MET F 215 -64.32 -17.35 16.60
C MET F 215 -64.44 -17.18 18.10
N TYR F 216 -63.40 -16.64 18.72
CA TYR F 216 -63.40 -16.36 20.16
C TYR F 216 -64.55 -15.45 20.54
N LEU F 217 -64.75 -14.38 19.76
CA LEU F 217 -65.85 -13.46 20.03
C LEU F 217 -67.19 -14.16 19.84
N ALA F 218 -67.37 -14.82 18.70
CA ALA F 218 -68.64 -15.50 18.43
C ALA F 218 -68.93 -16.53 19.51
N GLY F 219 -67.91 -17.23 19.99
CA GLY F 219 -68.12 -18.18 21.07
C GLY F 219 -68.64 -17.52 22.33
N ARG F 220 -68.01 -16.41 22.73
CA ARG F 220 -68.45 -15.69 23.92
C ARG F 220 -69.91 -15.25 23.79
N LEU F 221 -70.26 -14.65 22.66
CA LEU F 221 -71.61 -14.11 22.50
C LEU F 221 -72.65 -15.22 22.47
N CYS F 222 -72.36 -16.34 21.81
CA CYS F 222 -73.29 -17.46 21.73
C CYS F 222 -73.23 -18.38 22.95
N LYS F 223 -72.45 -18.04 23.96
CA LYS F 223 -72.31 -18.85 25.17
C LYS F 223 -71.85 -20.27 24.79
N PHE F 224 -70.89 -20.36 23.86
CA PHE F 224 -70.36 -21.66 23.46
C PHE F 224 -69.02 -21.93 24.12
N GLU F 225 -68.75 -23.21 24.37
CA GLU F 225 -67.47 -23.69 24.85
C GLU F 225 -66.81 -24.36 23.65
N ILE F 226 -66.01 -23.59 22.89
CA ILE F 226 -65.48 -24.11 21.64
C ILE F 226 -64.54 -25.28 21.88
N GLN F 227 -63.89 -25.30 23.05
CA GLN F 227 -62.93 -26.35 23.36
C GLN F 227 -63.55 -27.73 23.24
N GLU F 228 -64.82 -27.86 23.66
CA GLU F 228 -65.47 -29.15 23.66
C GLU F 228 -65.49 -29.76 22.26
N TRP F 229 -65.55 -28.92 21.23
CA TRP F 229 -65.61 -29.40 19.86
C TRP F 229 -64.26 -29.76 19.27
N THR F 230 -63.17 -29.50 20.00
CA THR F 230 -61.83 -29.75 19.49
C THR F 230 -61.36 -31.16 19.83
N SER F 231 -60.23 -31.54 19.24
CA SER F 231 -59.61 -32.82 19.55
C SER F 231 -59.04 -32.86 20.96
N LYS F 232 -59.01 -31.72 21.67
CA LYS F 232 -58.48 -31.63 23.02
C LYS F 232 -59.51 -30.95 23.90
N PRO F 233 -60.61 -31.65 24.22
CA PRO F 233 -61.76 -30.99 24.87
C PRO F 233 -61.46 -30.47 26.27
N MET F 234 -60.32 -30.82 26.86
CA MET F 234 -59.94 -30.35 28.18
C MET F 234 -58.88 -29.26 28.13
N TYR F 235 -58.56 -28.76 26.94
CA TYR F 235 -57.59 -27.68 26.77
C TYR F 235 -58.38 -26.38 26.68
N ARG F 236 -58.41 -25.60 27.76
CA ARG F 236 -59.28 -24.44 27.75
C ARG F 236 -58.84 -23.41 26.70
N ARG F 237 -57.54 -23.33 26.44
CA ARG F 237 -57.03 -22.44 25.40
C ARG F 237 -57.06 -23.13 24.03
N TRP F 238 -58.28 -23.23 23.50
CA TRP F 238 -58.50 -23.97 22.26
C TRP F 238 -57.72 -23.39 21.10
N TRP F 239 -57.43 -22.08 21.14
CA TRP F 239 -56.81 -21.41 20.01
C TRP F 239 -55.38 -21.84 19.78
N GLU F 240 -54.72 -22.42 20.78
CA GLU F 240 -53.31 -22.75 20.62
C GLU F 240 -53.09 -23.85 19.58
N GLN F 241 -54.09 -24.68 19.31
CA GLN F 241 -53.91 -25.70 18.29
C GLN F 241 -53.98 -25.13 16.88
N PHE F 242 -54.72 -24.02 16.73
CA PHE F 242 -54.87 -23.40 15.42
C PHE F 242 -53.80 -22.34 15.19
N VAL F 243 -53.52 -21.50 16.19
CA VAL F 243 -52.52 -20.45 16.06
C VAL F 243 -51.68 -20.42 17.33
N GLN F 244 -50.39 -20.68 17.20
CA GLN F 244 -49.48 -20.71 18.34
C GLN F 244 -49.05 -19.31 18.75
N ASP F 245 -48.81 -19.16 20.06
CA ASP F 245 -48.22 -17.95 20.63
C ASP F 245 -49.16 -16.75 20.57
N VAL F 246 -50.45 -16.96 20.82
CA VAL F 246 -51.40 -15.85 20.85
C VAL F 246 -51.95 -15.76 22.28
N PRO F 247 -51.64 -14.70 23.02
CA PRO F 247 -52.24 -14.52 24.35
C PRO F 247 -53.67 -14.01 24.25
N VAL F 248 -54.38 -14.18 25.37
CA VAL F 248 -55.75 -13.67 25.45
C VAL F 248 -55.76 -12.16 25.29
N ASP F 249 -54.70 -11.47 25.73
CA ASP F 249 -54.61 -10.03 25.57
C ASP F 249 -54.93 -9.62 24.14
N VAL F 250 -54.34 -10.32 23.17
CA VAL F 250 -54.54 -9.97 21.77
C VAL F 250 -55.98 -10.23 21.36
N LEU F 251 -56.50 -11.42 21.69
CA LEU F 251 -57.87 -11.75 21.31
C LEU F 251 -58.86 -10.78 21.92
N GLU F 252 -58.58 -10.29 23.14
CA GLU F 252 -59.46 -9.30 23.75
C GLU F 252 -59.31 -7.94 23.07
N ASP F 253 -58.08 -7.56 22.74
CA ASP F 253 -57.86 -6.30 22.03
C ASP F 253 -58.60 -6.29 20.69
N ILE F 254 -58.54 -7.41 19.96
CA ILE F 254 -59.23 -7.49 18.68
C ILE F 254 -60.73 -7.47 18.88
N CYS F 255 -61.23 -8.27 19.82
CA CYS F 255 -62.66 -8.31 20.08
C CYS F 255 -63.18 -6.91 20.45
N HIS F 256 -62.42 -6.18 21.26
CA HIS F 256 -62.84 -4.84 21.66
C HIS F 256 -63.01 -3.94 20.44
N GLN F 257 -62.04 -3.98 19.52
CA GLN F 257 -62.10 -3.12 18.34
C GLN F 257 -63.29 -3.48 17.45
N ILE F 258 -63.60 -4.78 17.33
CA ILE F 258 -64.74 -5.17 16.51
C ILE F 258 -66.05 -4.68 17.13
N LEU F 259 -66.22 -4.91 18.43
CA LEU F 259 -67.46 -4.51 19.09
C LEU F 259 -67.64 -3.00 19.11
N ASP F 260 -66.54 -2.23 19.05
CA ASP F 260 -66.64 -0.78 19.04
C ASP F 260 -67.46 -0.29 17.85
N LEU F 261 -67.25 -0.90 16.68
CA LEU F 261 -68.01 -0.52 15.50
C LEU F 261 -69.50 -0.61 15.76
N TYR F 262 -69.93 -1.71 16.39
CA TYR F 262 -71.35 -1.94 16.65
C TYR F 262 -71.90 -0.85 17.56
N SER F 263 -71.17 -0.52 18.63
CA SER F 263 -71.63 0.49 19.57
C SER F 263 -71.71 1.87 18.90
N GLN F 264 -70.67 2.26 18.17
CA GLN F 264 -70.69 3.55 17.48
C GLN F 264 -71.75 3.57 16.40
N GLY F 265 -71.87 2.50 15.61
CA GLY F 265 -72.84 2.44 14.55
C GLY F 265 -74.25 2.11 15.04
N LYS F 266 -75.21 2.28 14.12
CA LYS F 266 -76.58 1.90 14.43
C LYS F 266 -76.74 0.40 14.59
N GLN F 267 -75.96 -0.38 13.85
CA GLN F 267 -76.04 -1.83 13.93
C GLN F 267 -75.61 -2.31 15.30
N GLN F 268 -76.25 -3.38 15.75
CA GLN F 268 -75.98 -4.01 17.04
C GLN F 268 -75.45 -5.41 16.78
N MET F 269 -74.88 -6.03 17.81
CA MET F 269 -74.22 -7.32 17.64
C MET F 269 -75.14 -8.26 16.85
N PRO F 270 -74.58 -9.06 15.94
CA PRO F 270 -75.46 -9.88 15.08
C PRO F 270 -76.37 -10.83 15.85
N HIS F 271 -75.84 -11.54 16.84
CA HIS F 271 -76.57 -12.55 17.59
C HIS F 271 -77.62 -13.26 16.72
N MET G 5 -13.64 56.59 27.63
CA MET G 5 -12.70 56.49 26.46
C MET G 5 -13.46 56.32 25.14
N SER G 6 -14.65 55.73 25.19
CA SER G 6 -15.50 55.59 24.01
C SER G 6 -16.88 56.18 24.34
N TYR G 7 -17.52 56.74 23.32
CA TYR G 7 -18.79 57.45 23.50
C TYR G 7 -19.80 56.99 22.45
N ASN G 8 -20.94 56.48 22.92
CA ASN G 8 -21.96 55.94 22.03
C ASN G 8 -23.34 56.32 22.52
N TYR G 9 -24.33 56.18 21.63
CA TYR G 9 -25.70 56.63 21.86
C TYR G 9 -26.63 55.55 21.31
N VAL G 10 -27.55 55.07 22.15
CA VAL G 10 -28.43 53.96 21.82
C VAL G 10 -29.87 54.45 21.89
N VAL G 11 -30.63 54.23 20.82
CA VAL G 11 -32.02 54.68 20.74
C VAL G 11 -32.88 53.53 20.25
N THR G 12 -34.14 53.53 20.68
CA THR G 12 -35.14 52.61 20.17
C THR G 12 -35.76 53.21 18.92
N ALA G 13 -35.65 52.50 17.80
CA ALA G 13 -36.35 52.87 16.58
C ALA G 13 -37.71 52.21 16.49
N GLN G 14 -37.82 50.98 17.01
CA GLN G 14 -39.06 50.24 17.10
C GLN G 14 -39.13 49.61 18.48
N LYS G 15 -40.24 49.84 19.18
CA LYS G 15 -40.40 49.31 20.52
C LYS G 15 -40.58 47.79 20.47
N PRO G 16 -40.38 47.12 21.60
CA PRO G 16 -40.66 45.68 21.65
C PRO G 16 -42.09 45.38 21.20
N THR G 17 -42.23 44.37 20.34
CA THR G 17 -43.53 43.99 19.80
C THR G 17 -44.06 42.68 20.37
N ALA G 18 -43.20 41.84 20.94
CA ALA G 18 -43.61 40.55 21.46
C ALA G 18 -44.33 40.70 22.79
N VAL G 19 -45.39 39.91 22.97
CA VAL G 19 -46.17 39.91 24.20
C VAL G 19 -45.59 38.86 25.13
N ASN G 20 -45.09 39.29 26.29
CA ASN G 20 -44.52 38.38 27.26
C ASN G 20 -45.53 37.89 28.30
N GLY G 21 -46.60 38.65 28.52
CA GLY G 21 -47.65 38.24 29.42
C GLY G 21 -48.80 39.22 29.35
N CYS G 22 -49.96 38.78 29.83
CA CYS G 22 -51.17 39.59 29.75
C CYS G 22 -52.18 39.19 30.81
N VAL G 23 -52.86 40.21 31.37
CA VAL G 23 -53.83 40.01 32.44
C VAL G 23 -55.09 40.83 32.14
N THR G 24 -56.17 40.49 32.83
CA THR G 24 -57.42 41.22 32.76
C THR G 24 -57.84 41.61 34.18
N GLY G 25 -58.72 42.61 34.26
CA GLY G 25 -59.20 43.04 35.56
C GLY G 25 -59.88 44.38 35.48
N HIS G 26 -59.89 45.08 36.62
CA HIS G 26 -60.60 46.35 36.79
C HIS G 26 -59.63 47.34 37.42
N PHE G 27 -58.65 47.75 36.61
CA PHE G 27 -57.51 48.54 37.06
C PHE G 27 -57.74 50.05 36.94
N THR G 28 -58.30 50.50 35.82
CA THR G 28 -58.52 51.94 35.63
C THR G 28 -59.76 52.42 36.37
N SER G 29 -60.80 51.60 36.47
CA SER G 29 -62.01 51.93 37.20
C SER G 29 -62.67 50.62 37.62
N ALA G 30 -63.42 50.67 38.71
CA ALA G 30 -64.13 49.48 39.17
C ALA G 30 -65.18 49.00 38.18
N GLU G 31 -65.56 49.82 37.20
CA GLU G 31 -66.59 49.46 36.22
C GLU G 31 -66.00 48.98 34.90
N ASP G 32 -64.93 49.60 34.42
CA ASP G 32 -64.35 49.19 33.15
C ASP G 32 -63.70 47.81 33.28
N LEU G 33 -63.69 47.07 32.18
CA LEU G 33 -62.94 45.83 32.07
C LEU G 33 -61.66 46.11 31.30
N ASN G 34 -60.52 45.86 31.94
CA ASN G 34 -59.22 46.22 31.38
C ASN G 34 -58.50 45.01 30.80
N LEU G 35 -57.59 45.29 29.87
CA LEU G 35 -56.61 44.32 29.39
C LEU G 35 -55.23 44.97 29.51
N LEU G 36 -54.40 44.44 30.39
CA LEU G 36 -53.02 44.89 30.54
C LEU G 36 -52.08 43.92 29.84
N ILE G 37 -51.33 44.44 28.87
CA ILE G 37 -50.37 43.66 28.09
C ILE G 37 -48.97 44.12 28.44
N ALA G 38 -48.10 43.18 28.76
CA ALA G 38 -46.71 43.47 29.08
C ALA G 38 -45.89 43.02 27.87
N LYS G 39 -45.28 43.98 27.18
CA LYS G 39 -44.20 43.69 26.25
C LYS G 39 -42.93 44.09 26.99
N ASN G 40 -41.78 43.54 26.57
CA ASN G 40 -40.58 43.72 27.38
C ASN G 40 -40.37 45.20 27.71
N THR G 41 -40.53 45.56 28.97
CA THR G 41 -40.34 46.89 29.56
C THR G 41 -41.50 47.83 29.25
N ARG G 42 -42.51 47.42 28.51
CA ARG G 42 -43.61 48.29 28.14
C ARG G 42 -44.88 47.73 28.75
N LEU G 43 -45.67 48.59 29.39
CA LEU G 43 -46.97 48.21 29.92
C LEU G 43 -48.02 48.95 29.11
N GLU G 44 -48.92 48.21 28.48
CA GLU G 44 -49.98 48.77 27.66
C GLU G 44 -51.31 48.52 28.37
N ILE G 45 -52.09 49.59 28.55
CA ILE G 45 -53.39 49.52 29.22
C ILE G 45 -54.48 49.79 28.19
N TYR G 46 -55.44 48.89 28.12
CA TYR G 46 -56.57 49.00 27.22
C TYR G 46 -57.85 48.91 28.05
N VAL G 47 -58.96 49.33 27.44
CA VAL G 47 -60.28 49.11 28.00
C VAL G 47 -61.05 48.24 27.02
N VAL G 48 -61.70 47.21 27.54
CA VAL G 48 -62.38 46.24 26.71
C VAL G 48 -63.74 46.81 26.33
N THR G 49 -64.05 46.81 25.04
CA THR G 49 -65.31 47.29 24.52
C THR G 49 -66.01 46.15 23.78
N ALA G 50 -67.21 46.46 23.26
CA ALA G 50 -67.94 45.51 22.45
C ALA G 50 -67.39 45.42 21.03
N GLU G 51 -66.50 46.33 20.65
CA GLU G 51 -65.91 46.36 19.32
C GLU G 51 -64.49 45.81 19.27
N GLY G 52 -63.72 46.00 20.33
CA GLY G 52 -62.32 45.63 20.36
C GLY G 52 -61.64 46.20 21.59
N LEU G 53 -60.44 46.73 21.42
CA LEU G 53 -59.67 47.29 22.53
C LEU G 53 -59.48 48.79 22.33
N ARG G 54 -59.74 49.57 23.39
CA ARG G 54 -59.51 51.00 23.38
C ARG G 54 -58.27 51.32 24.20
N PRO G 55 -57.23 51.89 23.60
CA PRO G 55 -56.04 52.25 24.40
C PRO G 55 -56.33 53.36 25.40
N VAL G 56 -55.62 53.29 26.53
CA VAL G 56 -55.79 54.25 27.62
C VAL G 56 -54.48 54.95 27.96
N LYS G 57 -53.41 54.18 28.13
CA LYS G 57 -52.13 54.71 28.56
C LYS G 57 -51.06 53.65 28.30
N GLU G 58 -49.87 54.12 27.97
CA GLU G 58 -48.71 53.25 27.87
C GLU G 58 -47.58 53.91 28.64
N VAL G 59 -46.91 53.13 29.48
CA VAL G 59 -45.77 53.59 30.25
C VAL G 59 -44.62 52.64 29.96
N GLY G 60 -43.41 53.16 30.04
CA GLY G 60 -42.21 52.35 30.04
C GLY G 60 -41.73 52.18 31.47
N MET G 61 -41.08 51.06 31.72
CA MET G 61 -40.49 50.78 33.02
C MET G 61 -39.00 50.54 32.86
N TYR G 62 -38.25 50.95 33.88
CA TYR G 62 -36.80 50.76 33.91
C TYR G 62 -36.47 49.35 34.41
N GLY G 63 -36.92 48.36 33.62
CA GLY G 63 -36.78 46.96 33.98
C GLY G 63 -37.58 46.02 33.09
N LYS G 64 -37.12 44.78 32.92
CA LYS G 64 -37.87 43.80 32.16
C LYS G 64 -39.00 43.26 33.04
N ILE G 65 -40.23 43.30 32.54
CA ILE G 65 -41.38 42.89 33.34
C ILE G 65 -41.40 41.38 33.43
N ALA G 66 -41.12 40.85 34.64
CA ALA G 66 -41.09 39.41 34.88
C ALA G 66 -42.42 38.91 35.44
N VAL G 67 -43.01 39.65 36.38
CA VAL G 67 -44.30 39.33 36.96
C VAL G 67 -45.25 40.49 36.71
N MET G 68 -46.49 40.17 36.36
CA MET G 68 -47.53 41.20 36.19
C MET G 68 -48.84 40.57 36.64
N GLU G 69 -49.38 41.05 37.75
CA GLU G 69 -50.57 40.48 38.35
C GLU G 69 -51.46 41.56 38.95
N LEU G 70 -52.76 41.44 38.73
CA LEU G 70 -53.76 42.33 39.31
C LEU G 70 -54.35 41.72 40.56
N PHE G 71 -54.61 42.56 41.56
CA PHE G 71 -55.20 42.13 42.82
C PHE G 71 -55.97 43.30 43.42
N ARG G 72 -56.89 42.96 44.34
CA ARG G 72 -57.77 43.94 44.97
C ARG G 72 -57.87 43.69 46.46
N PRO G 73 -57.06 44.38 47.26
CA PRO G 73 -57.15 44.17 48.72
C PRO G 73 -58.39 44.83 49.28
N LYS G 74 -58.88 44.27 50.39
CA LYS G 74 -60.07 44.77 51.05
C LYS G 74 -59.94 46.26 51.35
N GLY G 75 -60.95 47.02 50.95
CA GLY G 75 -60.96 48.46 51.17
C GLY G 75 -60.65 49.29 49.94
N GLU G 76 -60.10 48.68 48.90
CA GLU G 76 -59.79 49.40 47.68
C GLU G 76 -61.03 49.44 46.80
N SER G 77 -61.20 50.56 46.09
CA SER G 77 -62.34 50.69 45.19
C SER G 77 -62.13 49.91 43.90
N LYS G 78 -60.87 49.69 43.51
CA LYS G 78 -60.55 49.07 42.24
C LYS G 78 -59.24 48.29 42.38
N ASP G 79 -58.91 47.55 41.32
CA ASP G 79 -57.74 46.68 41.34
C ASP G 79 -56.43 47.46 41.38
N LEU G 80 -55.44 46.89 42.06
CA LEU G 80 -54.07 47.36 42.05
C LEU G 80 -53.20 46.41 41.24
N LEU G 81 -52.06 46.92 40.77
CA LEU G 81 -51.16 46.19 39.89
C LEU G 81 -49.85 45.91 40.61
N PHE G 82 -49.46 44.64 40.63
CA PHE G 82 -48.15 44.23 41.13
C PHE G 82 -47.23 43.90 39.96
N ILE G 83 -46.02 44.43 40.00
CA ILE G 83 -45.01 44.13 38.98
C ILE G 83 -43.68 43.87 39.66
N LEU G 84 -42.97 42.84 39.16
CA LEU G 84 -41.62 42.53 39.58
C LEU G 84 -40.76 42.47 38.32
N THR G 85 -39.62 43.14 38.34
CA THR G 85 -38.75 43.15 37.16
C THR G 85 -37.73 42.01 37.25
N ALA G 86 -37.05 41.78 36.13
CA ALA G 86 -36.07 40.71 36.06
C ALA G 86 -34.87 40.98 36.96
N LYS G 87 -34.64 42.23 37.33
CA LYS G 87 -33.64 42.59 38.32
C LYS G 87 -34.20 42.65 39.74
N TYR G 88 -35.43 42.17 39.95
CA TYR G 88 -36.04 42.06 41.28
C TYR G 88 -36.47 43.41 41.83
N ASN G 89 -36.90 44.31 40.96
CA ASN G 89 -37.54 45.55 41.38
C ASN G 89 -39.03 45.29 41.52
N ALA G 90 -39.54 45.40 42.74
CA ALA G 90 -40.95 45.16 43.01
C ALA G 90 -41.66 46.49 43.22
N CYS G 91 -42.94 46.51 42.85
CA CYS G 91 -43.75 47.71 43.06
C CYS G 91 -45.22 47.33 42.97
N ILE G 92 -46.05 48.11 43.66
CA ILE G 92 -47.49 48.04 43.55
C ILE G 92 -47.96 49.37 42.98
N LEU G 93 -48.75 49.30 41.91
CA LEU G 93 -49.10 50.47 41.13
C LEU G 93 -50.60 50.72 41.21
N GLU G 94 -50.97 51.99 41.13
CA GLU G 94 -52.36 52.41 41.13
C GLU G 94 -52.57 53.33 39.93
N TYR G 95 -53.65 53.10 39.19
CA TYR G 95 -54.04 53.98 38.12
C TYR G 95 -54.81 55.15 38.70
N LYS G 96 -54.38 56.37 38.37
CA LYS G 96 -55.08 57.56 38.86
C LYS G 96 -55.17 58.58 37.73
N GLN G 97 -56.39 59.03 37.46
CA GLN G 97 -56.67 59.96 36.37
C GLN G 97 -57.60 61.07 36.87
N SER G 98 -57.21 62.31 36.63
CA SER G 98 -58.02 63.49 36.98
C SER G 98 -58.15 64.35 35.73
N GLY G 99 -59.29 64.26 35.05
CA GLY G 99 -59.47 64.93 33.77
C GLY G 99 -58.65 64.27 32.68
N GLU G 100 -57.84 65.06 31.97
CA GLU G 100 -57.02 64.52 30.90
C GLU G 100 -55.66 64.02 31.39
N SER G 101 -55.30 64.32 32.64
CA SER G 101 -53.98 63.98 33.16
C SER G 101 -54.02 62.58 33.75
N ILE G 102 -53.22 61.67 33.20
CA ILE G 102 -53.14 60.30 33.65
C ILE G 102 -51.80 60.09 34.34
N ASP G 103 -51.85 59.46 35.50
CA ASP G 103 -50.66 59.11 36.26
C ASP G 103 -50.78 57.67 36.71
N ILE G 104 -49.64 57.01 36.90
CA ILE G 104 -49.58 55.71 37.54
C ILE G 104 -48.80 55.92 38.83
N ILE G 105 -49.45 55.67 39.95
CA ILE G 105 -48.92 56.02 41.26
C ILE G 105 -48.26 54.78 41.85
N THR G 106 -47.05 54.95 42.38
CA THR G 106 -46.34 53.86 43.04
C THR G 106 -46.67 53.91 44.54
N ARG G 107 -47.52 52.99 44.98
CA ARG G 107 -47.94 52.96 46.38
C ARG G 107 -46.91 52.27 47.27
N ALA G 108 -46.18 51.30 46.73
CA ALA G 108 -45.17 50.57 47.46
C ALA G 108 -44.08 50.17 46.48
N HIS G 109 -42.83 50.11 46.96
CA HIS G 109 -41.76 49.71 46.06
C HIS G 109 -40.58 49.21 46.89
N GLY G 110 -39.78 48.35 46.28
CA GLY G 110 -38.60 47.83 46.91
C GLY G 110 -37.99 46.76 46.03
N ASN G 111 -36.76 46.37 46.39
CA ASN G 111 -36.02 45.34 45.67
C ASN G 111 -35.96 44.10 46.55
N VAL G 112 -36.36 42.96 45.98
CA VAL G 112 -36.54 41.73 46.75
C VAL G 112 -35.38 40.75 46.53
N GLN G 113 -34.26 41.22 46.00
CA GLN G 113 -33.13 40.33 45.75
C GLN G 113 -32.55 39.84 47.07
N ASP G 114 -32.22 38.56 47.12
CA ASP G 114 -31.53 37.98 48.27
C ASP G 114 -30.03 37.94 48.01
N ARG G 115 -29.25 38.17 49.07
CA ARG G 115 -27.80 38.14 48.93
C ARG G 115 -27.33 36.76 48.46
N ILE G 116 -27.93 35.70 49.01
CA ILE G 116 -27.53 34.34 48.71
C ILE G 116 -28.76 33.57 48.23
N GLY G 117 -28.69 33.01 47.03
CA GLY G 117 -29.75 32.19 46.49
C GLY G 117 -29.40 31.67 45.11
N ARG G 118 -29.96 30.52 44.73
CA ARG G 118 -29.72 29.95 43.41
C ARG G 118 -30.92 30.24 42.53
N PRO G 119 -30.78 31.04 41.47
CA PRO G 119 -31.93 31.31 40.59
C PRO G 119 -32.53 30.01 40.06
N SER G 120 -33.86 29.96 40.07
CA SER G 120 -34.56 28.72 39.77
C SER G 120 -34.55 28.44 38.26
N GLU G 121 -34.67 27.15 37.93
CA GLU G 121 -34.63 26.71 36.54
C GLU G 121 -35.84 27.23 35.76
N THR G 122 -37.03 27.14 36.34
CA THR G 122 -38.24 27.57 35.64
C THR G 122 -38.56 29.05 35.84
N GLY G 123 -37.61 29.83 36.37
CA GLY G 123 -37.73 31.28 36.39
C GLY G 123 -38.57 31.85 37.52
N ILE G 124 -38.67 33.18 37.51
CA ILE G 124 -39.42 33.91 38.53
C ILE G 124 -40.89 33.54 38.41
N ILE G 125 -41.51 33.21 39.55
CA ILE G 125 -42.94 32.99 39.64
C ILE G 125 -43.51 33.94 40.68
N GLY G 126 -44.61 34.62 40.34
CA GLY G 126 -45.29 35.47 41.28
C GLY G 126 -46.76 35.17 41.34
N ILE G 127 -47.28 34.99 42.56
CA ILE G 127 -48.68 34.63 42.78
C ILE G 127 -49.18 35.49 43.94
N ILE G 128 -50.50 35.69 43.97
CA ILE G 128 -51.12 36.51 45.01
C ILE G 128 -52.30 35.75 45.60
N ASP G 129 -52.43 35.83 46.93
CA ASP G 129 -53.46 35.10 47.65
C ASP G 129 -54.84 35.56 47.20
N PRO G 130 -55.82 34.63 47.18
CA PRO G 130 -57.19 35.05 46.83
C PRO G 130 -57.75 36.11 47.74
N GLU G 131 -57.32 36.13 49.01
CA GLU G 131 -57.74 37.13 49.97
C GLU G 131 -56.86 38.38 49.94
N CYS G 132 -55.93 38.47 48.99
CA CYS G 132 -55.00 39.59 48.92
C CYS G 132 -54.34 39.80 50.29
N ARG G 133 -53.92 38.69 50.90
CA ARG G 133 -53.21 38.71 52.17
C ARG G 133 -51.70 38.81 51.97
N MET G 134 -51.18 38.25 50.88
CA MET G 134 -49.75 38.22 50.67
C MET G 134 -49.44 38.05 49.18
N ILE G 135 -48.21 38.36 48.82
CA ILE G 135 -47.65 38.06 47.52
C ILE G 135 -46.62 36.96 47.70
N GLY G 136 -46.81 35.83 47.02
CA GLY G 136 -45.84 34.74 47.02
C GLY G 136 -44.92 34.86 45.82
N LEU G 137 -43.62 34.72 46.09
CA LEU G 137 -42.61 34.76 45.04
C LEU G 137 -41.74 33.52 45.12
N ARG G 138 -41.49 32.89 43.98
CA ARG G 138 -40.53 31.80 43.86
C ARG G 138 -39.36 32.36 43.04
N LEU G 139 -38.32 32.83 43.72
CA LEU G 139 -37.16 33.41 43.07
C LEU G 139 -35.97 32.46 43.02
N TYR G 140 -35.75 31.68 44.08
CA TYR G 140 -34.57 30.84 44.18
C TYR G 140 -34.97 29.43 44.59
N ASP G 141 -34.15 28.46 44.17
CA ASP G 141 -34.37 27.08 44.57
C ASP G 141 -34.34 26.95 46.09
N GLY G 142 -35.30 26.20 46.62
CA GLY G 142 -35.34 25.93 48.04
C GLY G 142 -35.91 27.02 48.91
N LEU G 143 -36.37 28.13 48.32
CA LEU G 143 -36.89 29.25 49.09
C LEU G 143 -38.21 29.76 48.52
N PHE G 144 -39.12 30.11 49.42
CA PHE G 144 -40.39 30.74 49.11
C PHE G 144 -40.45 32.08 49.83
N LYS G 145 -40.59 33.16 49.07
CA LYS G 145 -40.60 34.51 49.62
C LYS G 145 -42.02 35.02 49.75
N VAL G 146 -42.33 35.64 50.90
CA VAL G 146 -43.65 36.18 51.18
C VAL G 146 -43.53 37.68 51.42
N ILE G 147 -44.25 38.47 50.64
CA ILE G 147 -44.46 39.89 50.91
C ILE G 147 -45.85 40.02 51.52
N PRO G 148 -45.99 40.28 52.82
CA PRO G 148 -47.33 40.47 53.39
C PRO G 148 -47.96 41.76 52.90
N LEU G 149 -49.24 41.69 52.56
CA LEU G 149 -49.96 42.83 51.99
C LEU G 149 -50.59 43.65 53.12
N ASP G 150 -49.72 44.25 53.93
CA ASP G 150 -50.15 45.21 54.93
C ASP G 150 -50.23 46.58 54.29
N ARG G 151 -51.15 47.42 54.80
CA ARG G 151 -51.31 48.75 54.23
C ARG G 151 -50.06 49.59 54.41
N ASP G 152 -49.31 49.36 55.50
CA ASP G 152 -48.13 50.15 55.80
C ASP G 152 -46.87 49.63 55.12
N ASN G 153 -46.94 48.45 54.49
CA ASN G 153 -45.74 47.84 53.91
C ASN G 153 -45.42 48.49 52.56
N LYS G 154 -45.09 49.78 52.64
CA LYS G 154 -44.77 50.57 51.45
C LYS G 154 -43.35 50.33 50.94
N GLU G 155 -42.49 49.69 51.74
CA GLU G 155 -41.17 49.28 51.28
C GLU G 155 -41.13 47.83 50.80
N LEU G 156 -42.27 47.14 50.83
CA LEU G 156 -42.36 45.75 50.39
C LEU G 156 -41.31 44.87 51.10
N LYS G 157 -41.25 45.00 52.42
CA LYS G 157 -40.40 44.12 53.20
C LYS G 157 -40.98 42.71 53.18
N ALA G 158 -40.08 41.72 53.17
CA ALA G 158 -40.50 40.34 52.99
C ALA G 158 -39.59 39.41 53.77
N PHE G 159 -40.07 38.19 53.96
CA PHE G 159 -39.32 37.14 54.65
C PHE G 159 -39.36 35.87 53.81
N ASN G 160 -38.37 35.01 54.04
CA ASN G 160 -38.28 33.74 53.32
C ASN G 160 -38.68 32.59 54.23
N ILE G 161 -39.36 31.61 53.64
CA ILE G 161 -39.69 30.35 54.30
C ILE G 161 -38.90 29.25 53.61
N ARG G 162 -38.16 28.46 54.40
CA ARG G 162 -37.42 27.35 53.83
C ARG G 162 -38.38 26.38 53.13
N LEU G 163 -37.99 25.95 51.94
CA LEU G 163 -38.78 25.07 51.10
C LEU G 163 -37.99 23.78 50.95
N GLU G 164 -38.56 22.68 51.44
CA GLU G 164 -37.85 21.41 51.42
C GLU G 164 -37.59 20.95 49.99
N GLU G 165 -38.55 21.15 49.10
CA GLU G 165 -38.47 20.71 47.71
C GLU G 165 -37.66 21.72 46.91
N LEU G 166 -36.47 21.32 46.49
CA LEU G 166 -35.55 22.29 45.88
C LEU G 166 -35.96 22.64 44.46
N HIS G 167 -36.45 21.67 43.69
CA HIS G 167 -36.76 21.85 42.28
C HIS G 167 -38.28 21.92 42.11
N VAL G 168 -38.81 23.14 42.16
CA VAL G 168 -40.24 23.40 42.01
C VAL G 168 -40.52 23.83 40.58
N ILE G 169 -41.56 23.25 39.99
CA ILE G 169 -41.93 23.54 38.60
C ILE G 169 -42.88 24.72 38.51
N ASP G 170 -44.00 24.66 39.23
CA ASP G 170 -45.01 25.70 39.17
C ASP G 170 -45.81 25.71 40.47
N VAL G 171 -46.30 26.89 40.85
CA VAL G 171 -47.02 27.06 42.09
C VAL G 171 -48.15 28.06 41.93
N LYS G 172 -49.24 27.80 42.66
CA LYS G 172 -50.40 28.68 42.71
C LYS G 172 -50.96 28.69 44.12
N PHE G 173 -51.55 29.81 44.53
CA PHE G 173 -52.37 29.84 45.73
C PHE G 173 -53.71 29.19 45.42
N LEU G 174 -54.24 28.42 46.38
CA LEU G 174 -55.47 27.71 46.12
C LEU G 174 -56.69 28.51 46.58
N TYR G 175 -57.85 28.17 46.02
CA TYR G 175 -59.12 28.77 46.38
C TYR G 175 -59.89 27.84 47.32
N GLY G 176 -60.66 28.42 48.22
CA GLY G 176 -61.56 27.64 49.04
C GLY G 176 -60.89 26.96 50.21
N CYS G 177 -59.90 27.62 50.81
CA CYS G 177 -59.14 27.03 51.90
C CYS G 177 -59.35 27.80 53.18
N GLN G 178 -59.26 27.06 54.28
CA GLN G 178 -59.44 27.62 55.61
C GLN G 178 -58.32 28.59 55.95
N ALA G 179 -57.14 28.38 55.39
CA ALA G 179 -55.97 29.24 55.52
C ALA G 179 -55.35 29.47 54.15
N PRO G 180 -54.53 30.53 54.01
CA PRO G 180 -53.78 30.71 52.75
C PRO G 180 -52.93 29.49 52.43
N THR G 181 -53.15 28.91 51.25
CA THR G 181 -52.54 27.63 50.86
C THR G 181 -51.93 27.72 49.48
N ILE G 182 -50.73 27.12 49.33
CA ILE G 182 -50.08 26.99 48.04
C ILE G 182 -50.12 25.52 47.59
N CYS G 183 -50.32 25.31 46.30
CA CYS G 183 -50.23 24.01 45.66
C CYS G 183 -49.15 24.07 44.59
N PHE G 184 -48.23 23.11 44.59
CA PHE G 184 -47.14 23.18 43.62
C PHE G 184 -46.73 21.78 43.18
N VAL G 185 -46.19 21.72 41.96
CA VAL G 185 -45.58 20.51 41.41
C VAL G 185 -44.08 20.66 41.54
N TYR G 186 -43.40 19.63 42.01
CA TYR G 186 -41.97 19.65 42.18
C TYR G 186 -41.38 18.35 41.64
N GLN G 187 -40.08 18.39 41.35
CA GLN G 187 -39.37 17.24 40.81
C GLN G 187 -38.24 16.86 41.74
N ASP G 188 -38.14 15.58 42.05
CA ASP G 188 -37.05 15.00 42.81
C ASP G 188 -36.65 13.72 42.09
N PRO G 189 -35.63 13.00 42.56
CA PRO G 189 -35.20 11.80 41.81
C PRO G 189 -36.29 10.75 41.66
N GLN G 190 -37.37 10.83 42.43
CA GLN G 190 -38.43 9.84 42.42
C GLN G 190 -39.56 10.16 41.43
N GLY G 191 -39.37 11.17 40.60
CA GLY G 191 -40.39 11.62 39.67
C GLY G 191 -40.89 13.01 40.03
N ARG G 192 -42.06 13.34 39.51
CA ARG G 192 -42.71 14.60 39.83
C ARG G 192 -43.91 14.34 40.74
N HIS G 193 -44.16 15.30 41.63
CA HIS G 193 -45.18 15.15 42.65
C HIS G 193 -45.91 16.49 42.80
N VAL G 194 -47.12 16.43 43.33
CA VAL G 194 -47.89 17.62 43.69
C VAL G 194 -48.06 17.62 45.21
N LYS G 195 -47.92 18.79 45.82
CA LYS G 195 -47.88 18.91 47.27
C LYS G 195 -48.47 20.25 47.68
N THR G 196 -48.99 20.30 48.91
CA THR G 196 -49.59 21.52 49.44
C THR G 196 -48.98 21.90 50.78
N TYR G 197 -48.93 23.21 51.03
CA TYR G 197 -48.55 23.76 52.31
C TYR G 197 -49.54 24.86 52.69
N GLU G 198 -49.64 25.15 53.98
CA GLU G 198 -50.35 26.33 54.47
C GLU G 198 -49.32 27.36 54.89
N VAL G 199 -49.58 28.63 54.58
CA VAL G 199 -48.65 29.72 54.84
C VAL G 199 -49.14 30.49 56.05
N SER G 200 -48.29 30.59 57.07
CA SER G 200 -48.60 31.33 58.29
C SER G 200 -47.78 32.61 58.31
N LEU G 201 -48.46 33.74 58.12
CA LEU G 201 -47.78 35.03 58.23
C LEU G 201 -47.31 35.30 59.65
N ARG G 202 -48.05 34.78 60.64
CA ARG G 202 -47.71 35.01 62.04
C ARG G 202 -46.45 34.24 62.44
N GLU G 203 -46.41 32.95 62.12
CA GLU G 203 -45.27 32.12 62.47
C GLU G 203 -44.12 32.26 61.48
N LYS G 204 -44.40 32.75 60.28
CA LYS G 204 -43.39 32.86 59.22
C LYS G 204 -42.81 31.48 58.88
N GLU G 205 -43.70 30.52 58.65
CA GLU G 205 -43.27 29.19 58.21
C GLU G 205 -44.46 28.48 57.59
N PHE G 206 -44.16 27.34 56.95
CA PHE G 206 -45.20 26.49 56.38
C PHE G 206 -45.77 25.56 57.45
N ASN G 207 -47.05 25.25 57.33
CA ASN G 207 -47.68 24.19 58.11
C ASN G 207 -48.18 23.10 57.17
N LYS G 208 -48.43 21.91 57.72
CA LYS G 208 -48.91 20.81 56.90
C LYS G 208 -50.11 21.26 56.07
N GLY G 209 -50.12 20.87 54.80
CA GLY G 209 -51.10 21.36 53.86
C GLY G 209 -52.41 20.58 53.94
N PRO G 210 -53.44 21.13 53.30
CA PRO G 210 -54.76 20.52 53.41
C PRO G 210 -54.86 19.10 52.86
N TRP G 211 -54.09 18.76 51.82
CA TRP G 211 -54.16 17.39 51.32
C TRP G 211 -52.79 16.83 50.94
N LYS G 212 -52.75 15.50 50.84
CA LYS G 212 -51.56 14.69 50.67
C LYS G 212 -51.00 14.82 49.26
N GLN G 213 -49.76 14.33 49.11
CA GLN G 213 -49.09 14.29 47.82
C GLN G 213 -49.65 13.23 46.90
N GLU G 214 -49.63 13.53 45.60
CA GLU G 214 -49.91 12.58 44.53
C GLU G 214 -48.78 12.60 43.52
N ASN G 215 -48.41 11.42 43.01
CA ASN G 215 -47.47 11.37 41.91
C ASN G 215 -48.15 11.85 40.63
N VAL G 216 -47.42 12.63 39.84
CA VAL G 216 -47.98 13.27 38.66
C VAL G 216 -47.13 12.88 37.45
N GLU G 217 -47.62 13.26 36.27
CA GLU G 217 -46.92 13.00 35.02
C GLU G 217 -45.47 13.47 35.11
N ALA G 218 -44.58 12.70 34.49
CA ALA G 218 -43.15 13.05 34.53
C ALA G 218 -42.91 14.44 33.97
N GLU G 219 -43.74 14.88 33.03
CA GLU G 219 -43.61 16.20 32.43
C GLU G 219 -44.73 17.15 32.85
N ALA G 220 -45.28 16.94 34.05
CA ALA G 220 -46.28 17.85 34.59
C ALA G 220 -45.74 19.28 34.58
N SER G 221 -46.41 20.16 33.83
CA SER G 221 -45.87 21.48 33.53
C SER G 221 -46.53 22.62 34.28
N MET G 222 -47.85 22.64 34.44
CA MET G 222 -48.53 23.82 34.94
C MET G 222 -49.56 23.48 36.02
N VAL G 223 -49.76 24.43 36.93
CA VAL G 223 -50.75 24.33 38.00
C VAL G 223 -51.81 25.41 37.80
N ILE G 224 -53.06 24.99 37.66
CA ILE G 224 -54.22 25.89 37.58
C ILE G 224 -54.96 25.78 38.90
N ALA G 225 -55.26 26.92 39.53
CA ALA G 225 -56.07 26.94 40.75
C ALA G 225 -57.54 27.07 40.37
N VAL G 226 -58.32 26.04 40.67
CA VAL G 226 -59.74 26.00 40.30
C VAL G 226 -60.52 26.82 41.33
N PRO G 227 -61.55 27.57 40.91
CA PRO G 227 -62.25 28.44 41.87
C PRO G 227 -63.06 27.71 42.93
N GLU G 228 -63.69 28.48 43.82
CA GLU G 228 -64.39 27.87 44.96
C GLU G 228 -65.46 26.87 44.57
N PRO G 229 -66.30 27.12 43.56
CA PRO G 229 -67.38 26.15 43.27
C PRO G 229 -66.88 24.73 43.04
N PHE G 230 -65.79 24.57 42.29
CA PHE G 230 -65.17 23.27 42.11
C PHE G 230 -64.09 23.04 43.17
N GLY G 231 -63.20 24.01 43.35
CA GLY G 231 -62.08 23.88 44.25
C GLY G 231 -60.96 23.06 43.64
N GLY G 232 -59.88 22.92 44.41
CA GLY G 232 -58.77 22.10 44.00
C GLY G 232 -57.91 22.76 42.93
N ALA G 233 -57.14 21.93 42.23
CA ALA G 233 -56.21 22.39 41.21
C ALA G 233 -56.16 21.40 40.07
N ILE G 234 -55.78 21.89 38.90
CA ILE G 234 -55.60 21.06 37.71
C ILE G 234 -54.13 21.09 37.32
N ILE G 235 -53.59 19.92 36.96
CA ILE G 235 -52.18 19.77 36.60
C ILE G 235 -52.12 19.37 35.14
N ILE G 236 -51.50 20.21 34.32
CA ILE G 236 -51.39 19.98 32.88
C ILE G 236 -50.03 19.37 32.59
N GLY G 237 -50.02 18.29 31.81
CA GLY G 237 -48.78 17.68 31.37
C GLY G 237 -48.66 17.59 29.87
N GLN G 238 -47.85 16.66 29.38
CA GLN G 238 -47.72 16.40 27.95
C GLN G 238 -48.76 15.41 27.45
N GLU G 239 -49.05 14.38 28.24
CA GLU G 239 -49.99 13.34 27.84
C GLU G 239 -51.32 13.38 28.58
N SER G 240 -51.36 13.91 29.80
CA SER G 240 -52.56 13.80 30.62
C SER G 240 -52.83 15.10 31.39
N ILE G 241 -54.09 15.29 31.72
CA ILE G 241 -54.57 16.39 32.56
C ILE G 241 -55.24 15.78 33.78
N THR G 242 -54.84 16.23 34.96
CA THR G 242 -55.33 15.65 36.21
C THR G 242 -55.89 16.73 37.13
N TYR G 243 -56.91 16.35 37.90
CA TYR G 243 -57.53 17.20 38.89
C TYR G 243 -57.30 16.60 40.27
N HIS G 244 -56.91 17.44 41.23
CA HIS G 244 -56.58 17.02 42.58
C HIS G 244 -57.30 17.88 43.60
N ASN G 245 -57.91 17.24 44.59
CA ASN G 245 -58.53 17.96 45.70
C ASN G 245 -58.87 17.00 46.84
N GLY G 246 -57.98 16.88 47.82
CA GLY G 246 -58.20 15.99 48.95
C GLY G 246 -58.32 14.54 48.50
N ASP G 247 -59.49 13.94 48.73
CA ASP G 247 -59.72 12.56 48.34
C ASP G 247 -60.14 12.44 46.88
N LYS G 248 -60.34 13.56 46.19
CA LYS G 248 -60.79 13.56 44.81
C LYS G 248 -59.58 13.58 43.88
N TYR G 249 -59.58 12.66 42.92
CA TYR G 249 -58.54 12.59 41.90
C TYR G 249 -59.18 12.18 40.57
N LEU G 250 -58.92 12.97 39.53
CA LEU G 250 -59.38 12.67 38.19
C LEU G 250 -58.18 12.67 37.26
N ALA G 251 -58.29 11.90 36.18
CA ALA G 251 -57.23 11.83 35.18
C ALA G 251 -57.86 11.60 33.82
N ILE G 252 -57.66 12.56 32.92
CA ILE G 252 -58.05 12.47 31.53
C ILE G 252 -56.78 12.55 30.69
N ALA G 253 -56.65 11.63 29.73
CA ALA G 253 -55.45 11.50 28.92
C ALA G 253 -55.80 11.38 27.44
N PRO G 254 -56.26 12.47 26.83
CA PRO G 254 -56.66 12.40 25.41
C PRO G 254 -55.44 12.35 24.51
N PRO G 255 -55.47 11.51 23.45
CA PRO G 255 -54.27 11.39 22.60
C PRO G 255 -53.91 12.66 21.87
N ILE G 256 -54.84 13.62 21.75
CA ILE G 256 -54.64 14.77 20.87
C ILE G 256 -53.65 15.75 21.49
N ILE G 257 -53.68 15.92 22.81
CA ILE G 257 -52.78 16.90 23.42
C ILE G 257 -51.35 16.38 23.41
N LYS G 258 -51.17 15.07 23.32
CA LYS G 258 -49.84 14.48 23.23
C LYS G 258 -49.09 14.95 22.00
N GLN G 259 -49.81 15.39 20.95
CA GLN G 259 -49.15 15.78 19.71
C GLN G 259 -48.27 17.01 19.90
N SER G 260 -48.72 17.98 20.70
CA SER G 260 -47.99 19.23 20.91
C SER G 260 -48.11 19.66 22.35
N THR G 261 -47.00 20.13 22.91
CA THR G 261 -46.97 20.55 24.31
C THR G 261 -47.91 21.73 24.54
N ILE G 262 -48.67 21.66 25.63
CA ILE G 262 -49.56 22.74 26.04
C ILE G 262 -48.76 23.73 26.87
N VAL G 263 -48.77 25.00 26.49
CA VAL G 263 -47.90 25.99 27.12
C VAL G 263 -48.67 27.09 27.84
N CYS G 264 -49.95 27.33 27.55
CA CYS G 264 -50.67 28.44 28.14
C CYS G 264 -52.12 28.07 28.41
N HIS G 265 -52.68 28.68 29.46
CA HIS G 265 -54.06 28.43 29.87
C HIS G 265 -54.70 29.74 30.31
N ASN G 266 -56.03 29.75 30.29
CA ASN G 266 -56.81 30.86 30.81
C ASN G 266 -58.18 30.33 31.25
N ARG G 267 -58.84 31.10 32.12
CA ARG G 267 -60.11 30.73 32.69
C ARG G 267 -61.22 31.54 32.02
N VAL G 268 -62.15 30.85 31.38
CA VAL G 268 -63.24 31.52 30.69
C VAL G 268 -64.38 31.87 31.63
N ASP G 269 -64.78 30.93 32.48
CA ASP G 269 -65.92 31.13 33.36
C ASP G 269 -65.46 31.34 34.79
N PRO G 270 -65.77 32.49 35.41
CA PRO G 270 -65.35 32.70 36.81
C PRO G 270 -65.71 31.55 37.73
N ASN G 271 -66.73 30.78 37.41
CA ASN G 271 -67.11 29.64 38.22
C ASN G 271 -66.18 28.46 38.02
N GLY G 272 -65.29 28.53 37.03
CA GLY G 272 -64.27 27.53 36.81
C GLY G 272 -64.66 26.42 35.86
N SER G 273 -65.85 26.46 35.29
CA SER G 273 -66.30 25.37 34.43
C SER G 273 -65.45 25.25 33.18
N ARG G 274 -64.96 26.37 32.63
CA ARG G 274 -64.31 26.36 31.34
C ARG G 274 -62.98 27.10 31.37
N TYR G 275 -61.94 26.45 30.86
CA TYR G 275 -60.62 27.03 30.69
C TYR G 275 -60.20 26.86 29.23
N LEU G 276 -59.33 27.76 28.76
CA LEU G 276 -58.75 27.67 27.43
C LEU G 276 -57.31 27.18 27.55
N LEU G 277 -56.85 26.44 26.53
CA LEU G 277 -55.50 25.88 26.50
C LEU G 277 -54.87 26.13 25.13
N GLY G 278 -53.57 26.45 25.12
CA GLY G 278 -52.84 26.66 23.87
C GLY G 278 -51.58 25.80 23.84
N ASP G 279 -51.16 25.49 22.59
CA ASP G 279 -50.02 24.59 22.40
C ASP G 279 -49.00 25.17 21.42
N MET G 280 -47.85 24.48 21.33
CA MET G 280 -46.74 24.99 20.53
C MET G 280 -47.01 24.94 19.04
N GLU G 281 -47.96 24.13 18.59
CA GLU G 281 -48.36 24.08 17.19
C GLU G 281 -49.46 25.08 16.86
N GLY G 282 -49.82 25.94 17.80
CA GLY G 282 -50.79 26.97 17.57
C GLY G 282 -52.23 26.58 17.78
N ARG G 283 -52.49 25.38 18.30
CA ARG G 283 -53.85 24.90 18.46
C ARG G 283 -54.45 25.43 19.76
N LEU G 284 -55.75 25.71 19.72
CA LEU G 284 -56.49 26.24 20.86
C LEU G 284 -57.54 25.23 21.29
N PHE G 285 -57.50 24.83 22.57
CA PHE G 285 -58.43 23.87 23.13
C PHE G 285 -59.31 24.55 24.17
N MET G 286 -60.46 23.93 24.43
CA MET G 286 -61.33 24.29 25.55
C MET G 286 -61.31 23.14 26.56
N LEU G 287 -61.04 23.47 27.82
CA LEU G 287 -61.08 22.50 28.90
C LEU G 287 -62.40 22.63 29.63
N LEU G 288 -63.18 21.55 29.67
CA LEU G 288 -64.51 21.58 30.25
C LEU G 288 -64.53 20.80 31.56
N LEU G 289 -65.09 21.43 32.59
CA LEU G 289 -65.29 20.80 33.89
C LEU G 289 -66.77 20.45 34.01
N GLU G 290 -67.08 19.16 34.05
CA GLU G 290 -68.47 18.72 34.04
C GLU G 290 -68.95 18.72 35.48
N LYS G 291 -69.61 19.80 35.88
CA LYS G 291 -70.15 19.89 37.23
C LYS G 291 -71.44 19.07 37.27
N GLU G 292 -71.79 18.62 38.48
CA GLU G 292 -73.03 17.88 38.70
C GLU G 292 -73.71 18.56 39.89
N GLU G 293 -74.92 19.06 39.65
CA GLU G 293 -75.65 19.83 40.64
C GLU G 293 -76.41 18.90 41.57
N GLN G 294 -76.14 19.03 42.86
CA GLN G 294 -76.84 18.30 43.90
C GLN G 294 -77.94 19.16 44.49
N MET G 295 -78.95 18.48 45.06
CA MET G 295 -80.01 19.24 45.73
C MET G 295 -79.39 20.04 46.86
N ASP G 296 -78.35 19.46 47.44
CA ASP G 296 -77.59 20.07 48.48
C ASP G 296 -76.93 21.35 48.00
N GLY G 297 -76.69 21.48 46.71
CA GLY G 297 -75.94 22.62 46.25
C GLY G 297 -74.47 22.41 46.24
N THR G 298 -73.99 21.27 46.74
CA THR G 298 -72.58 20.95 46.64
C THR G 298 -72.27 20.63 45.19
N VAL G 299 -71.01 20.84 44.82
CA VAL G 299 -70.59 20.66 43.44
C VAL G 299 -69.71 19.43 43.40
N THR G 300 -70.07 18.48 42.55
CA THR G 300 -69.31 17.25 42.33
C THR G 300 -68.86 17.26 40.88
N LEU G 301 -67.56 17.19 40.68
CA LEU G 301 -67.00 17.20 39.33
C LEU G 301 -67.08 15.75 38.83
N LYS G 302 -67.95 15.54 37.84
CA LYS G 302 -68.20 14.21 37.32
C LYS G 302 -67.11 13.77 36.37
N ASP G 303 -66.71 14.66 35.46
CA ASP G 303 -65.73 14.32 34.45
C ASP G 303 -65.12 15.59 33.88
N LEU G 304 -64.05 15.41 33.11
CA LEU G 304 -63.35 16.48 32.43
C LEU G 304 -63.40 16.21 30.93
N ARG G 305 -63.40 17.28 30.11
CA ARG G 305 -63.48 17.12 28.67
C ARG G 305 -62.57 18.14 27.99
N VAL G 306 -61.91 17.70 26.93
CA VAL G 306 -60.99 18.53 26.14
C VAL G 306 -61.52 18.58 24.71
N GLU G 307 -61.66 19.79 24.17
CA GLU G 307 -62.20 19.99 22.84
C GLU G 307 -61.34 20.96 22.04
N LEU G 308 -61.01 20.57 20.81
CA LEU G 308 -60.23 21.42 19.92
C LEU G 308 -61.14 22.48 19.28
N LEU G 309 -60.74 23.75 19.42
CA LEU G 309 -61.50 24.83 18.81
C LEU G 309 -60.96 25.21 17.44
N GLY G 310 -59.64 25.30 17.31
CA GLY G 310 -59.04 25.75 16.06
C GLY G 310 -57.59 26.10 16.25
N GLU G 311 -57.14 27.08 15.48
CA GLU G 311 -55.75 27.53 15.50
C GLU G 311 -55.67 29.03 15.73
N THR G 312 -54.70 29.44 16.53
CA THR G 312 -54.33 30.82 16.74
C THR G 312 -52.85 30.95 16.42
N SER G 313 -52.29 32.15 16.53
CA SER G 313 -50.84 32.25 16.51
C SER G 313 -50.27 31.49 17.71
N ILE G 314 -49.03 31.01 17.58
CA ILE G 314 -48.43 30.32 18.71
C ILE G 314 -48.43 31.30 19.88
N ALA G 315 -49.17 30.95 20.94
CA ALA G 315 -49.52 31.91 21.98
C ALA G 315 -48.69 31.68 23.23
N GLU G 316 -48.03 32.74 23.70
CA GLU G 316 -47.43 32.73 25.04
C GLU G 316 -48.51 32.86 26.11
N CYS G 317 -49.48 33.76 25.90
CA CYS G 317 -50.51 34.01 26.89
C CYS G 317 -51.86 34.10 26.19
N LEU G 318 -52.86 33.48 26.81
CA LEU G 318 -54.25 33.64 26.41
C LEU G 318 -54.98 34.40 27.52
N THR G 319 -55.93 35.25 27.15
CA THR G 319 -56.81 35.84 28.15
C THR G 319 -58.17 36.05 27.50
N TYR G 320 -59.20 35.49 28.12
CA TYR G 320 -60.56 35.62 27.61
C TYR G 320 -61.17 36.96 27.99
N LEU G 321 -61.72 37.65 27.01
CA LEU G 321 -62.44 38.90 27.19
C LEU G 321 -63.94 38.58 27.09
N ASP G 322 -64.77 39.53 27.52
CA ASP G 322 -66.21 39.31 27.46
C ASP G 322 -66.69 39.13 26.02
N ASN G 323 -67.85 38.48 25.90
CA ASN G 323 -68.57 38.28 24.64
C ASN G 323 -67.78 37.41 23.65
N GLY G 324 -67.17 36.34 24.16
CA GLY G 324 -66.54 35.37 23.29
C GLY G 324 -65.24 35.79 22.64
N VAL G 325 -64.69 36.95 23.02
CA VAL G 325 -63.50 37.50 22.39
C VAL G 325 -62.29 37.09 23.22
N VAL G 326 -61.24 36.62 22.55
CA VAL G 326 -60.01 36.18 23.19
C VAL G 326 -58.85 36.98 22.61
N PHE G 327 -57.97 37.46 23.49
CA PHE G 327 -56.72 38.07 23.06
C PHE G 327 -55.61 37.03 23.12
N VAL G 328 -54.90 36.88 22.01
CA VAL G 328 -53.81 35.92 21.86
C VAL G 328 -52.49 36.68 21.82
N GLY G 329 -51.70 36.54 22.86
CA GLY G 329 -50.39 37.14 22.94
C GLY G 329 -49.31 36.18 22.50
N SER G 330 -48.59 36.54 21.43
CA SER G 330 -47.61 35.67 20.82
C SER G 330 -46.25 36.34 20.86
N ARG G 331 -45.23 35.59 21.31
CA ARG G 331 -43.85 36.02 21.24
C ARG G 331 -43.19 35.56 19.96
N LEU G 332 -43.68 34.46 19.38
CA LEU G 332 -43.12 33.91 18.17
C LEU G 332 -43.84 34.36 16.91
N GLY G 333 -45.04 34.94 17.05
CA GLY G 333 -45.78 35.38 15.89
C GLY G 333 -46.64 36.59 16.18
N ASP G 334 -47.44 37.00 15.20
CA ASP G 334 -48.31 38.15 15.38
C ASP G 334 -49.39 37.85 16.41
N SER G 335 -49.62 38.81 17.30
CA SER G 335 -50.67 38.67 18.30
C SER G 335 -52.01 39.02 17.66
N GLN G 336 -53.08 38.64 18.34
CA GLN G 336 -54.39 38.80 17.70
C GLN G 336 -55.51 38.82 18.71
N LEU G 337 -56.63 39.37 18.28
CA LEU G 337 -57.94 39.11 18.84
C LEU G 337 -58.67 38.12 17.94
N VAL G 338 -59.31 37.12 18.53
CA VAL G 338 -60.06 36.12 17.79
C VAL G 338 -61.47 36.04 18.37
N LYS G 339 -62.39 35.57 17.53
CA LYS G 339 -63.78 35.38 17.92
C LYS G 339 -63.97 33.88 18.15
N LEU G 340 -64.43 33.52 19.34
CA LEU G 340 -64.77 32.14 19.63
C LEU G 340 -66.25 31.98 19.34
N ASN G 341 -66.56 31.13 18.36
CA ASN G 341 -67.93 30.95 17.95
C ASN G 341 -68.51 29.65 18.49
N VAL G 342 -69.83 29.66 18.68
CA VAL G 342 -70.55 28.44 18.96
C VAL G 342 -70.62 27.63 17.67
N ASP G 343 -70.61 28.32 16.53
CA ASP G 343 -70.70 27.69 15.22
C ASP G 343 -69.33 27.43 14.61
N SER G 344 -69.15 26.23 14.08
CA SER G 344 -67.96 25.88 13.33
C SER G 344 -68.04 26.48 11.93
N ASN G 345 -66.89 26.75 11.34
CA ASN G 345 -66.85 27.28 9.98
C ASN G 345 -66.74 26.17 8.95
N GLU G 346 -66.50 26.54 7.70
CA GLU G 346 -66.50 25.60 6.59
C GLU G 346 -65.36 24.58 6.71
N GLN G 347 -64.35 24.87 7.51
CA GLN G 347 -63.23 23.96 7.73
C GLN G 347 -63.38 23.16 9.02
N GLY G 348 -64.42 23.41 9.81
CA GLY G 348 -64.59 22.76 11.09
C GLY G 348 -64.04 23.51 12.29
N SER G 349 -63.59 24.75 12.10
CA SER G 349 -62.99 25.53 13.17
C SER G 349 -64.00 26.46 13.81
N TYR G 350 -63.85 26.66 15.12
CA TYR G 350 -64.67 27.59 15.89
C TYR G 350 -63.97 28.93 16.13
N VAL G 351 -62.80 29.15 15.52
CA VAL G 351 -61.95 30.30 15.81
C VAL G 351 -61.86 31.16 14.56
N VAL G 352 -62.14 32.46 14.70
CA VAL G 352 -62.10 33.41 13.59
C VAL G 352 -61.32 34.63 14.03
N ALA G 353 -60.33 35.03 13.23
CA ALA G 353 -59.53 36.20 13.55
C ALA G 353 -60.35 37.47 13.37
N MET G 354 -60.25 38.37 14.36
CA MET G 354 -60.84 39.70 14.26
C MET G 354 -59.78 40.73 13.86
N GLU G 355 -58.71 40.83 14.65
CA GLU G 355 -57.65 41.78 14.43
C GLU G 355 -56.30 41.07 14.50
N THR G 356 -55.31 41.64 13.82
CA THR G 356 -53.95 41.12 13.83
C THR G 356 -53.02 42.25 14.22
N PHE G 357 -52.24 42.05 15.27
CA PHE G 357 -51.32 43.05 15.76
C PHE G 357 -49.92 42.65 15.31
N THR G 358 -49.27 43.52 14.54
CA THR G 358 -47.96 43.17 14.01
C THR G 358 -46.99 42.92 15.16
N ASN G 359 -46.37 41.74 15.15
CA ASN G 359 -45.29 41.39 16.05
C ASN G 359 -44.08 41.10 15.18
N LEU G 360 -43.05 41.93 15.28
CA LEU G 360 -41.84 41.67 14.50
C LEU G 360 -41.18 40.36 14.92
N GLY G 361 -41.67 39.71 15.96
CA GLY G 361 -41.27 38.38 16.34
C GLY G 361 -39.79 38.30 16.63
N PRO G 362 -39.28 37.08 16.81
CA PRO G 362 -37.82 36.91 16.91
C PRO G 362 -37.17 37.34 15.60
N ILE G 363 -36.27 38.30 15.68
CA ILE G 363 -35.55 38.80 14.51
C ILE G 363 -34.27 37.98 14.43
N VAL G 364 -34.31 36.89 13.66
CA VAL G 364 -33.16 36.00 13.58
C VAL G 364 -32.04 36.68 12.80
N ASP G 365 -32.37 37.34 11.69
CA ASP G 365 -31.40 38.06 10.88
C ASP G 365 -32.10 39.24 10.21
N MET G 366 -31.29 40.13 9.63
CA MET G 366 -31.83 41.25 8.87
C MET G 366 -30.73 41.86 8.01
N CYS G 367 -31.15 42.52 6.93
CA CYS G 367 -30.26 43.23 6.02
C CYS G 367 -30.94 44.51 5.58
N VAL G 368 -30.12 45.51 5.20
CA VAL G 368 -30.62 46.79 4.71
C VAL G 368 -30.37 46.90 3.21
N VAL G 369 -31.42 47.23 2.47
CA VAL G 369 -31.39 47.37 1.02
C VAL G 369 -32.31 48.51 0.61
N ASP G 370 -31.79 49.42 -0.21
CA ASP G 370 -32.60 50.52 -0.76
C ASP G 370 -33.13 50.11 -2.13
N LEU G 371 -34.27 49.43 -2.14
CA LEU G 371 -34.89 49.00 -3.38
C LEU G 371 -35.22 50.19 -4.28
N GLU G 372 -35.68 51.28 -3.68
CA GLU G 372 -36.11 52.45 -4.43
C GLU G 372 -34.95 53.31 -4.87
N ARG G 373 -33.74 53.01 -4.42
CA ARG G 373 -32.55 53.80 -4.75
C ARG G 373 -32.74 55.26 -4.32
N GLN G 374 -33.58 55.48 -3.32
CA GLN G 374 -33.93 56.81 -2.83
C GLN G 374 -32.93 57.40 -1.84
N GLY G 375 -31.86 56.68 -1.50
CA GLY G 375 -30.98 57.20 -0.48
C GLY G 375 -31.50 56.96 0.92
N GLN G 376 -32.54 56.14 1.06
CA GLN G 376 -33.17 55.84 2.33
C GLN G 376 -32.73 54.50 2.91
N GLY G 377 -33.09 53.42 2.22
CA GLY G 377 -32.82 52.09 2.74
C GLY G 377 -34.02 51.48 3.41
N GLN G 378 -34.31 50.22 3.10
CA GLN G 378 -35.41 49.49 3.71
C GLN G 378 -34.81 48.30 4.48
N LEU G 379 -35.46 47.94 5.59
CA LEU G 379 -34.96 46.89 6.47
C LEU G 379 -35.79 45.63 6.25
N VAL G 380 -35.13 44.57 5.77
CA VAL G 380 -35.76 43.27 5.53
C VAL G 380 -35.28 42.32 6.61
N THR G 381 -36.24 41.79 7.40
CA THR G 381 -35.93 40.98 8.57
C THR G 381 -36.43 39.56 8.41
N CYS G 382 -35.66 38.60 8.89
CA CYS G 382 -36.14 37.23 9.10
C CYS G 382 -36.81 37.16 10.46
N SER G 383 -38.14 37.06 10.48
CA SER G 383 -38.91 37.19 11.71
C SER G 383 -39.83 35.99 11.91
N GLY G 384 -40.05 35.65 13.17
CA GLY G 384 -40.95 34.59 13.55
C GLY G 384 -40.28 33.22 13.52
N ALA G 385 -41.05 32.22 13.95
CA ALA G 385 -40.59 30.83 13.93
C ALA G 385 -41.77 29.91 13.63
N PHE G 386 -41.45 28.79 12.98
CA PHE G 386 -42.41 27.73 12.66
C PHE G 386 -43.52 28.33 11.81
N LYS G 387 -44.80 28.08 12.13
CA LYS G 387 -45.89 28.54 11.27
C LYS G 387 -45.95 30.06 11.17
N GLU G 388 -45.43 30.77 12.18
CA GLU G 388 -45.47 32.23 12.19
C GLU G 388 -44.25 32.87 11.53
N GLY G 389 -43.33 32.08 10.99
CA GLY G 389 -42.17 32.65 10.34
C GLY G 389 -42.57 33.52 9.17
N SER G 390 -41.85 34.64 9.00
CA SER G 390 -42.22 35.64 8.01
C SER G 390 -41.00 36.49 7.64
N LEU G 391 -41.12 37.18 6.52
CA LEU G 391 -40.17 38.22 6.09
C LEU G 391 -40.85 39.58 6.21
N ARG G 392 -40.20 40.52 6.91
CA ARG G 392 -40.79 41.82 7.21
C ARG G 392 -39.99 42.94 6.57
N ILE G 393 -40.67 43.74 5.73
CA ILE G 393 -40.05 44.87 5.04
C ILE G 393 -40.41 46.14 5.79
N ILE G 394 -39.43 46.86 6.31
CA ILE G 394 -39.66 47.99 7.21
C ILE G 394 -39.05 49.27 6.62
N ARG G 395 -39.86 50.33 6.52
CA ARG G 395 -39.44 51.63 6.02
C ARG G 395 -40.05 52.76 6.84
N ASN G 396 -39.39 53.91 6.80
CA ASN G 396 -39.88 55.13 7.44
C ASN G 396 -40.88 55.84 6.54
N GLY G 397 -42.01 56.24 7.11
CA GLY G 397 -43.03 56.95 6.35
C GLY G 397 -42.65 58.42 6.23
N ILE G 398 -42.72 58.94 5.01
CA ILE G 398 -42.24 60.30 4.73
C ILE G 398 -43.31 61.09 3.97
N LYS G 409 -44.21 57.19 12.04
CA LYS G 409 -44.36 55.75 12.22
C LYS G 409 -43.74 54.96 11.07
N LEU G 410 -43.56 53.67 11.32
CA LEU G 410 -42.98 52.75 10.34
C LEU G 410 -44.03 52.01 9.53
N HIS G 411 -43.79 51.90 8.23
CA HIS G 411 -44.61 51.09 7.35
C HIS G 411 -43.98 49.70 7.26
N ILE G 412 -44.77 48.67 7.55
CA ILE G 412 -44.27 47.30 7.65
C ILE G 412 -45.09 46.43 6.70
N ARG G 413 -44.40 45.74 5.79
CA ARG G 413 -45.01 44.76 4.91
C ARG G 413 -44.64 43.36 5.41
N THR G 414 -45.61 42.45 5.38
CA THR G 414 -45.45 41.11 5.93
C THR G 414 -45.49 40.08 4.80
N VAL G 415 -44.45 39.27 4.71
CA VAL G 415 -44.36 38.19 3.73
C VAL G 415 -44.35 36.86 4.48
N PRO G 416 -45.47 36.16 4.53
CA PRO G 416 -45.51 34.88 5.28
C PRO G 416 -44.76 33.76 4.58
N LEU G 417 -44.04 32.99 5.40
CA LEU G 417 -43.29 31.82 4.93
C LEU G 417 -43.85 30.51 5.44
N TYR G 418 -44.54 30.52 6.58
CA TYR G 418 -45.09 29.31 7.19
C TYR G 418 -44.01 28.32 7.58
N GLU G 419 -42.75 28.75 7.57
CA GLU G 419 -41.62 28.00 8.04
C GLU G 419 -40.63 29.00 8.64
N SER G 420 -39.70 28.49 9.42
CA SER G 420 -38.84 29.37 10.20
C SER G 420 -37.79 30.04 9.31
N PRO G 421 -37.68 31.38 9.36
CA PRO G 421 -36.59 32.08 8.63
C PRO G 421 -35.33 32.19 9.45
N ARG G 422 -34.19 31.80 8.90
CA ARG G 422 -32.92 31.77 9.62
C ARG G 422 -31.97 32.89 9.24
N LYS G 423 -31.69 33.07 7.96
CA LYS G 423 -30.73 34.07 7.49
C LYS G 423 -31.26 34.68 6.21
N ILE G 424 -30.80 35.89 5.90
CA ILE G 424 -31.20 36.60 4.70
C ILE G 424 -30.00 37.34 4.11
N CYS G 425 -29.94 37.38 2.78
CA CYS G 425 -28.87 38.07 2.07
C CYS G 425 -29.44 38.58 0.75
N TYR G 426 -29.11 39.82 0.41
CA TYR G 426 -29.65 40.46 -0.79
C TYR G 426 -28.63 40.41 -1.93
N GLN G 427 -29.10 40.07 -3.12
CA GLN G 427 -28.27 39.95 -4.32
C GLN G 427 -28.87 40.84 -5.40
N GLU G 428 -28.27 42.01 -5.61
CA GLU G 428 -28.81 42.96 -6.58
C GLU G 428 -28.77 42.39 -7.99
N VAL G 429 -27.69 41.68 -8.34
CA VAL G 429 -27.52 41.18 -9.69
C VAL G 429 -28.75 40.38 -10.14
N SER G 430 -29.33 39.61 -9.22
CA SER G 430 -30.47 38.76 -9.54
C SER G 430 -31.80 39.37 -9.14
N GLN G 431 -31.80 40.60 -8.61
CA GLN G 431 -33.02 41.25 -8.16
C GLN G 431 -33.84 40.27 -7.31
N CYS G 432 -33.16 39.65 -6.36
CA CYS G 432 -33.78 38.64 -5.51
C CYS G 432 -33.12 38.70 -4.14
N PHE G 433 -33.80 38.14 -3.15
CA PHE G 433 -33.27 37.93 -1.81
C PHE G 433 -32.98 36.44 -1.63
N GLY G 434 -31.90 36.13 -0.94
CA GLY G 434 -31.65 34.78 -0.49
C GLY G 434 -31.99 34.63 0.98
N VAL G 435 -32.81 33.64 1.30
CA VAL G 435 -33.26 33.38 2.66
C VAL G 435 -33.06 31.89 2.96
N LEU G 436 -32.37 31.61 4.06
CA LEU G 436 -32.26 30.25 4.57
C LEU G 436 -33.43 29.95 5.49
N SER G 437 -33.96 28.74 5.38
CA SER G 437 -35.18 28.39 6.11
C SER G 437 -35.11 26.96 6.61
N SER G 438 -35.96 26.66 7.59
CA SER G 438 -36.09 25.31 8.12
C SER G 438 -37.55 25.01 8.33
N ARG G 439 -37.95 23.78 8.04
CA ARG G 439 -39.31 23.32 8.30
C ARG G 439 -39.24 22.05 9.13
N ILE G 440 -40.26 21.82 9.94
CA ILE G 440 -40.33 20.66 10.82
C ILE G 440 -41.22 19.61 10.17
N GLU G 441 -40.64 18.44 9.92
CA GLU G 441 -41.35 17.24 9.50
C GLU G 441 -41.22 16.19 10.59
N VAL G 442 -42.10 15.19 10.55
CA VAL G 442 -42.18 14.18 11.59
C VAL G 442 -42.02 12.80 10.97
N GLN G 443 -41.27 11.94 11.66
CA GLN G 443 -41.04 10.57 11.22
C GLN G 443 -42.35 9.81 11.13
N ASP G 444 -42.70 9.34 9.93
CA ASP G 444 -43.97 8.67 9.70
C ASP G 444 -43.77 7.17 9.48
N THR G 445 -44.91 6.47 9.32
CA THR G 445 -44.93 5.02 9.24
C THR G 445 -44.28 4.48 7.97
N SER G 446 -44.12 5.30 6.94
CA SER G 446 -43.46 4.84 5.72
C SER G 446 -41.96 4.67 5.86
N GLY G 447 -41.37 5.15 6.95
CA GLY G 447 -39.94 5.28 7.08
C GLY G 447 -39.39 6.63 6.67
N GLY G 448 -40.16 7.39 5.89
CA GLY G 448 -39.82 8.75 5.57
C GLY G 448 -40.37 9.72 6.59
N THR G 449 -40.52 10.98 6.16
CA THR G 449 -41.05 12.03 7.00
C THR G 449 -42.16 12.77 6.27
N THR G 450 -43.04 13.39 7.06
CA THR G 450 -44.19 14.12 6.54
C THR G 450 -44.23 15.53 7.12
N ALA G 451 -44.46 16.52 6.25
CA ALA G 451 -44.55 17.90 6.69
C ALA G 451 -45.94 18.16 7.27
N LEU G 452 -45.98 18.94 8.35
CA LEU G 452 -47.24 19.17 9.06
C LEU G 452 -48.14 20.16 8.32
N ARG G 453 -47.59 20.93 7.40
CA ARG G 453 -48.32 21.94 6.64
C ARG G 453 -47.43 22.36 5.47
N PRO G 454 -48.03 22.85 4.39
CA PRO G 454 -47.18 23.37 3.29
C PRO G 454 -46.56 24.70 3.68
N SER G 455 -45.38 24.97 3.13
CA SER G 455 -44.66 26.19 3.45
C SER G 455 -43.75 26.56 2.28
N ALA G 456 -43.00 27.65 2.47
CA ALA G 456 -42.26 28.25 1.38
C ALA G 456 -41.43 27.22 0.60
N SER G 457 -40.79 26.29 1.30
CA SER G 457 -39.92 25.34 0.63
C SER G 457 -40.69 24.33 -0.22
N THR G 458 -41.95 24.09 0.11
CA THR G 458 -42.78 23.16 -0.65
C THR G 458 -43.59 23.88 -1.72
N GLN G 459 -43.71 25.21 -1.64
CA GLN G 459 -44.54 25.99 -2.54
C GLN G 459 -43.74 26.89 -3.49
N ALA G 460 -42.46 26.61 -3.69
CA ALA G 460 -41.67 27.37 -4.64
C ALA G 460 -42.14 27.09 -6.07
N LEU G 461 -41.91 28.05 -6.96
CA LEU G 461 -42.26 27.83 -8.37
C LEU G 461 -41.49 26.63 -8.91
N SER G 462 -40.16 26.67 -8.82
CA SER G 462 -39.28 25.56 -9.14
C SER G 462 -38.53 25.17 -7.87
N SER G 463 -38.09 23.91 -7.81
CA SER G 463 -37.43 23.39 -6.61
C SER G 463 -36.30 22.44 -6.99
N SER G 464 -35.42 22.21 -6.02
CA SER G 464 -34.30 21.30 -6.20
C SER G 464 -33.96 20.66 -4.87
N VAL G 465 -33.27 19.51 -4.94
CA VAL G 465 -32.84 18.76 -3.77
C VAL G 465 -31.36 18.44 -3.96
N SER G 466 -30.56 18.67 -2.93
CA SER G 466 -29.14 18.39 -3.03
C SER G 466 -28.91 16.91 -3.33
N SER G 467 -27.96 16.63 -4.21
CA SER G 467 -27.56 15.27 -4.55
C SER G 467 -26.12 15.00 -4.16
N SER G 468 -25.60 15.75 -3.20
CA SER G 468 -24.21 15.61 -2.81
C SER G 468 -23.93 14.23 -2.22
N LYS G 469 -22.82 13.65 -2.65
CA LYS G 469 -22.30 12.40 -2.10
C LYS G 469 -21.05 12.63 -1.25
N LEU G 470 -20.81 13.89 -0.87
CA LEU G 470 -19.59 14.23 -0.15
C LEU G 470 -19.44 13.40 1.12
N PHE G 471 -20.52 13.30 1.91
CA PHE G 471 -20.48 12.45 3.11
C PHE G 471 -20.79 11.01 2.79
N SER G 472 -21.18 10.73 1.53
CA SER G 472 -21.32 9.40 0.98
C SER G 472 -21.86 8.36 1.93
N SER G 473 -21.08 7.31 2.24
CA SER G 473 -21.64 6.27 3.08
C SER G 473 -21.57 6.61 4.56
N SER G 474 -20.64 7.45 4.95
CA SER G 474 -20.52 7.89 6.34
C SER G 474 -20.31 6.71 7.30
N THR G 475 -21.00 5.61 7.05
CA THR G 475 -20.95 4.43 7.92
C THR G 475 -21.22 4.82 9.36
N ALA G 476 -22.32 5.54 9.54
CA ALA G 476 -22.78 5.98 10.86
C ALA G 476 -24.30 5.90 10.83
N PRO G 477 -24.86 4.71 10.98
CA PRO G 477 -26.32 4.58 10.88
C PRO G 477 -26.98 5.14 12.13
N HIS G 478 -28.02 5.94 11.93
CA HIS G 478 -28.77 6.56 13.01
C HIS G 478 -30.21 6.09 13.01
N GLU G 479 -30.66 5.62 14.18
CA GLU G 479 -31.99 5.08 14.32
C GLU G 479 -33.03 6.20 14.26
N THR G 480 -34.14 5.94 13.58
CA THR G 480 -35.24 6.89 13.45
C THR G 480 -36.47 6.26 14.07
N SER G 481 -37.13 6.99 14.96
CA SER G 481 -38.32 6.51 15.64
C SER G 481 -39.55 7.31 15.23
N PHE G 482 -40.66 6.60 15.02
CA PHE G 482 -41.89 7.25 14.61
C PHE G 482 -42.30 8.32 15.62
N GLY G 483 -42.70 9.47 15.11
CA GLY G 483 -43.14 10.57 15.93
C GLY G 483 -42.06 11.60 16.23
N GLU G 484 -40.80 11.26 16.00
CA GLU G 484 -39.71 12.20 16.24
C GLU G 484 -39.75 13.31 15.22
N GLU G 485 -39.36 14.51 15.64
CA GLU G 485 -39.28 15.65 14.75
C GLU G 485 -37.90 15.72 14.10
N VAL G 486 -37.87 16.24 12.87
CA VAL G 486 -36.63 16.53 12.17
C VAL G 486 -36.78 17.91 11.54
N GLU G 487 -35.66 18.59 11.37
CA GLU G 487 -35.61 19.85 10.64
C GLU G 487 -35.07 19.63 9.24
N VAL G 488 -35.74 20.25 8.27
CA VAL G 488 -35.34 20.20 6.87
C VAL G 488 -34.99 21.63 6.45
N HIS G 489 -33.75 21.84 6.04
CA HIS G 489 -33.24 23.18 5.77
C HIS G 489 -33.16 23.42 4.27
N ASN G 490 -33.49 24.64 3.86
CA ASN G 490 -33.61 24.98 2.45
C ASN G 490 -33.08 26.38 2.22
N LEU G 491 -32.67 26.66 0.98
CA LEU G 491 -32.37 28.00 0.52
C LEU G 491 -33.46 28.48 -0.41
N LEU G 492 -34.10 29.59 -0.05
CA LEU G 492 -35.21 30.16 -0.82
C LEU G 492 -34.73 31.40 -1.57
N ILE G 493 -35.09 31.50 -2.85
CA ILE G 493 -34.86 32.71 -3.64
C ILE G 493 -36.18 33.46 -3.76
N ILE G 494 -36.20 34.71 -3.30
CA ILE G 494 -37.43 35.47 -3.15
C ILE G 494 -37.27 36.76 -3.95
N ASP G 495 -38.21 37.04 -4.84
CA ASP G 495 -38.11 38.22 -5.70
C ASP G 495 -38.22 39.51 -4.87
N GLN G 496 -37.49 40.54 -5.28
CA GLN G 496 -37.43 41.76 -4.48
C GLN G 496 -38.72 42.59 -4.56
N HIS G 497 -39.53 42.41 -5.62
CA HIS G 497 -40.78 43.13 -5.75
C HIS G 497 -41.98 42.26 -5.42
N THR G 498 -42.04 41.06 -6.02
CA THR G 498 -43.18 40.18 -5.81
C THR G 498 -43.11 39.48 -4.47
N PHE G 499 -41.88 39.29 -3.95
CA PHE G 499 -41.64 38.55 -2.71
C PHE G 499 -42.31 37.18 -2.77
N GLU G 500 -42.23 36.56 -3.93
CA GLU G 500 -42.67 35.20 -4.22
C GLU G 500 -41.47 34.26 -4.26
N VAL G 501 -41.66 33.04 -3.76
CA VAL G 501 -40.57 32.07 -3.71
C VAL G 501 -40.33 31.58 -5.15
N LEU G 502 -39.19 31.93 -5.73
CA LEU G 502 -38.90 31.54 -7.11
C LEU G 502 -38.27 30.15 -7.20
N HIS G 503 -37.39 29.81 -6.27
CA HIS G 503 -36.70 28.52 -6.26
C HIS G 503 -36.33 28.17 -4.84
N ALA G 504 -36.44 26.88 -4.52
CA ALA G 504 -36.07 26.35 -3.21
C ALA G 504 -35.14 25.16 -3.37
N HIS G 505 -34.02 25.21 -2.68
CA HIS G 505 -33.05 24.11 -2.67
C HIS G 505 -33.07 23.45 -1.31
N GLN G 506 -33.32 22.14 -1.28
CA GLN G 506 -33.36 21.39 -0.03
C GLN G 506 -31.99 20.79 0.23
N PHE G 507 -31.47 20.99 1.43
CA PHE G 507 -30.14 20.50 1.76
C PHE G 507 -30.22 19.04 2.20
N LEU G 508 -29.05 18.44 2.39
CA LEU G 508 -28.99 17.00 2.63
C LEU G 508 -29.73 16.63 3.91
N GLN G 509 -30.11 15.36 3.99
CA GLN G 509 -30.77 14.84 5.18
C GLN G 509 -29.91 15.07 6.40
N ASN G 510 -30.51 15.65 7.45
CA ASN G 510 -29.86 15.98 8.70
C ASN G 510 -28.82 17.10 8.56
N GLU G 511 -28.89 17.89 7.49
CA GLU G 511 -27.99 19.01 7.28
C GLU G 511 -28.64 20.34 7.65
N TYR G 512 -27.94 21.13 8.46
CA TYR G 512 -28.39 22.44 8.88
C TYR G 512 -27.63 23.55 8.14
N ALA G 513 -28.38 24.48 7.55
CA ALA G 513 -27.80 25.67 6.93
C ALA G 513 -27.62 26.74 8.02
N LEU G 514 -26.39 27.20 8.21
CA LEU G 514 -26.07 28.11 9.30
C LEU G 514 -25.63 29.50 8.88
N SER G 515 -25.17 29.67 7.65
CA SER G 515 -24.59 30.94 7.23
C SER G 515 -24.85 31.16 5.75
N LEU G 516 -24.94 32.43 5.37
CA LEU G 516 -25.27 32.78 3.99
C LEU G 516 -24.65 34.11 3.61
N VAL G 517 -24.04 34.15 2.42
CA VAL G 517 -23.53 35.38 1.84
C VAL G 517 -23.87 35.44 0.36
N SER G 518 -23.87 36.65 -0.17
CA SER G 518 -24.00 36.91 -1.61
C SER G 518 -22.80 37.77 -2.02
N CYS G 519 -21.97 37.26 -2.93
CA CYS G 519 -20.76 37.99 -3.27
C CYS G 519 -20.10 37.42 -4.52
N LYS G 520 -19.19 38.22 -5.07
CA LYS G 520 -18.26 37.80 -6.10
C LYS G 520 -16.93 37.43 -5.45
N LEU G 521 -16.26 36.41 -5.99
CA LEU G 521 -14.99 35.96 -5.43
C LEU G 521 -13.91 35.94 -6.52
N GLY G 522 -12.68 36.19 -6.10
CA GLY G 522 -11.55 36.14 -7.00
C GLY G 522 -11.76 37.08 -8.17
N LYS G 523 -11.41 36.61 -9.37
CA LYS G 523 -11.68 37.33 -10.60
C LYS G 523 -12.90 36.79 -11.33
N ASP G 524 -13.73 36.01 -10.64
CA ASP G 524 -14.91 35.42 -11.26
C ASP G 524 -16.03 36.45 -11.27
N PRO G 525 -16.51 36.87 -12.44
CA PRO G 525 -17.52 37.95 -12.48
C PRO G 525 -18.89 37.55 -12.00
N ASN G 526 -19.16 36.26 -11.82
CA ASN G 526 -20.48 35.81 -11.42
C ASN G 526 -20.71 36.08 -9.93
N THR G 527 -21.93 36.48 -9.59
CA THR G 527 -22.33 36.70 -8.22
C THR G 527 -23.02 35.43 -7.71
N TYR G 528 -22.53 34.92 -6.58
CA TYR G 528 -22.95 33.62 -6.06
C TYR G 528 -23.69 33.76 -4.74
N PHE G 529 -24.56 32.78 -4.47
CA PHE G 529 -25.04 32.50 -3.12
C PHE G 529 -24.16 31.41 -2.53
N ILE G 530 -23.60 31.66 -1.36
CA ILE G 530 -22.72 30.70 -0.69
C ILE G 530 -23.32 30.38 0.67
N VAL G 531 -23.43 29.09 0.98
CA VAL G 531 -24.08 28.60 2.20
C VAL G 531 -23.10 27.73 2.96
N GLY G 532 -23.04 27.95 4.28
CA GLY G 532 -22.27 27.10 5.19
C GLY G 532 -23.20 26.24 6.01
N THR G 533 -22.88 24.95 6.10
CA THR G 533 -23.77 23.97 6.69
C THR G 533 -23.05 23.16 7.76
N ALA G 534 -23.84 22.35 8.49
CA ALA G 534 -23.35 21.44 9.50
C ALA G 534 -24.20 20.17 9.49
N MET G 535 -23.54 19.02 9.61
CA MET G 535 -24.24 17.73 9.70
C MET G 535 -24.59 17.49 11.17
N VAL G 536 -25.90 17.52 11.47
CA VAL G 536 -26.42 17.51 12.83
C VAL G 536 -27.02 16.17 13.18
N TYR G 537 -26.47 15.51 14.19
CA TYR G 537 -27.00 14.29 14.79
C TYR G 537 -27.08 14.44 16.31
N PRO G 538 -28.19 14.03 16.93
CA PRO G 538 -28.28 14.17 18.39
C PRO G 538 -27.09 13.58 19.13
N GLU G 539 -26.45 12.57 18.55
CA GLU G 539 -25.36 11.88 19.24
C GLU G 539 -24.14 12.79 19.44
N GLU G 540 -23.93 13.75 18.55
CA GLU G 540 -22.73 14.58 18.58
C GLU G 540 -22.94 15.87 19.35
N ALA G 541 -22.07 16.14 20.33
CA ALA G 541 -22.13 17.42 21.04
C ALA G 541 -21.78 18.58 20.11
N GLU G 542 -20.68 18.48 19.38
CA GLU G 542 -20.30 19.50 18.41
C GLU G 542 -20.25 18.84 17.04
N PRO G 543 -20.83 19.45 16.00
CA PRO G 543 -20.77 18.81 14.67
C PRO G 543 -19.33 18.61 14.21
N LYS G 544 -19.10 17.47 13.57
CA LYS G 544 -17.79 17.09 13.05
C LYS G 544 -17.72 17.04 11.54
N GLN G 545 -18.81 17.34 10.85
CA GLN G 545 -18.82 17.40 9.39
C GLN G 545 -19.58 18.65 8.96
N GLY G 546 -19.28 19.14 7.77
CA GLY G 546 -19.99 20.30 7.27
C GLY G 546 -19.60 20.61 5.83
N ARG G 547 -20.33 21.56 5.24
CA ARG G 547 -20.09 21.93 3.85
C ARG G 547 -20.11 23.44 3.68
N ILE G 548 -19.32 23.91 2.71
CA ILE G 548 -19.50 25.22 2.10
C ILE G 548 -19.91 24.98 0.65
N VAL G 549 -21.05 25.51 0.26
CA VAL G 549 -21.61 25.27 -1.07
C VAL G 549 -21.74 26.60 -1.79
N VAL G 550 -21.28 26.64 -3.03
CA VAL G 550 -21.34 27.84 -3.87
C VAL G 550 -22.46 27.62 -4.88
N PHE G 551 -23.48 28.47 -4.83
CA PHE G 551 -24.59 28.40 -5.76
C PHE G 551 -24.55 29.59 -6.71
N GLN G 552 -25.10 29.40 -7.91
CA GLN G 552 -25.42 30.49 -8.81
C GLN G 552 -26.88 30.41 -9.22
N TYR G 553 -27.60 31.52 -9.04
CA TYR G 553 -28.99 31.63 -9.47
C TYR G 553 -29.01 32.21 -10.88
N SER G 554 -29.46 31.40 -11.83
CA SER G 554 -29.45 31.82 -13.22
C SER G 554 -30.69 31.29 -13.92
N ASP G 555 -31.41 32.19 -14.59
CA ASP G 555 -32.57 31.84 -15.40
C ASP G 555 -33.61 31.05 -14.60
N GLY G 556 -33.93 31.58 -13.42
CA GLY G 556 -34.96 31.03 -12.57
C GLY G 556 -34.58 29.82 -11.75
N LYS G 557 -33.38 29.29 -11.91
CA LYS G 557 -32.88 28.16 -11.15
C LYS G 557 -31.47 28.48 -10.68
N LEU G 558 -31.11 28.02 -9.49
CA LEU G 558 -29.75 28.17 -8.98
C LEU G 558 -29.07 26.80 -8.99
N GLN G 559 -27.87 26.75 -9.56
CA GLN G 559 -27.10 25.54 -9.77
C GLN G 559 -25.89 25.48 -8.85
N THR G 560 -25.54 24.27 -8.41
CA THR G 560 -24.34 24.09 -7.60
C THR G 560 -23.09 24.20 -8.44
N VAL G 561 -22.24 25.17 -8.10
CA VAL G 561 -21.02 25.46 -8.84
C VAL G 561 -19.81 24.76 -8.24
N ALA G 562 -19.75 24.68 -6.91
CA ALA G 562 -18.59 24.11 -6.23
C ALA G 562 -19.01 23.73 -4.82
N GLU G 563 -18.33 22.71 -4.28
CA GLU G 563 -18.61 22.17 -2.96
C GLU G 563 -17.30 21.96 -2.21
N LYS G 564 -17.28 22.35 -0.94
CA LYS G 564 -16.09 22.19 -0.11
C LYS G 564 -16.46 21.50 1.20
N GLU G 565 -15.77 20.39 1.50
CA GLU G 565 -16.01 19.66 2.73
C GLU G 565 -15.21 20.27 3.87
N VAL G 566 -15.84 20.38 5.04
CA VAL G 566 -15.18 20.86 6.25
C VAL G 566 -15.48 19.89 7.39
N LYS G 567 -14.65 19.95 8.43
CA LYS G 567 -14.79 19.07 9.58
C LYS G 567 -15.47 19.78 10.75
N GLY G 568 -16.62 20.40 10.50
CA GLY G 568 -17.33 21.08 11.57
C GLY G 568 -18.47 21.92 11.01
N ALA G 569 -18.98 22.80 11.87
CA ALA G 569 -20.10 23.66 11.53
C ALA G 569 -19.58 25.02 11.05
N VAL G 570 -20.03 25.43 9.86
CA VAL G 570 -19.63 26.73 9.29
C VAL G 570 -20.59 27.76 9.87
N TYR G 571 -20.28 28.22 11.09
CA TYR G 571 -21.20 29.11 11.79
C TYR G 571 -21.35 30.46 11.06
N SER G 572 -20.25 31.01 10.53
CA SER G 572 -20.31 32.34 9.95
C SER G 572 -19.40 32.47 8.73
N MET G 573 -19.87 33.23 7.74
CA MET G 573 -19.10 33.54 6.53
C MET G 573 -19.26 35.01 6.21
N VAL G 574 -18.21 35.57 5.60
CA VAL G 574 -18.19 37.00 5.22
C VAL G 574 -17.15 37.18 4.12
N GLU G 575 -17.51 37.97 3.12
CA GLU G 575 -16.59 38.23 2.02
C GLU G 575 -15.38 39.02 2.53
N PHE G 576 -14.18 38.61 2.11
CA PHE G 576 -12.94 39.24 2.55
C PHE G 576 -12.04 39.47 1.35
N ASN G 577 -12.13 40.66 0.77
CA ASN G 577 -11.22 41.12 -0.28
C ASN G 577 -11.09 40.08 -1.40
N GLY G 578 -12.22 39.67 -1.95
CA GLY G 578 -12.22 38.70 -3.01
C GLY G 578 -12.03 37.27 -2.56
N LYS G 579 -11.85 37.05 -1.26
CA LYS G 579 -11.67 35.76 -0.65
C LYS G 579 -12.86 35.49 0.27
N LEU G 580 -13.02 34.23 0.66
CA LEU G 580 -14.13 33.82 1.51
C LEU G 580 -13.59 33.53 2.90
N LEU G 581 -14.09 34.27 3.89
CA LEU G 581 -13.70 34.08 5.28
C LEU G 581 -14.80 33.30 5.99
N ALA G 582 -14.46 32.11 6.49
CA ALA G 582 -15.42 31.21 7.10
C ALA G 582 -14.94 30.78 8.48
N SER G 583 -15.87 30.65 9.41
CA SER G 583 -15.60 30.16 10.76
C SER G 583 -16.15 28.74 10.86
N ILE G 584 -15.25 27.76 10.98
CA ILE G 584 -15.63 26.37 11.13
C ILE G 584 -15.25 25.95 12.56
N ASN G 585 -16.24 25.88 13.45
CA ASN G 585 -16.05 25.52 14.86
C ASN G 585 -14.98 26.46 15.44
N SER G 586 -13.92 25.95 16.07
CA SER G 586 -12.90 26.80 16.66
C SER G 586 -12.11 27.57 15.61
N THR G 587 -11.97 27.01 14.40
CA THR G 587 -11.10 27.57 13.40
C THR G 587 -11.75 28.74 12.67
N VAL G 588 -10.96 29.77 12.41
CA VAL G 588 -11.33 30.88 11.52
C VAL G 588 -10.43 30.76 10.31
N ARG G 589 -11.03 30.58 9.13
CA ARG G 589 -10.31 30.22 7.92
C ARG G 589 -10.60 31.19 6.79
N LEU G 590 -9.58 31.41 5.96
CA LEU G 590 -9.68 32.22 4.76
C LEU G 590 -9.47 31.34 3.52
N TYR G 591 -10.46 31.35 2.63
CA TYR G 591 -10.44 30.55 1.40
C TYR G 591 -10.21 31.46 0.19
N GLU G 592 -9.44 30.96 -0.78
CA GLU G 592 -9.28 31.62 -2.07
C GLU G 592 -10.18 30.93 -3.10
N TRP G 593 -10.64 31.72 -4.08
CA TRP G 593 -11.50 31.21 -5.15
C TRP G 593 -10.64 31.07 -6.41
N THR G 594 -10.41 29.82 -6.80
CA THR G 594 -9.45 29.55 -7.86
C THR G 594 -10.06 29.78 -9.24
N THR G 595 -9.19 29.78 -10.24
CA THR G 595 -9.61 29.86 -11.63
C THR G 595 -10.36 28.62 -12.07
N GLU G 596 -10.29 27.55 -11.29
CA GLU G 596 -11.02 26.31 -11.52
C GLU G 596 -12.37 26.30 -10.82
N LYS G 597 -12.80 27.44 -10.28
CA LYS G 597 -14.10 27.56 -9.59
C LYS G 597 -14.19 26.60 -8.41
N GLU G 598 -13.15 26.57 -7.59
CA GLU G 598 -13.19 25.80 -6.35
C GLU G 598 -12.44 26.56 -5.26
N LEU G 599 -12.83 26.32 -4.01
CA LEU G 599 -12.24 27.00 -2.87
C LEU G 599 -10.94 26.33 -2.44
N ARG G 600 -9.95 27.16 -2.13
CA ARG G 600 -8.64 26.69 -1.68
C ARG G 600 -8.27 27.43 -0.40
N THR G 601 -7.89 26.67 0.62
CA THR G 601 -7.55 27.24 1.91
C THR G 601 -6.24 28.02 1.81
N GLU G 602 -6.22 29.24 2.35
CA GLU G 602 -4.99 30.01 2.43
C GLU G 602 -4.36 29.98 3.81
N CYS G 603 -5.11 30.31 4.85
CA CYS G 603 -4.52 30.43 6.20
C CYS G 603 -5.60 30.20 7.24
N ASN G 604 -5.16 29.87 8.45
CA ASN G 604 -6.05 29.49 9.53
C ASN G 604 -5.68 30.19 10.84
N HIS G 605 -6.69 30.36 11.70
CA HIS G 605 -6.52 30.78 13.10
C HIS G 605 -7.33 29.81 13.96
N TYR G 606 -6.74 29.40 15.11
CA TYR G 606 -7.33 28.30 15.87
C TYR G 606 -7.60 28.53 17.35
N ASN G 607 -7.28 29.68 17.94
CA ASN G 607 -7.48 29.86 19.38
C ASN G 607 -8.87 30.44 19.64
N ASN G 608 -9.88 29.59 19.47
CA ASN G 608 -11.25 30.02 19.71
C ASN G 608 -12.07 28.84 20.21
N ILE G 609 -12.86 29.06 21.27
CA ILE G 609 -13.73 28.01 21.78
C ILE G 609 -14.79 27.65 20.74
N MET G 610 -15.45 28.66 20.19
CA MET G 610 -16.42 28.46 19.11
C MET G 610 -16.56 29.80 18.40
N ALA G 611 -16.06 29.88 17.16
CA ALA G 611 -16.05 31.13 16.39
C ALA G 611 -17.44 31.35 15.81
N LEU G 612 -18.35 31.80 16.67
CA LEU G 612 -19.76 31.90 16.28
C LEU G 612 -20.00 33.01 15.26
N TYR G 613 -19.34 34.17 15.41
CA TYR G 613 -19.67 35.33 14.59
C TYR G 613 -18.42 35.95 13.98
N LEU G 614 -18.61 36.54 12.79
CA LEU G 614 -17.53 37.21 12.05
C LEU G 614 -18.02 38.50 11.43
N LYS G 615 -17.15 39.52 11.46
CA LYS G 615 -17.37 40.81 10.84
C LYS G 615 -16.00 41.34 10.42
N THR G 616 -15.92 42.01 9.25
CA THR G 616 -14.63 42.44 8.72
C THR G 616 -14.67 43.90 8.30
N LYS G 617 -13.54 44.60 8.49
CA LYS G 617 -13.33 45.95 7.99
C LYS G 617 -11.90 46.05 7.48
N GLY G 618 -11.74 46.20 6.17
CA GLY G 618 -10.40 46.25 5.61
C GLY G 618 -9.76 44.88 5.71
N ASP G 619 -8.51 44.83 6.17
CA ASP G 619 -7.86 43.56 6.47
C ASP G 619 -8.00 43.19 7.94
N PHE G 620 -8.93 43.82 8.65
CA PHE G 620 -9.21 43.51 10.04
C PHE G 620 -10.43 42.59 10.14
N ILE G 621 -10.39 41.67 11.10
CA ILE G 621 -11.46 40.71 11.32
C ILE G 621 -11.82 40.76 12.81
N LEU G 622 -13.12 40.83 13.10
CA LEU G 622 -13.61 40.77 14.47
C LEU G 622 -14.30 39.42 14.66
N VAL G 623 -13.85 38.66 15.67
CA VAL G 623 -14.36 37.31 15.92
C VAL G 623 -15.10 37.28 17.25
N GLY G 624 -16.26 36.63 17.26
CA GLY G 624 -17.08 36.51 18.47
C GLY G 624 -17.16 35.09 18.99
N ASP G 625 -16.60 34.85 20.17
CA ASP G 625 -16.53 33.52 20.75
C ASP G 625 -17.75 33.23 21.61
N LEU G 626 -17.95 31.93 21.91
CA LEU G 626 -19.08 31.52 22.74
C LEU G 626 -18.95 32.02 24.17
N MET G 627 -17.76 31.99 24.74
CA MET G 627 -17.60 32.33 26.15
C MET G 627 -16.35 33.13 26.46
N ARG G 628 -15.41 33.29 25.53
CA ARG G 628 -14.19 34.07 25.74
C ARG G 628 -14.18 35.42 25.04
N SER G 629 -15.39 35.96 24.79
CA SER G 629 -15.56 37.32 24.31
C SER G 629 -14.98 37.51 22.90
N VAL G 630 -14.54 38.72 22.57
CA VAL G 630 -14.20 39.10 21.18
C VAL G 630 -12.70 39.25 20.99
N LEU G 631 -12.25 38.99 19.77
CA LEU G 631 -10.84 39.08 19.37
C LEU G 631 -10.74 39.88 18.08
N LEU G 632 -9.65 40.66 17.95
CA LEU G 632 -9.37 41.42 16.74
C LEU G 632 -8.23 40.75 15.98
N LEU G 633 -8.57 40.00 14.94
CA LEU G 633 -7.60 39.42 14.01
C LEU G 633 -7.25 40.39 12.89
N ALA G 634 -6.09 40.15 12.28
CA ALA G 634 -5.65 40.90 11.11
C ALA G 634 -5.04 39.95 10.08
N TYR G 635 -5.33 40.20 8.81
CA TYR G 635 -4.65 39.51 7.72
C TYR G 635 -3.38 40.28 7.37
N LYS G 636 -2.23 39.58 7.42
CA LYS G 636 -0.95 40.18 7.08
C LYS G 636 -0.58 39.75 5.66
N PRO G 637 -0.75 40.61 4.65
CA PRO G 637 -0.60 40.13 3.27
C PRO G 637 0.79 39.63 2.94
N MET G 638 1.83 40.28 3.46
CA MET G 638 3.19 39.86 3.17
C MET G 638 3.48 38.49 3.75
N GLU G 639 2.89 38.20 4.91
CA GLU G 639 3.13 36.95 5.61
C GLU G 639 2.22 35.86 5.08
N GLY G 640 1.04 36.24 4.61
CA GLY G 640 0.08 35.28 4.10
C GLY G 640 -0.58 34.48 5.20
N ASN G 641 -0.68 35.05 6.40
CA ASN G 641 -1.26 34.35 7.54
C ASN G 641 -1.88 35.40 8.44
N PHE G 642 -2.63 34.93 9.44
CA PHE G 642 -3.33 35.83 10.33
C PHE G 642 -2.43 36.22 11.50
N GLU G 643 -2.67 37.41 12.03
CA GLU G 643 -1.98 37.89 13.23
C GLU G 643 -2.99 38.42 14.23
N GLU G 644 -2.88 37.94 15.47
CA GLU G 644 -3.74 38.39 16.55
C GLU G 644 -3.35 39.79 16.98
N ILE G 645 -4.30 40.71 16.89
CA ILE G 645 -4.07 42.09 17.31
C ILE G 645 -4.44 42.29 18.77
N ALA G 646 -5.60 41.76 19.19
CA ALA G 646 -6.10 42.03 20.53
C ALA G 646 -7.27 41.11 20.85
N ARG G 647 -7.41 40.83 22.15
CA ARG G 647 -8.47 39.95 22.64
C ARG G 647 -9.06 40.54 23.91
N ASP G 648 -10.37 40.34 24.12
CA ASP G 648 -11.00 40.76 25.36
C ASP G 648 -10.90 39.57 26.32
N PHE G 649 -9.92 39.61 27.21
CA PHE G 649 -9.64 38.45 28.04
C PHE G 649 -10.75 38.20 29.06
N ASN G 650 -11.59 39.20 29.33
CA ASN G 650 -12.79 39.00 30.14
C ASN G 650 -13.74 38.01 29.47
N PRO G 651 -14.47 37.21 30.25
CA PRO G 651 -15.37 36.21 29.67
C PRO G 651 -16.80 36.71 29.56
N ASN G 652 -17.34 36.77 28.34
CA ASN G 652 -18.76 37.06 28.15
C ASN G 652 -19.31 36.19 27.03
N TRP G 653 -20.53 35.70 27.21
CA TRP G 653 -21.22 34.93 26.19
C TRP G 653 -21.70 35.89 25.12
N MET G 654 -21.25 35.70 23.89
CA MET G 654 -21.56 36.61 22.80
C MET G 654 -22.80 36.14 22.07
N SER G 655 -23.69 37.09 21.74
CA SER G 655 -24.85 36.83 20.91
C SER G 655 -24.77 37.51 19.54
N ALA G 656 -23.94 38.54 19.40
CA ALA G 656 -23.74 39.23 18.13
C ALA G 656 -22.65 40.28 18.28
N VAL G 657 -21.89 40.55 17.22
CA VAL G 657 -20.80 41.52 17.26
C VAL G 657 -20.94 42.47 16.07
N GLU G 658 -20.20 43.58 16.14
CA GLU G 658 -20.16 44.54 15.05
C GLU G 658 -18.92 45.40 15.20
N ILE G 659 -18.40 45.85 14.06
CA ILE G 659 -17.27 46.78 14.02
C ILE G 659 -17.84 48.18 13.85
N LEU G 660 -17.52 49.09 14.77
CA LEU G 660 -17.95 50.47 14.66
C LEU G 660 -16.96 51.30 13.84
N ASP G 661 -15.68 51.18 14.14
CA ASP G 661 -14.63 51.86 13.40
C ASP G 661 -13.33 51.08 13.65
N ASP G 662 -12.22 51.62 13.15
CA ASP G 662 -10.96 50.87 13.21
C ASP G 662 -10.50 50.60 14.64
N ASP G 663 -11.01 51.33 15.63
CA ASP G 663 -10.59 51.15 17.01
C ASP G 663 -11.69 50.65 17.94
N ASN G 664 -12.96 50.91 17.64
CA ASN G 664 -14.06 50.56 18.52
C ASN G 664 -14.82 49.35 17.98
N PHE G 665 -15.16 48.42 18.88
CA PHE G 665 -15.85 47.19 18.52
C PHE G 665 -16.98 46.95 19.52
N LEU G 666 -18.17 46.64 19.01
CA LEU G 666 -19.37 46.51 19.82
C LEU G 666 -19.82 45.05 19.91
N GLY G 667 -20.25 44.65 21.10
CA GLY G 667 -20.70 43.28 21.32
C GLY G 667 -21.93 43.20 22.18
N ALA G 668 -22.70 42.13 21.98
CA ALA G 668 -23.91 41.84 22.72
C ALA G 668 -23.81 40.47 23.39
N GLU G 669 -24.23 40.38 24.64
CA GLU G 669 -24.21 39.13 25.40
C GLU G 669 -25.60 38.64 25.77
N ASN G 670 -25.66 37.38 26.21
CA ASN G 670 -26.92 36.75 26.60
C ASN G 670 -27.47 37.28 27.91
N ALA G 671 -26.75 38.18 28.58
CA ALA G 671 -27.24 38.84 29.78
C ALA G 671 -27.97 40.13 29.45
N PHE G 672 -28.34 40.33 28.19
CA PHE G 672 -29.02 41.54 27.73
C PHE G 672 -28.16 42.77 27.95
N ASN G 673 -26.84 42.62 27.74
CA ASN G 673 -25.87 43.68 27.92
C ASN G 673 -25.09 43.95 26.64
N LEU G 674 -24.82 45.22 26.38
CA LEU G 674 -23.99 45.66 25.25
C LEU G 674 -22.69 46.23 25.80
N PHE G 675 -21.58 45.94 25.14
CA PHE G 675 -20.27 46.43 25.57
C PHE G 675 -19.42 46.79 24.36
N VAL G 676 -18.57 47.80 24.53
CA VAL G 676 -17.69 48.30 23.48
C VAL G 676 -16.25 48.11 23.93
N CYS G 677 -15.44 47.51 23.08
CA CYS G 677 -14.02 47.30 23.34
C CYS G 677 -13.20 48.20 22.43
N GLN G 678 -12.05 48.64 22.93
CA GLN G 678 -11.19 49.55 22.18
C GLN G 678 -9.75 49.07 22.24
N LYS G 679 -9.05 49.20 21.11
CA LYS G 679 -7.62 48.93 21.10
C LYS G 679 -6.90 49.95 21.98
N ASP G 680 -5.95 49.49 22.78
CA ASP G 680 -5.25 50.42 23.65
C ASP G 680 -4.35 51.35 22.83
N SER G 681 -4.94 52.07 21.88
CA SER G 681 -4.26 53.08 21.06
C SER G 681 -3.06 52.42 20.37
N ALA G 682 -1.89 53.05 20.36
CA ALA G 682 -0.66 52.49 19.80
C ALA G 682 0.40 52.55 20.89
N ALA G 683 0.23 51.73 21.92
CA ALA G 683 1.11 51.76 23.07
C ALA G 683 2.50 51.23 22.72
N THR G 684 3.46 51.55 23.58
CA THR G 684 4.82 51.07 23.44
C THR G 684 5.03 49.69 24.05
N THR G 685 4.04 49.15 24.75
CA THR G 685 4.12 47.84 25.35
C THR G 685 3.28 46.89 24.52
N ASP G 686 3.85 45.74 24.18
CA ASP G 686 3.11 44.76 23.41
C ASP G 686 1.94 44.20 24.21
N GLU G 687 2.13 44.04 25.53
CA GLU G 687 1.04 43.51 26.34
C GLU G 687 -0.15 44.46 26.34
N GLU G 688 0.11 45.76 26.41
CA GLU G 688 -0.99 46.72 26.32
C GLU G 688 -1.69 46.66 24.96
N ARG G 689 -0.91 46.61 23.88
CA ARG G 689 -1.52 46.58 22.56
C ARG G 689 -2.41 45.36 22.41
N GLN G 690 -1.94 44.20 22.90
CA GLN G 690 -2.70 42.96 22.79
C GLN G 690 -3.90 42.91 23.72
N HIS G 691 -3.96 43.81 24.69
CA HIS G 691 -5.09 43.85 25.62
C HIS G 691 -6.19 44.74 25.06
N LEU G 692 -7.39 44.17 24.98
CA LEU G 692 -8.59 44.89 24.60
C LEU G 692 -9.33 45.36 25.84
N GLN G 693 -9.51 46.66 25.96
CA GLN G 693 -10.12 47.27 27.14
C GLN G 693 -11.59 47.54 26.85
N GLU G 694 -12.47 46.95 27.67
CA GLU G 694 -13.89 47.27 27.62
C GLU G 694 -14.10 48.70 28.11
N VAL G 695 -14.45 49.59 27.17
CA VAL G 695 -14.63 51.00 27.51
C VAL G 695 -16.08 51.44 27.63
N GLY G 696 -17.01 50.67 27.07
CA GLY G 696 -18.43 50.97 27.18
C GLY G 696 -19.25 49.83 27.76
N LEU G 697 -20.13 50.12 28.72
CA LEU G 697 -20.99 49.12 29.32
C LEU G 697 -22.41 49.67 29.40
N PHE G 698 -23.39 48.84 29.01
CA PHE G 698 -24.77 49.29 28.91
C PHE G 698 -25.69 48.08 28.98
N HIS G 699 -26.66 48.12 29.89
CA HIS G 699 -27.67 47.07 29.97
C HIS G 699 -28.79 47.46 28.99
N LEU G 700 -28.94 46.68 27.91
CA LEU G 700 -29.96 46.99 26.92
C LEU G 700 -31.33 46.51 27.36
N GLY G 701 -31.39 45.33 27.99
CA GLY G 701 -32.64 44.71 28.36
C GLY G 701 -33.25 43.87 27.28
N GLU G 702 -32.60 43.77 26.13
CA GLU G 702 -33.04 42.96 24.99
C GLU G 702 -31.88 42.11 24.49
N PHE G 703 -32.25 41.06 23.77
CA PHE G 703 -31.32 40.07 23.24
C PHE G 703 -31.05 40.38 21.77
N VAL G 704 -29.84 40.83 21.46
CA VAL G 704 -29.50 41.17 20.08
C VAL G 704 -29.13 39.89 19.34
N ASN G 705 -29.79 39.65 18.21
CA ASN G 705 -29.44 38.52 17.35
C ASN G 705 -28.59 38.94 16.16
N VAL G 706 -28.74 40.18 15.69
CA VAL G 706 -28.07 40.64 14.48
C VAL G 706 -27.77 42.13 14.58
N PHE G 707 -26.51 42.49 14.29
CA PHE G 707 -26.08 43.86 14.10
C PHE G 707 -25.92 44.15 12.60
N CYS G 708 -26.29 45.37 12.18
CA CYS G 708 -26.22 45.71 10.76
C CYS G 708 -26.02 47.19 10.53
N HIS G 709 -24.98 47.54 9.76
CA HIS G 709 -24.74 48.92 9.37
C HIS G 709 -25.82 49.40 8.40
N GLY G 710 -26.33 50.59 8.65
CA GLY G 710 -27.34 51.20 7.78
C GLY G 710 -28.31 52.01 8.61
N SER G 711 -29.11 52.80 7.90
CA SER G 711 -30.15 53.61 8.55
C SER G 711 -31.38 53.67 7.67
N LEU G 712 -32.54 53.83 8.32
CA LEU G 712 -33.81 53.96 7.62
C LEU G 712 -34.10 55.40 7.22
N VAL G 713 -33.37 56.38 7.78
CA VAL G 713 -33.58 57.79 7.45
C VAL G 713 -32.93 58.13 6.11
N MET G 714 -33.42 59.21 5.51
CA MET G 714 -32.87 59.73 4.26
C MET G 714 -31.40 60.11 4.45
N GLN G 715 -30.56 59.77 3.47
CA GLN G 715 -29.13 60.05 3.50
C GLN G 715 -28.82 61.15 2.50
N ASN G 716 -28.24 62.26 2.96
CA ASN G 716 -27.90 63.37 2.08
C ASN G 716 -26.43 63.33 1.66
N LEU G 717 -26.21 63.50 0.36
CA LEU G 717 -24.87 63.55 -0.19
C LEU G 717 -24.07 64.76 0.28
N GLY G 718 -24.76 65.82 0.69
CA GLY G 718 -24.09 67.00 1.19
C GLY G 718 -23.63 66.80 2.61
N GLU G 719 -22.37 67.13 2.86
CA GLU G 719 -21.77 66.91 4.18
C GLU G 719 -22.33 67.92 5.19
N THR G 720 -22.88 67.40 6.29
CA THR G 720 -23.36 68.19 7.41
C THR G 720 -22.71 67.65 8.67
N SER G 721 -22.19 68.55 9.51
CA SER G 721 -21.52 68.11 10.74
C SER G 721 -22.60 67.70 11.73
N THR G 722 -23.06 66.45 11.60
CA THR G 722 -24.05 65.93 12.53
C THR G 722 -23.38 65.55 13.84
N PRO G 723 -24.08 65.67 14.96
CA PRO G 723 -23.49 65.18 16.22
C PRO G 723 -23.18 63.70 16.19
N THR G 724 -24.11 62.90 15.70
CA THR G 724 -23.93 61.45 15.61
C THR G 724 -23.08 61.09 14.41
N GLN G 725 -22.16 60.15 14.62
CA GLN G 725 -21.33 59.59 13.56
C GLN G 725 -21.55 58.09 13.50
N GLY G 726 -21.89 57.58 12.31
CA GLY G 726 -22.14 56.17 12.13
C GLY G 726 -23.59 55.80 12.38
N SER G 727 -23.94 54.58 11.97
CA SER G 727 -25.31 54.10 12.13
C SER G 727 -25.30 52.58 12.09
N VAL G 728 -25.57 51.96 13.23
CA VAL G 728 -25.73 50.50 13.34
C VAL G 728 -27.13 50.22 13.87
N LEU G 729 -27.91 49.49 13.09
CA LEU G 729 -29.22 49.00 13.53
C LEU G 729 -29.04 47.59 14.11
N PHE G 730 -29.82 47.27 15.14
CA PHE G 730 -29.76 45.93 15.71
C PHE G 730 -31.16 45.38 15.95
N GLY G 731 -31.32 44.08 15.68
CA GLY G 731 -32.58 43.38 15.87
C GLY G 731 -32.54 42.49 17.09
N THR G 732 -33.71 42.29 17.70
CA THR G 732 -33.80 41.60 18.98
C THR G 732 -34.85 40.51 18.96
N VAL G 733 -34.84 39.69 20.02
CA VAL G 733 -35.73 38.55 20.13
C VAL G 733 -37.17 38.98 20.30
N ASN G 734 -37.41 40.10 20.97
CA ASN G 734 -38.75 40.59 21.25
C ASN G 734 -39.27 41.56 20.19
N GLY G 735 -38.56 41.67 19.06
CA GLY G 735 -38.96 42.54 17.99
C GLY G 735 -38.48 43.98 18.10
N MET G 736 -37.95 44.39 19.24
CA MET G 736 -37.42 45.74 19.37
C MET G 736 -36.29 45.93 18.37
N ILE G 737 -36.34 47.04 17.63
CA ILE G 737 -35.26 47.44 16.72
C ILE G 737 -34.62 48.70 17.29
N GLY G 738 -33.30 48.67 17.43
CA GLY G 738 -32.55 49.77 18.00
C GLY G 738 -31.47 50.30 17.06
N LEU G 739 -30.79 51.32 17.55
CA LEU G 739 -29.79 52.05 16.78
C LEU G 739 -28.64 52.46 17.67
N VAL G 740 -27.41 52.18 17.23
CA VAL G 740 -26.20 52.56 17.93
C VAL G 740 -25.43 53.54 17.06
N THR G 741 -24.96 54.63 17.66
CA THR G 741 -24.17 55.61 16.95
C THR G 741 -23.13 56.19 17.90
N SER G 742 -22.09 56.78 17.34
CA SER G 742 -20.99 57.34 18.11
C SER G 742 -21.17 58.83 18.31
N LEU G 743 -20.52 59.35 19.35
CA LEU G 743 -20.58 60.76 19.69
C LEU G 743 -19.15 61.31 19.84
N SER G 744 -19.04 62.63 19.77
CA SER G 744 -17.82 63.30 20.18
C SER G 744 -17.80 63.45 21.70
N GLU G 745 -16.60 63.66 22.25
CA GLU G 745 -16.49 63.81 23.70
C GLU G 745 -17.36 64.95 24.21
N SER G 746 -17.36 66.09 23.51
CA SER G 746 -18.18 67.21 23.93
C SER G 746 -19.66 66.83 23.95
N TRP G 747 -20.09 66.05 22.96
CA TRP G 747 -21.50 65.69 22.87
C TRP G 747 -21.89 64.67 23.92
N TYR G 748 -21.00 63.72 24.22
CA TYR G 748 -21.24 62.78 25.30
C TYR G 748 -21.44 63.50 26.63
N ASN G 749 -20.46 64.31 27.02
CA ASN G 749 -20.51 64.98 28.32
C ASN G 749 -21.78 65.79 28.47
N LEU G 750 -22.15 66.53 27.43
CA LEU G 750 -23.38 67.33 27.48
C LEU G 750 -24.60 66.45 27.71
N LEU G 751 -24.71 65.36 26.95
CA LEU G 751 -25.89 64.50 27.06
C LEU G 751 -25.86 63.69 28.34
N LEU G 752 -24.68 63.30 28.80
CA LEU G 752 -24.57 62.61 30.09
C LEU G 752 -25.02 63.54 31.22
N ASP G 753 -24.53 64.78 31.20
CA ASP G 753 -24.96 65.75 32.20
C ASP G 753 -26.47 65.94 32.13
N MET G 754 -27.05 65.90 30.93
CA MET G 754 -28.49 66.01 30.81
C MET G 754 -29.20 64.81 31.41
N GLN G 755 -28.66 63.61 31.20
CA GLN G 755 -29.30 62.41 31.74
C GLN G 755 -29.39 62.49 33.26
N ASN G 756 -28.26 62.75 33.92
CA ASN G 756 -28.24 62.85 35.37
C ASN G 756 -29.17 63.94 35.86
N ARG G 757 -29.34 65.01 35.08
CA ARG G 757 -30.33 66.01 35.42
C ARG G 757 -31.75 65.51 35.17
N LEU G 758 -31.95 64.81 34.05
CA LEU G 758 -33.29 64.33 33.71
C LEU G 758 -33.80 63.31 34.73
N ASN G 759 -32.89 62.48 35.27
CA ASN G 759 -33.32 61.46 36.22
C ASN G 759 -33.82 62.06 37.52
N LYS G 760 -33.30 63.22 37.92
CA LYS G 760 -33.80 63.88 39.12
C LYS G 760 -35.20 64.43 38.88
N VAL G 761 -35.54 64.71 37.62
CA VAL G 761 -36.83 65.30 37.28
C VAL G 761 -37.89 64.24 37.01
N ILE G 762 -37.54 63.21 36.25
CA ILE G 762 -38.53 62.29 35.71
C ILE G 762 -38.88 61.22 36.73
N LYS G 763 -40.18 60.97 36.89
CA LYS G 763 -40.68 59.92 37.77
C LYS G 763 -40.87 58.63 36.98
N SER G 764 -40.21 57.56 37.43
CA SER G 764 -40.31 56.26 36.81
C SER G 764 -41.39 55.43 37.49
N VAL G 765 -42.05 54.57 36.71
CA VAL G 765 -43.02 53.65 37.28
C VAL G 765 -42.29 52.66 38.18
N GLY G 766 -42.78 52.49 39.40
CA GLY G 766 -42.12 51.67 40.39
C GLY G 766 -40.98 52.35 41.13
N LYS G 767 -40.71 53.62 40.86
CA LYS G 767 -39.64 54.36 41.52
C LYS G 767 -38.31 53.61 41.36
N ILE G 768 -38.04 53.17 40.13
CA ILE G 768 -36.78 52.48 39.82
C ILE G 768 -35.75 53.50 39.37
N GLU G 769 -34.59 53.49 40.02
CA GLU G 769 -33.48 54.34 39.64
C GLU G 769 -32.99 53.98 38.23
N HIS G 770 -32.92 54.99 37.37
CA HIS G 770 -32.46 54.75 36.00
C HIS G 770 -31.05 54.18 35.99
N SER G 771 -30.17 54.71 36.83
CA SER G 771 -28.79 54.24 36.86
C SER G 771 -28.73 52.75 37.13
N PHE G 772 -29.63 52.23 37.97
CA PHE G 772 -29.64 50.80 38.25
C PHE G 772 -30.08 49.99 37.04
N TRP G 773 -31.12 50.45 36.35
CA TRP G 773 -31.64 49.71 35.20
C TRP G 773 -30.58 49.54 34.12
N ARG G 774 -29.83 50.59 33.83
CA ARG G 774 -28.81 50.53 32.79
C ARG G 774 -27.49 49.93 33.28
N SER G 775 -27.37 49.65 34.58
CA SER G 775 -26.16 49.05 35.10
C SER G 775 -25.95 47.66 34.50
N PHE G 776 -24.76 47.46 33.92
CA PHE G 776 -24.34 46.17 33.38
C PHE G 776 -24.63 45.05 34.36
N HIS G 777 -25.44 44.07 33.94
CA HIS G 777 -25.87 43.06 34.89
C HIS G 777 -25.78 41.64 34.35
N THR G 778 -25.08 40.78 35.09
CA THR G 778 -25.10 39.34 34.92
C THR G 778 -25.43 38.75 36.29
N GLU G 779 -25.83 37.49 36.34
CA GLU G 779 -26.07 36.87 37.63
C GLU G 779 -24.90 37.07 38.58
N ARG G 780 -23.68 37.14 38.04
CA ARG G 780 -22.48 37.23 38.88
C ARG G 780 -22.01 38.64 39.16
N LYS G 781 -22.05 39.57 38.21
CA LYS G 781 -21.52 40.91 38.46
C LYS G 781 -22.54 41.97 38.08
N THR G 782 -22.37 43.16 38.67
CA THR G 782 -23.16 44.34 38.33
C THR G 782 -22.27 45.57 38.38
N GLU G 783 -22.15 46.27 37.26
CA GLU G 783 -21.35 47.48 37.16
C GLU G 783 -22.18 48.61 36.59
N PRO G 784 -21.89 49.85 36.98
CA PRO G 784 -22.62 50.99 36.40
C PRO G 784 -22.28 51.19 34.93
N ALA G 785 -23.28 51.64 34.18
CA ALA G 785 -23.09 51.89 32.76
C ALA G 785 -22.04 52.97 32.53
N THR G 786 -21.35 52.87 31.39
CA THR G 786 -20.32 53.84 31.02
C THR G 786 -20.19 53.86 29.51
N GLY G 787 -19.91 55.04 28.97
CA GLY G 787 -19.67 55.17 27.55
C GLY G 787 -20.91 55.07 26.69
N PHE G 788 -22.09 55.04 27.29
CA PHE G 788 -23.34 54.89 26.57
C PHE G 788 -24.35 55.93 27.05
N ILE G 789 -25.04 56.55 26.10
CA ILE G 789 -26.11 57.49 26.37
C ILE G 789 -27.45 56.81 26.06
N ASP G 790 -28.35 56.78 27.04
CA ASP G 790 -29.67 56.22 26.85
C ASP G 790 -30.50 57.17 25.99
N GLY G 791 -30.47 56.97 24.67
CA GLY G 791 -31.12 57.90 23.77
C GLY G 791 -32.60 58.06 24.02
N ASP G 792 -33.26 57.01 24.53
CA ASP G 792 -34.68 57.11 24.85
C ASP G 792 -34.92 58.04 26.04
N LEU G 793 -33.94 58.17 26.93
CA LEU G 793 -34.05 59.14 28.01
C LEU G 793 -33.87 60.55 27.48
N ILE G 794 -32.86 60.76 26.65
CA ILE G 794 -32.62 62.08 26.05
C ILE G 794 -33.83 62.53 25.24
N GLU G 795 -34.42 61.63 24.46
CA GLU G 795 -35.54 62.02 23.62
C GLU G 795 -36.82 62.32 24.40
N SER G 796 -36.87 62.00 25.70
CA SER G 796 -38.03 62.32 26.51
C SER G 796 -38.01 63.75 27.02
N PHE G 797 -36.87 64.44 26.93
CA PHE G 797 -36.81 65.86 27.28
C PHE G 797 -37.87 66.67 26.55
N LEU G 798 -38.17 66.31 25.30
CA LEU G 798 -39.16 67.03 24.53
C LEU G 798 -40.58 66.86 25.07
N ASP G 799 -40.81 65.90 25.95
CA ASP G 799 -42.14 65.62 26.47
C ASP G 799 -42.32 66.10 27.91
N ILE G 800 -41.29 66.62 28.56
CA ILE G 800 -41.41 67.06 29.95
C ILE G 800 -41.91 68.49 29.97
N SER G 801 -42.56 68.86 31.07
CA SER G 801 -43.18 70.18 31.18
C SER G 801 -42.12 71.27 31.23
N ARG G 802 -42.54 72.49 30.89
CA ARG G 802 -41.62 73.63 30.88
C ARG G 802 -40.98 73.89 32.24
N PRO G 803 -41.71 73.88 33.36
CA PRO G 803 -41.03 74.03 34.65
C PRO G 803 -39.90 73.05 34.82
N LYS G 804 -40.11 71.82 34.36
CA LYS G 804 -39.08 70.80 34.48
C LYS G 804 -37.93 71.07 33.52
N MET G 805 -38.23 71.58 32.32
CA MET G 805 -37.16 71.96 31.41
C MET G 805 -36.21 72.96 32.05
N GLN G 806 -36.76 73.94 32.76
CA GLN G 806 -35.92 74.92 33.44
C GLN G 806 -35.07 74.28 34.52
N GLU G 807 -35.62 73.30 35.23
CA GLU G 807 -34.83 72.59 36.23
C GLU G 807 -33.62 71.91 35.59
N VAL G 808 -33.79 71.40 34.37
CA VAL G 808 -32.70 70.70 33.70
C VAL G 808 -31.67 71.70 33.19
N VAL G 809 -32.13 72.76 32.51
CA VAL G 809 -31.19 73.69 31.88
C VAL G 809 -30.58 74.65 32.88
N ALA G 810 -31.08 74.67 34.12
CA ALA G 810 -30.55 75.55 35.16
C ALA G 810 -29.11 75.20 35.50
N ASN G 811 -28.26 76.23 35.56
CA ASN G 811 -26.85 76.06 35.95
C ASN G 811 -26.13 75.08 35.02
N LEU G 812 -26.50 75.07 33.75
CA LEU G 812 -25.92 74.20 32.74
C LEU G 812 -25.16 74.99 31.69
N GLN G 813 -23.90 74.62 31.45
CA GLN G 813 -23.08 75.22 30.41
C GLN G 813 -22.71 74.17 29.37
N TYR G 814 -22.95 74.49 28.09
CA TYR G 814 -22.60 73.63 26.96
C TYR G 814 -21.71 74.40 26.00
N ASP G 815 -21.05 73.66 25.10
CA ASP G 815 -20.05 74.27 24.21
C ASP G 815 -20.61 75.42 23.38
N ASP G 816 -21.85 75.33 22.91
CA ASP G 816 -22.48 76.44 22.19
C ASP G 816 -21.58 76.99 21.09
N GLY G 817 -21.13 76.10 20.22
CA GLY G 817 -20.17 76.45 19.20
C GLY G 817 -18.76 76.10 19.66
N SER G 818 -17.79 76.38 18.80
CA SER G 818 -16.38 76.23 19.12
C SER G 818 -15.78 77.54 19.63
N GLY G 819 -15.21 77.50 20.84
CA GLY G 819 -14.50 78.64 21.39
C GLY G 819 -15.30 79.57 22.26
N MET G 820 -16.64 79.50 22.22
CA MET G 820 -17.51 80.40 22.98
C MET G 820 -18.47 79.51 23.79
N LYS G 821 -18.23 79.41 25.10
CA LYS G 821 -19.03 78.59 25.98
C LYS G 821 -20.06 79.42 26.75
N ARG G 822 -21.35 79.13 26.51
CA ARG G 822 -22.48 79.87 27.07
C ARG G 822 -23.47 78.94 27.78
N GLU G 823 -24.15 79.50 28.78
CA GLU G 823 -25.17 78.76 29.53
C GLU G 823 -26.30 78.30 28.62
N ALA G 824 -26.88 77.15 28.99
CA ALA G 824 -27.87 76.49 28.17
C ALA G 824 -29.27 76.97 28.50
N THR G 825 -30.10 77.11 27.47
CA THR G 825 -31.50 77.45 27.60
C THR G 825 -32.36 76.27 27.14
N ALA G 826 -33.61 76.27 27.58
CA ALA G 826 -34.54 75.25 27.09
C ALA G 826 -34.69 75.35 25.58
N ASP G 827 -34.50 76.55 25.03
CA ASP G 827 -34.55 76.72 23.58
C ASP G 827 -33.37 76.05 22.90
N ASP G 828 -32.18 76.16 23.49
CA ASP G 828 -31.00 75.52 22.92
C ASP G 828 -31.09 74.00 23.00
N LEU G 829 -31.45 73.48 24.17
CA LEU G 829 -31.47 72.02 24.33
C LEU G 829 -32.54 71.37 23.47
N ILE G 830 -33.70 72.03 23.29
CA ILE G 830 -34.70 71.50 22.36
C ILE G 830 -34.10 71.36 20.97
N LYS G 831 -33.28 72.33 20.56
CA LYS G 831 -32.59 72.22 19.28
C LYS G 831 -31.70 70.99 19.27
N VAL G 832 -31.01 70.73 20.38
CA VAL G 832 -30.10 69.60 20.45
C VAL G 832 -30.86 68.28 20.38
N VAL G 833 -31.90 68.12 21.20
CA VAL G 833 -32.63 66.85 21.22
C VAL G 833 -33.34 66.62 19.90
N GLU G 834 -33.97 67.64 19.34
CA GLU G 834 -34.74 67.44 18.12
C GLU G 834 -33.84 66.99 16.97
N GLU G 835 -32.61 67.50 16.92
CA GLU G 835 -31.67 67.02 15.91
C GLU G 835 -31.33 65.55 16.13
N LEU G 836 -31.25 65.13 17.39
CA LEU G 836 -30.93 63.73 17.69
C LEU G 836 -32.07 62.79 17.32
N THR G 837 -33.31 63.29 17.31
CA THR G 837 -34.43 62.45 16.92
C THR G 837 -34.44 62.15 15.43
N ARG G 838 -33.58 62.79 14.65
CA ARG G 838 -33.55 62.62 13.20
C ARG G 838 -32.66 61.48 12.74
N ILE G 839 -32.05 60.74 13.67
CA ILE G 839 -31.21 59.62 13.28
C ILE G 839 -32.00 58.33 13.05
N HIS G 840 -33.31 58.37 13.26
CA HIS G 840 -34.15 57.19 13.04
C HIS G 840 -35.57 57.62 12.67
N THR H 7 18.81 15.19 28.10
CA THR H 7 18.01 14.26 28.88
C THR H 7 16.69 14.89 29.30
N GLU H 8 15.84 14.08 29.94
CA GLU H 8 14.55 14.58 30.39
C GLU H 8 14.68 15.73 31.39
N SER H 9 15.85 15.88 32.03
CA SER H 9 16.01 16.81 33.13
C SER H 9 16.64 18.14 32.76
N ASP H 10 17.26 18.26 31.59
CA ASP H 10 18.04 19.46 31.26
C ASP H 10 17.10 20.55 30.77
N TRP H 11 16.42 21.19 31.72
CA TRP H 11 15.47 22.24 31.41
C TRP H 11 16.21 23.53 31.07
N GLY H 12 15.50 24.44 30.40
CA GLY H 12 16.04 25.73 30.04
C GLY H 12 16.85 25.76 28.77
N LYS H 13 17.14 24.60 28.16
CA LYS H 13 18.00 24.53 26.99
C LYS H 13 17.21 24.42 25.69
N ARG H 14 16.22 23.55 25.65
CA ARG H 14 15.41 23.39 24.44
C ARG H 14 14.69 24.67 24.08
N CYS H 15 14.62 24.94 22.78
CA CYS H 15 14.05 26.17 22.26
C CYS H 15 12.54 26.07 22.10
N VAL H 16 11.88 27.22 22.19
CA VAL H 16 10.43 27.29 21.98
C VAL H 16 10.05 27.11 20.52
N ASP H 17 11.03 27.08 19.60
CA ASP H 17 10.73 26.73 18.22
C ASP H 17 10.01 25.39 18.10
N LYS H 18 10.18 24.51 19.07
CA LYS H 18 9.58 23.18 19.06
C LYS H 18 8.07 23.23 19.29
N PHE H 19 7.50 24.42 19.52
CA PHE H 19 6.06 24.59 19.72
C PHE H 19 5.49 25.54 18.68
N ASP H 20 4.36 25.18 18.09
CA ASP H 20 3.60 26.07 17.22
C ASP H 20 2.65 26.89 18.09
N ILE H 21 2.88 28.21 18.17
CA ILE H 21 2.02 29.04 18.99
C ILE H 21 0.66 29.16 18.33
N ILE H 22 -0.40 28.86 19.08
CA ILE H 22 -1.76 28.92 18.57
C ILE H 22 -2.39 30.27 18.85
N GLY H 23 -2.19 30.79 20.05
CA GLY H 23 -2.77 32.06 20.43
C GLY H 23 -2.43 32.39 21.87
N ILE H 24 -3.00 33.49 22.35
CA ILE H 24 -2.82 33.95 23.72
C ILE H 24 -4.08 33.59 24.49
N ILE H 25 -3.93 32.72 25.49
CA ILE H 25 -5.08 32.28 26.26
C ILE H 25 -5.32 33.20 27.45
N GLY H 26 -4.26 33.80 27.98
CA GLY H 26 -4.45 34.74 29.06
C GLY H 26 -3.24 35.63 29.20
N GLU H 27 -3.47 36.77 29.83
CA GLU H 27 -2.42 37.69 30.23
C GLU H 27 -2.18 37.44 31.71
N GLY H 28 -0.98 36.98 32.05
CA GLY H 28 -0.65 36.53 33.37
C GLY H 28 -0.04 37.59 34.24
N THR H 29 0.88 37.17 35.11
CA THR H 29 1.51 38.04 36.09
C THR H 29 2.94 38.42 35.71
N TYR H 30 3.76 37.45 35.29
CA TYR H 30 5.13 37.69 34.88
C TYR H 30 5.30 37.56 33.37
N GLY H 31 4.22 37.45 32.64
CA GLY H 31 4.27 37.31 31.20
C GLY H 31 2.93 36.84 30.68
N GLN H 32 2.88 36.72 29.37
CA GLN H 32 1.66 36.35 28.67
C GLN H 32 1.59 34.83 28.56
N VAL H 33 0.40 34.28 28.70
CA VAL H 33 0.18 32.84 28.67
C VAL H 33 -0.39 32.50 27.32
N TYR H 34 0.25 31.55 26.61
CA TYR H 34 -0.10 31.21 25.25
C TYR H 34 -0.49 29.73 25.15
N LYS H 35 -1.44 29.44 24.27
CA LYS H 35 -1.73 28.07 23.88
C LYS H 35 -0.79 27.67 22.76
N ALA H 36 -0.43 26.39 22.70
CA ALA H 36 0.54 25.96 21.70
C ALA H 36 0.42 24.46 21.50
N LYS H 37 0.95 24.01 20.36
CA LYS H 37 0.99 22.60 20.01
C LYS H 37 2.43 22.14 19.87
N ASP H 38 2.77 21.02 20.50
CA ASP H 38 4.10 20.45 20.39
C ASP H 38 4.30 19.84 19.00
N LYS H 39 5.36 20.27 18.32
CA LYS H 39 5.56 19.84 16.93
C LYS H 39 5.87 18.35 16.82
N ASP H 40 6.49 17.76 17.84
CA ASP H 40 6.90 16.37 17.77
C ASP H 40 5.81 15.41 18.23
N THR H 41 5.09 15.76 19.29
CA THR H 41 4.12 14.86 19.88
C THR H 41 2.68 15.20 19.54
N GLY H 42 2.39 16.45 19.19
CA GLY H 42 1.05 16.88 18.93
C GLY H 42 0.27 17.29 20.15
N GLU H 43 0.86 17.16 21.34
CA GLU H 43 0.19 17.52 22.57
C GLU H 43 -0.09 19.01 22.63
N LEU H 44 -1.23 19.38 23.21
CA LEU H 44 -1.53 20.77 23.46
C LEU H 44 -0.96 21.16 24.82
N VAL H 45 -0.21 22.25 24.83
CA VAL H 45 0.45 22.76 26.03
C VAL H 45 0.20 24.26 26.06
N ALA H 46 0.17 24.82 27.26
CA ALA H 46 0.06 26.26 27.45
C ALA H 46 1.40 26.73 28.01
N LEU H 47 2.04 27.66 27.31
CA LEU H 47 3.40 28.09 27.59
C LEU H 47 3.29 29.49 28.20
N LYS H 48 3.75 29.65 29.43
CA LYS H 48 3.78 30.96 30.08
C LYS H 48 5.14 31.61 29.84
N LYS H 49 5.13 32.82 29.30
CA LYS H 49 6.38 33.50 29.03
C LYS H 49 6.86 34.20 30.29
N VAL H 50 8.15 34.09 30.56
CA VAL H 50 8.80 34.80 31.66
C VAL H 50 9.73 35.81 30.98
N ARG H 51 9.49 37.09 31.23
CA ARG H 51 10.24 38.14 30.55
C ARG H 51 11.27 38.70 31.51
N LEU H 52 12.54 38.55 31.16
CA LEU H 52 13.64 39.15 31.88
C LEU H 52 14.05 40.48 31.28
N ASP H 53 13.35 40.91 30.23
CA ASP H 53 13.69 42.15 29.56
C ASP H 53 13.53 43.35 30.48
N ASN H 54 12.54 43.31 31.38
CA ASN H 54 12.41 44.40 32.34
C ASN H 54 13.68 44.53 33.16
N GLU H 55 14.24 43.39 33.61
CA GLU H 55 15.51 43.41 34.32
C GLU H 55 15.48 44.39 35.49
N LYS H 56 14.30 44.56 36.08
CA LYS H 56 14.20 45.35 37.30
C LYS H 56 14.89 44.63 38.45
N GLU H 57 14.50 43.37 38.66
CA GLU H 57 15.13 42.48 39.62
C GLU H 57 15.43 41.13 38.97
N GLY H 58 15.50 41.08 37.64
CA GLY H 58 15.81 39.85 36.94
C GLY H 58 14.60 38.92 36.85
N PHE H 59 14.89 37.62 36.90
CA PHE H 59 13.84 36.61 36.81
C PHE H 59 12.81 36.84 37.92
N PRO H 60 11.52 36.88 37.60
CA PRO H 60 10.51 37.19 38.63
C PRO H 60 10.40 36.10 39.68
N ILE H 61 10.30 36.52 40.94
CA ILE H 61 10.12 35.55 42.01
C ILE H 61 8.81 34.79 41.85
N THR H 62 7.77 35.47 41.33
CA THR H 62 6.51 34.79 41.08
C THR H 62 6.74 33.53 40.26
N ALA H 63 7.57 33.63 39.22
CA ALA H 63 7.94 32.45 38.45
C ALA H 63 8.87 31.54 39.23
N ILE H 64 9.85 32.10 39.93
CA ILE H 64 10.80 31.28 40.68
C ILE H 64 10.04 30.41 41.68
N ARG H 65 9.08 31.00 42.38
CA ARG H 65 8.32 30.22 43.36
C ARG H 65 7.58 29.07 42.68
N GLU H 66 6.98 29.35 41.52
CA GLU H 66 6.22 28.32 40.81
C GLU H 66 7.13 27.21 40.29
N ILE H 67 8.35 27.55 39.88
CA ILE H 67 9.29 26.54 39.41
C ILE H 67 9.79 25.71 40.58
N LYS H 68 10.07 26.36 41.70
CA LYS H 68 10.55 25.67 42.88
C LYS H 68 9.49 24.75 43.46
N ILE H 69 8.26 25.27 43.60
CA ILE H 69 7.23 24.52 44.31
C ILE H 69 6.68 23.40 43.43
N LEU H 70 6.47 23.67 42.13
CA LEU H 70 5.80 22.69 41.28
C LEU H 70 6.69 21.52 40.88
N ARG H 71 8.01 21.70 40.84
CA ARG H 71 8.88 20.55 40.61
C ARG H 71 8.98 19.64 41.83
N GLN H 72 8.43 20.07 42.97
CA GLN H 72 8.33 19.23 44.15
C GLN H 72 7.01 18.48 44.22
N LEU H 73 5.93 19.09 43.72
CA LEU H 73 4.59 18.56 43.89
C LEU H 73 4.21 17.64 42.72
N ILE H 74 3.79 16.42 43.05
CA ILE H 74 3.25 15.48 42.08
C ILE H 74 1.87 15.07 42.57
N HIS H 75 0.82 15.49 41.86
CA HIS H 75 -0.54 15.12 42.21
C HIS H 75 -1.44 15.38 41.01
N ARG H 76 -2.47 14.54 40.86
CA ARG H 76 -3.37 14.69 39.73
C ARG H 76 -4.09 16.04 39.75
N SER H 77 -4.39 16.55 40.93
CA SER H 77 -5.14 17.78 41.09
C SER H 77 -4.25 19.01 41.26
N VAL H 78 -2.98 18.90 40.90
CA VAL H 78 -2.04 20.02 40.97
C VAL H 78 -1.38 20.17 39.61
N VAL H 79 -1.31 21.42 39.12
CA VAL H 79 -0.90 21.67 37.74
C VAL H 79 0.51 21.11 37.51
N ASN H 80 0.78 20.70 36.27
CA ASN H 80 1.99 19.97 35.92
C ASN H 80 2.89 20.88 35.09
N MET H 81 4.11 21.14 35.59
CA MET H 81 5.11 21.84 34.81
C MET H 81 5.94 20.81 34.06
N LYS H 82 5.81 20.80 32.73
CA LYS H 82 6.43 19.78 31.90
C LYS H 82 7.90 20.06 31.64
N GLU H 83 8.25 21.29 31.28
CA GLU H 83 9.64 21.65 31.02
C GLU H 83 9.70 23.18 30.91
N ILE H 84 10.92 23.68 30.73
CA ILE H 84 11.16 25.11 30.53
C ILE H 84 11.98 25.27 29.26
N VAL H 85 11.50 26.14 28.36
CA VAL H 85 12.14 26.38 27.07
C VAL H 85 12.45 27.86 26.97
N THR H 86 13.29 28.20 26.01
CA THR H 86 13.82 29.55 25.88
C THR H 86 13.64 30.05 24.45
N ASP H 87 13.65 31.37 24.31
CA ASP H 87 13.74 31.95 22.98
C ASP H 87 15.14 31.67 22.41
N LYS H 88 15.20 31.55 21.09
CA LYS H 88 16.46 31.28 20.42
C LYS H 88 17.48 32.36 20.74
N GLN H 89 18.69 31.95 21.13
CA GLN H 89 19.75 32.88 21.48
C GLN H 89 20.18 33.62 20.22
N ASP H 90 19.93 34.93 20.19
CA ASP H 90 20.25 35.72 18.99
C ASP H 90 21.75 35.73 18.70
N ALA H 91 22.60 35.63 19.72
CA ALA H 91 24.04 35.67 19.54
C ALA H 91 24.73 34.74 20.54
N LEU H 92 25.86 34.19 20.11
CA LEU H 92 26.63 33.30 20.98
C LEU H 92 26.98 34.01 22.29
N ASP H 93 27.33 35.29 22.21
CA ASP H 93 27.55 36.13 23.38
C ASP H 93 26.31 36.21 24.27
N PHE H 94 26.43 35.74 25.51
CA PHE H 94 25.29 35.74 26.43
C PHE H 94 24.72 37.14 26.66
N LYS H 95 25.56 38.17 26.68
CA LYS H 95 25.07 39.51 26.97
C LYS H 95 24.05 39.98 25.93
N LYS H 96 24.31 39.70 24.64
CA LYS H 96 23.43 40.21 23.60
C LYS H 96 22.04 39.61 23.69
N ASP H 97 21.93 38.34 24.10
CA ASP H 97 20.63 37.69 24.14
C ASP H 97 19.77 38.32 25.23
N LYS H 98 18.57 38.74 24.86
CA LYS H 98 17.56 39.22 25.81
C LYS H 98 16.32 38.36 25.73
N GLY H 99 16.43 37.17 25.13
CA GLY H 99 15.27 36.32 24.95
C GLY H 99 14.65 35.90 26.27
N ALA H 100 13.35 35.63 26.22
CA ALA H 100 12.56 35.24 27.37
C ALA H 100 12.56 33.72 27.52
N PHE H 101 12.10 33.25 28.68
CA PHE H 101 11.94 31.84 28.96
C PHE H 101 10.45 31.52 29.04
N TYR H 102 10.09 30.27 28.74
CA TYR H 102 8.69 29.83 28.77
C TYR H 102 8.56 28.63 29.68
N LEU H 103 7.55 28.64 30.53
CA LEU H 103 7.22 27.52 31.40
C LEU H 103 6.16 26.69 30.69
N VAL H 104 6.52 25.49 30.26
CA VAL H 104 5.59 24.65 29.51
C VAL H 104 4.70 23.91 30.51
N PHE H 105 3.39 24.02 30.32
CA PHE H 105 2.40 23.40 31.17
C PHE H 105 1.45 22.55 30.34
N GLU H 106 0.87 21.53 30.98
CA GLU H 106 -0.23 20.78 30.39
C GLU H 106 -1.45 21.70 30.24
N TYR H 107 -2.10 21.61 29.09
CA TYR H 107 -3.25 22.48 28.82
C TYR H 107 -4.52 21.91 29.44
N MET H 108 -5.09 22.61 30.40
CA MET H 108 -6.37 22.24 30.99
C MET H 108 -7.46 23.06 30.32
N ASP H 109 -8.47 22.36 29.78
CA ASP H 109 -9.30 22.93 28.73
C ASP H 109 -10.04 24.20 29.18
N HIS H 110 -10.60 24.21 30.38
CA HIS H 110 -11.48 25.28 30.81
C HIS H 110 -11.15 25.73 32.22
N ASP H 111 -11.60 26.94 32.55
CA ASP H 111 -11.45 27.52 33.88
C ASP H 111 -12.82 27.85 34.46
N LEU H 112 -12.95 27.66 35.78
CA LEU H 112 -14.27 27.74 36.41
C LEU H 112 -14.93 29.09 36.13
N MET H 113 -14.17 30.19 36.19
CA MET H 113 -14.79 31.50 35.99
C MET H 113 -15.43 31.60 34.60
N GLY H 114 -14.67 31.22 33.57
CA GLY H 114 -15.20 31.33 32.22
C GLY H 114 -16.48 30.54 32.05
N LEU H 115 -16.51 29.33 32.59
CA LEU H 115 -17.73 28.53 32.54
C LEU H 115 -18.83 29.12 33.43
N LEU H 116 -18.47 29.59 34.63
CA LEU H 116 -19.47 30.16 35.52
C LEU H 116 -19.98 31.49 34.99
N GLU H 117 -19.08 32.34 34.49
CA GLU H 117 -19.51 33.62 33.94
C GLU H 117 -20.48 33.42 32.77
N SER H 118 -20.21 32.44 31.91
CA SER H 118 -21.12 32.17 30.81
C SER H 118 -22.49 31.69 31.29
N GLY H 119 -22.55 31.07 32.46
CA GLY H 119 -23.81 30.50 32.92
C GLY H 119 -24.27 29.31 32.13
N LEU H 120 -23.38 28.75 31.29
CA LEU H 120 -23.73 27.61 30.43
C LEU H 120 -23.63 26.28 31.16
N VAL H 121 -22.94 26.23 32.30
CA VAL H 121 -22.68 24.99 33.02
C VAL H 121 -23.68 24.84 34.17
N HIS H 122 -24.14 23.60 34.39
CA HIS H 122 -24.97 23.26 35.53
C HIS H 122 -24.24 22.23 36.37
N PHE H 123 -24.11 22.51 37.67
CA PHE H 123 -23.38 21.65 38.59
C PHE H 123 -24.41 20.95 39.48
N SER H 124 -24.57 19.65 39.28
CA SER H 124 -25.39 18.84 40.17
C SER H 124 -24.63 18.52 41.44
N GLU H 125 -25.34 18.04 42.45
CA GLU H 125 -24.68 17.64 43.69
C GLU H 125 -23.54 16.66 43.40
N ASP H 126 -23.80 15.66 42.55
CA ASP H 126 -22.75 14.70 42.22
C ASP H 126 -21.59 15.39 41.51
N HIS H 127 -21.87 16.37 40.66
CA HIS H 127 -20.78 17.10 40.00
C HIS H 127 -19.94 17.85 41.02
N ILE H 128 -20.58 18.48 42.00
CA ILE H 128 -19.85 19.19 43.05
C ILE H 128 -19.04 18.21 43.90
N LYS H 129 -19.62 17.05 44.22
CA LYS H 129 -18.90 16.06 45.03
C LYS H 129 -17.55 15.72 44.41
N SER H 130 -17.53 15.35 43.13
CA SER H 130 -16.27 14.99 42.49
C SER H 130 -15.33 16.20 42.42
N PHE H 131 -15.86 17.36 42.09
CA PHE H 131 -15.04 18.57 42.00
C PHE H 131 -14.35 18.86 43.32
N MET H 132 -15.11 18.92 44.41
CA MET H 132 -14.53 19.28 45.70
C MET H 132 -13.55 18.24 46.19
N LYS H 133 -13.90 16.95 46.05
CA LYS H 133 -13.00 15.91 46.55
C LYS H 133 -11.63 16.00 45.87
N GLN H 134 -11.62 16.26 44.56
CA GLN H 134 -10.36 16.40 43.85
C GLN H 134 -9.62 17.66 44.27
N LEU H 135 -10.33 18.78 44.41
CA LEU H 135 -9.69 20.01 44.88
C LEU H 135 -9.14 19.83 46.27
N MET H 136 -9.96 19.28 47.18
CA MET H 136 -9.52 19.08 48.56
C MET H 136 -8.36 18.09 48.63
N GLU H 137 -8.43 17.00 47.86
CA GLU H 137 -7.33 16.06 47.84
C GLU H 137 -6.05 16.72 47.36
N GLY H 138 -6.16 17.57 46.33
CA GLY H 138 -5.01 18.32 45.89
C GLY H 138 -4.53 19.33 46.92
N LEU H 139 -5.47 20.00 47.60
CA LEU H 139 -5.08 20.99 48.61
C LEU H 139 -4.39 20.32 49.78
N GLU H 140 -4.95 19.22 50.30
CA GLU H 140 -4.30 18.53 51.40
C GLU H 140 -2.88 18.12 51.01
N TYR H 141 -2.73 17.62 49.78
CA TYR H 141 -1.40 17.27 49.29
C TYR H 141 -0.44 18.45 49.43
N CYS H 142 -0.84 19.62 48.93
CA CYS H 142 0.00 20.80 49.07
C CYS H 142 0.25 21.13 50.53
N HIS H 143 -0.79 21.05 51.36
CA HIS H 143 -0.64 21.35 52.77
C HIS H 143 0.23 20.32 53.47
N LYS H 144 0.08 19.04 53.11
CA LYS H 144 0.92 18.02 53.71
C LYS H 144 2.39 18.27 53.38
N LYS H 145 2.67 18.85 52.21
CA LYS H 145 4.02 19.28 51.86
C LYS H 145 4.34 20.67 52.40
N ASN H 146 3.43 21.25 53.20
CA ASN H 146 3.68 22.50 53.92
C ASN H 146 3.75 23.72 53.01
N PHE H 147 2.92 23.76 51.98
CA PHE H 147 2.84 24.90 51.07
C PHE H 147 1.46 25.55 51.13
N LEU H 148 1.45 26.87 50.99
CA LEU H 148 0.24 27.69 51.06
C LEU H 148 0.00 28.25 49.67
N HIS H 149 -1.17 27.99 49.10
CA HIS H 149 -1.44 28.50 47.74
C HIS H 149 -1.47 30.03 47.75
N ARG H 150 -2.28 30.61 48.63
CA ARG H 150 -2.40 32.04 48.89
C ARG H 150 -3.07 32.81 47.76
N ASP H 151 -3.59 32.12 46.75
CA ASP H 151 -4.31 32.78 45.67
C ASP H 151 -5.33 31.81 45.07
N ILE H 152 -6.27 31.34 45.88
CA ILE H 152 -7.29 30.41 45.42
C ILE H 152 -8.50 31.20 44.95
N LYS H 153 -8.85 31.04 43.68
CA LYS H 153 -10.01 31.68 43.10
C LYS H 153 -10.51 30.79 41.97
N CYS H 154 -11.75 31.04 41.53
CA CYS H 154 -12.30 30.23 40.45
C CYS H 154 -11.43 30.29 39.20
N SER H 155 -10.83 31.44 38.93
CA SER H 155 -10.00 31.59 37.74
C SER H 155 -8.82 30.62 37.75
N ASN H 156 -8.23 30.37 38.91
CA ASN H 156 -7.03 29.53 39.02
C ASN H 156 -7.33 28.04 39.10
N ILE H 157 -8.59 27.62 39.22
CA ILE H 157 -8.92 26.20 39.24
C ILE H 157 -9.21 25.77 37.81
N LEU H 158 -8.28 25.04 37.21
CA LEU H 158 -8.40 24.61 35.83
C LEU H 158 -9.26 23.36 35.74
N LEU H 159 -10.00 23.22 34.65
CA LEU H 159 -10.88 22.06 34.46
C LEU H 159 -10.90 21.65 33.00
N ASN H 160 -10.71 20.36 32.74
CA ASN H 160 -10.87 19.80 31.40
C ASN H 160 -12.08 18.87 31.37
N ASN H 161 -12.60 18.66 30.17
CA ASN H 161 -13.96 18.14 29.99
C ASN H 161 -14.20 16.78 30.64
N SER H 162 -13.15 16.01 30.89
CA SER H 162 -13.36 14.73 31.57
C SER H 162 -13.92 14.92 32.97
N GLY H 163 -13.77 16.11 33.53
CA GLY H 163 -14.12 16.39 34.90
C GLY H 163 -12.92 16.49 35.80
N GLN H 164 -11.71 16.44 35.23
CA GLN H 164 -10.49 16.52 36.02
C GLN H 164 -10.22 17.96 36.40
N ILE H 165 -10.00 18.18 37.69
CA ILE H 165 -9.72 19.49 38.27
C ILE H 165 -8.25 19.57 38.62
N LYS H 166 -7.60 20.68 38.27
CA LYS H 166 -6.21 20.94 38.62
C LYS H 166 -6.08 22.38 39.11
N LEU H 167 -5.34 22.55 40.20
CA LEU H 167 -5.00 23.86 40.75
C LEU H 167 -3.82 24.41 39.97
N ALA H 168 -3.75 25.74 39.86
CA ALA H 168 -2.86 26.31 38.86
C ALA H 168 -1.86 27.35 39.37
N ASP H 169 -2.27 28.60 39.54
CA ASP H 169 -1.32 29.68 39.82
C ASP H 169 -0.70 29.56 41.20
N PHE H 170 0.52 29.02 41.26
CA PHE H 170 1.29 28.94 42.50
C PHE H 170 2.26 30.10 42.66
N GLY H 171 2.06 31.19 41.92
CA GLY H 171 3.01 32.30 41.96
C GLY H 171 3.14 32.94 43.34
N LEU H 172 2.02 33.05 44.05
CA LEU H 172 2.00 33.66 45.37
C LEU H 172 2.21 32.65 46.50
N ALA H 173 2.42 31.39 46.17
CA ALA H 173 2.56 30.34 47.17
C ALA H 173 3.91 30.45 47.89
N ARG H 174 3.90 30.11 49.18
CA ARG H 174 5.12 30.14 49.99
C ARG H 174 5.10 29.01 51.01
N LEU H 175 6.28 28.61 51.45
CA LEU H 175 6.43 27.57 52.46
C LEU H 175 5.99 28.05 53.85
N TYR H 176 5.47 27.12 54.63
CA TYR H 176 4.93 27.40 55.96
C TYR H 176 5.63 26.56 57.03
N ASN H 177 6.08 27.24 58.10
CA ASN H 177 6.64 26.57 59.26
C ASN H 177 5.89 27.01 60.51
N SER H 178 5.30 26.04 61.23
CA SER H 178 4.62 26.35 62.48
C SER H 178 5.60 26.84 63.53
N GLU H 179 6.80 26.25 63.57
CA GLU H 179 7.81 26.64 64.53
C GLU H 179 8.22 28.10 64.36
N GLU H 180 8.50 28.48 63.13
CA GLU H 180 9.04 29.80 62.80
C GLU H 180 7.96 30.73 62.26
N SER H 181 7.48 31.63 63.08
CA SER H 181 6.53 32.64 62.64
C SER H 181 7.28 33.82 62.04
N ARG H 182 7.04 34.09 60.74
CA ARG H 182 7.66 35.19 60.02
C ARG H 182 6.56 36.06 59.43
N PRO H 183 6.71 37.38 59.42
CA PRO H 183 5.66 38.19 58.76
C PRO H 183 5.58 37.83 57.30
N TYR H 184 4.36 37.66 56.81
CA TYR H 184 4.10 37.33 55.42
C TYR H 184 3.39 38.46 54.70
N ASN H 186 0.72 40.37 53.74
CA ASN H 186 -0.65 40.53 54.20
C ASN H 186 -1.60 40.77 53.03
N LYS H 187 -2.85 40.33 53.15
CA LYS H 187 -3.90 40.59 52.16
C LYS H 187 -3.52 40.07 50.77
N VAL H 188 -3.03 38.83 50.72
CA VAL H 188 -2.62 38.23 49.45
C VAL H 188 -3.84 37.77 48.63
N ILE H 189 -4.75 37.02 49.26
CA ILE H 189 -5.84 36.40 48.51
C ILE H 189 -6.81 37.48 48.02
N THR H 190 -7.48 37.19 46.91
CA THR H 190 -8.44 38.15 46.37
C THR H 190 -9.52 38.44 47.40
N LEU H 191 -9.99 39.69 47.42
CA LEU H 191 -10.91 40.13 48.47
C LEU H 191 -12.12 39.22 48.59
N TRP H 192 -12.72 38.84 47.46
CA TRP H 192 -13.94 38.05 47.49
C TRP H 192 -13.74 36.71 48.17
N TYR H 193 -12.56 36.12 48.03
CA TYR H 193 -12.25 34.83 48.63
C TYR H 193 -11.29 34.95 49.80
N ARG H 194 -11.05 36.17 50.28
CA ARG H 194 -10.07 36.38 51.35
C ARG H 194 -10.67 35.97 52.69
N PRO H 195 -9.91 35.30 53.54
CA PRO H 195 -10.43 34.88 54.85
C PRO H 195 -10.54 36.07 55.79
N PRO H 196 -11.34 35.93 56.86
CA PRO H 196 -11.50 37.07 57.79
C PRO H 196 -10.22 37.44 58.52
N GLU H 197 -9.36 36.48 58.86
CA GLU H 197 -8.14 36.80 59.58
C GLU H 197 -7.26 37.76 58.78
N LEU H 198 -7.09 37.49 57.48
CA LEU H 198 -6.30 38.37 56.63
C LEU H 198 -6.92 39.76 56.53
N LEU H 199 -8.25 39.86 56.56
CA LEU H 199 -8.90 41.16 56.55
C LEU H 199 -8.58 41.96 57.80
N LEU H 200 -8.48 41.29 58.94
CA LEU H 200 -8.16 41.93 60.22
C LEU H 200 -6.66 42.14 60.41
N GLY H 201 -5.89 41.89 59.36
CA GLY H 201 -4.47 42.20 59.34
C GLY H 201 -3.59 41.19 60.03
N GLU H 202 -3.96 39.91 59.98
CA GLU H 202 -3.07 38.85 60.43
C GLU H 202 -1.94 38.72 59.44
N GLU H 203 -0.70 38.80 59.91
CA GLU H 203 0.47 38.71 59.05
C GLU H 203 1.11 37.34 59.14
N ARG H 204 0.75 36.53 60.13
CA ARG H 204 1.19 35.16 60.28
C ARG H 204 -0.01 34.24 60.14
N TYR H 205 -0.31 33.84 58.91
CA TYR H 205 -1.51 33.05 58.65
C TYR H 205 -1.18 31.58 58.41
N THR H 206 -2.16 30.74 58.69
CA THR H 206 -2.06 29.30 58.58
C THR H 206 -2.67 28.81 57.28
N PRO H 207 -2.46 27.53 56.92
CA PRO H 207 -3.12 26.99 55.71
C PRO H 207 -4.63 27.14 55.72
N ALA H 208 -5.19 27.53 56.88
CA ALA H 208 -6.64 27.71 56.96
C ALA H 208 -7.12 28.77 55.97
N ILE H 209 -6.23 29.62 55.48
CA ILE H 209 -6.62 30.62 54.49
C ILE H 209 -7.11 29.94 53.22
N ASP H 210 -6.40 28.91 52.77
CA ASP H 210 -6.79 28.21 51.55
C ASP H 210 -8.13 27.51 51.74
N VAL H 211 -8.37 26.91 52.90
CA VAL H 211 -9.64 26.24 53.13
C VAL H 211 -10.79 27.22 52.99
N TRP H 212 -10.67 28.40 53.62
CA TRP H 212 -11.72 29.41 53.51
C TRP H 212 -12.03 29.74 52.06
N SER H 213 -10.99 29.97 51.25
CA SER H 213 -11.20 30.29 49.85
C SER H 213 -11.96 29.17 49.15
N CYS H 214 -11.57 27.92 49.40
CA CYS H 214 -12.26 26.79 48.79
C CYS H 214 -13.68 26.65 49.33
N GLY H 215 -13.90 27.02 50.59
CA GLY H 215 -15.26 27.03 51.11
C GLY H 215 -16.14 28.05 50.41
N CYS H 216 -15.56 29.20 50.07
CA CYS H 216 -16.30 30.18 49.27
C CYS H 216 -16.70 29.57 47.93
N ILE H 217 -15.80 28.78 47.33
CA ILE H 217 -16.09 28.13 46.05
C ILE H 217 -17.20 27.09 46.23
N LEU H 218 -17.16 26.32 47.31
CA LEU H 218 -18.21 25.33 47.54
C LEU H 218 -19.58 25.99 47.48
N GLY H 219 -19.75 27.09 48.22
CA GLY H 219 -21.01 27.79 48.18
C GLY H 219 -21.35 28.35 46.81
N GLU H 220 -20.32 28.85 46.11
CA GLU H 220 -20.54 29.47 44.80
C GLU H 220 -21.02 28.45 43.78
N LEU H 221 -20.61 27.19 43.91
CA LEU H 221 -21.09 26.16 43.00
C LEU H 221 -22.58 25.91 43.19
N PHE H 222 -23.07 26.01 44.43
CA PHE H 222 -24.49 25.81 44.69
C PHE H 222 -25.31 27.03 44.27
N THR H 223 -24.73 28.24 44.31
CA THR H 223 -25.46 29.43 43.86
C THR H 223 -25.07 29.92 42.47
N LYS H 224 -23.93 29.48 41.94
CA LYS H 224 -23.39 29.96 40.66
C LYS H 224 -23.01 31.44 40.72
N LYS H 225 -22.82 31.97 41.94
CA LYS H 225 -22.49 33.38 42.19
C LYS H 225 -21.63 33.47 43.43
N PRO H 226 -20.56 34.26 43.41
CA PRO H 226 -19.72 34.40 44.60
C PRO H 226 -20.52 34.87 45.81
N ILE H 227 -20.13 34.37 46.98
CA ILE H 227 -20.90 34.59 48.19
C ILE H 227 -20.67 36.00 48.75
N PHE H 228 -19.43 36.47 48.76
CA PHE H 228 -19.05 37.72 49.40
C PHE H 228 -18.46 38.67 48.35
N GLN H 229 -19.31 39.46 47.68
CA GLN H 229 -18.83 40.37 46.66
C GLN H 229 -18.85 41.80 47.18
N ALA H 230 -17.66 42.38 47.34
CA ALA H 230 -17.49 43.78 47.73
C ALA H 230 -16.17 44.26 47.15
N ASN H 231 -16.04 45.57 47.00
CA ASN H 231 -14.82 46.15 46.47
C ASN H 231 -13.93 46.76 47.55
N LEU H 232 -14.41 46.83 48.79
CA LEU H 232 -13.63 47.36 49.89
C LEU H 232 -13.49 46.30 50.98
N GLU H 233 -12.34 46.33 51.65
CA GLU H 233 -12.01 45.33 52.66
C GLU H 233 -13.02 45.35 53.81
N LEU H 234 -13.36 46.54 54.29
CA LEU H 234 -14.31 46.64 55.39
C LEU H 234 -15.69 46.15 54.96
N ALA H 235 -16.13 46.53 53.77
CA ALA H 235 -17.41 46.05 53.26
C ALA H 235 -17.41 44.53 53.12
N GLN H 236 -16.27 43.96 52.71
CA GLN H 236 -16.16 42.51 52.62
C GLN H 236 -16.35 41.87 53.99
N LEU H 237 -15.69 42.43 55.01
CA LEU H 237 -15.85 41.94 56.37
C LEU H 237 -17.31 42.02 56.82
N GLU H 238 -17.99 43.11 56.47
CA GLU H 238 -19.40 43.26 56.81
C GLU H 238 -20.22 42.13 56.18
N LEU H 239 -19.96 41.82 54.91
CA LEU H 239 -20.69 40.74 54.25
C LEU H 239 -20.43 39.41 54.92
N ILE H 240 -19.17 39.12 55.24
CA ILE H 240 -18.84 37.89 55.94
C ILE H 240 -19.54 37.85 57.29
N SER H 241 -19.56 38.99 58.00
CA SER H 241 -20.15 39.03 59.34
C SER H 241 -21.65 38.77 59.30
N ARG H 242 -22.35 39.31 58.29
CA ARG H 242 -23.79 39.10 58.18
C ARG H 242 -24.12 37.62 58.10
N LEU H 243 -23.32 36.87 57.34
CA LEU H 243 -23.58 35.46 57.11
C LEU H 243 -22.97 34.57 58.18
N CYS H 244 -21.70 34.77 58.49
CA CYS H 244 -20.97 33.90 59.40
C CYS H 244 -21.02 34.34 60.85
N GLY H 245 -21.55 35.53 61.12
CA GLY H 245 -21.48 36.10 62.45
C GLY H 245 -20.32 37.05 62.56
N SER H 246 -20.44 38.04 63.45
CA SER H 246 -19.38 39.02 63.60
C SER H 246 -18.20 38.41 64.32
N PRO H 247 -16.96 38.70 63.90
CA PRO H 247 -15.81 38.27 64.70
C PRO H 247 -15.89 38.81 66.11
N CYS H 248 -15.82 37.91 67.09
CA CYS H 248 -15.89 38.30 68.48
C CYS H 248 -15.23 37.24 69.34
N PRO H 249 -14.70 37.60 70.52
CA PRO H 249 -14.01 36.60 71.35
C PRO H 249 -14.87 35.42 71.75
N ALA H 250 -16.20 35.59 71.80
CA ALA H 250 -17.05 34.48 72.21
C ALA H 250 -16.86 33.28 71.28
N VAL H 251 -16.79 33.53 69.97
CA VAL H 251 -16.58 32.46 69.00
C VAL H 251 -15.14 32.35 68.53
N TRP H 252 -14.32 33.39 68.73
CA TRP H 252 -12.96 33.47 68.19
C TRP H 252 -12.10 34.05 69.29
N PRO H 253 -11.72 33.23 70.28
CA PRO H 253 -11.08 33.78 71.50
C PRO H 253 -9.86 34.64 71.25
N ASP H 254 -9.05 34.32 70.24
CA ASP H 254 -7.80 35.04 70.00
C ASP H 254 -7.97 36.19 69.01
N VAL H 255 -9.20 36.55 68.65
CA VAL H 255 -9.40 37.63 67.70
C VAL H 255 -8.89 38.95 68.30
N ILE H 256 -8.93 39.08 69.62
CA ILE H 256 -8.52 40.33 70.27
C ILE H 256 -7.06 40.64 70.01
N ARG H 257 -6.26 39.65 69.64
CA ARG H 257 -4.87 39.88 69.32
C ARG H 257 -4.64 40.55 67.97
N LEU H 258 -5.66 40.59 67.10
CA LEU H 258 -5.43 41.03 65.72
C LEU H 258 -5.36 42.56 65.64
N PRO H 259 -4.50 43.10 64.76
CA PRO H 259 -4.32 44.56 64.74
C PRO H 259 -5.59 45.37 64.54
N TYR H 260 -6.46 44.97 63.63
CA TYR H 260 -7.60 45.78 63.24
C TYR H 260 -8.89 45.36 63.93
N PHE H 261 -8.80 44.49 64.94
CA PHE H 261 -10.01 44.03 65.61
C PHE H 261 -10.86 45.19 66.08
N ASN H 262 -10.26 46.14 66.81
CA ASN H 262 -11.01 47.31 67.24
C ASN H 262 -11.34 48.22 66.06
N THR H 263 -10.38 48.41 65.15
CA THR H 263 -10.56 49.37 64.06
C THR H 263 -11.65 48.93 63.09
N MET H 264 -11.53 47.73 62.54
CA MET H 264 -12.49 47.25 61.54
C MET H 264 -13.57 46.49 62.30
N LYS H 265 -14.63 47.21 62.67
CA LYS H 265 -15.77 46.66 63.36
C LYS H 265 -16.94 46.60 62.40
N PRO H 266 -17.67 45.49 62.36
CA PRO H 266 -18.88 45.45 61.52
C PRO H 266 -19.97 46.37 62.04
N LYS H 267 -20.95 46.63 61.17
CA LYS H 267 -22.06 47.52 61.52
C LYS H 267 -22.71 47.07 62.82
N LYS H 268 -22.90 45.76 62.98
CA LYS H 268 -23.46 45.18 64.18
C LYS H 268 -22.66 43.97 64.64
N GLN H 269 -23.04 43.46 65.81
CA GLN H 269 -22.61 42.15 66.30
C GLN H 269 -23.61 41.11 65.78
N TYR H 270 -23.40 40.71 64.54
CA TYR H 270 -24.32 39.81 63.85
C TYR H 270 -24.25 38.39 64.42
N ARG H 271 -25.38 37.70 64.35
CA ARG H 271 -25.46 36.28 64.61
C ARG H 271 -25.11 35.50 63.35
N ARG H 272 -24.76 34.23 63.53
CA ARG H 272 -24.48 33.36 62.39
C ARG H 272 -25.80 32.93 61.75
N ARG H 273 -25.87 33.06 60.43
CA ARG H 273 -27.07 32.74 59.67
C ARG H 273 -26.75 31.79 58.51
N LEU H 274 -25.56 31.20 58.51
CA LEU H 274 -25.10 30.43 57.35
C LEU H 274 -26.06 29.29 57.02
N ARG H 275 -26.39 28.46 58.01
CA ARG H 275 -27.29 27.34 57.72
C ARG H 275 -28.65 27.84 57.25
N GLU H 276 -29.11 28.97 57.80
CA GLU H 276 -30.39 29.51 57.40
C GLU H 276 -30.36 30.02 55.96
N GLU H 277 -29.36 30.83 55.62
CA GLU H 277 -29.31 31.41 54.28
C GLU H 277 -28.94 30.36 53.23
N PHE H 278 -28.19 29.32 53.60
CA PHE H 278 -27.91 28.21 52.70
C PHE H 278 -28.76 26.99 53.00
N SER H 279 -29.99 27.19 53.48
CA SER H 279 -30.84 26.05 53.84
C SER H 279 -31.12 25.15 52.65
N PHE H 280 -31.10 25.70 51.43
CA PHE H 280 -31.42 24.90 50.25
C PHE H 280 -30.35 23.85 49.95
N ILE H 281 -29.15 23.99 50.50
CA ILE H 281 -28.01 23.09 50.21
C ILE H 281 -28.22 21.76 50.90
N PRO H 282 -27.86 20.63 50.27
CA PRO H 282 -27.93 19.33 50.94
C PRO H 282 -27.25 19.33 52.29
N SER H 283 -27.74 18.47 53.19
CA SER H 283 -27.27 18.49 54.57
C SER H 283 -25.79 18.19 54.67
N ALA H 284 -25.32 17.15 53.98
CA ALA H 284 -23.91 16.79 54.04
C ALA H 284 -23.04 17.95 53.53
N ALA H 285 -23.51 18.65 52.50
CA ALA H 285 -22.75 19.75 51.94
C ALA H 285 -22.85 20.99 52.81
N LEU H 286 -24.04 21.26 53.36
CA LEU H 286 -24.20 22.42 54.24
C LEU H 286 -23.29 22.29 55.46
N ASP H 287 -23.19 21.08 56.02
CA ASP H 287 -22.28 20.85 57.14
C ASP H 287 -20.85 21.14 56.75
N LEU H 288 -20.45 20.76 55.53
CA LEU H 288 -19.10 21.07 55.06
C LEU H 288 -18.87 22.57 54.99
N LEU H 289 -19.85 23.33 54.47
CA LEU H 289 -19.68 24.77 54.33
C LEU H 289 -19.54 25.43 55.70
N ASP H 290 -20.36 25.03 56.67
CA ASP H 290 -20.34 25.69 57.98
C ASP H 290 -18.94 25.63 58.58
N HIS H 291 -18.27 24.49 58.41
CA HIS H 291 -16.93 24.30 58.97
C HIS H 291 -15.88 25.03 58.15
N MET H 292 -16.02 25.01 56.82
CA MET H 292 -15.02 25.68 55.98
C MET H 292 -15.11 27.20 56.13
N LEU H 293 -16.31 27.74 56.26
CA LEU H 293 -16.51 29.17 56.47
C LEU H 293 -16.69 29.47 57.95
N THR H 294 -15.76 28.94 58.73
CA THR H 294 -15.66 29.19 60.17
C THR H 294 -14.64 30.29 60.42
N LEU H 295 -15.05 31.30 61.20
CA LEU H 295 -14.24 32.51 61.34
C LEU H 295 -12.89 32.21 61.99
N ASP H 296 -12.88 31.45 63.08
CA ASP H 296 -11.62 31.22 63.78
C ASP H 296 -10.80 30.19 63.00
N PRO H 297 -9.65 30.56 62.44
CA PRO H 297 -8.88 29.59 61.64
C PRO H 297 -8.46 28.37 62.44
N SER H 298 -8.27 28.50 63.75
CA SER H 298 -7.90 27.36 64.56
C SER H 298 -9.07 26.42 64.77
N LYS H 299 -10.30 26.91 64.56
CA LYS H 299 -11.49 26.06 64.61
C LYS H 299 -11.96 25.64 63.22
N ARG H 300 -11.43 26.27 62.17
CA ARG H 300 -11.80 25.93 60.81
C ARG H 300 -11.24 24.55 60.44
N CYS H 301 -12.05 23.76 59.76
CA CYS H 301 -11.65 22.41 59.40
C CYS H 301 -10.45 22.46 58.45
N THR H 302 -9.71 21.35 58.42
CA THR H 302 -8.56 21.19 57.54
C THR H 302 -8.98 20.53 56.22
N ALA H 303 -8.05 20.50 55.28
CA ALA H 303 -8.31 19.80 54.02
C ALA H 303 -8.53 18.31 54.27
N GLU H 304 -7.71 17.71 55.13
CA GLU H 304 -7.92 16.30 55.46
C GLU H 304 -9.32 16.06 56.01
N GLN H 305 -9.78 16.94 56.90
CA GLN H 305 -11.07 16.73 57.53
C GLN H 305 -12.21 16.84 56.53
N THR H 306 -12.09 17.71 55.52
CA THR H 306 -13.14 17.77 54.51
C THR H 306 -13.21 16.47 53.72
N LEU H 307 -12.05 15.85 53.46
CA LEU H 307 -12.02 14.58 52.78
C LEU H 307 -12.61 13.47 53.65
N GLN H 308 -12.62 13.67 54.96
CA GLN H 308 -13.29 12.76 55.89
C GLN H 308 -14.65 13.33 56.31
N SER H 309 -15.41 13.84 55.35
CA SER H 309 -16.74 14.38 55.61
C SER H 309 -17.79 13.51 54.93
N ASP H 310 -18.99 13.50 55.49
CA ASP H 310 -20.06 12.72 54.88
C ASP H 310 -20.26 13.10 53.42
N PHE H 311 -19.98 14.36 53.07
CA PHE H 311 -20.17 14.81 51.70
C PHE H 311 -19.16 14.17 50.75
N LEU H 312 -17.88 14.11 51.16
CA LEU H 312 -16.80 13.67 50.28
C LEU H 312 -16.20 12.33 50.65
N LYS H 313 -16.47 11.82 51.85
CA LYS H 313 -15.75 10.65 52.36
C LYS H 313 -15.88 9.45 51.42
N ASP H 314 -17.10 9.11 51.02
CA ASP H 314 -17.34 7.94 50.19
C ASP H 314 -17.47 8.28 48.72
N VAL H 315 -17.12 9.51 48.32
CA VAL H 315 -17.07 9.85 46.90
C VAL H 315 -15.96 9.06 46.23
N GLU H 316 -16.26 8.49 45.07
CA GLU H 316 -15.32 7.72 44.28
C GLU H 316 -14.97 8.50 43.01
N LEU H 317 -13.69 8.78 42.81
CA LEU H 317 -13.26 9.51 41.62
C LEU H 317 -13.40 8.68 40.35
N SER H 318 -13.59 7.36 40.48
CA SER H 318 -13.77 6.50 39.32
C SER H 318 -14.93 6.98 38.45
N LYS H 319 -16.00 7.48 39.06
CA LYS H 319 -17.11 7.99 38.26
C LYS H 319 -16.70 9.25 37.51
N MET H 320 -16.12 10.22 38.20
CA MET H 320 -15.62 11.45 37.59
C MET H 320 -16.67 12.13 36.73
N ALA H 321 -17.78 12.48 37.38
CA ALA H 321 -18.93 13.12 36.74
C ALA H 321 -18.57 14.47 36.14
N PRO H 322 -18.47 14.60 34.81
CA PRO H 322 -18.16 15.89 34.22
C PRO H 322 -19.36 16.87 34.48
N PRO H 323 -19.04 18.17 34.56
CA PRO H 323 -20.17 19.12 34.71
C PRO H 323 -21.04 19.09 33.47
N ASP H 324 -22.14 19.82 33.46
CA ASP H 324 -22.97 19.89 32.25
C ASP H 324 -22.33 20.98 31.41
N LEU H 325 -21.42 20.56 30.53
CA LEU H 325 -20.70 21.48 29.66
C LEU H 325 -21.62 21.96 28.54
N PRO H 326 -21.45 23.19 28.08
CA PRO H 326 -22.38 23.72 27.08
C PRO H 326 -22.46 22.85 25.84
N HIS H 327 -23.68 22.61 25.39
CA HIS H 327 -23.95 21.85 24.19
C HIS H 327 -24.21 22.80 23.04
N TRP H 328 -23.83 22.38 21.83
CA TRP H 328 -23.97 23.26 20.66
C TRP H 328 -25.44 23.65 20.48
N GLN H 329 -26.36 22.72 20.73
CA GLN H 329 -27.78 23.03 20.64
C GLN H 329 -28.18 24.10 21.65
N ASP H 330 -27.54 24.09 22.83
CA ASP H 330 -27.87 25.08 23.83
C ASP H 330 -27.24 26.42 23.54
N CYS H 331 -26.20 26.46 22.71
CA CYS H 331 -25.57 27.71 22.32
C CYS H 331 -26.51 28.55 21.47
N THR I 24 12.84 12.48 35.26
CA THR I 24 12.07 13.46 36.00
C THR I 24 12.97 14.63 36.43
N LYS I 25 13.72 14.44 37.52
CA LYS I 25 14.66 15.45 38.04
C LYS I 25 16.10 14.97 37.86
N PRO I 26 17.04 15.89 37.68
CA PRO I 26 18.41 15.49 37.32
C PRO I 26 19.26 14.96 38.47
N CYS I 27 20.35 14.30 38.07
CA CYS I 27 21.35 13.79 39.00
C CYS I 27 22.47 14.81 39.16
N TRP I 28 22.73 15.21 40.41
CA TRP I 28 23.72 16.23 40.72
C TRP I 28 24.93 15.71 41.47
N TYR I 29 25.25 14.41 41.36
CA TYR I 29 26.37 13.84 42.09
C TYR I 29 27.32 13.11 41.17
N TRP I 30 28.61 13.37 41.36
CA TRP I 30 29.69 12.81 40.56
C TRP I 30 30.60 12.00 41.49
N ASP I 31 31.44 11.18 40.89
CA ASP I 31 32.49 10.50 41.63
C ASP I 31 33.74 11.37 41.65
N LYS I 32 34.51 11.23 42.73
CA LYS I 32 35.76 11.98 42.86
C LYS I 32 36.59 11.90 41.59
N LYS I 33 36.69 10.70 41.01
CA LYS I 33 37.49 10.52 39.81
C LYS I 33 37.04 11.43 38.68
N ASP I 34 35.75 11.79 38.66
CA ASP I 34 35.20 12.59 37.57
C ASP I 34 35.67 14.04 37.60
N LEU I 35 36.13 14.52 38.76
CA LEU I 35 36.59 15.91 38.86
C LEU I 35 37.89 16.15 38.11
N ALA I 36 38.56 15.08 37.66
CA ALA I 36 39.72 15.23 36.79
C ALA I 36 39.34 15.64 35.37
N HIS I 37 38.04 15.71 35.08
CA HIS I 37 37.56 15.94 33.71
C HIS I 37 36.55 17.08 33.66
N THR I 38 36.67 18.04 34.58
CA THR I 38 35.84 19.23 34.49
C THR I 38 36.30 20.10 33.33
N PRO I 39 35.41 20.94 32.79
CA PRO I 39 35.85 21.88 31.75
C PRO I 39 37.12 22.65 32.12
N SER I 40 37.27 23.03 33.38
CA SER I 40 38.47 23.75 33.80
C SER I 40 39.72 22.90 33.63
N GLN I 41 39.67 21.65 34.11
CA GLN I 41 40.81 20.77 33.97
C GLN I 41 41.18 20.59 32.50
N LEU I 42 40.18 20.45 31.64
CA LEU I 42 40.40 20.18 30.23
C LEU I 42 40.84 21.42 29.46
N GLU I 43 40.65 22.61 30.01
CA GLU I 43 41.22 23.82 29.44
C GLU I 43 42.60 24.14 30.03
N GLY I 44 43.22 23.18 30.72
CA GLY I 44 44.59 23.33 31.16
C GLY I 44 44.76 23.77 32.60
N LEU I 45 43.68 24.01 33.33
CA LEU I 45 43.78 24.36 34.74
C LEU I 45 44.16 23.12 35.55
N ASP I 46 45.14 23.27 36.44
CA ASP I 46 45.59 22.10 37.19
C ASP I 46 44.71 21.89 38.42
N PRO I 47 44.73 20.68 38.99
CA PRO I 47 43.79 20.38 40.10
C PRO I 47 43.91 21.33 41.27
N ALA I 48 45.12 21.71 41.67
CA ALA I 48 45.28 22.62 42.81
C ALA I 48 44.63 23.96 42.52
N THR I 49 44.78 24.47 41.30
CA THR I 49 44.22 25.78 40.98
C THR I 49 42.69 25.75 40.99
N GLU I 50 42.08 24.73 40.39
CA GLU I 50 40.63 24.67 40.40
C GLU I 50 40.10 24.55 41.82
N ALA I 51 40.80 23.80 42.66
CA ALA I 51 40.44 23.73 44.08
C ALA I 51 40.55 25.11 44.72
N ARG I 52 41.65 25.81 44.47
CA ARG I 52 41.83 27.14 45.05
C ARG I 52 40.73 28.09 44.58
N TYR I 53 40.38 28.02 43.29
CA TYR I 53 39.33 28.86 42.76
C TYR I 53 37.98 28.57 43.42
N ARG I 54 37.74 27.30 43.77
CA ARG I 54 36.47 26.96 44.39
C ARG I 54 36.40 27.48 45.83
N ARG I 55 37.49 27.30 46.58
CA ARG I 55 37.56 27.86 47.92
C ARG I 55 37.41 29.38 47.89
N GLU I 56 38.12 30.03 46.97
CA GLU I 56 38.05 31.49 46.87
C GLU I 56 36.64 31.93 46.51
N GLY I 57 35.99 31.23 45.59
CA GLY I 57 34.63 31.59 45.23
C GLY I 57 33.63 31.30 46.33
N ALA I 58 33.70 30.09 46.90
CA ALA I 58 32.77 29.72 47.96
C ALA I 58 32.86 30.68 49.13
N ARG I 59 34.08 30.98 49.59
CA ARG I 59 34.23 31.90 50.71
C ARG I 59 33.80 33.32 50.34
N PHE I 60 34.01 33.71 49.08
CA PHE I 60 33.50 35.00 48.61
C PHE I 60 31.98 35.05 48.77
N ILE I 61 31.28 34.01 48.32
CA ILE I 61 29.84 33.94 48.51
C ILE I 61 29.49 33.98 49.99
N PHE I 62 30.22 33.21 50.80
CA PHE I 62 29.95 33.16 52.23
C PHE I 62 30.14 34.53 52.86
N ASP I 63 31.23 35.23 52.50
CA ASP I 63 31.53 36.50 53.14
C ASP I 63 30.59 37.59 52.68
N VAL I 64 30.28 37.63 51.38
CA VAL I 64 29.36 38.65 50.88
C VAL I 64 27.99 38.50 51.53
N GLY I 65 27.48 37.26 51.57
CA GLY I 65 26.16 37.03 52.13
C GLY I 65 26.10 37.23 53.63
N THR I 66 27.18 36.91 54.33
CA THR I 66 27.21 37.14 55.77
C THR I 66 27.10 38.63 56.09
N ARG I 67 27.84 39.47 55.35
CA ARG I 67 27.72 40.91 55.57
C ARG I 67 26.30 41.40 55.31
N LEU I 68 25.60 40.79 54.36
CA LEU I 68 24.24 41.19 54.06
C LEU I 68 23.23 40.64 55.06
N GLY I 69 23.66 39.82 56.02
CA GLY I 69 22.76 39.29 57.01
C GLY I 69 21.94 38.12 56.55
N LEU I 70 22.43 37.36 55.58
CA LEU I 70 21.61 36.33 54.95
C LEU I 70 21.62 35.04 55.75
N HIS I 71 20.46 34.37 55.73
CA HIS I 71 20.31 33.07 56.39
C HIS I 71 21.35 32.08 55.88
N TYR I 72 21.70 31.10 56.72
CA TYR I 72 22.76 30.17 56.35
C TYR I 72 22.37 29.31 55.16
N ASP I 73 21.08 28.99 55.02
CA ASP I 73 20.63 28.23 53.86
C ASP I 73 20.86 29.01 52.57
N THR I 74 20.63 30.32 52.59
CA THR I 74 20.81 31.13 51.39
C THR I 74 22.26 31.09 50.92
N LEU I 75 23.21 31.14 51.86
CA LEU I 75 24.62 31.05 51.48
C LEU I 75 24.94 29.70 50.86
N ALA I 76 24.48 28.62 51.51
CA ALA I 76 24.79 27.28 51.02
C ALA I 76 24.18 27.05 49.65
N THR I 77 22.94 27.52 49.44
CA THR I 77 22.32 27.37 48.14
C THR I 77 23.13 28.06 47.06
N GLY I 78 23.54 29.30 47.30
CA GLY I 78 24.37 30.00 46.35
C GLY I 78 25.67 29.27 46.06
N ILE I 79 26.27 28.70 47.10
CA ILE I 79 27.55 28.01 46.91
C ILE I 79 27.36 26.73 46.10
N ILE I 80 26.26 26.00 46.31
CA ILE I 80 26.06 24.77 45.55
C ILE I 80 25.76 25.11 44.09
N TYR I 81 24.96 26.15 43.83
CA TYR I 81 24.83 26.65 42.48
C TYR I 81 26.22 26.92 41.89
N PHE I 82 27.07 27.58 42.67
CA PHE I 82 28.42 27.91 42.21
C PHE I 82 29.21 26.65 41.87
N HIS I 83 29.25 25.67 42.77
CA HIS I 83 30.01 24.45 42.50
C HIS I 83 29.49 23.75 41.26
N ARG I 84 28.16 23.60 41.16
CA ARG I 84 27.57 22.89 40.03
C ARG I 84 27.86 23.63 38.72
N PHE I 85 27.82 24.96 38.75
CA PHE I 85 28.09 25.75 37.56
C PHE I 85 29.40 25.31 36.92
N TYR I 86 30.46 25.18 37.72
CA TYR I 86 31.78 24.87 37.19
C TYR I 86 32.00 23.39 36.94
N MET I 87 30.99 22.57 37.17
CA MET I 87 30.95 21.23 36.55
C MET I 87 30.56 21.32 35.08
N PHE I 88 29.93 22.43 34.68
CA PHE I 88 29.47 22.65 33.31
C PHE I 88 30.21 23.76 32.57
N HIS I 89 31.06 24.53 33.24
CA HIS I 89 31.76 25.63 32.61
C HIS I 89 33.17 25.69 33.16
N SER I 90 34.03 26.44 32.48
CA SER I 90 35.43 26.58 32.86
C SER I 90 35.64 27.87 33.62
N PHE I 91 36.51 27.83 34.62
CA PHE I 91 36.88 29.03 35.35
C PHE I 91 37.58 30.04 34.47
N LYS I 92 38.16 29.58 33.35
CA LYS I 92 38.85 30.48 32.44
C LYS I 92 37.90 31.29 31.58
N GLN I 93 36.67 30.82 31.39
CA GLN I 93 35.68 31.53 30.59
C GLN I 93 34.69 32.31 31.44
N PHE I 94 34.48 31.92 32.69
CA PHE I 94 33.59 32.62 33.61
C PHE I 94 34.31 33.03 34.89
N PRO I 95 34.56 34.33 35.09
CA PRO I 95 35.19 34.76 36.34
C PRO I 95 34.42 34.25 37.56
N ARG I 96 35.17 33.70 38.52
CA ARG I 96 34.53 33.04 39.65
C ARG I 96 33.73 34.03 40.49
N TYR I 97 34.29 35.22 40.75
CA TYR I 97 33.62 36.15 41.66
C TYR I 97 32.34 36.71 41.07
N VAL I 98 32.29 36.94 39.76
CA VAL I 98 31.04 37.33 39.12
C VAL I 98 30.02 36.21 39.24
N THR I 99 30.43 34.99 38.90
CA THR I 99 29.56 33.83 39.07
C THR I 99 29.09 33.72 40.52
N GLY I 100 30.02 33.87 41.47
CA GLY I 100 29.63 33.84 42.87
C GLY I 100 28.57 34.86 43.20
N ALA I 101 28.76 36.11 42.77
CA ALA I 101 27.77 37.14 43.01
C ALA I 101 26.44 36.79 42.37
N CYS I 102 26.47 36.21 41.16
CA CYS I 102 25.23 35.82 40.50
C CYS I 102 24.53 34.70 41.26
N CYS I 103 25.28 33.69 41.71
CA CYS I 103 24.66 32.59 42.44
C CYS I 103 23.96 33.09 43.71
N LEU I 104 24.62 33.98 44.45
CA LEU I 104 23.99 34.52 45.65
C LEU I 104 22.77 35.36 45.30
N PHE I 105 22.84 36.11 44.20
CA PHE I 105 21.68 36.90 43.78
C PHE I 105 20.48 35.99 43.52
N LEU I 106 20.71 34.90 42.79
CA LEU I 106 19.62 33.97 42.50
C LEU I 106 19.20 33.23 43.77
N ALA I 107 20.17 32.82 44.58
CA ALA I 107 19.86 32.09 45.80
C ALA I 107 18.91 32.87 46.71
N GLY I 108 19.14 34.18 46.85
CA GLY I 108 18.28 34.98 47.72
C GLY I 108 16.82 34.92 47.30
N LYS I 109 16.56 34.99 45.99
CA LYS I 109 15.18 34.91 45.51
C LYS I 109 14.63 33.51 45.70
N VAL I 110 15.46 32.48 45.46
CA VAL I 110 15.01 31.10 45.60
C VAL I 110 14.64 30.82 47.06
N GLU I 111 15.49 31.25 47.99
CA GLU I 111 15.28 30.97 49.40
C GLU I 111 14.45 32.04 50.11
N GLU I 112 13.84 32.95 49.37
CA GLU I 112 12.97 33.99 49.94
C GLU I 112 13.75 34.89 50.90
N THR I 113 15.02 35.15 50.59
CA THR I 113 15.81 36.15 51.29
C THR I 113 16.41 37.09 50.25
N PRO I 114 15.56 37.76 49.46
CA PRO I 114 16.10 38.48 48.30
C PRO I 114 16.91 39.71 48.69
N LYS I 115 17.91 39.99 47.86
CA LYS I 115 18.74 41.18 47.98
C LYS I 115 18.87 41.79 46.59
N LYS I 116 19.07 43.09 46.56
CA LYS I 116 19.23 43.80 45.29
C LYS I 116 20.61 43.55 44.72
N CYS I 117 20.67 43.36 43.41
CA CYS I 117 21.97 43.14 42.77
C CYS I 117 22.90 44.30 43.09
N LYS I 118 22.32 45.50 43.22
CA LYS I 118 23.10 46.67 43.59
C LYS I 118 23.78 46.50 44.94
N ASP I 119 23.11 45.84 45.89
CA ASP I 119 23.69 45.64 47.20
C ASP I 119 24.77 44.56 47.20
N ILE I 120 24.59 43.52 46.39
CA ILE I 120 25.60 42.47 46.32
C ILE I 120 26.89 42.99 45.71
N ILE I 121 26.78 43.84 44.68
CA ILE I 121 27.98 44.43 44.08
C ILE I 121 28.69 45.31 45.10
N LYS I 122 27.95 46.22 45.74
CA LYS I 122 28.54 47.11 46.73
C LYS I 122 29.28 46.32 47.80
N THR I 123 28.67 45.23 48.30
CA THR I 123 29.33 44.41 49.30
C THR I 123 30.54 43.69 48.71
N ALA I 124 30.41 43.22 47.47
CA ALA I 124 31.55 42.58 46.80
C ALA I 124 32.71 43.55 46.67
N ARG I 125 32.43 44.84 46.47
CA ARG I 125 33.51 45.82 46.35
C ARG I 125 34.26 45.99 47.67
N SER I 126 33.54 45.96 48.79
CA SER I 126 34.18 46.10 50.09
C SER I 126 35.18 44.97 50.33
N LEU I 127 34.84 43.76 49.90
CA LEU I 127 35.61 42.57 50.22
C LEU I 127 36.69 42.26 49.19
N LEU I 128 36.50 42.65 47.94
CA LEU I 128 37.46 42.37 46.89
C LEU I 128 38.39 43.56 46.70
N ASN I 129 39.65 43.27 46.39
CA ASN I 129 40.62 44.30 46.06
C ASN I 129 40.41 44.76 44.62
N ASP I 130 41.27 45.67 44.15
CA ASP I 130 41.08 46.23 42.82
C ASP I 130 41.33 45.18 41.74
N VAL I 131 42.37 44.34 41.91
CA VAL I 131 42.65 43.31 40.92
C VAL I 131 41.51 42.32 40.82
N GLN I 132 40.94 41.95 41.97
CA GLN I 132 39.86 40.97 41.97
C GLN I 132 38.58 41.57 41.39
N PHE I 133 38.23 42.78 41.83
CA PHE I 133 37.05 43.44 41.30
C PHE I 133 37.17 43.79 39.82
N GLY I 134 38.36 43.70 39.24
CA GLY I 134 38.49 43.95 37.82
C GLY I 134 37.70 42.99 36.95
N GLN I 135 37.31 41.85 37.51
CA GLN I 135 36.49 40.90 36.76
C GLN I 135 35.13 41.48 36.43
N PHE I 136 34.53 42.21 37.36
CA PHE I 136 33.21 42.79 37.13
C PHE I 136 33.19 43.82 36.02
N GLY I 137 34.35 44.18 35.48
CA GLY I 137 34.40 45.02 34.30
C GLY I 137 33.80 46.40 34.50
N ASP I 138 33.33 46.98 33.40
CA ASP I 138 32.87 48.36 33.39
C ASP I 138 31.51 48.53 34.03
N ASP I 139 30.66 47.50 33.99
CA ASP I 139 29.31 47.55 34.56
C ASP I 139 29.11 46.30 35.41
N PRO I 140 29.47 46.35 36.69
CA PRO I 140 29.34 45.14 37.51
C PRO I 140 27.94 44.54 37.52
N LYS I 141 26.90 45.36 37.70
CA LYS I 141 25.55 44.84 37.79
C LYS I 141 25.15 44.07 36.53
N GLU I 142 25.37 44.67 35.36
CA GLU I 142 24.89 44.04 34.13
C GLU I 142 25.52 42.66 33.94
N GLU I 143 26.83 42.55 34.18
CA GLU I 143 27.50 41.26 34.01
C GLU I 143 26.86 40.19 34.89
N VAL I 144 26.51 40.54 36.12
CA VAL I 144 25.88 39.59 37.03
C VAL I 144 24.49 39.25 36.56
N MET I 145 23.70 40.27 36.19
CA MET I 145 22.35 40.02 35.72
C MET I 145 22.33 39.16 34.47
N VAL I 146 23.26 39.41 33.54
CA VAL I 146 23.31 38.62 32.32
C VAL I 146 23.58 37.16 32.64
N LEU I 147 24.50 36.89 33.58
CA LEU I 147 24.88 35.52 33.89
C LEU I 147 23.72 34.72 34.46
N GLU I 148 22.71 35.39 35.01
CA GLU I 148 21.57 34.68 35.57
C GLU I 148 20.94 33.74 34.55
N ARG I 149 20.85 34.17 33.30
CA ARG I 149 20.26 33.34 32.26
C ARG I 149 21.03 32.03 32.13
N ILE I 150 22.36 32.12 32.05
CA ILE I 150 23.17 30.92 31.93
C ILE I 150 23.07 30.09 33.21
N LEU I 151 23.13 30.74 34.37
CA LEU I 151 23.06 30.00 35.63
C LEU I 151 21.81 29.15 35.70
N LEU I 152 20.65 29.76 35.45
CA LEU I 152 19.39 29.04 35.47
C LEU I 152 19.42 27.86 34.51
N GLN I 153 19.87 28.08 33.28
CA GLN I 153 19.99 27.00 32.32
C GLN I 153 21.01 25.95 32.80
N THR I 154 22.12 26.41 33.36
CA THR I 154 23.17 25.49 33.78
C THR I 154 22.67 24.55 34.88
N ILE I 155 21.95 25.09 35.86
CA ILE I 155 21.43 24.28 36.96
C ILE I 155 20.09 23.68 36.55
N LYS I 156 19.78 23.75 35.25
CA LYS I 156 18.63 23.07 34.68
C LYS I 156 17.33 23.45 35.38
N PHE I 157 17.24 24.69 35.84
CA PHE I 157 16.08 25.21 36.55
C PHE I 157 15.66 24.30 37.70
N ASP I 158 16.58 23.46 38.20
CA ASP I 158 16.34 22.65 39.39
C ASP I 158 16.79 23.49 40.57
N LEU I 159 15.86 24.29 41.10
CA LEU I 159 16.21 25.32 42.08
C LEU I 159 16.17 24.80 43.52
N GLN I 160 15.35 23.81 43.82
CA GLN I 160 15.23 23.32 45.19
C GLN I 160 16.47 22.53 45.57
N VAL I 161 17.07 22.90 46.71
CA VAL I 161 18.28 22.28 47.22
C VAL I 161 18.13 22.05 48.71
N GLU I 162 18.61 20.90 49.18
CA GLU I 162 18.66 20.57 50.61
C GLU I 162 20.12 20.64 51.07
N HIS I 163 20.32 20.98 52.33
CA HIS I 163 21.66 21.18 52.87
C HIS I 163 21.86 20.33 54.12
N PRO I 164 23.12 20.04 54.46
CA PRO I 164 23.38 19.20 55.64
C PRO I 164 22.83 19.77 56.95
N TYR I 165 22.65 21.09 57.04
CA TYR I 165 22.29 21.69 58.33
C TYR I 165 21.00 21.10 58.88
N GLN I 166 19.96 21.03 58.05
CA GLN I 166 18.66 20.59 58.54
C GLN I 166 18.68 19.14 59.00
N PHE I 167 19.55 18.32 58.40
CA PHE I 167 19.66 16.93 58.81
C PHE I 167 20.51 16.80 60.07
N LEU I 168 21.53 17.64 60.18
CA LEU I 168 22.29 17.72 61.43
C LEU I 168 21.37 18.02 62.61
N LEU I 169 20.41 18.91 62.41
CA LEU I 169 19.47 19.24 63.48
C LEU I 169 18.42 18.14 63.65
N LYS I 170 17.90 17.63 62.54
CA LYS I 170 16.91 16.56 62.58
C LYS I 170 17.44 15.33 63.31
N TYR I 171 18.69 14.95 63.02
CA TYR I 171 19.25 13.75 63.62
C TYR I 171 19.67 13.98 65.07
N ALA I 172 20.28 15.13 65.35
CA ALA I 172 20.68 15.44 66.72
C ALA I 172 19.45 15.54 67.63
N LYS I 173 18.33 16.03 67.11
CA LYS I 173 17.11 16.17 67.90
C LYS I 173 16.64 14.82 68.45
N GLN I 174 17.01 13.72 67.79
CA GLN I 174 16.68 12.38 68.25
C GLN I 174 17.72 11.80 69.20
N LEU I 175 18.72 12.60 69.59
CA LEU I 175 19.71 12.17 70.57
C LEU I 175 19.30 12.66 71.96
N LYS I 176 19.44 11.78 72.95
CA LYS I 176 19.10 12.09 74.34
C LYS I 176 20.26 11.71 75.24
N GLY I 177 20.65 12.62 76.12
CA GLY I 177 21.77 12.43 77.02
C GLY I 177 22.22 13.77 77.58
N ASP I 178 23.51 13.84 77.96
CA ASP I 178 24.06 15.10 78.45
C ASP I 178 23.84 16.18 77.39
N LYS I 179 22.99 17.16 77.69
CA LYS I 179 22.68 18.18 76.71
C LYS I 179 23.93 18.93 76.25
N ASN I 180 24.83 19.23 77.19
CA ASN I 180 25.98 20.06 76.86
C ASN I 180 26.98 19.29 76.01
N LYS I 181 27.04 17.97 76.16
CA LYS I 181 27.87 17.17 75.28
C LYS I 181 27.26 17.07 73.89
N ILE I 182 25.93 16.96 73.80
CA ILE I 182 25.28 16.87 72.50
C ILE I 182 25.34 18.21 71.78
N GLN I 183 25.22 19.31 72.53
CA GLN I 183 25.35 20.64 71.93
C GLN I 183 26.73 20.87 71.35
N LYS I 184 27.78 20.43 72.05
CA LYS I 184 29.13 20.56 71.52
C LYS I 184 29.28 19.78 70.22
N LEU I 185 28.69 18.58 70.15
CA LEU I 185 28.71 17.80 68.93
C LEU I 185 28.10 18.59 67.77
N VAL I 186 26.92 19.16 68.00
CA VAL I 186 26.21 19.86 66.94
C VAL I 186 27.03 21.04 66.44
N GLN I 187 27.55 21.84 67.38
CA GLN I 187 28.31 23.02 67.01
C GLN I 187 29.51 22.67 66.17
N MET I 188 30.28 21.66 66.59
CA MET I 188 31.45 21.23 65.85
C MET I 188 31.06 20.71 64.46
N ALA I 189 29.98 19.95 64.39
CA ALA I 189 29.49 19.48 63.09
C ALA I 189 29.07 20.64 62.22
N TRP I 190 28.39 21.63 62.81
CA TRP I 190 27.97 22.81 62.05
C TRP I 190 29.18 23.51 61.45
N THR I 191 30.22 23.70 62.26
CA THR I 191 31.46 24.28 61.76
C THR I 191 32.04 23.45 60.62
N PHE I 192 32.00 22.12 60.76
CA PHE I 192 32.49 21.25 59.71
C PHE I 192 31.65 21.37 58.45
N VAL I 193 30.33 21.53 58.60
CA VAL I 193 29.48 21.73 57.44
C VAL I 193 29.87 23.03 56.73
N ASN I 194 30.05 24.09 57.50
CA ASN I 194 30.49 25.36 56.92
C ASN I 194 31.79 25.18 56.17
N ASP I 195 32.69 24.36 56.70
CA ASP I 195 33.98 24.13 56.05
C ASP I 195 33.86 23.24 54.83
N SER I 196 32.90 22.30 54.82
CA SER I 196 32.73 21.41 53.68
C SER I 196 32.18 22.15 52.47
N LEU I 197 31.67 23.37 52.65
CA LEU I 197 31.13 24.15 51.54
C LEU I 197 32.22 24.68 50.62
N CYS I 198 33.47 24.67 51.07
CA CYS I 198 34.59 25.07 50.24
C CYS I 198 35.11 23.91 49.40
N THR I 199 34.51 22.73 49.55
CA THR I 199 34.96 21.52 48.87
C THR I 199 33.89 21.05 47.91
N THR I 200 34.25 20.06 47.10
CA THR I 200 33.32 19.44 46.17
C THR I 200 32.52 18.30 46.80
N LEU I 201 32.55 18.17 48.13
CA LEU I 201 31.69 17.19 48.79
C LEU I 201 30.22 17.44 48.46
N SER I 202 29.85 18.72 48.29
CA SER I 202 28.49 19.04 47.86
C SER I 202 28.13 18.32 46.58
N LEU I 203 29.13 18.01 45.74
CA LEU I 203 28.92 17.39 44.45
C LEU I 203 29.09 15.88 44.47
N GLN I 204 29.47 15.29 45.60
CA GLN I 204 29.75 13.87 45.68
C GLN I 204 28.71 13.08 46.46
N TRP I 205 28.14 13.67 47.52
CA TRP I 205 27.32 12.92 48.46
C TRP I 205 26.08 13.73 48.82
N GLU I 206 24.96 13.02 48.97
CA GLU I 206 23.73 13.68 49.40
C GLU I 206 23.96 14.41 50.71
N PRO I 207 23.20 15.47 50.98
CA PRO I 207 23.39 16.21 52.24
C PRO I 207 23.18 15.35 53.47
N GLU I 208 22.23 14.42 53.44
CA GLU I 208 22.02 13.54 54.59
C GLU I 208 23.31 12.84 54.97
N ILE I 209 24.08 12.39 53.98
CA ILE I 209 25.34 11.70 54.26
C ILE I 209 26.36 12.67 54.86
N ILE I 210 26.42 13.89 54.33
CA ILE I 210 27.35 14.88 54.90
C ILE I 210 27.03 15.12 56.36
N ALA I 211 25.74 15.29 56.69
CA ALA I 211 25.35 15.57 58.07
C ALA I 211 25.82 14.47 59.00
N VAL I 212 25.70 13.21 58.58
CA VAL I 212 26.19 12.11 59.41
C VAL I 212 27.70 12.17 59.51
N ALA I 213 28.39 12.42 58.40
CA ALA I 213 29.86 12.43 58.41
C ALA I 213 30.39 13.45 59.40
N VAL I 214 29.76 14.62 59.47
CA VAL I 214 30.23 15.65 60.39
C VAL I 214 29.87 15.31 61.83
N MET I 215 28.72 14.66 62.04
CA MET I 215 28.42 14.11 63.37
C MET I 215 29.42 13.02 63.71
N TYR I 216 29.70 12.14 62.75
CA TYR I 216 30.67 11.08 62.93
C TYR I 216 32.05 11.64 63.28
N LEU I 217 32.49 12.65 62.55
CA LEU I 217 33.79 13.26 62.83
C LEU I 217 33.79 13.93 64.20
N ALA I 218 32.79 14.78 64.48
CA ALA I 218 32.74 15.46 65.76
C ALA I 218 32.73 14.46 66.91
N GLY I 219 32.01 13.35 66.74
CA GLY I 219 32.02 12.32 67.77
C GLY I 219 33.41 11.78 68.02
N ARG I 220 34.15 11.49 66.95
CA ARG I 220 35.52 11.01 67.10
C ARG I 220 36.38 12.01 67.84
N LEU I 221 36.32 13.28 67.43
CA LEU I 221 37.20 14.29 68.01
C LEU I 221 36.87 14.55 69.47
N CYS I 222 35.58 14.62 69.81
CA CYS I 222 35.15 14.83 71.18
C CYS I 222 35.08 13.55 72.00
N LYS I 223 35.46 12.40 71.40
CA LYS I 223 35.49 11.13 72.12
C LYS I 223 34.11 10.79 72.69
N PHE I 224 33.07 11.03 71.90
CA PHE I 224 31.69 10.70 72.25
C PHE I 224 31.24 9.43 71.53
N GLU I 225 30.38 8.66 72.20
CA GLU I 225 29.78 7.45 71.64
C GLU I 225 28.32 7.78 71.32
N ILE I 226 28.05 8.17 70.08
CA ILE I 226 26.74 8.69 69.74
C ILE I 226 25.68 7.60 69.90
N GLN I 227 26.08 6.33 69.79
CA GLN I 227 25.10 5.25 69.93
C GLN I 227 24.34 5.35 71.24
N GLU I 228 25.01 5.76 72.32
CA GLU I 228 24.36 5.79 73.63
C GLU I 228 23.19 6.76 73.66
N TRP I 229 23.27 7.84 72.90
CA TRP I 229 22.23 8.87 72.91
C TRP I 229 21.04 8.51 72.04
N THR I 230 21.12 7.42 71.29
CA THR I 230 20.08 7.02 70.35
C THR I 230 19.05 6.10 71.03
N SER I 231 17.96 5.84 70.31
CA SER I 231 16.95 4.90 70.75
C SER I 231 17.44 3.46 70.71
N LYS I 232 18.62 3.21 70.15
CA LYS I 232 19.20 1.87 70.01
C LYS I 232 20.62 1.89 70.54
N PRO I 233 20.79 1.97 71.87
CA PRO I 233 22.13 2.24 72.43
C PRO I 233 23.15 1.13 72.20
N MET I 234 22.74 -0.06 71.76
CA MET I 234 23.67 -1.16 71.53
C MET I 234 23.92 -1.43 70.05
N TYR I 235 23.44 -0.55 69.18
CA TYR I 235 23.66 -0.59 67.73
C TYR I 235 24.80 0.38 67.43
N ARG I 236 26.01 -0.17 67.29
CA ARG I 236 27.22 0.64 67.21
C ARG I 236 27.27 1.48 65.94
N ARG I 237 26.70 1.00 64.85
CA ARG I 237 26.59 1.80 63.63
C ARG I 237 25.31 2.65 63.75
N TRP I 238 25.43 3.68 64.59
CA TRP I 238 24.26 4.45 65.01
C TRP I 238 23.56 5.15 63.85
N TRP I 239 24.31 5.56 62.82
CA TRP I 239 23.72 6.40 61.79
C TRP I 239 22.75 5.65 60.89
N GLU I 240 22.83 4.33 60.83
CA GLU I 240 22.00 3.57 59.90
C GLU I 240 20.51 3.81 60.13
N GLN I 241 20.11 4.22 61.34
CA GLN I 241 18.71 4.56 61.57
C GLN I 241 18.35 5.91 60.96
N PHE I 242 19.33 6.79 60.74
CA PHE I 242 19.10 8.09 60.12
C PHE I 242 19.27 8.05 58.61
N VAL I 243 20.32 7.39 58.13
CA VAL I 243 20.65 7.32 56.71
C VAL I 243 20.93 5.85 56.42
N GLN I 244 20.09 5.23 55.59
CA GLN I 244 20.23 3.82 55.29
C GLN I 244 21.31 3.61 54.25
N ASP I 245 22.06 2.50 54.39
CA ASP I 245 23.00 2.04 53.38
C ASP I 245 24.19 2.98 53.19
N VAL I 246 24.77 3.46 54.29
CA VAL I 246 25.99 4.25 54.20
C VAL I 246 27.13 3.45 54.83
N PRO I 247 28.11 2.99 54.06
CA PRO I 247 29.24 2.28 54.64
C PRO I 247 30.20 3.24 55.34
N VAL I 248 30.99 2.67 56.25
CA VAL I 248 31.96 3.47 57.00
C VAL I 248 33.01 4.09 56.09
N ASP I 249 33.39 3.39 55.02
CA ASP I 249 34.36 3.95 54.08
C ASP I 249 33.96 5.36 53.65
N VAL I 250 32.68 5.57 53.34
CA VAL I 250 32.23 6.87 52.87
C VAL I 250 32.40 7.91 53.96
N LEU I 251 31.95 7.61 55.18
CA LEU I 251 32.08 8.55 56.27
C LEU I 251 33.55 8.86 56.55
N GLU I 252 34.44 7.89 56.35
CA GLU I 252 35.87 8.16 56.49
C GLU I 252 36.38 9.01 55.33
N ASP I 253 35.91 8.73 54.11
CA ASP I 253 36.31 9.55 52.97
C ASP I 253 35.92 11.01 53.15
N ILE I 254 34.70 11.25 53.66
CA ILE I 254 34.25 12.62 53.86
C ILE I 254 35.03 13.29 54.98
N CYS I 255 35.17 12.60 56.12
CA CYS I 255 35.89 13.18 57.25
C CYS I 255 37.31 13.54 56.85
N HIS I 256 37.95 12.67 56.06
CA HIS I 256 39.31 12.94 55.63
C HIS I 256 39.44 14.26 54.89
N GLN I 257 38.50 14.55 53.99
CA GLN I 257 38.63 15.77 53.20
C GLN I 257 38.58 17.01 54.09
N ILE I 258 37.71 17.00 55.10
CA ILE I 258 37.66 18.15 56.01
C ILE I 258 38.96 18.25 56.78
N LEU I 259 39.47 17.11 57.26
CA LEU I 259 40.71 17.12 58.03
C LEU I 259 41.89 17.57 57.18
N ASP I 260 41.85 17.26 55.88
CA ASP I 260 42.91 17.72 54.98
C ASP I 260 42.91 19.23 54.84
N LEU I 261 41.73 19.85 54.70
CA LEU I 261 41.67 21.30 54.60
C LEU I 261 42.31 21.96 55.82
N TYR I 262 41.95 21.48 57.02
CA TYR I 262 42.48 22.07 58.24
C TYR I 262 44.00 21.89 58.37
N SER I 263 44.49 20.69 58.13
CA SER I 263 45.93 20.45 58.31
C SER I 263 46.75 21.30 57.35
N GLN I 264 46.32 21.36 56.09
CA GLN I 264 46.99 22.20 55.10
C GLN I 264 46.95 23.67 55.51
N GLY I 265 45.79 24.15 55.93
CA GLY I 265 45.66 25.55 56.30
C GLY I 265 46.21 25.83 57.68
N LYS I 266 46.34 27.14 57.98
CA LYS I 266 46.76 27.53 59.32
C LYS I 266 45.70 27.20 60.35
N GLN I 267 44.44 27.18 59.95
CA GLN I 267 43.34 26.90 60.88
C GLN I 267 43.46 25.46 61.37
N GLN I 268 43.10 25.24 62.63
CA GLN I 268 43.18 23.93 63.25
C GLN I 268 41.80 23.44 63.65
N MET I 269 41.71 22.14 63.94
CA MET I 269 40.44 21.54 64.29
C MET I 269 39.78 22.33 65.41
N PRO I 270 38.46 22.55 65.35
CA PRO I 270 37.82 23.36 66.40
C PRO I 270 38.01 22.74 67.78
N HIS I 271 37.77 21.43 67.91
CA HIS I 271 37.83 20.72 69.17
C HIS I 271 37.50 21.61 70.37
#